data_8ZNR
#
_entry.id   8ZNR
#
_cell.length_a   1.00
_cell.length_b   1.00
_cell.length_c   1.00
_cell.angle_alpha   90.00
_cell.angle_beta   90.00
_cell.angle_gamma   90.00
#
_symmetry.space_group_name_H-M   'P 1'
#
loop_
_entity.id
_entity.type
_entity.pdbx_description
1 polymer 'protein structure'
2 polymer 'protein structure'
3 polymer 'protein structure'
4 polymer 'DNA (35-MER)'
5 polymer 'RNA (56-MER)'
6 polymer 'protein structure'
#
loop_
_entity_poly.entity_id
_entity_poly.type
_entity_poly.pdbx_seq_one_letter_code
_entity_poly.pdbx_strand_id
1 'polypeptide(L)'
;TLKSRPENLSFARCLNTTEAKFWQTDFLKRHTFKLPLLITDKAVLASKGHEMPPDKLEKEIMDPNPQKSQSCTLSTECDT
LRIDFGIKVLPVKESMYSCSDYNYRTAIYQKIDEYIAEDGFLTLAKRYVNNIANARFLWRNRKGAEIIETIVTIEDKEYP
SFNSKSFNLDTFVEDNATINEIAQQIADTFAGKREYLNIYVTCFVKIGCAMEVYPSQEMTFDDDDKGKKLFKFEGSAGMH
SQKINNALRTIDTWYPDYTTYEFPIPVENYGAARSIGIPFRPDTKSFYKLIDRMILKNEDLPIEDKHYVMAILIRGGMFS
KKQEK
;
A,B,C,D,G,H
2 'polypeptide(L)'
;MMKGYILLEKVNIENANAFNNIIVGIPAITSFLGFARALERKLNAKEIAIRINGVGLEFHEYELKGYKNKRGQYVTSCPL
PGSIPGQNEKKLDAHIMNQAYIDLNMSFLLEVEGPHVDMSTCKSIKSTMETLRIAGGIIRNYKKIRLIDTLADIPYGYFL
TLRQDNLNDAAGDDMLDKMIHALQQEDTLVPIAVGFKALSEVGHVEGQRDPEKDHCFVESIFSLGGFECSKILEDINSCL
WRYKTEEGLYLCTII
;
E
3 'polypeptide(L)'
;MLRNKILAAISQKIPEEQKINKYIEGLFQSIDKNHLATHVAKFTETNSPGNIGAYDILSSDMNCGYLDTANAGWKEPDIV
TNDAKYKRPQGFVAMEMSDGRTVMEHLQEDSAELRHEMEELTDKYDEIRDGILNMPSMQPYRTNQFIKQVFFPVGGSYHL
LSILPSTVLNYEVSDRLYRSKIPKIRLRLLSSNAASTTGSRLVSKNKWPLVFQALPPKFLEKNLAKALDKEYLLPDINID
ELEGVDNGCLIDEALLPLIIDEGKRKGEGNYRPRHLRDERKEETVQAFLDKYGYCNIPVGYEVHHIVPLSQGGADSIKNM
IMLSIEHHERVTEAHASYFKWRNT
;
F
4 'polydeoxyribonucleotide'
;(DT)(DG)(DC)(DT)(DA)(DA)(DG)(DC)(DG)(DC)(DA)(DC)(DC)(DT)(DA)(DA)(DT)(DT)(DT)(DC)
(DC)(DT)(DG)(DA)(DC)(DG)(DG)(DC)(DA)(DA)(DT)(DC)(DC)(DG)(DC)
;
I
5 'polyribonucleotide' GUUUAGAAGGAUUGCCGUCAGGAAAUUAGGUGCGCUUAGCAGUGUACCGCCGGAUAGGCGGUUUAGAAG L
6 'polypeptide(L)'
;MFSQILIIKPGTGISPNIIISEDIFPVLHSLFVEHDKKFGITFPAYSFDKKGHLGNIIEVLSEDKEALASLCLEEHLAEV
TDYVKVKKEITFTDDYVLFKRIREENQYETTARRMRKRGHTELGRPLEMHIKKKNQQIFCHAYIKVKSASTGQSYNIFLA
PTDIKHGSFSAYGLLRGDTHA
;
M
#
# COMPACT_ATOMS: atom_id res chain seq x y z
N THR A 1 73.52 -2.71 -20.95
CA THR A 1 72.44 -2.74 -21.92
C THR A 1 71.21 -3.45 -21.36
N LEU A 2 70.09 -3.34 -22.07
CA LEU A 2 68.86 -4.00 -21.68
C LEU A 2 68.81 -5.35 -22.39
N LYS A 3 68.83 -6.43 -21.60
CA LYS A 3 68.90 -7.78 -22.15
C LYS A 3 67.63 -8.59 -21.92
N SER A 4 66.61 -7.99 -21.31
CA SER A 4 65.36 -8.69 -21.00
C SER A 4 64.31 -7.64 -20.66
N ARG A 5 63.14 -8.12 -20.34
CA ARG A 5 62.00 -7.42 -19.77
C ARG A 5 62.10 -7.45 -18.25
N PRO A 6 61.48 -6.50 -17.55
CA PRO A 6 61.59 -6.48 -16.08
C PRO A 6 60.90 -7.68 -15.44
N GLU A 7 61.37 -8.02 -14.24
CA GLU A 7 60.85 -9.18 -13.53
C GLU A 7 59.43 -8.96 -13.03
N ASN A 8 58.98 -7.71 -12.91
CA ASN A 8 57.56 -7.46 -12.66
C ASN A 8 57.29 -6.19 -13.46
N LEU A 9 56.79 -6.36 -14.69
CA LEU A 9 56.25 -5.27 -15.47
C LEU A 9 54.73 -5.39 -15.51
N SER A 10 54.07 -4.32 -15.08
CA SER A 10 52.60 -4.32 -15.07
C SER A 10 52.08 -3.03 -15.70
N PHE A 11 50.89 -3.09 -16.23
CA PHE A 11 50.25 -1.94 -16.87
C PHE A 11 48.78 -1.94 -16.50
N ALA A 12 48.25 -0.76 -16.23
CA ALA A 12 46.83 -0.60 -15.95
C ALA A 12 46.11 -0.21 -17.23
N ARG A 13 44.79 -0.37 -17.19
CA ARG A 13 43.97 0.03 -18.31
C ARG A 13 43.95 1.54 -18.46
N CYS A 14 43.81 1.98 -19.71
CA CYS A 14 43.75 3.39 -20.05
C CYS A 14 42.40 3.76 -20.65
N LEU A 15 41.53 2.77 -20.89
CA LEU A 15 40.18 3.02 -21.34
C LEU A 15 39.26 2.22 -20.41
N ASN A 16 38.93 2.82 -19.27
CA ASN A 16 38.21 2.10 -18.22
C ASN A 16 36.72 2.28 -18.42
N THR A 17 36.09 1.29 -19.05
CA THR A 17 34.66 1.33 -19.27
C THR A 17 33.96 0.90 -17.99
N THR A 18 32.72 1.36 -17.81
CA THR A 18 31.90 1.04 -16.66
C THR A 18 30.82 0.05 -17.10
N GLU A 19 30.17 -0.57 -16.12
CA GLU A 19 29.01 -1.40 -16.39
C GLU A 19 27.89 -0.62 -17.03
N ALA A 20 27.07 -1.31 -17.80
CA ALA A 20 26.00 -0.72 -18.57
C ALA A 20 24.67 -1.01 -17.88
N LYS A 21 23.69 -0.14 -18.13
CA LYS A 21 22.36 -0.38 -17.62
C LYS A 21 21.36 -0.18 -18.76
N PHE A 22 20.38 -1.07 -18.81
CA PHE A 22 19.45 -1.14 -19.93
C PHE A 22 18.16 -0.46 -19.51
N TRP A 23 17.62 0.37 -20.39
CA TRP A 23 16.36 1.06 -20.12
C TRP A 23 15.44 0.84 -21.31
N GLN A 24 14.14 0.97 -21.09
CA GLN A 24 13.17 0.87 -22.16
C GLN A 24 12.44 2.19 -22.33
N THR A 25 12.28 2.61 -23.58
CA THR A 25 11.79 3.94 -23.93
C THR A 25 10.90 3.81 -25.16
N ASP A 26 10.25 4.91 -25.51
CA ASP A 26 9.67 5.06 -26.84
C ASP A 26 10.71 5.79 -27.68
N PHE A 27 10.44 6.02 -28.97
CA PHE A 27 11.37 6.76 -29.82
C PHE A 27 10.97 8.20 -30.06
N LEU A 28 9.67 8.51 -30.07
CA LEU A 28 9.26 9.89 -30.20
C LEU A 28 9.21 10.60 -28.85
N LYS A 29 9.52 9.88 -27.76
CA LYS A 29 9.71 10.47 -26.44
C LYS A 29 10.96 9.89 -25.78
N ARG A 30 12.03 9.72 -26.55
CA ARG A 30 13.24 9.08 -26.05
C ARG A 30 14.11 10.00 -25.21
N HIS A 31 13.86 11.30 -25.24
CA HIS A 31 14.67 12.26 -24.50
C HIS A 31 14.06 12.61 -23.15
N THR A 32 12.83 12.19 -22.89
CA THR A 32 12.08 12.54 -21.69
C THR A 32 11.63 11.33 -20.88
N PHE A 33 11.21 10.26 -21.55
CA PHE A 33 10.68 9.07 -20.90
C PHE A 33 11.81 8.06 -20.74
N LYS A 34 11.78 7.31 -19.64
CA LYS A 34 12.74 6.24 -19.40
C LYS A 34 12.16 5.30 -18.37
N LEU A 35 11.94 4.05 -18.75
CA LEU A 35 11.36 3.02 -17.90
C LEU A 35 12.39 1.94 -17.58
N PRO A 36 12.29 1.30 -16.42
CA PRO A 36 13.23 0.21 -16.10
C PRO A 36 12.94 -1.06 -16.88
N LEU A 37 14.01 -1.75 -17.27
CA LEU A 37 13.92 -3.03 -17.95
C LEU A 37 14.38 -4.12 -17.01
N LEU A 38 13.49 -5.06 -16.71
CA LEU A 38 13.77 -6.11 -15.76
C LEU A 38 13.97 -7.44 -16.46
N ILE A 39 14.70 -8.32 -15.79
CA ILE A 39 15.10 -9.60 -16.35
C ILE A 39 14.16 -10.64 -15.76
N THR A 40 13.39 -11.30 -16.62
CA THR A 40 12.44 -12.30 -16.18
C THR A 40 13.11 -13.67 -16.14
N ASP A 41 12.43 -14.63 -15.52
CA ASP A 41 12.84 -16.02 -15.54
C ASP A 41 11.90 -16.78 -16.45
N LYS A 42 12.47 -17.47 -17.44
CA LYS A 42 11.69 -18.23 -18.41
C LYS A 42 12.18 -19.66 -18.34
N ALA A 43 11.29 -20.57 -17.94
CA ALA A 43 11.59 -21.98 -17.96
C ALA A 43 11.09 -22.58 -19.26
N VAL A 44 11.81 -23.60 -19.75
CA VAL A 44 11.55 -24.13 -21.08
C VAL A 44 11.43 -25.64 -20.99
N LEU A 45 10.62 -26.21 -21.88
CA LEU A 45 10.59 -27.64 -22.14
C LEU A 45 11.08 -27.88 -23.55
N ALA A 46 12.12 -28.68 -23.69
CA ALA A 46 12.79 -28.89 -24.95
C ALA A 46 12.85 -30.38 -25.27
N SER A 47 13.56 -30.68 -26.35
CA SER A 47 13.92 -32.05 -26.71
C SER A 47 15.43 -32.19 -26.65
N LYS A 48 15.87 -33.43 -26.45
CA LYS A 48 17.30 -33.73 -26.42
C LYS A 48 17.78 -33.80 -27.86
N GLY A 49 18.16 -32.66 -28.41
CA GLY A 49 18.58 -32.58 -29.79
C GLY A 49 20.07 -32.32 -29.95
N HIS A 50 20.84 -32.60 -28.91
CA HIS A 50 22.29 -32.47 -28.98
C HIS A 50 22.90 -33.77 -29.49
N GLU A 51 24.11 -33.67 -30.03
CA GLU A 51 24.81 -34.85 -30.50
C GLU A 51 25.25 -35.71 -29.32
N MET A 52 24.95 -37.00 -29.41
CA MET A 52 25.26 -37.99 -28.39
C MET A 52 25.72 -39.24 -29.12
N PRO A 53 26.41 -40.16 -28.42
CA PRO A 53 26.82 -41.43 -29.04
C PRO A 53 25.64 -42.24 -29.55
N PRO A 54 25.85 -43.05 -30.60
CA PRO A 54 24.73 -43.81 -31.20
C PRO A 54 24.05 -44.82 -30.29
N ASP A 55 24.67 -45.22 -29.18
CA ASP A 55 24.00 -46.06 -28.19
C ASP A 55 23.09 -45.27 -27.27
N LYS A 56 23.51 -44.07 -26.87
CA LYS A 56 22.68 -43.20 -26.03
C LYS A 56 21.50 -42.62 -26.81
N LEU A 57 21.65 -42.50 -28.13
CA LEU A 57 20.59 -42.00 -28.99
C LEU A 57 19.37 -42.91 -29.00
N GLU A 58 19.56 -44.22 -28.97
CA GLU A 58 18.42 -45.13 -28.96
C GLU A 58 17.65 -45.07 -27.65
N LYS A 59 18.30 -44.63 -26.58
CA LYS A 59 17.68 -44.56 -25.26
C LYS A 59 17.17 -43.16 -24.92
N GLU A 60 17.59 -42.11 -25.65
CA GLU A 60 17.24 -40.77 -25.20
C GLU A 60 16.69 -39.82 -26.27
N ILE A 61 16.35 -40.30 -27.47
CA ILE A 61 15.99 -39.40 -28.57
C ILE A 61 14.60 -38.79 -28.36
N MET A 62 13.72 -39.47 -27.63
CA MET A 62 12.38 -38.96 -27.39
C MET A 62 12.17 -38.73 -25.90
N ASP A 63 13.16 -38.13 -25.25
CA ASP A 63 13.06 -37.85 -23.84
C ASP A 63 12.95 -36.34 -23.65
N PRO A 64 12.07 -35.88 -22.76
CA PRO A 64 11.94 -34.44 -22.53
C PRO A 64 13.20 -33.86 -21.91
N ASN A 65 13.50 -32.62 -22.30
CA ASN A 65 14.68 -31.91 -21.79
C ASN A 65 14.21 -30.60 -21.18
N PRO A 66 13.78 -30.59 -19.93
CA PRO A 66 13.45 -29.33 -19.27
C PRO A 66 14.72 -28.57 -18.89
N GLN A 67 14.72 -27.26 -19.13
CA GLN A 67 15.88 -26.46 -18.82
C GLN A 67 15.44 -25.15 -18.17
N LYS A 68 16.35 -24.56 -17.41
CA LYS A 68 16.15 -23.29 -16.74
C LYS A 68 16.83 -22.18 -17.52
N SER A 69 16.17 -21.03 -17.61
CA SER A 69 16.72 -19.91 -18.37
C SER A 69 16.19 -18.61 -17.79
N GLN A 70 16.76 -17.50 -18.25
CA GLN A 70 16.28 -16.17 -17.95
C GLN A 70 16.21 -15.39 -19.26
N SER A 71 15.36 -14.37 -19.31
CA SER A 71 15.18 -13.64 -20.59
C SER A 71 14.78 -12.17 -20.36
N CYS A 72 15.31 -11.26 -21.17
CA CYS A 72 14.94 -9.83 -21.08
C CYS A 72 14.25 -9.42 -22.38
N THR A 73 13.00 -9.01 -22.29
CA THR A 73 12.26 -8.53 -23.44
C THR A 73 11.66 -7.18 -23.09
N LEU A 74 11.38 -6.38 -24.12
CA LEU A 74 10.81 -5.06 -23.93
C LEU A 74 9.33 -5.18 -23.53
N SER A 75 8.68 -4.04 -23.37
CA SER A 75 7.28 -4.04 -23.01
C SER A 75 6.42 -4.03 -24.26
N THR A 76 5.11 -4.14 -24.07
CA THR A 76 4.20 -4.12 -25.20
C THR A 76 3.97 -2.73 -25.76
N GLU A 77 4.52 -1.69 -25.11
CA GLU A 77 4.26 -0.31 -25.50
C GLU A 77 5.53 0.54 -25.53
N CYS A 78 6.71 -0.06 -25.46
CA CYS A 78 7.98 0.64 -25.58
C CYS A 78 8.86 -0.10 -26.58
N ASP A 79 9.31 0.60 -27.62
CA ASP A 79 9.96 -0.05 -28.75
C ASP A 79 11.46 0.14 -28.80
N THR A 80 12.07 0.85 -27.85
CA THR A 80 13.47 1.16 -27.95
C THR A 80 14.21 0.75 -26.68
N LEU A 81 15.52 0.61 -26.83
CA LEU A 81 16.41 0.25 -25.74
C LEU A 81 17.43 1.36 -25.52
N ARG A 82 17.57 1.76 -24.26
CA ARG A 82 18.49 2.81 -23.86
C ARG A 82 19.59 2.19 -23.00
N ILE A 83 20.81 2.16 -23.53
CA ILE A 83 21.99 1.77 -22.77
C ILE A 83 22.89 2.97 -22.54
N ASP A 84 23.22 3.15 -21.27
CA ASP A 84 24.05 4.29 -20.84
C ASP A 84 25.27 3.76 -20.11
N PHE A 85 26.46 4.04 -20.62
CA PHE A 85 27.69 3.62 -19.97
C PHE A 85 28.70 4.75 -20.04
N GLY A 86 29.72 4.66 -19.19
CA GLY A 86 30.74 5.69 -19.12
C GLY A 86 32.13 5.09 -19.22
N ILE A 87 33.06 5.93 -19.67
CA ILE A 87 34.46 5.54 -19.85
C ILE A 87 35.33 6.54 -19.09
N LYS A 88 36.50 6.09 -18.63
CA LYS A 88 37.48 6.94 -17.95
C LYS A 88 38.80 6.78 -18.70
N VAL A 89 39.04 7.68 -19.66
CA VAL A 89 40.31 7.70 -20.37
C VAL A 89 41.41 8.23 -19.46
N LEU A 90 42.58 7.56 -19.48
CA LEU A 90 43.70 7.88 -18.60
C LEU A 90 45.01 7.89 -19.39
N PRO A 91 46.07 8.55 -18.92
CA PRO A 91 47.34 8.54 -19.66
C PRO A 91 48.02 7.18 -19.67
N VAL A 92 48.83 6.98 -20.72
CA VAL A 92 49.50 5.71 -20.93
C VAL A 92 50.77 5.62 -20.08
N LYS A 93 51.51 6.73 -19.99
CA LYS A 93 52.72 6.76 -19.15
C LYS A 93 52.39 6.65 -17.67
N GLU A 94 51.21 7.14 -17.26
CA GLU A 94 50.78 7.12 -15.87
C GLU A 94 49.86 5.94 -15.60
N SER A 95 50.00 4.86 -16.35
CA SER A 95 49.27 3.62 -16.09
C SER A 95 50.23 2.46 -15.88
N MET A 96 51.53 2.72 -15.82
CA MET A 96 52.51 1.74 -15.39
C MET A 96 52.59 1.72 -13.87
N TYR A 97 51.94 0.72 -13.28
CA TYR A 97 51.87 0.62 -11.84
C TYR A 97 53.08 -0.07 -11.23
N SER A 98 53.89 -0.76 -12.04
CA SER A 98 55.00 -1.56 -11.53
C SER A 98 56.05 -1.75 -12.62
N CYS A 99 57.32 -1.57 -12.24
CA CYS A 99 58.45 -1.87 -13.13
C CYS A 99 59.69 -2.00 -12.27
N SER A 100 60.33 -3.17 -12.31
CA SER A 100 61.49 -3.40 -11.45
C SER A 100 62.73 -2.66 -11.96
N ASP A 101 62.99 -2.68 -13.27
CA ASP A 101 64.21 -2.12 -13.81
C ASP A 101 63.98 -0.64 -14.16
N TYR A 102 64.94 0.21 -13.78
CA TYR A 102 64.79 1.64 -14.05
C TYR A 102 65.08 1.98 -15.52
N ASN A 103 66.05 1.28 -16.12
CA ASN A 103 66.43 1.54 -17.50
C ASN A 103 65.35 1.11 -18.48
N TYR A 104 64.58 0.07 -18.16
CA TYR A 104 63.45 -0.27 -19.01
C TYR A 104 62.34 0.78 -18.91
N ARG A 105 62.17 1.37 -17.73
CA ARG A 105 61.21 2.47 -17.58
C ARG A 105 61.62 3.68 -18.39
N THR A 106 62.92 4.02 -18.36
CA THR A 106 63.44 5.13 -19.16
C THR A 106 63.27 4.87 -20.66
N ALA A 107 63.58 3.65 -21.11
CA ALA A 107 63.50 3.32 -22.53
C ALA A 107 62.05 3.30 -23.01
N ILE A 108 61.15 2.71 -22.22
CA ILE A 108 59.73 2.69 -22.59
C ILE A 108 59.13 4.08 -22.56
N TYR A 109 59.60 4.98 -21.67
CA TYR A 109 59.06 6.33 -21.64
C TYR A 109 59.54 7.11 -22.86
N GLN A 110 60.77 6.84 -23.29
CA GLN A 110 61.28 7.42 -24.53
C GLN A 110 60.48 6.95 -25.75
N LYS A 111 60.04 5.70 -25.74
CA LYS A 111 59.30 5.14 -26.92
C LYS A 111 57.86 5.64 -26.91
N ILE A 112 57.27 5.88 -25.74
CA ILE A 112 55.94 6.50 -25.69
C ILE A 112 55.99 7.97 -26.11
N ASP A 113 57.02 8.71 -25.70
CA ASP A 113 57.13 10.10 -26.14
C ASP A 113 57.47 10.21 -27.62
N GLU A 114 58.22 9.24 -28.17
CA GLU A 114 58.41 9.19 -29.62
C GLU A 114 57.11 8.87 -30.35
N TYR A 115 56.21 8.11 -29.72
CA TYR A 115 54.90 7.89 -30.31
C TYR A 115 54.02 9.14 -30.20
N ILE A 116 54.18 9.92 -29.13
CA ILE A 116 53.48 11.21 -29.03
C ILE A 116 53.98 12.17 -30.10
N ALA A 117 55.25 12.09 -30.48
CA ALA A 117 55.78 12.95 -31.54
C ALA A 117 55.17 12.61 -32.90
N GLU A 118 55.22 11.34 -33.30
CA GLU A 118 54.68 10.90 -34.59
C GLU A 118 53.37 10.16 -34.37
N ASP A 119 52.26 10.77 -34.80
CA ASP A 119 50.88 10.27 -34.60
C ASP A 119 50.57 10.08 -33.13
N GLY A 120 50.48 11.17 -32.39
CA GLY A 120 50.33 11.12 -30.94
C GLY A 120 49.01 10.56 -30.45
N PHE A 121 48.91 9.23 -30.50
CA PHE A 121 47.77 8.43 -30.07
C PHE A 121 46.46 8.87 -30.72
N LEU A 122 46.52 9.31 -31.98
CA LEU A 122 45.36 9.88 -32.63
C LEU A 122 44.63 8.89 -33.53
N THR A 123 45.37 8.08 -34.29
CA THR A 123 44.75 7.07 -35.15
C THR A 123 44.06 6.00 -34.30
N LEU A 124 44.71 5.58 -33.21
CA LEU A 124 44.10 4.65 -32.26
C LEU A 124 42.85 5.25 -31.64
N ALA A 125 42.89 6.53 -31.27
CA ALA A 125 41.74 7.20 -30.67
C ALA A 125 40.59 7.33 -31.66
N LYS A 126 40.89 7.64 -32.93
CA LYS A 126 39.86 7.66 -33.97
C LYS A 126 39.22 6.30 -34.14
N ARG A 127 40.01 5.23 -34.02
CA ARG A 127 39.45 3.88 -34.11
C ARG A 127 38.57 3.56 -32.91
N TYR A 128 38.96 4.03 -31.71
CA TYR A 128 38.12 3.83 -30.53
C TYR A 128 36.81 4.60 -30.62
N VAL A 129 36.83 5.80 -31.20
CA VAL A 129 35.58 6.54 -31.37
C VAL A 129 34.73 5.97 -32.50
N ASN A 130 35.36 5.35 -33.51
CA ASN A 130 34.58 4.59 -34.48
C ASN A 130 33.90 3.39 -33.85
N ASN A 131 34.58 2.70 -32.93
CA ASN A 131 33.93 1.59 -32.23
C ASN A 131 32.91 2.04 -31.20
N ILE A 132 32.76 3.33 -30.96
CA ILE A 132 31.60 3.87 -30.27
C ILE A 132 30.52 4.30 -31.25
N ALA A 133 30.89 4.80 -32.44
CA ALA A 133 29.95 5.40 -33.37
C ALA A 133 29.41 4.43 -34.41
N ASN A 134 29.91 3.18 -34.48
CA ASN A 134 29.19 2.16 -35.22
C ASN A 134 28.39 1.26 -34.31
N ALA A 135 28.54 1.43 -32.99
CA ALA A 135 27.80 0.72 -31.94
C ALA A 135 28.09 -0.78 -32.00
N ARG A 136 29.38 -1.12 -32.03
CA ARG A 136 29.83 -2.50 -31.90
C ARG A 136 29.60 -3.04 -30.50
N PHE A 137 29.39 -2.17 -29.51
CA PHE A 137 29.06 -2.57 -28.16
C PHE A 137 27.63 -3.08 -28.03
N LEU A 138 26.82 -2.99 -29.09
CA LEU A 138 25.55 -3.69 -29.17
C LEU A 138 25.88 -5.02 -29.84
N TRP A 139 26.26 -6.01 -29.04
CA TRP A 139 26.72 -7.28 -29.61
C TRP A 139 25.64 -8.05 -30.37
N ARG A 140 24.54 -8.41 -29.74
CA ARG A 140 23.44 -9.02 -30.48
C ARG A 140 22.24 -8.09 -30.51
N ASN A 141 22.39 -6.88 -29.96
CA ASN A 141 21.34 -5.88 -29.95
C ASN A 141 21.45 -4.91 -31.12
N ARG A 142 22.38 -5.17 -32.04
CA ARG A 142 22.53 -4.37 -33.25
C ARG A 142 21.81 -5.01 -34.43
N LYS A 143 21.37 -6.25 -34.28
CA LYS A 143 20.65 -6.98 -35.32
C LYS A 143 19.16 -6.73 -35.17
N GLY A 144 18.50 -6.43 -36.30
CA GLY A 144 17.08 -6.16 -36.32
C GLY A 144 16.74 -4.85 -35.62
N ALA A 145 17.32 -3.76 -36.11
CA ALA A 145 17.16 -2.43 -35.51
C ALA A 145 16.84 -1.45 -36.61
N GLU A 146 15.77 -0.66 -36.42
CA GLU A 146 15.39 0.28 -37.46
C GLU A 146 16.26 1.52 -37.43
N ILE A 147 16.47 2.10 -36.25
CA ILE A 147 17.30 3.29 -36.07
C ILE A 147 18.18 3.07 -34.85
N ILE A 148 19.49 3.25 -35.01
CA ILE A 148 20.43 3.25 -33.91
C ILE A 148 21.02 4.65 -33.79
N GLU A 149 20.95 5.21 -32.58
CA GLU A 149 21.37 6.57 -32.31
C GLU A 149 22.33 6.56 -31.12
N THR A 150 23.54 7.07 -31.32
CA THR A 150 24.57 7.05 -30.28
C THR A 150 24.99 8.48 -29.96
N ILE A 151 24.96 8.83 -28.69
CA ILE A 151 25.25 10.18 -28.21
C ILE A 151 26.45 10.11 -27.27
N VAL A 152 27.42 10.99 -27.48
CA VAL A 152 28.63 11.05 -26.65
C VAL A 152 28.69 12.41 -25.97
N THR A 153 28.90 12.41 -24.65
CA THR A 153 28.94 13.62 -23.84
C THR A 153 30.24 13.66 -23.04
N ILE A 154 31.28 14.25 -23.62
CA ILE A 154 32.49 14.54 -22.86
C ILE A 154 32.28 15.77 -22.01
N GLU A 155 32.75 15.70 -20.75
CA GLU A 155 32.64 16.76 -19.74
C GLU A 155 31.18 17.11 -19.50
N ASP A 156 30.73 18.21 -20.12
CA ASP A 156 29.30 18.50 -20.17
C ASP A 156 28.84 18.92 -21.56
N LYS A 157 29.68 18.78 -22.59
CA LYS A 157 29.30 19.15 -23.94
C LYS A 157 28.65 17.96 -24.62
N GLU A 158 27.43 18.16 -25.14
CA GLU A 158 26.72 17.11 -25.83
C GLU A 158 26.96 17.26 -27.33
N TYR A 159 27.69 16.32 -27.89
CA TYR A 159 28.12 16.34 -29.28
C TYR A 159 26.99 15.91 -30.20
N PRO A 160 27.02 16.32 -31.48
CA PRO A 160 26.03 15.83 -32.44
C PRO A 160 26.06 14.32 -32.59
N SER A 161 24.87 13.72 -32.57
CA SER A 161 24.74 12.28 -32.41
C SER A 161 25.10 11.55 -33.70
N PHE A 162 25.12 10.22 -33.62
CA PHE A 162 25.60 9.38 -34.69
C PHE A 162 24.46 8.51 -35.22
N ASN A 163 24.42 8.35 -36.54
CA ASN A 163 23.60 7.33 -37.18
C ASN A 163 24.48 6.10 -37.32
N SER A 164 24.42 5.21 -36.32
CA SER A 164 25.32 4.07 -36.22
C SER A 164 25.01 2.94 -37.21
N LYS A 165 24.00 3.08 -38.05
CA LYS A 165 23.76 2.13 -39.13
C LYS A 165 24.33 2.62 -40.46
N SER A 166 25.01 3.76 -40.46
CA SER A 166 25.67 4.29 -41.64
C SER A 166 27.19 4.10 -41.57
N PHE A 167 27.66 3.31 -40.59
CA PHE A 167 29.06 2.98 -40.45
C PHE A 167 29.21 1.49 -40.68
N ASN A 168 30.21 1.10 -41.46
CA ASN A 168 30.50 -0.31 -41.69
C ASN A 168 31.35 -0.80 -40.53
N LEU A 169 31.10 -2.05 -40.11
CA LEU A 169 31.83 -2.63 -38.99
C LEU A 169 33.23 -3.07 -39.35
N ASP A 170 33.62 -3.01 -40.64
CA ASP A 170 34.94 -3.45 -41.07
C ASP A 170 35.74 -2.33 -41.71
N THR A 171 35.21 -1.09 -41.69
CA THR A 171 35.90 0.06 -42.27
C THR A 171 35.89 1.17 -41.22
N PHE A 172 37.07 1.68 -40.88
CA PHE A 172 37.19 2.76 -39.91
C PHE A 172 37.27 4.10 -40.65
N VAL A 173 36.31 4.98 -40.38
CA VAL A 173 36.27 6.29 -41.01
C VAL A 173 37.19 7.25 -40.29
N GLU A 174 37.87 8.09 -41.05
CA GLU A 174 38.80 9.09 -40.53
C GLU A 174 38.43 10.49 -41.00
N ASP A 175 37.14 10.74 -41.21
CA ASP A 175 36.76 12.06 -41.83
C ASP A 175 35.59 12.74 -41.13
N ASN A 176 34.91 12.10 -40.19
CA ASN A 176 33.73 12.69 -39.58
C ASN A 176 34.19 13.68 -38.52
N ALA A 177 33.56 14.86 -38.49
CA ALA A 177 34.02 15.96 -37.64
C ALA A 177 33.82 15.67 -36.16
N THR A 178 32.68 15.04 -35.81
CA THR A 178 32.40 14.69 -34.42
C THR A 178 33.39 13.65 -33.90
N ILE A 179 33.72 12.66 -34.72
CA ILE A 179 34.68 11.62 -34.36
C ILE A 179 36.07 12.22 -34.16
N ASN A 180 36.46 13.14 -35.04
CA ASN A 180 37.75 13.82 -34.91
C ASN A 180 37.81 14.70 -33.66
N GLU A 181 36.69 15.35 -33.32
CA GLU A 181 36.62 16.20 -32.14
C GLU A 181 36.76 15.39 -30.86
N ILE A 182 36.07 14.24 -30.78
CA ILE A 182 36.19 13.35 -29.63
C ILE A 182 37.59 12.71 -29.58
N ALA A 183 38.12 12.36 -30.75
CA ALA A 183 39.36 11.59 -30.82
C ALA A 183 40.57 12.43 -30.45
N GLN A 184 40.52 13.74 -30.74
CA GLN A 184 41.63 14.60 -30.33
C GLN A 184 41.72 14.72 -28.81
N GLN A 185 40.57 14.79 -28.13
CA GLN A 185 40.59 14.81 -26.67
C GLN A 185 41.04 13.48 -26.09
N ILE A 186 40.65 12.36 -26.71
CA ILE A 186 41.13 11.06 -26.25
C ILE A 186 42.64 10.92 -26.49
N ALA A 187 43.13 11.45 -27.62
CA ALA A 187 44.56 11.44 -27.91
C ALA A 187 45.35 12.30 -26.92
N ASP A 188 44.82 13.47 -26.57
CA ASP A 188 45.48 14.32 -25.58
C ASP A 188 45.43 13.71 -24.19
N THR A 189 44.38 12.94 -23.90
CA THR A 189 44.33 12.23 -22.63
C THR A 189 45.35 11.10 -22.60
N PHE A 190 45.53 10.38 -23.71
CA PHE A 190 46.54 9.33 -23.77
C PHE A 190 47.97 9.85 -23.76
N ALA A 191 48.18 11.05 -24.31
CA ALA A 191 49.53 11.60 -24.36
C ALA A 191 50.02 11.98 -22.97
N GLY A 192 49.13 12.47 -22.12
CA GLY A 192 49.51 13.05 -20.85
C GLY A 192 49.28 14.54 -20.78
N LYS A 193 48.75 15.14 -21.84
CA LYS A 193 48.43 16.56 -21.83
C LYS A 193 47.18 16.85 -21.02
N ARG A 194 46.32 15.85 -20.84
CA ARG A 194 45.22 15.88 -19.90
C ARG A 194 45.31 14.65 -19.03
N GLU A 195 45.03 14.81 -17.74
CA GLU A 195 45.23 13.74 -16.77
C GLU A 195 44.07 12.77 -16.69
N TYR A 196 42.93 13.13 -17.26
CA TYR A 196 41.73 12.27 -17.19
C TYR A 196 40.69 12.76 -18.16
N LEU A 197 39.86 11.87 -18.69
CA LEU A 197 38.75 12.24 -19.56
C LEU A 197 37.56 11.38 -19.22
N ASN A 198 36.42 12.02 -18.98
CA ASN A 198 35.18 11.31 -18.64
C ASN A 198 34.23 11.42 -19.83
N ILE A 199 33.96 10.28 -20.46
CA ILE A 199 33.07 10.18 -21.61
C ILE A 199 31.84 9.38 -21.21
N TYR A 200 30.65 9.90 -21.51
CA TYR A 200 29.40 9.23 -21.23
C TYR A 200 28.67 8.96 -22.54
N VAL A 201 28.36 7.69 -22.80
CA VAL A 201 27.76 7.25 -24.06
C VAL A 201 26.36 6.74 -23.76
N THR A 202 25.38 7.22 -24.53
CA THR A 202 23.99 6.80 -24.42
C THR A 202 23.49 6.39 -25.80
N CYS A 203 22.96 5.17 -25.90
CA CYS A 203 22.53 4.61 -27.17
C CYS A 203 21.01 4.42 -27.19
N PHE A 204 20.43 4.50 -28.39
CA PHE A 204 18.98 4.32 -28.59
C PHE A 204 18.79 3.36 -29.76
N VAL A 205 18.33 2.15 -29.48
CA VAL A 205 18.17 1.11 -30.48
C VAL A 205 16.69 0.81 -30.65
N LYS A 206 16.15 1.11 -31.84
CA LYS A 206 14.74 0.86 -32.09
C LYS A 206 14.59 -0.52 -32.74
N ILE A 207 14.48 -1.54 -31.88
CA ILE A 207 14.37 -2.91 -32.38
C ILE A 207 12.92 -3.24 -32.76
N GLY A 208 11.98 -2.86 -31.91
CA GLY A 208 10.59 -3.18 -32.13
C GLY A 208 9.90 -3.27 -30.79
N CYS A 209 8.58 -3.54 -30.84
CA CYS A 209 7.74 -3.38 -29.65
C CYS A 209 8.08 -4.30 -28.49
N ALA A 210 7.75 -5.59 -28.57
CA ALA A 210 8.01 -6.46 -27.42
C ALA A 210 9.20 -7.37 -27.64
N MET A 211 10.23 -6.90 -28.33
CA MET A 211 11.24 -7.80 -28.85
C MET A 211 12.28 -8.13 -27.78
N GLU A 212 13.18 -9.05 -28.12
CA GLU A 212 14.09 -9.60 -27.13
C GLU A 212 15.32 -8.71 -27.01
N VAL A 213 15.69 -8.41 -25.78
CA VAL A 213 16.88 -7.66 -25.45
C VAL A 213 17.89 -8.68 -24.91
N TYR A 214 19.15 -8.52 -25.29
CA TYR A 214 20.18 -9.51 -24.99
C TYR A 214 21.20 -8.91 -24.05
N PRO A 215 21.07 -9.13 -22.73
CA PRO A 215 22.12 -8.68 -21.80
C PRO A 215 23.35 -9.56 -21.86
N SER A 216 24.31 -9.28 -21.02
CA SER A 216 25.47 -10.15 -20.93
C SER A 216 25.16 -11.27 -19.95
N GLN A 217 25.72 -12.44 -20.24
CA GLN A 217 25.47 -13.63 -19.44
C GLN A 217 26.58 -13.77 -18.40
N GLU A 218 26.19 -14.17 -17.20
CA GLU A 218 27.12 -14.28 -16.09
C GLU A 218 27.64 -15.70 -16.02
N MET A 219 28.94 -15.85 -15.82
CA MET A 219 29.51 -17.18 -15.59
C MET A 219 29.32 -17.41 -14.09
N THR A 220 28.33 -18.24 -13.77
CA THR A 220 28.05 -18.62 -12.40
C THR A 220 28.10 -20.14 -12.34
N PHE A 221 29.04 -20.66 -11.57
CA PHE A 221 29.22 -22.11 -11.43
C PHE A 221 28.47 -22.57 -10.19
N ASP A 222 27.31 -23.18 -10.41
CA ASP A 222 26.56 -23.80 -9.34
C ASP A 222 26.23 -25.22 -9.78
N ASP A 223 26.38 -26.17 -8.86
CA ASP A 223 26.08 -27.56 -9.19
C ASP A 223 24.57 -27.79 -9.23
N ASP A 224 23.83 -27.17 -8.32
CA ASP A 224 22.38 -27.36 -8.25
C ASP A 224 21.67 -26.76 -9.47
N ASP A 225 22.04 -25.54 -9.86
CA ASP A 225 21.40 -24.86 -10.97
C ASP A 225 22.40 -24.63 -12.09
N LYS A 226 22.01 -24.97 -13.32
CA LYS A 226 22.82 -24.74 -14.51
C LYS A 226 21.87 -24.18 -15.56
N GLY A 227 21.76 -22.85 -15.60
CA GLY A 227 20.87 -22.19 -16.53
C GLY A 227 21.49 -20.87 -16.99
N LYS A 228 20.77 -20.23 -17.91
CA LYS A 228 21.18 -18.90 -18.38
C LYS A 228 20.95 -17.89 -17.27
N LYS A 229 22.03 -17.52 -16.58
CA LYS A 229 21.98 -16.53 -15.51
C LYS A 229 22.48 -15.21 -16.09
N LEU A 230 21.57 -14.32 -16.41
CA LEU A 230 21.91 -13.06 -17.05
C LEU A 230 22.30 -12.02 -16.00
N PHE A 231 22.79 -10.88 -16.48
CA PHE A 231 23.39 -9.85 -15.63
C PHE A 231 22.35 -8.83 -15.21
N LYS A 232 22.21 -8.64 -13.90
CA LYS A 232 21.31 -7.64 -13.34
C LYS A 232 22.14 -6.62 -12.58
N PHE A 233 22.11 -5.38 -13.05
CA PHE A 233 22.85 -4.28 -12.42
C PHE A 233 21.85 -3.32 -11.80
N GLU A 234 21.87 -3.23 -10.46
CA GLU A 234 20.94 -2.42 -9.66
C GLU A 234 19.48 -2.80 -9.91
N GLY A 235 19.24 -4.10 -10.06
CA GLY A 235 17.90 -4.62 -10.27
C GLY A 235 17.47 -4.70 -11.72
N SER A 236 18.16 -4.03 -12.63
CA SER A 236 17.78 -3.98 -14.03
C SER A 236 18.90 -4.58 -14.89
N ALA A 237 18.54 -4.87 -16.14
CA ALA A 237 19.44 -5.52 -17.08
C ALA A 237 20.63 -4.64 -17.44
N GLY A 238 21.65 -5.27 -17.98
CA GLY A 238 22.86 -4.53 -18.33
C GLY A 238 23.89 -5.42 -18.97
N MET A 239 25.10 -4.86 -19.09
CA MET A 239 26.22 -5.50 -19.75
C MET A 239 27.46 -5.28 -18.90
N HIS A 240 28.37 -6.27 -18.89
CA HIS A 240 29.64 -6.07 -18.22
C HIS A 240 30.50 -5.05 -18.97
N SER A 241 31.46 -4.47 -18.23
CA SER A 241 32.40 -3.55 -18.83
C SER A 241 33.34 -4.27 -19.78
N GLN A 242 33.66 -5.53 -19.49
CA GLN A 242 34.57 -6.31 -20.32
C GLN A 242 34.01 -6.56 -21.72
N LYS A 243 32.69 -6.77 -21.82
CA LYS A 243 32.04 -6.95 -23.12
C LYS A 243 32.14 -5.69 -23.98
N ILE A 244 31.81 -4.54 -23.39
CA ILE A 244 31.88 -3.26 -24.10
C ILE A 244 33.32 -2.91 -24.43
N ASN A 245 34.25 -3.21 -23.52
CA ASN A 245 35.66 -2.95 -23.76
C ASN A 245 36.22 -3.82 -24.86
N ASN A 246 35.84 -5.10 -24.90
CA ASN A 246 36.25 -5.98 -25.98
C ASN A 246 35.66 -5.53 -27.31
N ALA A 247 34.47 -4.92 -27.27
CA ALA A 247 33.96 -4.28 -28.49
C ALA A 247 34.83 -3.10 -28.91
N LEU A 248 35.25 -2.26 -27.96
CA LEU A 248 36.02 -1.07 -28.32
C LEU A 248 37.46 -1.38 -28.74
N ARG A 249 38.05 -2.47 -28.28
CA ARG A 249 39.40 -2.84 -28.70
C ARG A 249 39.46 -3.56 -30.03
N THR A 250 38.34 -3.71 -30.73
CA THR A 250 38.31 -4.35 -32.04
C THR A 250 38.73 -3.28 -33.07
N ILE A 251 40.02 -2.97 -33.07
CA ILE A 251 40.59 -1.92 -33.91
C ILE A 251 41.77 -2.48 -34.69
N ASP A 252 42.20 -3.70 -34.34
CA ASP A 252 43.39 -4.29 -34.96
C ASP A 252 43.06 -4.71 -36.39
N THR A 253 43.64 -4.00 -37.35
CA THR A 253 43.59 -4.37 -38.77
C THR A 253 44.98 -4.44 -39.33
N TRP A 254 45.96 -4.82 -38.51
CA TRP A 254 47.37 -4.83 -38.88
C TRP A 254 47.98 -6.19 -38.57
N TYR A 255 47.20 -7.25 -38.72
CA TYR A 255 47.73 -8.57 -38.43
C TYR A 255 48.35 -9.14 -39.70
N PRO A 256 49.25 -10.19 -39.61
CA PRO A 256 49.92 -10.72 -40.81
C PRO A 256 49.07 -11.19 -41.98
N ASP A 257 47.79 -11.44 -41.79
CA ASP A 257 46.95 -11.97 -42.86
C ASP A 257 45.62 -11.21 -42.94
N TYR A 258 45.70 -9.87 -42.90
CA TYR A 258 44.49 -9.05 -42.98
C TYR A 258 43.87 -9.06 -44.38
N THR A 259 44.68 -9.27 -45.42
CA THR A 259 44.16 -9.23 -46.78
C THR A 259 43.24 -10.40 -47.07
N THR A 260 43.48 -11.54 -46.43
CA THR A 260 42.57 -12.72 -46.58
C THR A 260 41.36 -12.48 -45.70
N TYR A 261 41.50 -12.64 -44.38
CA TYR A 261 40.40 -12.33 -43.44
C TYR A 261 40.34 -10.80 -43.31
N GLU A 262 39.34 -10.15 -43.90
CA GLU A 262 39.31 -8.66 -43.89
C GLU A 262 38.34 -8.14 -42.84
N PHE A 263 38.62 -8.39 -41.57
CA PHE A 263 37.75 -7.92 -40.46
C PHE A 263 38.64 -7.53 -39.29
N PRO A 264 38.33 -6.45 -38.55
CA PRO A 264 39.11 -6.09 -37.36
C PRO A 264 38.95 -7.14 -36.26
N ILE A 265 40.03 -7.39 -35.54
CA ILE A 265 40.03 -8.32 -34.42
C ILE A 265 40.30 -7.55 -33.13
N PRO A 266 39.93 -8.06 -31.96
CA PRO A 266 40.32 -7.39 -30.71
C PRO A 266 41.82 -7.44 -30.48
N VAL A 267 42.34 -6.41 -29.81
CA VAL A 267 43.78 -6.24 -29.65
C VAL A 267 44.19 -7.07 -28.43
N GLU A 268 44.67 -8.28 -28.71
CA GLU A 268 45.14 -9.16 -27.63
C GLU A 268 46.64 -9.35 -27.84
N ASN A 269 47.31 -10.16 -27.02
CA ASN A 269 48.76 -10.30 -27.04
C ASN A 269 49.23 -11.19 -28.20
N TYR A 270 48.66 -12.39 -28.32
CA TYR A 270 49.00 -13.29 -29.39
C TYR A 270 47.99 -13.28 -30.53
N GLY A 271 47.17 -12.23 -30.60
CA GLY A 271 46.09 -12.15 -31.56
C GLY A 271 45.09 -13.27 -31.43
N ALA A 272 44.36 -13.31 -30.32
CA ALA A 272 43.50 -14.45 -30.00
C ALA A 272 42.06 -13.94 -29.90
N ALA A 273 41.39 -13.84 -31.04
CA ALA A 273 39.97 -13.59 -31.04
C ALA A 273 39.22 -14.82 -30.56
N ARG A 274 38.08 -14.59 -29.92
CA ARG A 274 37.28 -15.70 -29.43
C ARG A 274 36.28 -16.20 -30.45
N SER A 275 36.30 -15.65 -31.67
CA SER A 275 35.47 -16.16 -32.74
C SER A 275 36.25 -17.18 -33.56
N ILE A 276 37.36 -16.75 -34.15
CA ILE A 276 38.25 -17.66 -34.89
C ILE A 276 39.21 -18.31 -33.91
N GLY A 277 39.32 -19.64 -33.97
CA GLY A 277 40.08 -20.37 -32.98
C GLY A 277 41.53 -20.62 -33.34
N ILE A 278 42.08 -19.83 -34.25
CA ILE A 278 43.52 -19.87 -34.54
C ILE A 278 44.10 -18.54 -34.08
N PRO A 279 45.22 -18.56 -33.32
CA PRO A 279 45.92 -17.30 -33.00
C PRO A 279 46.31 -16.53 -34.24
N PHE A 280 45.95 -15.24 -34.29
CA PHE A 280 46.14 -14.45 -35.49
C PHE A 280 47.51 -13.82 -35.57
N ARG A 281 48.24 -13.73 -34.46
CA ARG A 281 49.58 -13.15 -34.44
C ARG A 281 50.46 -14.01 -33.54
N PRO A 282 50.83 -15.22 -34.00
CA PRO A 282 51.38 -16.19 -33.04
C PRO A 282 52.90 -16.23 -32.88
N ASP A 283 53.70 -15.84 -33.88
CA ASP A 283 55.13 -15.84 -33.64
C ASP A 283 55.81 -14.50 -33.90
N THR A 284 55.77 -14.04 -35.16
CA THR A 284 56.63 -12.93 -35.57
C THR A 284 56.01 -11.56 -35.39
N LYS A 285 54.69 -11.47 -35.28
CA LYS A 285 54.02 -10.19 -35.08
C LYS A 285 53.18 -10.23 -33.81
N SER A 286 53.73 -10.87 -32.79
CA SER A 286 53.14 -10.89 -31.47
C SER A 286 53.71 -9.73 -30.66
N PHE A 287 52.98 -9.32 -29.62
CA PHE A 287 53.38 -8.17 -28.82
C PHE A 287 54.70 -8.37 -28.11
N TYR A 288 54.99 -9.60 -27.67
CA TYR A 288 56.19 -9.83 -26.89
C TYR A 288 57.45 -9.70 -27.76
N LYS A 289 57.41 -10.28 -28.96
CA LYS A 289 58.52 -10.12 -29.89
C LYS A 289 58.58 -8.71 -30.47
N LEU A 290 57.42 -8.09 -30.72
CA LEU A 290 57.42 -6.74 -31.26
C LEU A 290 57.60 -5.67 -30.21
N ILE A 291 57.80 -6.02 -28.94
CA ILE A 291 58.27 -5.06 -27.96
C ILE A 291 59.69 -5.37 -27.51
N ASP A 292 60.16 -6.61 -27.70
CA ASP A 292 61.55 -6.92 -27.49
C ASP A 292 62.42 -6.56 -28.70
N ARG A 293 61.80 -6.35 -29.86
CA ARG A 293 62.50 -5.74 -30.98
C ARG A 293 62.43 -4.22 -30.97
N MET A 294 61.57 -3.63 -30.13
CA MET A 294 61.46 -2.18 -30.06
C MET A 294 62.30 -1.59 -28.94
N ILE A 295 62.35 -2.24 -27.78
CA ILE A 295 62.96 -1.66 -26.60
C ILE A 295 64.32 -2.25 -26.27
N LEU A 296 64.60 -3.48 -26.72
CA LEU A 296 65.80 -4.19 -26.30
C LEU A 296 66.82 -4.25 -27.42
N LYS A 297 66.42 -4.72 -28.59
CA LYS A 297 67.33 -4.64 -29.75
C LYS A 297 66.88 -3.41 -30.53
N ASN A 298 67.06 -2.21 -29.98
CA ASN A 298 66.52 -0.98 -30.59
C ASN A 298 66.38 -1.14 -32.11
N GLU A 299 65.33 -0.62 -32.68
CA GLU A 299 64.98 -0.80 -34.08
C GLU A 299 63.69 -0.04 -34.34
N ASP A 300 63.63 0.66 -35.47
CA ASP A 300 62.43 1.40 -35.84
C ASP A 300 61.51 0.46 -36.61
N LEU A 301 60.55 -0.08 -35.91
CA LEU A 301 59.51 -0.95 -36.46
C LEU A 301 58.54 -0.13 -37.31
N PRO A 302 57.84 -0.75 -38.26
CA PRO A 302 56.80 -0.05 -39.01
C PRO A 302 55.69 0.47 -38.11
N ILE A 303 55.01 1.53 -38.60
CA ILE A 303 54.05 2.27 -37.80
C ILE A 303 52.81 1.43 -37.45
N GLU A 304 52.50 0.41 -38.26
CA GLU A 304 51.42 -0.51 -37.93
C GLU A 304 51.76 -1.35 -36.69
N ASP A 305 53.01 -1.81 -36.62
CA ASP A 305 53.46 -2.55 -35.44
C ASP A 305 53.53 -1.65 -34.21
N LYS A 306 53.91 -0.38 -34.40
CA LYS A 306 53.88 0.57 -33.29
C LYS A 306 52.46 0.85 -32.83
N HIS A 307 51.50 0.86 -33.77
CA HIS A 307 50.09 0.98 -33.44
C HIS A 307 49.63 -0.20 -32.60
N TYR A 308 50.05 -1.41 -32.95
CA TYR A 308 49.66 -2.60 -32.21
C TYR A 308 50.27 -2.63 -30.81
N VAL A 309 51.55 -2.28 -30.67
CA VAL A 309 52.20 -2.26 -29.36
C VAL A 309 51.58 -1.20 -28.46
N MET A 310 51.28 -0.02 -29.02
CA MET A 310 50.65 1.01 -28.22
C MET A 310 49.21 0.65 -27.86
N ALA A 311 48.52 -0.07 -28.74
CA ALA A 311 47.16 -0.51 -28.43
C ALA A 311 47.15 -1.58 -27.34
N ILE A 312 48.15 -2.45 -27.32
CA ILE A 312 48.30 -3.40 -26.21
C ILE A 312 48.57 -2.65 -24.91
N LEU A 313 49.43 -1.63 -24.95
CA LEU A 313 49.74 -0.89 -23.73
C LEU A 313 48.59 -0.01 -23.25
N ILE A 314 47.67 0.36 -24.14
CA ILE A 314 46.41 0.94 -23.70
C ILE A 314 45.49 -0.14 -23.10
N ARG A 315 45.51 -1.35 -23.67
CA ARG A 315 44.72 -2.47 -23.07
C ARG A 315 45.32 -2.81 -21.72
N GLY A 316 46.62 -3.04 -21.66
CA GLY A 316 47.24 -3.20 -20.35
C GLY A 316 47.22 -4.65 -19.88
N GLY A 317 48.18 -4.97 -19.04
CA GLY A 317 48.22 -6.30 -18.45
C GLY A 317 49.59 -6.59 -17.88
N MET A 318 49.73 -7.83 -17.43
CA MET A 318 50.99 -8.32 -16.90
C MET A 318 51.92 -8.68 -18.05
N PHE A 319 53.00 -7.91 -18.20
CA PHE A 319 53.83 -7.92 -19.41
C PHE A 319 55.28 -8.15 -19.07
N SER A 320 55.54 -9.06 -18.14
CA SER A 320 56.91 -9.29 -17.67
C SER A 320 57.59 -10.42 -18.42
N LYS A 321 58.68 -10.88 -17.82
CA LYS A 321 59.50 -11.93 -18.46
C LYS A 321 59.02 -13.30 -18.05
N LYS A 322 59.41 -14.30 -18.81
CA LYS A 322 59.07 -15.68 -18.47
C LYS A 322 59.71 -15.94 -17.11
N GLN A 323 58.86 -15.93 -16.08
CA GLN A 323 59.31 -16.06 -14.69
C GLN A 323 59.99 -17.41 -14.46
N GLU A 324 61.12 -17.37 -13.76
CA GLU A 324 61.94 -18.55 -13.50
C GLU A 324 61.86 -18.93 -12.02
N LYS A 325 62.36 -20.12 -11.72
CA LYS A 325 62.41 -20.61 -10.35
C LYS A 325 63.78 -20.34 -9.73
N LEU B 2 37.85 -29.75 -45.90
CA LEU B 2 37.19 -29.54 -44.62
C LEU B 2 36.82 -30.87 -43.97
N LYS B 3 37.57 -31.23 -42.93
CA LYS B 3 37.29 -32.40 -42.11
C LYS B 3 36.80 -31.91 -40.75
N SER B 4 35.61 -32.36 -40.36
CA SER B 4 34.95 -32.20 -39.06
C SER B 4 34.38 -30.78 -38.90
N ARG B 5 33.29 -30.66 -38.15
CA ARG B 5 32.70 -29.36 -37.87
C ARG B 5 33.57 -28.61 -36.86
N PRO B 6 33.43 -27.28 -36.79
CA PRO B 6 34.19 -26.52 -35.79
C PRO B 6 33.85 -26.89 -34.35
N GLU B 7 34.84 -26.64 -33.48
CA GLU B 7 34.69 -26.96 -32.07
C GLU B 7 33.67 -26.06 -31.38
N ASN B 8 33.54 -24.82 -31.85
CA ASN B 8 32.51 -23.90 -31.37
C ASN B 8 31.71 -23.44 -32.59
N LEU B 9 30.64 -24.16 -32.90
CA LEU B 9 29.72 -23.76 -33.96
C LEU B 9 28.34 -23.55 -33.37
N SER B 10 27.76 -22.39 -33.65
CA SER B 10 26.42 -22.07 -33.10
C SER B 10 25.69 -21.18 -34.08
N PHE B 11 24.38 -21.20 -34.02
CA PHE B 11 23.52 -20.40 -34.88
C PHE B 11 22.46 -19.71 -34.03
N ALA B 12 22.08 -18.51 -34.46
CA ALA B 12 21.04 -17.74 -33.82
C ALA B 12 19.75 -17.90 -34.60
N ARG B 13 18.64 -17.57 -33.96
CA ARG B 13 17.35 -17.60 -34.61
C ARG B 13 17.27 -16.60 -35.77
N CYS B 14 16.43 -16.94 -36.73
CA CYS B 14 16.09 -16.03 -37.81
C CYS B 14 14.61 -15.70 -37.80
N LEU B 15 13.85 -16.21 -36.83
CA LEU B 15 12.42 -15.93 -36.68
C LEU B 15 12.21 -15.67 -35.19
N ASN B 16 12.47 -14.44 -34.76
CA ASN B 16 12.30 -14.07 -33.36
C ASN B 16 10.84 -13.72 -33.11
N THR B 17 10.18 -14.49 -32.27
CA THR B 17 8.78 -14.31 -31.98
C THR B 17 8.66 -13.71 -30.58
N THR B 18 7.83 -12.69 -30.47
CA THR B 18 7.61 -12.03 -29.19
C THR B 18 6.69 -12.89 -28.34
N GLU B 19 6.72 -12.65 -27.03
CA GLU B 19 5.74 -13.29 -26.15
C GLU B 19 4.35 -12.74 -26.44
N ALA B 20 3.34 -13.57 -26.18
CA ALA B 20 1.97 -13.26 -26.57
C ALA B 20 1.22 -12.70 -25.39
N LYS B 21 0.36 -11.72 -25.64
CA LYS B 21 -0.52 -11.18 -24.62
C LYS B 21 -1.98 -11.45 -25.01
N PHE B 22 -2.79 -11.80 -24.02
CA PHE B 22 -4.18 -12.17 -24.24
C PHE B 22 -5.10 -11.02 -23.88
N TRP B 23 -6.16 -10.83 -24.66
CA TRP B 23 -7.14 -9.79 -24.43
C TRP B 23 -8.53 -10.39 -24.65
N GLN B 24 -9.56 -9.66 -24.24
CA GLN B 24 -10.93 -10.04 -24.52
C GLN B 24 -11.61 -8.93 -25.30
N THR B 25 -12.39 -9.31 -26.32
CA THR B 25 -13.16 -8.36 -27.10
C THR B 25 -14.58 -8.88 -27.23
N ASP B 26 -15.36 -8.22 -28.05
CA ASP B 26 -16.69 -8.71 -28.48
C ASP B 26 -16.47 -8.71 -29.99
N PHE B 27 -17.01 -9.61 -30.75
CA PHE B 27 -16.62 -9.82 -32.14
C PHE B 27 -17.19 -8.75 -33.08
N LEU B 28 -18.37 -8.25 -32.79
CA LEU B 28 -18.91 -7.17 -33.60
C LEU B 28 -18.32 -5.81 -33.21
N LYS B 29 -17.58 -5.74 -32.12
CA LYS B 29 -16.90 -4.53 -31.68
C LYS B 29 -15.39 -4.77 -31.57
N ARG B 30 -14.87 -5.65 -32.42
CA ARG B 30 -13.50 -6.16 -32.26
C ARG B 30 -12.45 -5.15 -32.70
N HIS B 31 -12.83 -4.13 -33.46
CA HIS B 31 -11.89 -3.15 -33.96
C HIS B 31 -11.86 -1.88 -33.12
N THR B 32 -12.63 -1.84 -32.02
CA THR B 32 -12.67 -0.63 -31.21
C THR B 32 -12.71 -0.89 -29.70
N PHE B 33 -12.39 -2.09 -29.22
CA PHE B 33 -12.69 -2.42 -27.84
C PHE B 33 -11.84 -3.62 -27.40
N LYS B 34 -11.12 -3.47 -26.30
CA LYS B 34 -10.27 -4.53 -25.78
C LYS B 34 -10.12 -4.38 -24.26
N LEU B 35 -10.11 -5.51 -23.55
CA LEU B 35 -10.02 -5.56 -22.10
C LEU B 35 -8.93 -6.54 -21.70
N PRO B 36 -8.33 -6.35 -20.52
CA PRO B 36 -7.36 -7.34 -20.05
C PRO B 36 -7.99 -8.64 -19.58
N LEU B 37 -7.29 -9.73 -19.83
CA LEU B 37 -7.66 -11.08 -19.37
C LEU B 37 -6.65 -11.53 -18.34
N LEU B 38 -7.11 -11.80 -17.13
CA LEU B 38 -6.24 -12.10 -16.00
C LEU B 38 -6.45 -13.54 -15.54
N ILE B 39 -5.41 -14.10 -14.94
CA ILE B 39 -5.43 -15.46 -14.45
C ILE B 39 -5.99 -15.49 -13.03
N THR B 40 -6.86 -16.46 -12.77
CA THR B 40 -7.52 -16.61 -11.48
C THR B 40 -7.07 -17.89 -10.83
N ASP B 41 -6.67 -17.80 -9.56
CA ASP B 41 -6.35 -18.99 -8.78
C ASP B 41 -7.62 -19.80 -8.54
N LYS B 42 -7.51 -21.12 -8.65
CA LYS B 42 -8.67 -22.00 -8.52
C LYS B 42 -8.21 -23.22 -7.71
N ALA B 43 -8.50 -23.21 -6.42
CA ALA B 43 -8.30 -24.42 -5.64
C ALA B 43 -9.44 -25.40 -5.91
N VAL B 44 -9.09 -26.66 -6.15
CA VAL B 44 -10.06 -27.69 -6.48
C VAL B 44 -9.91 -28.86 -5.52
N LEU B 45 -11.05 -29.42 -5.11
CA LEU B 45 -11.09 -30.62 -4.29
C LEU B 45 -11.34 -31.78 -5.23
N ALA B 46 -10.67 -32.90 -5.00
CA ALA B 46 -10.75 -34.00 -5.94
C ALA B 46 -10.97 -35.31 -5.22
N SER B 47 -11.20 -36.35 -6.01
CA SER B 47 -11.11 -37.72 -5.57
C SER B 47 -9.75 -38.26 -5.98
N LYS B 48 -9.33 -39.32 -5.31
CA LYS B 48 -8.00 -39.89 -5.56
C LYS B 48 -8.13 -40.85 -6.72
N GLY B 49 -8.06 -40.30 -7.94
CA GLY B 49 -8.22 -41.05 -9.16
C GLY B 49 -6.95 -41.47 -9.84
N HIS B 50 -5.79 -41.11 -9.30
CA HIS B 50 -4.53 -41.62 -9.82
C HIS B 50 -4.43 -43.11 -9.54
N GLU B 51 -3.76 -43.82 -10.44
CA GLU B 51 -3.60 -45.27 -10.30
C GLU B 51 -2.68 -45.58 -9.13
N MET B 52 -3.15 -46.41 -8.22
CA MET B 52 -2.37 -46.75 -7.04
C MET B 52 -2.14 -48.26 -6.99
N PRO B 53 -1.05 -48.69 -6.36
CA PRO B 53 -0.85 -50.13 -6.09
C PRO B 53 -1.93 -50.67 -5.16
N PRO B 54 -2.17 -52.00 -5.16
CA PRO B 54 -3.32 -52.54 -4.41
C PRO B 54 -3.25 -52.40 -2.90
N ASP B 55 -2.07 -52.14 -2.33
CA ASP B 55 -1.97 -51.90 -0.89
C ASP B 55 -2.02 -50.41 -0.52
N LYS B 56 -2.10 -49.52 -1.50
CA LYS B 56 -2.41 -48.12 -1.23
C LYS B 56 -3.84 -47.76 -1.61
N LEU B 57 -4.42 -48.48 -2.57
CA LEU B 57 -5.80 -48.11 -3.00
C LEU B 57 -6.75 -48.41 -1.86
N GLU B 58 -6.51 -49.48 -1.11
CA GLU B 58 -7.47 -49.85 -0.06
C GLU B 58 -7.63 -48.72 0.96
N LYS B 59 -6.53 -48.05 1.30
CA LYS B 59 -6.56 -46.99 2.30
C LYS B 59 -6.93 -45.63 1.74
N GLU B 60 -6.71 -45.37 0.43
CA GLU B 60 -6.84 -44.01 -0.13
C GLU B 60 -7.65 -44.03 -1.43
N ILE B 61 -8.83 -44.65 -1.43
CA ILE B 61 -9.72 -44.53 -2.57
C ILE B 61 -10.88 -43.58 -2.29
N MET B 62 -11.34 -43.48 -1.05
CA MET B 62 -12.37 -42.54 -0.63
C MET B 62 -11.77 -41.46 0.25
N ASP B 63 -10.57 -41.02 -0.09
CA ASP B 63 -9.93 -39.93 0.61
C ASP B 63 -9.97 -38.67 -0.25
N PRO B 64 -10.27 -37.52 0.36
CA PRO B 64 -10.33 -36.27 -0.41
C PRO B 64 -8.96 -35.86 -0.91
N ASN B 65 -8.94 -35.26 -2.10
CA ASN B 65 -7.70 -34.83 -2.72
C ASN B 65 -7.73 -33.33 -2.94
N PRO B 66 -7.26 -32.52 -2.00
CA PRO B 66 -7.17 -31.07 -2.22
C PRO B 66 -6.00 -30.75 -3.14
N GLN B 67 -6.26 -29.96 -4.18
CA GLN B 67 -5.22 -29.61 -5.13
C GLN B 67 -5.34 -28.15 -5.50
N LYS B 68 -4.19 -27.49 -5.65
CA LYS B 68 -4.13 -26.10 -6.09
C LYS B 68 -3.94 -26.04 -7.60
N SER B 69 -4.41 -24.94 -8.18
CA SER B 69 -4.41 -24.77 -9.62
C SER B 69 -4.73 -23.32 -9.98
N GLN B 70 -4.67 -23.02 -11.28
CA GLN B 70 -4.98 -21.70 -11.80
C GLN B 70 -5.75 -21.87 -13.11
N SER B 71 -6.45 -20.82 -13.52
CA SER B 71 -7.26 -20.90 -14.72
C SER B 71 -7.42 -19.52 -15.31
N CYS B 72 -7.77 -19.49 -16.59
CA CYS B 72 -8.08 -18.26 -17.30
C CYS B 72 -9.39 -18.48 -18.03
N THR B 73 -10.35 -17.59 -17.80
CA THR B 73 -11.67 -17.69 -18.41
C THR B 73 -12.10 -16.31 -18.88
N LEU B 74 -12.87 -16.27 -19.95
CA LEU B 74 -13.40 -15.02 -20.46
C LEU B 74 -14.47 -14.47 -19.53
N SER B 75 -14.86 -13.22 -19.80
CA SER B 75 -15.90 -12.60 -19.01
C SER B 75 -17.27 -13.06 -19.53
N THR B 76 -18.32 -12.63 -18.85
CA THR B 76 -19.68 -12.96 -19.28
C THR B 76 -20.20 -12.01 -20.34
N GLU B 77 -19.43 -10.97 -20.67
CA GLU B 77 -19.82 -9.99 -21.65
C GLU B 77 -18.94 -10.04 -22.90
N CYS B 78 -17.97 -10.95 -22.93
CA CYS B 78 -17.02 -11.07 -24.03
C CYS B 78 -17.14 -12.45 -24.67
N ASP B 79 -17.06 -12.48 -26.00
CA ASP B 79 -17.15 -13.72 -26.75
C ASP B 79 -15.90 -14.05 -27.56
N THR B 80 -14.84 -13.26 -27.41
CA THR B 80 -13.70 -13.40 -28.31
C THR B 80 -12.41 -13.20 -27.53
N LEU B 81 -11.43 -14.04 -27.81
CA LEU B 81 -10.07 -13.92 -27.31
C LEU B 81 -9.21 -13.22 -28.35
N ARG B 82 -8.37 -12.30 -27.91
CA ARG B 82 -7.45 -11.58 -28.79
C ARG B 82 -6.03 -11.89 -28.34
N ILE B 83 -5.24 -12.45 -29.24
CA ILE B 83 -3.83 -12.73 -29.00
C ILE B 83 -2.99 -11.85 -29.91
N ASP B 84 -2.03 -11.13 -29.31
CA ASP B 84 -1.16 -10.21 -30.03
C ASP B 84 0.29 -10.63 -29.82
N PHE B 85 0.97 -10.96 -30.91
CA PHE B 85 2.41 -11.21 -30.90
C PHE B 85 2.99 -10.63 -32.19
N GLY B 86 4.30 -10.47 -32.20
CA GLY B 86 4.98 -9.96 -33.37
C GLY B 86 6.26 -10.73 -33.61
N ILE B 87 6.64 -10.82 -34.88
CA ILE B 87 7.76 -11.65 -35.29
C ILE B 87 8.82 -10.78 -35.98
N LYS B 88 10.07 -10.92 -35.55
CA LYS B 88 11.21 -10.27 -36.19
C LYS B 88 11.92 -11.26 -37.09
N VAL B 89 11.93 -11.00 -38.39
CA VAL B 89 12.62 -11.84 -39.36
C VAL B 89 14.02 -11.30 -39.57
N LEU B 90 15.02 -12.15 -39.40
CA LEU B 90 16.42 -11.80 -39.50
C LEU B 90 17.08 -12.62 -40.61
N PRO B 91 18.14 -12.10 -41.25
CA PRO B 91 18.79 -12.85 -42.33
C PRO B 91 19.53 -14.08 -41.83
N VAL B 92 19.74 -15.02 -42.74
CA VAL B 92 20.26 -16.34 -42.39
C VAL B 92 21.77 -16.36 -42.36
N LYS B 93 22.42 -15.68 -43.31
CA LYS B 93 23.88 -15.60 -43.29
C LYS B 93 24.39 -14.79 -42.12
N GLU B 94 23.64 -13.78 -41.68
CA GLU B 94 24.00 -12.98 -40.51
C GLU B 94 23.38 -13.55 -39.24
N SER B 95 23.52 -14.85 -39.04
CA SER B 95 22.99 -15.50 -37.85
C SER B 95 23.92 -16.56 -37.27
N MET B 96 25.08 -16.76 -37.87
CA MET B 96 26.05 -17.69 -37.27
C MET B 96 26.73 -16.97 -36.12
N TYR B 97 26.43 -17.36 -34.88
CA TYR B 97 26.97 -16.64 -33.73
C TYR B 97 28.39 -17.06 -33.40
N SER B 98 28.79 -18.29 -33.75
CA SER B 98 30.12 -18.78 -33.47
C SER B 98 30.53 -19.76 -34.56
N CYS B 99 31.78 -19.64 -35.03
CA CYS B 99 32.34 -20.58 -36.00
C CYS B 99 33.86 -20.46 -35.90
N SER B 100 34.52 -21.44 -35.27
CA SER B 100 35.95 -21.33 -35.00
C SER B 100 36.79 -21.45 -36.26
N ASP B 101 36.25 -22.04 -37.32
CA ASP B 101 36.95 -22.15 -38.59
C ASP B 101 36.36 -21.17 -39.60
N TYR B 102 37.22 -20.54 -40.39
CA TYR B 102 36.75 -19.57 -41.37
C TYR B 102 36.38 -20.24 -42.69
N ASN B 103 37.03 -21.37 -43.00
CA ASN B 103 36.70 -22.14 -44.18
C ASN B 103 35.27 -22.70 -44.10
N TYR B 104 34.87 -23.12 -42.90
CA TYR B 104 33.52 -23.62 -42.69
C TYR B 104 32.49 -22.50 -42.82
N ARG B 105 32.84 -21.29 -42.36
CA ARG B 105 31.97 -20.13 -42.57
C ARG B 105 31.80 -19.82 -44.04
N THR B 106 32.89 -19.89 -44.81
CA THR B 106 32.83 -19.67 -46.25
C THR B 106 31.99 -20.73 -46.95
N ALA B 107 32.08 -21.98 -46.49
CA ALA B 107 31.31 -23.06 -47.09
C ALA B 107 29.81 -22.93 -46.78
N ILE B 108 29.48 -22.55 -45.54
CA ILE B 108 28.08 -22.31 -45.19
C ILE B 108 27.51 -21.14 -45.98
N TYR B 109 28.28 -20.06 -46.14
CA TYR B 109 27.80 -18.91 -46.91
C TYR B 109 27.64 -19.25 -48.39
N GLN B 110 28.52 -20.11 -48.93
CA GLN B 110 28.38 -20.54 -50.31
C GLN B 110 27.14 -21.40 -50.52
N LYS B 111 26.86 -22.32 -49.59
CA LYS B 111 25.67 -23.16 -49.78
C LYS B 111 24.37 -22.40 -49.53
N ILE B 112 24.36 -21.41 -48.62
CA ILE B 112 23.18 -20.55 -48.50
C ILE B 112 23.00 -19.69 -49.74
N ASP B 113 24.09 -19.20 -50.35
CA ASP B 113 23.97 -18.43 -51.58
C ASP B 113 23.47 -19.29 -52.74
N GLU B 114 23.89 -20.56 -52.78
CA GLU B 114 23.34 -21.50 -53.77
C GLU B 114 21.85 -21.73 -53.57
N TYR B 115 21.40 -21.82 -52.31
CA TYR B 115 19.97 -21.98 -52.05
C TYR B 115 19.19 -20.73 -52.44
N ILE B 116 19.76 -19.55 -52.20
CA ILE B 116 19.17 -18.29 -52.68
C ILE B 116 19.09 -18.27 -54.21
N ALA B 117 20.06 -18.87 -54.89
CA ALA B 117 20.00 -18.98 -56.34
C ALA B 117 18.87 -19.90 -56.80
N GLU B 118 18.71 -21.06 -56.15
CA GLU B 118 17.63 -21.96 -56.54
C GLU B 118 16.27 -21.43 -56.11
N ASP B 119 15.99 -21.45 -54.80
CA ASP B 119 14.71 -21.02 -54.26
C ASP B 119 14.98 -20.00 -53.16
N GLY B 120 14.59 -18.75 -53.40
CA GLY B 120 15.00 -17.67 -52.52
C GLY B 120 14.34 -17.61 -51.15
N PHE B 121 14.43 -18.73 -50.42
CA PHE B 121 13.77 -19.01 -49.15
C PHE B 121 12.27 -18.72 -49.24
N LEU B 122 11.66 -19.20 -50.32
CA LEU B 122 10.27 -18.89 -50.62
C LEU B 122 9.30 -20.01 -50.22
N THR B 123 9.68 -21.27 -50.42
CA THR B 123 8.83 -22.37 -49.98
C THR B 123 8.76 -22.42 -48.46
N LEU B 124 9.90 -22.22 -47.80
CA LEU B 124 9.94 -22.17 -46.33
C LEU B 124 9.12 -21.00 -45.80
N ALA B 125 9.22 -19.83 -46.43
CA ALA B 125 8.48 -18.66 -45.97
C ALA B 125 6.98 -18.81 -46.23
N LYS B 126 6.60 -19.41 -47.37
CA LYS B 126 5.20 -19.70 -47.62
C LYS B 126 4.63 -20.68 -46.59
N ARG B 127 5.45 -21.62 -46.14
CA ARG B 127 5.00 -22.52 -45.07
C ARG B 127 4.88 -21.79 -43.74
N TYR B 128 5.77 -20.82 -43.47
CA TYR B 128 5.66 -20.03 -42.25
C TYR B 128 4.41 -19.16 -42.25
N VAL B 129 4.11 -18.49 -43.37
CA VAL B 129 2.87 -17.70 -43.43
C VAL B 129 1.65 -18.59 -43.49
N ASN B 130 1.79 -19.84 -43.94
CA ASN B 130 0.69 -20.79 -43.81
C ASN B 130 0.45 -21.19 -42.37
N ASN B 131 1.47 -21.20 -41.53
CA ASN B 131 1.28 -21.44 -40.09
C ASN B 131 1.00 -20.16 -39.31
N ILE B 132 1.03 -19.00 -39.96
CA ILE B 132 0.43 -17.80 -39.39
C ILE B 132 -1.03 -17.67 -39.79
N ALA B 133 -1.40 -18.12 -40.99
CA ALA B 133 -2.75 -17.97 -41.52
C ALA B 133 -3.70 -19.06 -41.04
N ASN B 134 -3.22 -20.28 -40.82
CA ASN B 134 -4.10 -21.33 -40.31
C ASN B 134 -4.35 -21.23 -38.80
N ALA B 135 -3.61 -20.36 -38.11
CA ALA B 135 -3.68 -20.14 -36.65
C ALA B 135 -3.37 -21.43 -35.88
N ARG B 136 -2.18 -21.98 -36.12
CA ARG B 136 -1.70 -23.14 -35.38
C ARG B 136 -1.08 -22.74 -34.04
N PHE B 137 -0.76 -21.45 -33.87
CA PHE B 137 -0.27 -20.95 -32.59
C PHE B 137 -1.34 -20.96 -31.51
N LEU B 138 -2.61 -21.09 -31.89
CA LEU B 138 -3.69 -21.26 -30.94
C LEU B 138 -3.82 -22.75 -30.71
N TRP B 139 -3.06 -23.29 -29.75
CA TRP B 139 -2.98 -24.73 -29.61
C TRP B 139 -4.29 -25.38 -29.15
N ARG B 140 -4.69 -25.17 -27.89
CA ARG B 140 -5.97 -25.69 -27.45
C ARG B 140 -7.07 -24.62 -27.54
N ASN B 141 -6.73 -23.46 -28.09
CA ASN B 141 -7.68 -22.37 -28.26
C ASN B 141 -8.28 -22.36 -29.65
N ARG B 142 -7.98 -23.35 -30.48
CA ARG B 142 -8.57 -23.48 -31.80
C ARG B 142 -9.69 -24.51 -31.79
N LYS B 143 -9.83 -25.25 -30.69
CA LYS B 143 -10.87 -26.27 -30.54
C LYS B 143 -12.14 -25.60 -30.05
N GLY B 144 -13.20 -25.68 -30.85
CA GLY B 144 -14.46 -25.08 -30.46
C GLY B 144 -14.51 -23.59 -30.66
N ALA B 145 -14.39 -23.15 -31.92
CA ALA B 145 -14.39 -21.74 -32.25
C ALA B 145 -15.29 -21.51 -33.46
N GLU B 146 -16.25 -20.59 -33.31
CA GLU B 146 -17.11 -20.23 -34.43
C GLU B 146 -16.36 -19.56 -35.57
N ILE B 147 -15.63 -18.47 -35.29
CA ILE B 147 -14.90 -17.76 -36.35
C ILE B 147 -13.53 -17.40 -35.79
N ILE B 148 -12.47 -17.72 -36.55
CA ILE B 148 -11.11 -17.33 -36.22
C ILE B 148 -10.59 -16.42 -37.32
N GLU B 149 -10.24 -15.18 -36.97
CA GLU B 149 -9.76 -14.19 -37.92
C GLU B 149 -8.36 -13.73 -37.50
N THR B 150 -7.38 -13.98 -38.37
CA THR B 150 -6.00 -13.61 -38.12
C THR B 150 -5.60 -12.47 -39.05
N ILE B 151 -5.22 -11.34 -38.47
CA ILE B 151 -4.80 -10.16 -39.22
C ILE B 151 -3.30 -9.98 -39.02
N VAL B 152 -2.61 -9.70 -40.13
CA VAL B 152 -1.16 -9.59 -40.16
C VAL B 152 -0.80 -8.17 -40.60
N THR B 153 0.00 -7.49 -39.79
CA THR B 153 0.40 -6.11 -40.06
C THR B 153 1.91 -6.01 -40.12
N ILE B 154 2.44 -5.58 -41.26
CA ILE B 154 3.85 -5.26 -41.43
C ILE B 154 3.97 -3.79 -41.77
N GLU B 155 4.83 -3.07 -41.04
CA GLU B 155 5.14 -1.65 -41.17
C GLU B 155 3.91 -0.84 -40.76
N ASP B 156 3.12 -0.42 -41.74
CA ASP B 156 1.86 0.25 -41.44
C ASP B 156 0.73 -0.25 -42.34
N LYS B 157 0.95 -1.33 -43.07
CA LYS B 157 -0.08 -1.91 -43.94
C LYS B 157 -0.71 -3.11 -43.25
N GLU B 158 -2.02 -3.05 -43.06
CA GLU B 158 -2.77 -4.21 -42.57
C GLU B 158 -3.22 -5.00 -43.79
N TYR B 159 -2.69 -6.20 -43.92
CA TYR B 159 -3.02 -7.09 -45.02
C TYR B 159 -4.44 -7.62 -44.83
N PRO B 160 -5.11 -8.03 -45.92
CA PRO B 160 -6.46 -8.58 -45.82
C PRO B 160 -6.52 -9.80 -44.91
N SER B 161 -7.59 -9.87 -44.12
CA SER B 161 -7.68 -10.79 -43.01
C SER B 161 -7.86 -12.23 -43.49
N PHE B 162 -7.69 -13.16 -42.58
CA PHE B 162 -7.61 -14.58 -42.92
C PHE B 162 -8.74 -15.34 -42.24
N ASN B 163 -9.47 -16.13 -43.02
CA ASN B 163 -10.41 -17.09 -42.46
C ASN B 163 -9.61 -18.34 -42.12
N SER B 164 -9.04 -18.32 -40.90
CA SER B 164 -8.11 -19.36 -40.44
C SER B 164 -8.73 -20.74 -40.37
N LYS B 165 -10.04 -20.82 -40.18
CA LYS B 165 -10.76 -22.07 -40.13
C LYS B 165 -10.99 -22.71 -41.50
N SER B 166 -10.67 -22.01 -42.59
CA SER B 166 -10.78 -22.58 -43.93
C SER B 166 -9.46 -23.14 -44.43
N PHE B 167 -8.52 -23.38 -43.53
CA PHE B 167 -7.19 -23.87 -43.87
C PHE B 167 -6.99 -25.21 -43.17
N ASN B 168 -6.76 -26.26 -43.97
CA ASN B 168 -6.41 -27.56 -43.40
C ASN B 168 -5.01 -27.47 -42.82
N LEU B 169 -4.80 -28.11 -41.68
CA LEU B 169 -3.53 -28.07 -40.97
C LEU B 169 -2.53 -29.08 -41.49
N ASP B 170 -2.92 -29.95 -42.42
CA ASP B 170 -2.02 -30.93 -42.99
C ASP B 170 -1.65 -30.61 -44.43
N THR B 171 -2.14 -29.51 -44.98
CA THR B 171 -1.78 -29.06 -46.31
C THR B 171 -1.25 -27.63 -46.23
N PHE B 172 -0.52 -27.23 -47.27
CA PHE B 172 0.10 -25.92 -47.33
C PHE B 172 -0.31 -25.25 -48.63
N VAL B 173 -1.03 -24.14 -48.52
CA VAL B 173 -1.53 -23.43 -49.69
C VAL B 173 -0.40 -22.61 -50.31
N GLU B 174 -0.31 -22.67 -51.64
CA GLU B 174 0.69 -21.90 -52.38
C GLU B 174 0.03 -21.04 -53.46
N ASP B 175 -1.26 -20.75 -53.33
CA ASP B 175 -2.00 -19.98 -54.32
C ASP B 175 -2.76 -18.81 -53.71
N ASN B 176 -2.57 -18.52 -52.43
CA ASN B 176 -3.20 -17.38 -51.79
C ASN B 176 -2.34 -16.15 -52.02
N ALA B 177 -2.99 -15.05 -52.42
CA ALA B 177 -2.27 -13.82 -52.78
C ALA B 177 -1.62 -13.18 -51.57
N THR B 178 -2.34 -13.12 -50.44
CA THR B 178 -1.83 -12.48 -49.24
C THR B 178 -0.66 -13.26 -48.64
N ILE B 179 -0.76 -14.60 -48.61
CA ILE B 179 0.33 -15.44 -48.13
C ILE B 179 1.56 -15.30 -49.00
N ASN B 180 1.37 -15.24 -50.31
CA ASN B 180 2.50 -15.06 -51.22
C ASN B 180 3.14 -13.68 -51.07
N GLU B 181 2.33 -12.65 -50.83
CA GLU B 181 2.87 -11.29 -50.72
C GLU B 181 3.65 -11.10 -49.40
N ILE B 182 3.15 -11.66 -48.30
CA ILE B 182 3.93 -11.66 -47.06
C ILE B 182 5.16 -12.57 -47.15
N ALA B 183 5.02 -13.73 -47.79
CA ALA B 183 6.09 -14.71 -47.87
C ALA B 183 7.22 -14.23 -48.76
N GLN B 184 6.91 -13.41 -49.76
CA GLN B 184 7.97 -12.81 -50.56
C GLN B 184 8.80 -11.83 -49.75
N GLN B 185 8.18 -11.10 -48.82
CA GLN B 185 8.94 -10.20 -47.96
C GLN B 185 9.79 -10.96 -46.96
N ILE B 186 9.24 -12.05 -46.40
CA ILE B 186 10.04 -12.89 -45.51
C ILE B 186 11.16 -13.59 -46.28
N ALA B 187 10.90 -13.94 -47.54
CA ALA B 187 11.90 -14.54 -48.42
C ALA B 187 13.05 -13.59 -48.70
N ASP B 188 12.74 -12.33 -49.02
CA ASP B 188 13.79 -11.34 -49.25
C ASP B 188 14.52 -10.98 -47.96
N THR B 189 13.84 -11.08 -46.81
CA THR B 189 14.53 -10.84 -45.54
C THR B 189 15.46 -11.99 -45.19
N PHE B 190 15.04 -13.22 -45.45
CA PHE B 190 15.89 -14.39 -45.22
C PHE B 190 17.08 -14.41 -46.18
N ALA B 191 16.87 -13.95 -47.41
CA ALA B 191 17.94 -13.97 -48.40
C ALA B 191 19.05 -12.97 -48.06
N GLY B 192 18.67 -11.73 -47.76
CA GLY B 192 19.69 -10.74 -47.47
C GLY B 192 19.38 -9.38 -48.06
N LYS B 193 18.40 -9.34 -48.97
CA LYS B 193 18.02 -8.10 -49.63
C LYS B 193 17.48 -7.08 -48.64
N ARG B 194 16.65 -7.53 -47.71
CA ARG B 194 16.11 -6.68 -46.65
C ARG B 194 16.70 -7.12 -45.32
N GLU B 195 17.20 -6.15 -44.55
CA GLU B 195 18.03 -6.45 -43.39
C GLU B 195 17.24 -6.91 -42.17
N TYR B 196 15.93 -6.65 -42.13
CA TYR B 196 15.08 -7.01 -41.00
C TYR B 196 13.61 -6.86 -41.42
N LEU B 197 12.73 -7.64 -40.82
CA LEU B 197 11.30 -7.49 -41.08
C LEU B 197 10.53 -7.80 -39.81
N ASN B 198 9.76 -6.82 -39.34
CA ASN B 198 8.97 -6.96 -38.11
C ASN B 198 7.51 -7.12 -38.49
N ILE B 199 6.96 -8.29 -38.20
CA ILE B 199 5.61 -8.68 -38.62
C ILE B 199 4.75 -8.86 -37.39
N TYR B 200 3.66 -8.11 -37.29
CA TYR B 200 2.83 -8.09 -36.09
C TYR B 200 1.52 -8.79 -36.36
N VAL B 201 1.21 -9.79 -35.53
CA VAL B 201 0.07 -10.68 -35.75
C VAL B 201 -0.97 -10.44 -34.65
N THR B 202 -2.24 -10.32 -35.07
CA THR B 202 -3.35 -10.17 -34.15
C THR B 202 -4.46 -11.12 -34.60
N CYS B 203 -4.91 -11.99 -33.69
CA CYS B 203 -5.86 -13.03 -34.02
C CYS B 203 -7.06 -12.94 -33.08
N PHE B 204 -8.26 -13.06 -33.66
CA PHE B 204 -9.52 -12.96 -32.93
C PHE B 204 -10.19 -14.32 -32.95
N VAL B 205 -10.41 -14.90 -31.77
CA VAL B 205 -10.93 -16.25 -31.63
C VAL B 205 -12.29 -16.17 -30.96
N LYS B 206 -13.35 -16.34 -31.74
CA LYS B 206 -14.70 -16.29 -31.20
C LYS B 206 -15.02 -17.67 -30.64
N ILE B 207 -14.75 -17.83 -29.33
CA ILE B 207 -15.00 -19.12 -28.70
C ILE B 207 -16.33 -19.14 -27.96
N GLY B 208 -16.72 -18.03 -27.35
CA GLY B 208 -17.99 -17.92 -26.69
C GLY B 208 -17.89 -17.12 -25.41
N CYS B 209 -19.00 -17.08 -24.68
CA CYS B 209 -19.13 -16.24 -23.49
C CYS B 209 -18.81 -17.06 -22.25
N ALA B 210 -17.92 -16.53 -21.42
CA ALA B 210 -17.40 -17.13 -20.19
C ALA B 210 -16.66 -18.45 -20.43
N MET B 211 -16.19 -18.68 -21.64
CA MET B 211 -15.49 -19.91 -21.98
C MET B 211 -14.04 -19.82 -21.53
N GLU B 212 -13.37 -20.97 -21.52
CA GLU B 212 -12.03 -21.05 -20.97
C GLU B 212 -10.99 -20.73 -22.03
N VAL B 213 -10.01 -19.93 -21.64
CA VAL B 213 -8.86 -19.59 -22.46
C VAL B 213 -7.66 -20.29 -21.85
N TYR B 214 -6.92 -21.03 -22.67
CA TYR B 214 -5.84 -21.87 -22.16
C TYR B 214 -4.51 -21.19 -22.41
N PRO B 215 -3.84 -20.63 -21.39
CA PRO B 215 -2.52 -20.04 -21.60
C PRO B 215 -1.43 -21.09 -21.59
N SER B 216 -0.18 -20.64 -21.62
CA SER B 216 0.95 -21.55 -21.47
C SER B 216 1.23 -21.79 -20.01
N GLN B 217 1.37 -23.06 -19.63
CA GLN B 217 1.71 -23.41 -18.27
C GLN B 217 3.21 -23.33 -18.08
N GLU B 218 3.64 -22.82 -16.93
CA GLU B 218 5.05 -22.67 -16.66
C GLU B 218 5.61 -23.98 -16.10
N MET B 219 6.92 -24.13 -16.23
CA MET B 219 7.59 -25.34 -15.79
C MET B 219 8.02 -25.22 -14.33
N THR B 220 7.73 -26.26 -13.55
CA THR B 220 8.17 -26.38 -12.17
C THR B 220 9.18 -27.52 -12.07
N PHE B 221 10.25 -27.29 -11.32
CA PHE B 221 11.38 -28.20 -11.30
C PHE B 221 11.49 -29.02 -10.03
N ASP B 222 11.43 -28.39 -8.85
CA ASP B 222 11.53 -29.14 -7.61
C ASP B 222 10.17 -29.62 -7.15
N ASP B 223 10.10 -30.19 -5.95
CA ASP B 223 8.84 -30.71 -5.42
C ASP B 223 8.19 -29.71 -4.46
N LYS B 226 4.65 -29.76 -8.45
CA LYS B 226 3.91 -28.61 -7.95
C LYS B 226 2.63 -28.37 -8.75
N GLY B 227 1.93 -27.29 -8.43
CA GLY B 227 0.63 -27.02 -9.02
C GLY B 227 0.72 -26.36 -10.37
N LYS B 228 -0.45 -25.98 -10.89
CA LYS B 228 -0.54 -25.34 -12.19
C LYS B 228 -0.22 -23.86 -12.06
N LYS B 229 0.91 -23.44 -12.61
CA LYS B 229 1.31 -22.04 -12.67
C LYS B 229 1.27 -21.63 -14.13
N LEU B 230 0.31 -20.78 -14.47
CA LEU B 230 0.10 -20.34 -15.84
C LEU B 230 0.86 -19.02 -16.09
N PHE B 231 1.11 -18.74 -17.36
CA PHE B 231 1.98 -17.64 -17.73
C PHE B 231 1.27 -16.29 -17.66
N LYS B 232 1.90 -15.34 -16.96
CA LYS B 232 1.41 -13.97 -16.87
C LYS B 232 2.39 -13.07 -17.59
N PHE B 233 1.97 -12.53 -18.74
CA PHE B 233 2.76 -11.55 -19.46
C PHE B 233 2.18 -10.17 -19.19
N GLU B 234 2.95 -9.34 -18.46
CA GLU B 234 2.60 -7.98 -18.05
C GLU B 234 1.25 -7.93 -17.33
N GLY B 235 1.10 -8.80 -16.36
CA GLY B 235 -0.17 -8.93 -15.64
C GLY B 235 -1.23 -9.77 -16.30
N SER B 236 -1.45 -9.57 -17.60
CA SER B 236 -2.48 -10.32 -18.30
C SER B 236 -1.98 -11.73 -18.63
N ALA B 237 -2.90 -12.57 -19.08
CA ALA B 237 -2.55 -13.93 -19.46
C ALA B 237 -1.79 -13.92 -20.77
N GLY B 238 -1.05 -14.99 -21.01
CA GLY B 238 -0.24 -15.01 -22.21
C GLY B 238 0.38 -16.36 -22.47
N MET B 239 1.07 -16.44 -23.60
CA MET B 239 1.72 -17.65 -24.06
C MET B 239 3.20 -17.40 -24.26
N HIS B 240 3.97 -18.48 -24.13
CA HIS B 240 5.40 -18.42 -24.38
C HIS B 240 5.69 -18.24 -25.86
N SER B 241 6.79 -17.55 -26.15
CA SER B 241 7.27 -17.40 -27.52
C SER B 241 7.70 -18.74 -28.11
N GLN B 242 8.20 -19.63 -27.25
CA GLN B 242 8.58 -20.98 -27.62
C GLN B 242 7.42 -21.75 -28.22
N LYS B 243 6.23 -21.59 -27.62
CA LYS B 243 5.06 -22.30 -28.10
C LYS B 243 4.55 -21.74 -29.43
N ILE B 244 4.68 -20.44 -29.66
CA ILE B 244 4.30 -19.89 -30.96
C ILE B 244 5.29 -20.35 -32.03
N ASN B 245 6.58 -20.38 -31.70
CA ASN B 245 7.57 -20.83 -32.68
C ASN B 245 7.49 -22.31 -32.98
N ASN B 246 7.12 -23.14 -32.00
CA ASN B 246 6.96 -24.55 -32.33
C ASN B 246 5.73 -24.81 -33.20
N ALA B 247 4.78 -23.90 -33.22
CA ALA B 247 3.67 -23.98 -34.15
C ALA B 247 3.97 -23.29 -35.46
N LEU B 248 4.98 -22.43 -35.52
CA LEU B 248 5.40 -21.87 -36.79
C LEU B 248 6.40 -22.74 -37.53
N ARG B 249 7.19 -23.55 -36.82
CA ARG B 249 8.11 -24.49 -37.45
C ARG B 249 7.48 -25.83 -37.76
N THR B 250 6.16 -25.97 -37.65
CA THR B 250 5.50 -27.21 -38.05
C THR B 250 5.32 -27.17 -39.56
N ILE B 251 6.44 -27.32 -40.27
CA ILE B 251 6.51 -27.18 -41.72
C ILE B 251 7.16 -28.38 -42.38
N ASP B 252 7.66 -29.33 -41.61
CA ASP B 252 8.46 -30.42 -42.15
C ASP B 252 7.53 -31.51 -42.68
N THR B 253 7.40 -31.58 -44.00
CA THR B 253 6.76 -32.70 -44.67
C THR B 253 7.78 -33.46 -45.51
N TRP B 254 9.04 -33.43 -45.07
CA TRP B 254 10.14 -33.95 -45.88
C TRP B 254 10.86 -35.11 -45.21
N TYR B 255 10.26 -35.69 -44.16
CA TYR B 255 10.88 -36.78 -43.42
C TYR B 255 10.73 -38.06 -44.26
N PRO B 256 11.53 -39.11 -43.96
CA PRO B 256 11.44 -40.36 -44.78
C PRO B 256 10.09 -41.05 -44.79
N ASP B 257 9.32 -40.98 -43.71
CA ASP B 257 8.07 -41.73 -43.60
C ASP B 257 6.86 -40.81 -43.74
N TYR B 258 6.92 -39.85 -44.67
CA TYR B 258 5.81 -38.92 -44.83
C TYR B 258 4.60 -39.55 -45.51
N THR B 259 4.83 -40.47 -46.45
CA THR B 259 3.70 -41.07 -47.18
C THR B 259 2.86 -41.97 -46.28
N THR B 260 3.43 -42.48 -45.19
CA THR B 260 2.65 -43.22 -44.21
C THR B 260 1.92 -42.30 -43.24
N TYR B 261 2.65 -41.38 -42.60
CA TYR B 261 2.06 -40.40 -41.69
C TYR B 261 2.02 -39.06 -42.43
N GLU B 262 0.86 -38.72 -42.99
CA GLU B 262 0.75 -37.61 -43.92
C GLU B 262 0.39 -36.29 -43.23
N PHE B 263 1.25 -35.82 -42.33
CA PHE B 263 1.07 -34.54 -41.69
C PHE B 263 2.42 -33.92 -41.34
N PRO B 264 2.52 -32.59 -41.33
CA PRO B 264 3.79 -31.95 -40.94
C PRO B 264 4.14 -32.14 -39.48
N ILE B 265 5.44 -32.11 -39.21
CA ILE B 265 5.99 -32.20 -37.86
C ILE B 265 6.89 -30.97 -37.63
N PRO B 266 7.10 -30.54 -36.38
CA PRO B 266 8.06 -29.46 -36.13
C PRO B 266 9.48 -29.87 -36.47
N VAL B 267 10.28 -28.88 -36.85
CA VAL B 267 11.60 -29.10 -37.42
C VAL B 267 12.60 -29.16 -36.27
N GLU B 268 13.03 -30.37 -35.92
CA GLU B 268 14.03 -30.60 -34.90
C GLU B 268 15.18 -31.40 -35.50
N ASN B 269 16.29 -31.48 -34.73
CA ASN B 269 17.53 -32.06 -35.25
C ASN B 269 17.39 -33.55 -35.54
N TYR B 270 16.88 -34.31 -34.58
CA TYR B 270 16.69 -35.74 -34.77
C TYR B 270 15.27 -36.10 -35.17
N GLY B 271 14.46 -35.11 -35.55
CA GLY B 271 13.13 -35.37 -36.07
C GLY B 271 12.12 -35.79 -35.05
N ALA B 272 12.32 -35.44 -33.78
CA ALA B 272 11.40 -35.86 -32.73
C ALA B 272 10.07 -35.14 -32.85
N ALA B 273 8.99 -35.88 -32.63
CA ALA B 273 7.63 -35.35 -32.63
C ALA B 273 6.97 -35.84 -31.37
N ARG B 274 6.46 -34.93 -30.54
CA ARG B 274 5.84 -35.37 -29.30
C ARG B 274 4.39 -35.79 -29.47
N SER B 275 3.72 -35.33 -30.53
CA SER B 275 2.36 -35.80 -30.82
C SER B 275 2.36 -37.28 -31.20
N ILE B 276 2.91 -37.60 -32.36
CA ILE B 276 3.22 -38.97 -32.74
C ILE B 276 4.54 -39.37 -32.10
N GLY B 277 4.48 -40.11 -30.99
CA GLY B 277 5.69 -40.35 -30.23
C GLY B 277 6.65 -41.35 -30.84
N ILE B 278 7.20 -41.00 -32.01
CA ILE B 278 8.21 -41.78 -32.74
C ILE B 278 9.24 -40.78 -33.23
N PRO B 279 10.53 -41.11 -33.21
CA PRO B 279 11.52 -40.29 -33.94
C PRO B 279 11.39 -40.54 -35.44
N PHE B 280 11.38 -39.46 -36.22
CA PHE B 280 11.21 -39.57 -37.66
C PHE B 280 12.47 -39.27 -38.44
N ARG B 281 13.54 -38.82 -37.80
CA ARG B 281 14.82 -38.58 -38.46
C ARG B 281 15.96 -39.04 -37.56
N PRO B 282 16.08 -40.35 -37.29
CA PRO B 282 17.04 -40.79 -36.28
C PRO B 282 18.42 -41.12 -36.82
N ASP B 283 18.62 -41.01 -38.12
CA ASP B 283 19.73 -41.65 -38.83
C ASP B 283 20.02 -40.70 -40.00
N THR B 284 20.44 -41.23 -41.16
CA THR B 284 21.02 -40.49 -42.30
C THR B 284 20.25 -39.23 -42.72
N LYS B 285 18.97 -39.12 -42.40
CA LYS B 285 18.20 -37.91 -42.72
C LYS B 285 18.07 -36.98 -41.53
N SER B 286 19.06 -36.94 -40.64
CA SER B 286 19.12 -35.98 -39.56
C SER B 286 20.04 -34.84 -39.96
N PHE B 287 19.94 -33.71 -39.24
CA PHE B 287 20.72 -32.52 -39.55
C PHE B 287 22.22 -32.74 -39.45
N TYR B 288 22.65 -33.56 -38.49
CA TYR B 288 24.07 -33.77 -38.29
C TYR B 288 24.69 -34.51 -39.47
N LYS B 289 23.99 -35.52 -39.98
CA LYS B 289 24.44 -36.27 -41.14
C LYS B 289 24.00 -35.64 -42.46
N LEU B 290 23.28 -34.53 -42.43
CA LEU B 290 22.98 -33.76 -43.63
C LEU B 290 23.78 -32.47 -43.70
N ILE B 291 24.47 -32.12 -42.63
CA ILE B 291 25.45 -31.04 -42.64
C ILE B 291 26.87 -31.59 -42.68
N ASP B 292 27.06 -32.87 -42.39
CA ASP B 292 28.32 -33.53 -42.67
C ASP B 292 28.38 -34.13 -44.07
N ARG B 293 27.33 -33.99 -44.88
CA ARG B 293 27.33 -34.48 -46.26
C ARG B 293 26.98 -33.35 -47.22
N MET B 294 26.74 -32.15 -46.71
CA MET B 294 26.57 -30.99 -47.57
C MET B 294 27.80 -30.10 -47.60
N ILE B 295 28.56 -30.03 -46.52
CA ILE B 295 29.73 -29.18 -46.46
C ILE B 295 31.03 -29.95 -46.23
N LEU B 296 31.04 -31.00 -45.41
CA LEU B 296 32.25 -31.74 -45.12
C LEU B 296 32.66 -32.68 -46.24
N LYS B 297 31.69 -33.19 -47.01
CA LYS B 297 31.92 -34.03 -48.19
C LYS B 297 30.86 -33.57 -49.18
N ASN B 298 31.24 -32.58 -50.01
CA ASN B 298 30.35 -31.88 -50.94
C ASN B 298 29.52 -32.83 -51.80
N GLU B 299 28.21 -32.76 -51.63
CA GLU B 299 27.26 -33.61 -52.32
C GLU B 299 26.00 -32.80 -52.56
N ASP B 300 25.50 -32.80 -53.78
CA ASP B 300 24.28 -32.06 -54.09
C ASP B 300 23.10 -32.86 -53.58
N LEU B 301 22.64 -32.48 -52.38
CA LEU B 301 21.50 -33.11 -51.75
C LEU B 301 20.22 -32.81 -52.51
N PRO B 302 19.19 -33.64 -52.33
CA PRO B 302 17.86 -33.28 -52.84
C PRO B 302 17.33 -32.00 -52.21
N ILE B 303 16.39 -31.37 -52.92
CA ILE B 303 15.94 -30.04 -52.55
C ILE B 303 15.13 -30.08 -51.26
N GLU B 304 14.45 -31.19 -51.00
CA GLU B 304 13.68 -31.36 -49.76
C GLU B 304 14.59 -31.40 -48.54
N ASP B 305 15.73 -32.10 -48.68
CA ASP B 305 16.73 -32.11 -47.62
C ASP B 305 17.34 -30.73 -47.41
N LYS B 306 17.53 -29.97 -48.50
CA LYS B 306 18.02 -28.60 -48.41
C LYS B 306 17.04 -27.70 -47.68
N HIS B 307 15.74 -27.92 -47.90
CA HIS B 307 14.70 -27.22 -47.14
C HIS B 307 14.83 -27.51 -45.65
N TYR B 308 15.11 -28.77 -45.31
CA TYR B 308 15.26 -29.13 -43.89
C TYR B 308 16.49 -28.49 -43.25
N VAL B 309 17.64 -28.51 -43.95
CA VAL B 309 18.85 -27.88 -43.42
C VAL B 309 18.70 -26.38 -43.24
N MET B 310 18.10 -25.70 -44.21
CA MET B 310 17.90 -24.27 -44.02
C MET B 310 16.82 -23.97 -42.97
N ALA B 311 15.85 -24.87 -42.80
CA ALA B 311 14.86 -24.67 -41.74
C ALA B 311 15.48 -24.79 -40.34
N ILE B 312 16.43 -25.70 -40.17
CA ILE B 312 17.11 -25.76 -38.87
C ILE B 312 18.06 -24.58 -38.70
N LEU B 313 18.67 -24.10 -39.80
CA LEU B 313 19.51 -22.91 -39.70
C LEU B 313 18.70 -21.64 -39.45
N ILE B 314 17.40 -21.64 -39.75
CA ILE B 314 16.48 -20.63 -39.21
C ILE B 314 16.09 -20.91 -37.76
N ARG B 315 16.10 -22.17 -37.32
CA ARG B 315 15.76 -22.44 -35.93
C ARG B 315 16.91 -22.12 -34.98
N GLY B 316 18.10 -22.65 -35.23
CA GLY B 316 19.28 -22.34 -34.45
C GLY B 316 19.68 -23.50 -33.56
N GLY B 317 20.85 -23.35 -32.95
CA GLY B 317 21.29 -24.33 -31.98
C GLY B 317 22.79 -24.40 -31.91
N MET B 318 23.26 -25.18 -30.94
CA MET B 318 24.69 -25.45 -30.74
C MET B 318 25.02 -26.74 -31.49
N PHE B 319 25.52 -26.59 -32.71
CA PHE B 319 25.90 -27.72 -33.55
C PHE B 319 27.42 -27.82 -33.57
N SER B 320 27.99 -28.27 -32.46
CA SER B 320 29.42 -28.18 -32.26
C SER B 320 30.01 -29.54 -31.95
N LYS B 321 31.13 -29.85 -32.59
CA LYS B 321 31.84 -31.10 -32.40
C LYS B 321 32.86 -30.94 -31.28
N LYS B 322 33.29 -32.07 -30.72
CA LYS B 322 34.26 -32.06 -29.64
C LYS B 322 35.67 -31.91 -30.20
N THR C 1 0.77 -56.02 -31.40
CA THR C 1 0.30 -56.34 -30.06
C THR C 1 0.61 -55.21 -29.09
N LEU C 2 -0.42 -54.74 -28.39
CA LEU C 2 -0.29 -53.65 -27.42
C LEU C 2 -0.18 -54.24 -26.02
N LYS C 3 1.03 -54.20 -25.46
CA LYS C 3 1.28 -54.50 -24.07
C LYS C 3 1.57 -53.17 -23.37
N SER C 4 0.62 -52.74 -22.52
CA SER C 4 0.65 -51.63 -21.56
C SER C 4 0.24 -50.33 -22.23
N ARG C 5 -0.06 -49.32 -21.43
CA ARG C 5 -0.57 -48.03 -21.88
C ARG C 5 0.58 -47.09 -22.20
N PRO C 6 0.34 -46.01 -22.98
CA PRO C 6 1.41 -45.05 -23.24
C PRO C 6 1.91 -44.37 -21.99
N GLU C 7 3.19 -44.02 -22.02
CA GLU C 7 3.89 -43.55 -20.84
C GLU C 7 3.51 -42.11 -20.51
N ASN C 8 3.02 -41.37 -21.50
CA ASN C 8 2.30 -40.10 -21.36
C ASN C 8 1.01 -40.23 -22.16
N LEU C 9 -0.08 -40.58 -21.48
CA LEU C 9 -1.41 -40.58 -22.06
C LEU C 9 -2.32 -39.64 -21.29
N SER C 10 -3.13 -38.88 -22.03
CA SER C 10 -4.00 -37.88 -21.43
C SER C 10 -5.19 -37.64 -22.33
N PHE C 11 -6.30 -37.23 -21.73
CA PHE C 11 -7.49 -36.84 -22.46
C PHE C 11 -7.98 -35.49 -21.98
N ALA C 12 -8.55 -34.72 -22.89
CA ALA C 12 -9.13 -33.43 -22.58
C ALA C 12 -10.63 -33.56 -22.46
N ARG C 13 -11.24 -32.55 -21.84
CA ARG C 13 -12.68 -32.55 -21.66
C ARG C 13 -13.43 -32.44 -22.98
N CYS C 14 -14.49 -33.21 -23.10
CA CYS C 14 -15.50 -33.03 -24.13
C CYS C 14 -16.72 -32.31 -23.58
N LEU C 15 -16.67 -31.90 -22.32
CA LEU C 15 -17.72 -31.13 -21.67
C LEU C 15 -17.04 -29.99 -20.94
N ASN C 16 -16.88 -28.85 -21.60
CA ASN C 16 -16.33 -27.66 -20.95
C ASN C 16 -17.47 -26.82 -20.43
N THR C 17 -17.50 -26.59 -19.13
CA THR C 17 -18.59 -25.89 -18.48
C THR C 17 -18.10 -24.54 -18.03
N THR C 18 -18.83 -23.49 -18.38
CA THR C 18 -18.49 -22.16 -17.89
C THR C 18 -18.91 -22.02 -16.44
N GLU C 19 -18.18 -21.17 -15.72
CA GLU C 19 -18.46 -20.89 -14.32
C GLU C 19 -19.77 -20.12 -14.21
N ALA C 20 -20.45 -20.32 -13.08
CA ALA C 20 -21.80 -19.84 -12.90
C ALA C 20 -21.80 -18.48 -12.23
N LYS C 21 -22.69 -17.60 -12.67
CA LYS C 21 -22.90 -16.31 -12.05
C LYS C 21 -24.33 -16.24 -11.52
N PHE C 22 -24.48 -15.90 -10.24
CA PHE C 22 -25.79 -15.85 -9.62
C PHE C 22 -26.40 -14.47 -9.83
N TRP C 23 -27.72 -14.45 -10.00
CA TRP C 23 -28.48 -13.22 -10.13
C TRP C 23 -29.70 -13.34 -9.22
N GLN C 24 -30.47 -12.27 -9.11
CA GLN C 24 -31.73 -12.33 -8.38
C GLN C 24 -32.82 -11.68 -9.21
N THR C 25 -34.02 -12.20 -9.06
CA THR C 25 -35.14 -11.70 -9.86
C THR C 25 -36.44 -12.06 -9.16
N ASP C 26 -37.56 -11.75 -9.79
CA ASP C 26 -38.88 -12.15 -9.31
C ASP C 26 -39.43 -13.15 -10.32
N PHE C 27 -40.21 -14.12 -9.85
CA PHE C 27 -40.67 -15.16 -10.77
C PHE C 27 -41.72 -14.65 -11.75
N LEU C 28 -42.36 -13.52 -11.47
CA LEU C 28 -43.28 -12.91 -12.42
C LEU C 28 -42.60 -11.93 -13.36
N LYS C 29 -41.46 -11.36 -12.96
CA LYS C 29 -40.66 -10.48 -13.80
C LYS C 29 -39.27 -11.04 -14.07
N ARG C 30 -39.15 -12.36 -14.20
CA ARG C 30 -37.85 -12.98 -14.48
C ARG C 30 -37.36 -12.67 -15.89
N HIS C 31 -38.29 -12.52 -16.83
CA HIS C 31 -37.88 -12.37 -18.22
C HIS C 31 -37.39 -10.97 -18.58
N THR C 32 -37.57 -9.95 -17.72
CA THR C 32 -37.22 -8.60 -18.13
C THR C 32 -36.52 -7.79 -17.03
N PHE C 33 -35.89 -8.45 -16.06
CA PHE C 33 -35.42 -7.76 -14.86
C PHE C 33 -34.40 -8.57 -14.07
N LYS C 34 -33.14 -8.11 -13.96
CA LYS C 34 -32.14 -8.82 -13.18
C LYS C 34 -31.39 -7.84 -12.29
N LEU C 35 -31.17 -8.22 -11.04
CA LEU C 35 -30.27 -7.53 -10.12
C LEU C 35 -29.11 -8.43 -9.74
N PRO C 36 -27.94 -7.88 -9.46
CA PRO C 36 -26.83 -8.72 -9.00
C PRO C 36 -27.02 -9.18 -7.57
N LEU C 37 -26.45 -10.35 -7.28
CA LEU C 37 -26.50 -10.94 -5.96
C LEU C 37 -25.09 -11.02 -5.40
N LEU C 38 -24.92 -10.57 -4.17
CA LEU C 38 -23.58 -10.36 -3.61
C LEU C 38 -23.42 -11.16 -2.33
N ILE C 39 -22.17 -11.27 -1.89
CA ILE C 39 -21.79 -12.08 -0.75
C ILE C 39 -21.48 -11.17 0.42
N THR C 40 -22.13 -11.40 1.55
CA THR C 40 -21.88 -10.65 2.76
C THR C 40 -20.83 -11.36 3.61
N ASP C 41 -20.18 -10.59 4.47
CA ASP C 41 -19.19 -11.11 5.40
C ASP C 41 -19.85 -11.18 6.76
N LYS C 42 -20.08 -12.39 7.24
CA LYS C 42 -20.78 -12.63 8.49
C LYS C 42 -19.81 -13.10 9.54
N ALA C 43 -19.81 -12.45 10.69
CA ALA C 43 -19.03 -12.89 11.83
C ALA C 43 -19.99 -13.21 12.96
N VAL C 44 -19.75 -14.32 13.65
CA VAL C 44 -20.69 -14.87 14.61
C VAL C 44 -19.99 -15.06 15.94
N LEU C 45 -20.81 -15.16 16.98
CA LEU C 45 -20.37 -15.63 18.29
C LEU C 45 -21.01 -16.99 18.52
N ALA C 46 -20.18 -17.98 18.75
CA ALA C 46 -20.64 -19.35 18.88
C ALA C 46 -20.28 -19.88 20.27
N SER C 47 -20.82 -21.03 20.58
CA SER C 47 -20.41 -21.77 21.77
C SER C 47 -19.45 -22.86 21.33
N LYS C 48 -18.50 -23.17 22.21
CA LYS C 48 -17.51 -24.20 21.91
C LYS C 48 -18.21 -25.55 22.06
N GLY C 49 -18.83 -25.98 20.96
CA GLY C 49 -19.66 -27.17 20.98
C GLY C 49 -19.14 -28.28 20.10
N HIS C 50 -17.81 -28.43 20.07
CA HIS C 50 -17.17 -29.55 19.41
C HIS C 50 -16.76 -30.56 20.47
N GLU C 51 -16.54 -31.80 20.04
CA GLU C 51 -16.11 -32.85 20.96
C GLU C 51 -14.70 -32.56 21.45
N MET C 52 -14.54 -32.51 22.77
CA MET C 52 -13.29 -32.22 23.44
C MET C 52 -12.88 -33.40 24.30
N PRO C 53 -11.60 -33.53 24.65
CA PRO C 53 -11.20 -34.43 25.73
C PRO C 53 -11.87 -34.03 27.04
N PRO C 54 -12.06 -34.99 27.96
CA PRO C 54 -12.74 -34.70 29.24
C PRO C 54 -12.05 -33.66 30.13
N ASP C 55 -10.75 -33.44 29.97
CA ASP C 55 -10.05 -32.46 30.80
C ASP C 55 -10.18 -31.03 30.26
N LYS C 56 -10.03 -30.84 28.95
CA LYS C 56 -10.23 -29.52 28.36
C LYS C 56 -11.68 -29.07 28.41
N LEU C 57 -12.62 -30.01 28.50
CA LEU C 57 -14.03 -29.69 28.56
C LEU C 57 -14.39 -28.96 29.84
N GLU C 58 -13.72 -29.31 30.95
CA GLU C 58 -14.01 -28.67 32.23
C GLU C 58 -13.61 -27.20 32.22
N LYS C 59 -12.54 -26.85 31.49
CA LYS C 59 -12.08 -25.48 31.41
C LYS C 59 -12.68 -24.68 30.25
N GLU C 60 -13.31 -25.33 29.26
CA GLU C 60 -13.73 -24.61 28.06
C GLU C 60 -15.17 -24.89 27.64
N ILE C 61 -16.02 -25.47 28.49
CA ILE C 61 -17.42 -25.68 28.10
C ILE C 61 -18.17 -24.36 28.05
N MET C 62 -17.76 -23.38 28.86
CA MET C 62 -18.40 -22.08 28.90
C MET C 62 -17.34 -21.04 28.53
N ASP C 63 -17.13 -20.87 27.23
CA ASP C 63 -16.23 -19.91 26.62
C ASP C 63 -16.86 -19.50 25.30
N PRO C 64 -16.87 -18.21 24.98
CA PRO C 64 -17.35 -17.79 23.66
C PRO C 64 -16.37 -18.19 22.56
N ASN C 65 -16.92 -18.48 21.38
CA ASN C 65 -16.12 -18.95 20.26
C ASN C 65 -16.41 -17.97 19.12
N PRO C 66 -15.66 -16.88 19.00
CA PRO C 66 -15.93 -15.88 17.96
C PRO C 66 -15.32 -16.32 16.64
N GLN C 67 -16.17 -16.57 15.64
CA GLN C 67 -15.68 -17.08 14.37
C GLN C 67 -16.23 -16.28 13.20
N LYS C 68 -15.44 -16.21 12.13
CA LYS C 68 -15.77 -15.53 10.90
C LYS C 68 -16.37 -16.50 9.90
N SER C 69 -17.12 -15.94 8.94
CA SER C 69 -17.77 -16.71 7.89
C SER C 69 -18.12 -15.73 6.76
N GLN C 70 -18.76 -16.25 5.73
CA GLN C 70 -19.37 -15.47 4.67
C GLN C 70 -20.67 -16.17 4.29
N SER C 71 -21.60 -15.40 3.71
CA SER C 71 -22.89 -15.95 3.38
C SER C 71 -23.50 -15.15 2.24
N CYS C 72 -24.44 -15.79 1.56
CA CYS C 72 -25.21 -15.16 0.51
C CYS C 72 -26.69 -15.35 0.81
N THR C 73 -27.45 -14.26 0.73
CA THR C 73 -28.90 -14.32 0.93
C THR C 73 -29.55 -13.44 -0.12
N LEU C 74 -30.77 -13.80 -0.51
CA LEU C 74 -31.47 -13.03 -1.54
C LEU C 74 -32.01 -11.76 -0.88
N SER C 75 -32.41 -10.78 -1.68
CA SER C 75 -32.95 -9.49 -1.18
C SER C 75 -34.32 -9.70 -0.55
N THR C 76 -34.97 -8.61 -0.14
CA THR C 76 -36.29 -8.68 0.47
C THR C 76 -37.38 -8.44 -0.56
N GLU C 77 -37.02 -7.96 -1.75
CA GLU C 77 -37.94 -7.76 -2.85
C GLU C 77 -37.75 -8.77 -3.97
N CYS C 78 -36.87 -9.76 -3.78
CA CYS C 78 -36.56 -10.75 -4.79
C CYS C 78 -36.94 -12.13 -4.28
N ASP C 79 -37.48 -12.98 -5.16
CA ASP C 79 -37.97 -14.33 -4.75
C ASP C 79 -37.21 -15.44 -5.47
N THR C 80 -36.57 -15.15 -6.61
CA THR C 80 -35.93 -16.19 -7.38
C THR C 80 -34.44 -15.95 -7.53
N LEU C 81 -33.73 -17.05 -7.72
CA LEU C 81 -32.31 -17.06 -8.04
C LEU C 81 -32.14 -17.46 -9.49
N ARG C 82 -31.46 -16.62 -10.26
CA ARG C 82 -31.17 -16.91 -11.66
C ARG C 82 -29.70 -17.25 -11.81
N ILE C 83 -29.43 -18.42 -12.37
CA ILE C 83 -28.08 -18.90 -12.61
C ILE C 83 -27.90 -19.06 -14.11
N ASP C 84 -26.92 -18.38 -14.67
CA ASP C 84 -26.53 -18.54 -16.06
C ASP C 84 -25.16 -19.17 -16.12
N PHE C 85 -25.07 -20.30 -16.82
CA PHE C 85 -23.79 -20.93 -17.15
C PHE C 85 -23.88 -21.45 -18.57
N GLY C 86 -22.75 -21.94 -19.08
CA GLY C 86 -22.69 -22.41 -20.45
C GLY C 86 -21.88 -23.68 -20.55
N ILE C 87 -22.14 -24.44 -21.61
CA ILE C 87 -21.43 -25.69 -21.88
C ILE C 87 -20.91 -25.65 -23.31
N LYS C 88 -19.65 -26.04 -23.48
CA LYS C 88 -19.04 -26.27 -24.79
C LYS C 88 -18.80 -27.76 -24.93
N VAL C 89 -19.48 -28.39 -25.89
CA VAL C 89 -19.32 -29.80 -26.14
C VAL C 89 -18.41 -30.00 -27.35
N LEU C 90 -17.41 -30.87 -27.21
CA LEU C 90 -16.36 -31.08 -28.18
C LEU C 90 -16.32 -32.55 -28.60
N PRO C 91 -15.84 -32.85 -29.80
CA PRO C 91 -15.76 -34.25 -30.24
C PRO C 91 -14.79 -35.08 -29.40
N VAL C 92 -15.05 -36.38 -29.36
CA VAL C 92 -14.33 -37.29 -28.49
C VAL C 92 -13.09 -37.87 -29.18
N LYS C 93 -13.08 -37.95 -30.51
CA LYS C 93 -11.88 -38.38 -31.21
C LYS C 93 -10.79 -37.31 -31.18
N GLU C 94 -11.17 -36.04 -31.23
CA GLU C 94 -10.21 -34.94 -31.14
C GLU C 94 -10.10 -34.44 -29.70
N SER C 95 -9.70 -35.35 -28.81
CA SER C 95 -9.59 -35.01 -27.37
C SER C 95 -8.42 -35.73 -26.71
N MET C 96 -7.52 -36.34 -27.48
CA MET C 96 -6.34 -36.96 -26.90
C MET C 96 -5.21 -35.95 -26.95
N TYR C 97 -4.90 -35.37 -25.78
CA TYR C 97 -3.88 -34.32 -25.75
C TYR C 97 -2.48 -34.90 -25.87
N SER C 98 -2.24 -36.10 -25.36
CA SER C 98 -0.93 -36.71 -25.40
C SER C 98 -1.08 -38.21 -25.51
N CYS C 99 -0.22 -38.83 -26.34
CA CYS C 99 -0.22 -40.27 -26.52
C CYS C 99 1.15 -40.64 -27.08
N SER C 100 1.96 -41.33 -26.27
CA SER C 100 3.33 -41.63 -26.66
C SER C 100 3.48 -42.90 -27.48
N ASP C 101 2.38 -43.52 -27.92
CA ASP C 101 2.43 -44.71 -28.75
C ASP C 101 1.29 -44.64 -29.75
N TYR C 102 1.63 -44.57 -31.04
CA TYR C 102 0.66 -44.34 -32.10
C TYR C 102 -0.30 -45.51 -32.28
N ASN C 103 0.12 -46.72 -31.95
CA ASN C 103 -0.74 -47.89 -32.06
C ASN C 103 -1.91 -47.81 -31.08
N TYR C 104 -1.63 -47.28 -29.88
CA TYR C 104 -2.69 -47.09 -28.90
C TYR C 104 -3.66 -45.99 -29.33
N ARG C 105 -3.15 -44.95 -30.00
CA ARG C 105 -3.99 -43.90 -30.57
C ARG C 105 -4.92 -44.45 -31.63
N THR C 106 -4.39 -45.27 -32.54
CA THR C 106 -5.21 -45.89 -33.58
C THR C 106 -6.23 -46.86 -32.98
N ALA C 107 -5.84 -47.58 -31.93
CA ALA C 107 -6.77 -48.51 -31.27
C ALA C 107 -7.91 -47.77 -30.59
N ILE C 108 -7.60 -46.65 -29.91
CA ILE C 108 -8.64 -45.86 -29.27
C ILE C 108 -9.58 -45.26 -30.31
N TYR C 109 -9.03 -44.74 -31.42
CA TYR C 109 -9.85 -44.18 -32.49
C TYR C 109 -10.75 -45.23 -33.12
N GLN C 110 -10.25 -46.47 -33.27
CA GLN C 110 -11.07 -47.56 -33.77
C GLN C 110 -12.21 -47.90 -32.83
N LYS C 111 -11.95 -47.95 -31.51
CA LYS C 111 -13.02 -48.30 -30.58
C LYS C 111 -14.04 -47.18 -30.42
N ILE C 112 -13.62 -45.91 -30.50
CA ILE C 112 -14.59 -44.82 -30.53
C ILE C 112 -15.43 -44.87 -31.80
N ASP C 113 -14.83 -45.21 -32.95
CA ASP C 113 -15.60 -45.31 -34.19
C ASP C 113 -16.57 -46.49 -34.14
N GLU C 114 -16.18 -47.59 -33.49
CA GLU C 114 -17.12 -48.70 -33.29
C GLU C 114 -18.25 -48.32 -32.35
N TYR C 115 -17.97 -47.50 -31.33
CA TYR C 115 -19.02 -47.04 -30.44
C TYR C 115 -20.00 -46.12 -31.19
N ILE C 116 -19.47 -45.21 -32.01
CA ILE C 116 -20.30 -44.33 -32.84
C ILE C 116 -21.12 -45.10 -33.87
N ALA C 117 -20.61 -46.24 -34.33
CA ALA C 117 -21.39 -47.10 -35.19
C ALA C 117 -22.47 -47.87 -34.44
N GLU C 118 -22.21 -48.26 -33.18
CA GLU C 118 -23.24 -48.91 -32.39
C GLU C 118 -24.26 -47.91 -31.87
N ASP C 119 -23.84 -47.02 -30.98
CA ASP C 119 -24.69 -46.01 -30.37
C ASP C 119 -23.99 -44.68 -30.57
N GLY C 120 -24.58 -43.79 -31.36
CA GLY C 120 -23.91 -42.56 -31.73
C GLY C 120 -23.83 -41.52 -30.63
N PHE C 121 -23.32 -41.93 -29.46
CA PHE C 121 -23.24 -41.16 -28.22
C PHE C 121 -24.60 -40.66 -27.74
N LEU C 122 -25.68 -41.36 -28.10
CA LEU C 122 -27.02 -40.84 -27.80
C LEU C 122 -27.43 -41.06 -26.35
N THR C 123 -27.20 -42.26 -25.82
CA THR C 123 -27.65 -42.58 -24.46
C THR C 123 -26.92 -41.73 -23.43
N LEU C 124 -25.61 -41.58 -23.61
CA LEU C 124 -24.80 -40.75 -22.73
C LEU C 124 -25.25 -39.29 -22.79
N ALA C 125 -25.58 -38.81 -24.00
CA ALA C 125 -26.03 -37.43 -24.19
C ALA C 125 -27.39 -37.18 -23.57
N LYS C 126 -28.30 -38.14 -23.69
CA LYS C 126 -29.60 -38.02 -23.01
C LYS C 126 -29.44 -37.99 -21.51
N ARG C 127 -28.45 -38.71 -20.98
CA ARG C 127 -28.18 -38.65 -19.55
C ARG C 127 -27.62 -37.29 -19.14
N TYR C 128 -26.75 -36.70 -19.97
CA TYR C 128 -26.23 -35.36 -19.65
C TYR C 128 -27.31 -34.27 -19.76
N VAL C 129 -28.16 -34.36 -20.79
CA VAL C 129 -29.24 -33.37 -20.93
C VAL C 129 -30.33 -33.62 -19.88
N ASN C 130 -30.47 -34.84 -19.38
CA ASN C 130 -31.34 -35.08 -18.24
C ASN C 130 -30.77 -34.51 -16.96
N ASN C 131 -29.44 -34.47 -16.83
CA ASN C 131 -28.87 -33.79 -15.67
C ASN C 131 -28.88 -32.27 -15.83
N ILE C 132 -29.06 -31.78 -17.06
CA ILE C 132 -29.38 -30.37 -17.27
C ILE C 132 -30.82 -30.09 -16.90
N ALA C 133 -31.74 -31.01 -17.22
CA ALA C 133 -33.17 -30.76 -17.11
C ALA C 133 -33.75 -31.15 -15.77
N ASN C 134 -33.08 -32.01 -15.00
CA ASN C 134 -33.53 -32.27 -13.63
C ASN C 134 -32.99 -31.26 -12.63
N ALA C 135 -32.07 -30.40 -13.06
CA ALA C 135 -31.40 -29.38 -12.27
C ALA C 135 -30.70 -29.98 -11.05
N ARG C 136 -29.80 -30.93 -11.31
CA ARG C 136 -28.97 -31.47 -10.25
C ARG C 136 -27.77 -30.58 -9.97
N PHE C 137 -27.51 -29.59 -10.83
CA PHE C 137 -26.47 -28.60 -10.57
C PHE C 137 -26.84 -27.64 -9.46
N LEU C 138 -28.10 -27.62 -9.04
CA LEU C 138 -28.52 -26.98 -7.81
C LEU C 138 -28.26 -27.99 -6.71
N TRP C 139 -27.16 -27.80 -5.98
CA TRP C 139 -26.83 -28.80 -4.98
C TRP C 139 -27.66 -28.62 -3.71
N ARG C 140 -27.51 -27.48 -3.05
CA ARG C 140 -28.36 -27.17 -1.90
C ARG C 140 -29.36 -26.08 -2.25
N ASN C 141 -29.35 -25.60 -3.49
CA ASN C 141 -30.29 -24.60 -3.97
C ASN C 141 -31.58 -25.23 -4.50
N ARG C 142 -31.64 -26.56 -4.55
CA ARG C 142 -32.81 -27.26 -5.03
C ARG C 142 -33.73 -27.67 -3.89
N LYS C 143 -33.20 -27.75 -2.68
CA LYS C 143 -33.98 -28.11 -1.50
C LYS C 143 -34.75 -26.89 -1.02
N GLY C 144 -36.07 -26.94 -1.11
CA GLY C 144 -36.88 -25.85 -0.64
C GLY C 144 -37.25 -24.88 -1.75
N ALA C 145 -37.58 -25.41 -2.91
CA ALA C 145 -37.85 -24.61 -4.09
C ALA C 145 -39.29 -24.81 -4.54
N GLU C 146 -39.95 -23.71 -4.87
CA GLU C 146 -41.35 -23.78 -5.29
C GLU C 146 -41.48 -24.18 -6.75
N ILE C 147 -40.97 -23.36 -7.67
CA ILE C 147 -40.91 -23.69 -9.09
C ILE C 147 -39.44 -23.64 -9.50
N ILE C 148 -38.98 -24.67 -10.22
CA ILE C 148 -37.67 -24.65 -10.85
C ILE C 148 -37.89 -24.74 -12.35
N GLU C 149 -37.42 -23.73 -13.08
CA GLU C 149 -37.55 -23.69 -14.53
C GLU C 149 -36.17 -23.58 -15.15
N THR C 150 -35.76 -24.62 -15.88
CA THR C 150 -34.46 -24.67 -16.52
C THR C 150 -34.64 -24.48 -18.03
N ILE C 151 -33.98 -23.46 -18.57
CA ILE C 151 -34.12 -23.07 -19.97
C ILE C 151 -32.77 -23.21 -20.65
N VAL C 152 -32.75 -23.82 -21.82
CA VAL C 152 -31.54 -24.05 -22.60
C VAL C 152 -31.68 -23.31 -23.92
N THR C 153 -30.66 -22.53 -24.29
CA THR C 153 -30.60 -21.91 -25.60
C THR C 153 -29.37 -22.39 -26.35
N ILE C 154 -29.58 -22.90 -27.56
CA ILE C 154 -28.53 -23.30 -28.47
C ILE C 154 -28.61 -22.34 -29.65
N GLU C 155 -27.50 -21.65 -29.93
CA GLU C 155 -27.33 -20.68 -31.00
C GLU C 155 -28.24 -19.48 -30.75
N ASP C 156 -29.34 -19.39 -31.49
CA ASP C 156 -30.31 -18.31 -31.29
C ASP C 156 -31.62 -18.92 -30.80
N LYS C 157 -31.77 -20.23 -30.96
CA LYS C 157 -33.02 -20.89 -30.63
C LYS C 157 -33.08 -21.18 -29.14
N GLU C 158 -34.23 -20.87 -28.53
CA GLU C 158 -34.46 -21.12 -27.11
C GLU C 158 -35.45 -22.27 -27.02
N TYR C 159 -34.97 -23.41 -26.53
CA TYR C 159 -35.82 -24.59 -26.46
C TYR C 159 -36.82 -24.45 -25.32
N PRO C 160 -38.05 -25.02 -25.48
CA PRO C 160 -39.08 -24.99 -24.44
C PRO C 160 -38.62 -25.40 -23.04
N SER C 161 -39.15 -24.71 -22.03
CA SER C 161 -38.65 -24.77 -20.66
C SER C 161 -38.87 -26.12 -20.00
N PHE C 162 -38.30 -26.29 -18.81
CA PHE C 162 -38.30 -27.57 -18.12
C PHE C 162 -38.76 -27.39 -16.70
N ASN C 163 -39.79 -28.12 -16.30
CA ASN C 163 -40.18 -28.18 -14.90
C ASN C 163 -39.31 -29.25 -14.25
N SER C 164 -38.20 -28.81 -13.64
CA SER C 164 -37.21 -29.72 -13.07
C SER C 164 -37.67 -30.40 -11.79
N LYS C 165 -38.81 -30.00 -11.24
CA LYS C 165 -39.38 -30.66 -10.08
C LYS C 165 -40.30 -31.80 -10.48
N SER C 166 -40.51 -32.00 -11.78
CA SER C 166 -41.20 -33.17 -12.30
C SER C 166 -40.24 -34.29 -12.71
N PHE C 167 -38.94 -34.03 -12.66
CA PHE C 167 -37.92 -35.03 -12.95
C PHE C 167 -37.38 -35.60 -11.65
N ASN C 168 -37.25 -36.92 -11.59
CA ASN C 168 -36.72 -37.60 -10.43
C ASN C 168 -35.20 -37.69 -10.60
N LEU C 169 -34.47 -37.60 -9.48
CA LEU C 169 -33.01 -37.60 -9.54
C LEU C 169 -32.43 -39.00 -9.44
N ASP C 170 -33.24 -40.02 -9.75
CA ASP C 170 -32.77 -41.39 -9.77
C ASP C 170 -33.25 -42.13 -11.02
N THR C 171 -33.84 -41.44 -11.98
CA THR C 171 -34.41 -42.06 -13.18
C THR C 171 -34.16 -41.12 -14.34
N PHE C 172 -33.87 -41.68 -15.51
CA PHE C 172 -33.56 -40.88 -16.69
C PHE C 172 -34.65 -41.10 -17.72
N VAL C 173 -35.30 -40.02 -18.14
CA VAL C 173 -36.34 -40.14 -19.16
C VAL C 173 -35.68 -40.16 -20.54
N GLU C 174 -36.22 -41.00 -21.42
CA GLU C 174 -35.80 -41.06 -22.81
C GLU C 174 -36.93 -40.65 -23.75
N ASP C 175 -38.04 -40.16 -23.19
CA ASP C 175 -39.27 -39.89 -23.91
C ASP C 175 -39.46 -38.42 -24.27
N ASN C 176 -38.93 -37.50 -23.44
CA ASN C 176 -39.11 -36.06 -23.65
C ASN C 176 -38.48 -35.60 -24.95
N ALA C 177 -39.25 -34.89 -25.77
CA ALA C 177 -38.84 -34.56 -27.13
C ALA C 177 -37.75 -33.49 -27.16
N THR C 178 -37.85 -32.50 -26.26
CA THR C 178 -36.85 -31.44 -26.19
C THR C 178 -35.50 -32.00 -25.77
N ILE C 179 -35.50 -32.91 -24.79
CA ILE C 179 -34.29 -33.64 -24.41
C ILE C 179 -33.81 -34.51 -25.56
N ASN C 180 -34.74 -35.12 -26.31
CA ASN C 180 -34.41 -35.94 -27.46
C ASN C 180 -33.85 -35.14 -28.64
N GLU C 181 -33.95 -33.82 -28.62
CA GLU C 181 -33.37 -33.01 -29.68
C GLU C 181 -32.05 -32.36 -29.26
N ILE C 182 -31.97 -31.84 -28.02
CA ILE C 182 -30.71 -31.32 -27.51
C ILE C 182 -29.68 -32.45 -27.37
N ALA C 183 -30.13 -33.64 -26.98
CA ALA C 183 -29.25 -34.79 -26.88
C ALA C 183 -28.79 -35.27 -28.25
N GLN C 184 -29.65 -35.15 -29.27
CA GLN C 184 -29.22 -35.47 -30.63
C GLN C 184 -28.16 -34.50 -31.13
N GLN C 185 -28.30 -33.20 -30.85
CA GLN C 185 -27.27 -32.25 -31.28
C GLN C 185 -25.95 -32.47 -30.52
N ILE C 186 -26.04 -32.78 -29.22
CA ILE C 186 -24.84 -33.11 -28.44
C ILE C 186 -24.20 -34.39 -28.97
N ALA C 187 -25.03 -35.37 -29.34
CA ALA C 187 -24.54 -36.64 -29.88
C ALA C 187 -23.84 -36.47 -31.22
N ASP C 188 -24.39 -35.64 -32.11
CA ASP C 188 -23.69 -35.37 -33.36
C ASP C 188 -22.44 -34.53 -33.17
N THR C 189 -22.38 -33.73 -32.10
CA THR C 189 -21.12 -33.07 -31.78
C THR C 189 -20.08 -34.08 -31.30
N PHE C 190 -20.52 -35.00 -30.42
CA PHE C 190 -19.64 -36.00 -29.83
C PHE C 190 -19.13 -36.99 -30.88
N ALA C 191 -19.96 -37.27 -31.88
CA ALA C 191 -19.59 -38.22 -32.92
C ALA C 191 -18.52 -37.64 -33.83
N GLY C 192 -18.73 -36.43 -34.33
CA GLY C 192 -17.78 -35.82 -35.23
C GLY C 192 -18.46 -35.13 -36.38
N LYS C 193 -19.78 -35.23 -36.40
CA LYS C 193 -20.56 -34.65 -37.51
C LYS C 193 -20.72 -33.15 -37.32
N ARG C 194 -20.39 -32.63 -36.14
CA ARG C 194 -20.45 -31.21 -35.88
C ARG C 194 -19.33 -30.87 -34.92
N GLU C 195 -18.57 -29.83 -35.25
CA GLU C 195 -17.26 -29.62 -34.63
C GLU C 195 -17.35 -29.00 -33.24
N TYR C 196 -18.43 -28.29 -32.93
CA TYR C 196 -18.60 -27.68 -31.63
C TYR C 196 -20.10 -27.43 -31.46
N LEU C 197 -20.54 -27.31 -30.22
CA LEU C 197 -21.85 -26.74 -29.96
C LEU C 197 -21.81 -26.03 -28.62
N ASN C 198 -22.40 -24.85 -28.55
CA ASN C 198 -22.41 -24.03 -27.35
C ASN C 198 -23.82 -24.00 -26.79
N ILE C 199 -23.99 -24.57 -25.60
CA ILE C 199 -25.27 -24.62 -24.91
C ILE C 199 -25.20 -23.69 -23.71
N TYR C 200 -26.16 -22.76 -23.63
CA TYR C 200 -26.22 -21.79 -22.55
C TYR C 200 -27.48 -22.07 -21.75
N VAL C 201 -27.34 -22.21 -20.43
CA VAL C 201 -28.41 -22.70 -19.57
C VAL C 201 -28.75 -21.64 -18.53
N THR C 202 -30.06 -21.37 -18.37
CA THR C 202 -30.56 -20.41 -17.39
C THR C 202 -31.60 -21.10 -16.51
N CYS C 203 -31.44 -20.98 -15.19
CA CYS C 203 -32.31 -21.67 -14.23
C CYS C 203 -32.92 -20.67 -13.25
N PHE C 204 -34.24 -20.73 -13.09
CA PHE C 204 -34.98 -19.87 -12.17
C PHE C 204 -35.51 -20.71 -11.02
N VAL C 205 -35.13 -20.38 -9.79
CA VAL C 205 -35.42 -21.19 -8.61
C VAL C 205 -36.15 -20.34 -7.58
N LYS C 206 -37.41 -20.69 -7.30
CA LYS C 206 -38.26 -19.90 -6.40
C LYS C 206 -38.13 -20.43 -4.97
N ILE C 207 -37.15 -19.89 -4.23
CA ILE C 207 -36.95 -20.29 -2.84
C ILE C 207 -37.63 -19.37 -1.84
N GLY C 208 -38.11 -18.22 -2.27
CA GLY C 208 -38.78 -17.28 -1.38
C GLY C 208 -38.01 -15.98 -1.28
N CYS C 209 -38.47 -15.13 -0.37
CA CYS C 209 -37.95 -13.78 -0.22
C CYS C 209 -36.99 -13.73 0.96
N ALA C 210 -35.84 -13.09 0.71
CA ALA C 210 -34.70 -12.91 1.62
C ALA C 210 -34.03 -14.22 2.03
N MET C 211 -34.35 -15.34 1.40
CA MET C 211 -33.87 -16.64 1.83
C MET C 211 -32.41 -16.84 1.42
N GLU C 212 -31.83 -17.92 1.94
CA GLU C 212 -30.40 -18.13 1.84
C GLU C 212 -30.08 -18.82 0.52
N VAL C 213 -29.13 -18.25 -0.21
CA VAL C 213 -28.63 -18.79 -1.46
C VAL C 213 -27.26 -19.37 -1.14
N TYR C 214 -27.06 -20.64 -1.48
CA TYR C 214 -25.82 -21.30 -1.13
C TYR C 214 -24.91 -21.36 -2.35
N PRO C 215 -23.86 -20.53 -2.42
CA PRO C 215 -22.90 -20.66 -3.52
C PRO C 215 -21.83 -21.68 -3.19
N SER C 216 -20.83 -21.79 -4.06
CA SER C 216 -19.77 -22.75 -3.86
C SER C 216 -18.70 -22.16 -2.97
N GLN C 217 -18.16 -22.98 -2.09
CA GLN C 217 -17.15 -22.53 -1.14
C GLN C 217 -15.77 -22.74 -1.73
N GLU C 218 -14.87 -21.79 -1.48
CA GLU C 218 -13.49 -21.91 -1.89
C GLU C 218 -12.72 -22.72 -0.86
N MET C 219 -11.66 -23.37 -1.33
CA MET C 219 -10.81 -24.13 -0.43
C MET C 219 -9.73 -23.24 0.15
N THR C 220 -9.67 -23.20 1.48
CA THR C 220 -8.61 -22.51 2.18
C THR C 220 -7.63 -23.55 2.69
N PHE C 221 -6.36 -23.39 2.33
CA PHE C 221 -5.34 -24.35 2.70
C PHE C 221 -4.81 -24.00 4.10
N ASP C 222 -3.79 -24.75 4.53
CA ASP C 222 -3.23 -24.61 5.88
C ASP C 222 -2.65 -23.22 6.12
N ASP C 223 -1.88 -22.70 5.16
CA ASP C 223 -1.31 -21.35 5.27
C ASP C 223 -2.28 -20.36 4.62
N ASP C 224 -3.44 -20.22 5.26
CA ASP C 224 -4.46 -19.29 4.80
C ASP C 224 -5.33 -18.95 6.01
N ASP C 225 -6.00 -17.80 5.94
CA ASP C 225 -6.89 -17.38 7.02
C ASP C 225 -8.08 -18.32 7.15
N LYS C 226 -8.41 -18.65 8.38
CA LYS C 226 -9.49 -19.60 8.64
C LYS C 226 -10.85 -18.94 8.46
N GLY C 227 -11.78 -19.67 7.87
CA GLY C 227 -13.12 -19.16 7.70
C GLY C 227 -13.78 -19.79 6.49
N LYS C 228 -15.04 -19.43 6.31
CA LYS C 228 -15.84 -19.87 5.17
C LYS C 228 -15.79 -18.77 4.13
N LYS C 229 -15.07 -19.00 3.04
CA LYS C 229 -14.91 -18.04 1.96
C LYS C 229 -15.63 -18.58 0.74
N LEU C 230 -16.66 -17.87 0.31
CA LEU C 230 -17.49 -18.30 -0.79
C LEU C 230 -17.00 -17.71 -2.11
N PHE C 231 -17.56 -18.20 -3.21
CA PHE C 231 -17.05 -17.91 -4.54
C PHE C 231 -17.71 -16.68 -5.15
N LYS C 232 -16.87 -15.84 -5.74
CA LYS C 232 -17.32 -14.60 -6.38
C LYS C 232 -16.85 -14.61 -7.82
N PHE C 233 -17.80 -14.77 -8.74
CA PHE C 233 -17.53 -14.69 -10.17
C PHE C 233 -18.02 -13.33 -10.63
N GLU C 234 -17.06 -12.46 -11.01
CA GLU C 234 -17.28 -11.10 -11.50
C GLU C 234 -18.01 -10.24 -10.46
N GLY C 235 -17.56 -10.34 -9.21
CA GLY C 235 -18.24 -9.65 -8.12
C GLY C 235 -19.45 -10.35 -7.55
N SER C 236 -20.33 -10.85 -8.42
CA SER C 236 -21.51 -11.55 -7.96
C SER C 236 -21.16 -12.97 -7.52
N ALA C 237 -22.06 -13.57 -6.75
CA ALA C 237 -21.87 -14.91 -6.22
C ALA C 237 -21.95 -15.94 -7.35
N GLY C 238 -21.44 -17.14 -7.08
CA GLY C 238 -21.51 -18.15 -8.11
C GLY C 238 -20.99 -19.48 -7.66
N MET C 239 -21.09 -20.45 -8.56
CA MET C 239 -20.62 -21.81 -8.38
C MET C 239 -19.45 -22.07 -9.30
N HIS C 240 -18.57 -22.98 -8.87
CA HIS C 240 -17.47 -23.41 -9.72
C HIS C 240 -17.97 -24.26 -10.88
N SER C 241 -17.15 -24.32 -11.93
CA SER C 241 -17.45 -25.19 -13.07
C SER C 241 -17.29 -26.65 -12.70
N GLN C 242 -16.38 -26.97 -11.78
CA GLN C 242 -16.14 -28.34 -11.38
C GLN C 242 -17.27 -28.91 -10.54
N LYS C 243 -18.10 -28.06 -9.95
CA LYS C 243 -19.29 -28.50 -9.24
C LYS C 243 -20.50 -28.65 -10.16
N ILE C 244 -20.59 -27.83 -11.20
CA ILE C 244 -21.61 -28.06 -12.23
C ILE C 244 -21.30 -29.33 -13.00
N ASN C 245 -20.03 -29.64 -13.21
CA ASN C 245 -19.66 -30.83 -13.96
C ASN C 245 -19.87 -32.11 -13.16
N ASN C 246 -19.67 -32.09 -11.84
CA ASN C 246 -19.93 -33.29 -11.04
C ASN C 246 -21.41 -33.62 -11.10
N ALA C 247 -22.25 -32.60 -11.21
CA ALA C 247 -23.68 -32.84 -11.19
C ALA C 247 -24.24 -33.11 -12.56
N LEU C 248 -23.48 -32.84 -13.62
CA LEU C 248 -23.84 -33.28 -14.96
C LEU C 248 -23.30 -34.66 -15.27
N ARG C 249 -22.28 -35.12 -14.56
CA ARG C 249 -21.68 -36.43 -14.77
C ARG C 249 -22.34 -37.51 -13.93
N THR C 250 -23.40 -37.19 -13.20
CA THR C 250 -24.11 -38.18 -12.37
C THR C 250 -25.03 -38.95 -13.32
N ILE C 251 -24.40 -39.85 -14.09
CA ILE C 251 -25.02 -40.53 -15.22
C ILE C 251 -24.76 -42.02 -15.12
N ASP C 252 -23.99 -42.44 -14.12
CA ASP C 252 -23.51 -43.81 -14.06
C ASP C 252 -24.52 -44.63 -13.27
N THR C 253 -25.20 -45.54 -13.97
CA THR C 253 -26.06 -46.56 -13.39
C THR C 253 -25.60 -47.91 -13.88
N TRP C 254 -24.28 -48.09 -13.99
CA TRP C 254 -23.74 -49.29 -14.60
C TRP C 254 -22.68 -49.94 -13.72
N TYR C 255 -22.63 -49.58 -12.44
CA TYR C 255 -21.64 -50.13 -11.51
C TYR C 255 -22.04 -51.58 -11.18
N PRO C 256 -21.10 -52.37 -10.59
CA PRO C 256 -21.46 -53.76 -10.20
C PRO C 256 -22.65 -53.91 -9.27
N ASP C 257 -22.91 -52.94 -8.39
CA ASP C 257 -23.89 -53.18 -7.34
C ASP C 257 -25.04 -52.18 -7.42
N TYR C 258 -25.58 -51.99 -8.63
CA TYR C 258 -26.67 -51.04 -8.86
C TYR C 258 -28.03 -51.57 -8.42
N THR C 259 -28.24 -52.89 -8.44
CA THR C 259 -29.54 -53.45 -8.09
C THR C 259 -29.87 -53.21 -6.60
N THR C 260 -28.86 -53.27 -5.74
CA THR C 260 -29.09 -52.94 -4.33
C THR C 260 -29.23 -51.44 -4.13
N TYR C 261 -28.19 -50.67 -4.50
CA TYR C 261 -28.21 -49.22 -4.38
C TYR C 261 -28.62 -48.63 -5.72
N GLU C 262 -29.86 -48.14 -5.81
CA GLU C 262 -30.47 -47.78 -7.09
C GLU C 262 -30.40 -46.29 -7.39
N PHE C 263 -29.29 -45.65 -7.02
CA PHE C 263 -29.11 -44.21 -7.26
C PHE C 263 -28.03 -44.02 -8.29
N PRO C 264 -28.04 -42.97 -9.13
CA PRO C 264 -26.92 -42.73 -10.04
C PRO C 264 -25.71 -42.13 -9.33
N ILE C 265 -24.54 -42.66 -9.63
CA ILE C 265 -23.28 -42.14 -9.08
C ILE C 265 -22.61 -41.34 -10.19
N PRO C 266 -21.61 -40.50 -9.91
CA PRO C 266 -20.90 -39.84 -11.01
C PRO C 266 -20.00 -40.80 -11.79
N VAL C 267 -19.26 -40.22 -12.73
CA VAL C 267 -18.30 -40.98 -13.52
C VAL C 267 -16.92 -40.64 -12.95
N GLU C 268 -16.31 -41.61 -12.27
CA GLU C 268 -14.94 -41.47 -11.77
C GLU C 268 -14.14 -42.70 -12.19
N ASN C 269 -12.83 -42.63 -11.96
CA ASN C 269 -11.93 -43.72 -12.36
C ASN C 269 -12.19 -44.98 -11.54
N TYR C 270 -12.26 -44.84 -10.21
CA TYR C 270 -12.40 -45.97 -9.32
C TYR C 270 -13.81 -46.08 -8.73
N GLY C 271 -14.76 -45.31 -9.27
CA GLY C 271 -16.15 -45.31 -8.86
C GLY C 271 -16.38 -45.00 -7.39
N ALA C 272 -16.03 -43.80 -6.97
CA ALA C 272 -16.08 -43.42 -5.56
C ALA C 272 -17.12 -42.32 -5.37
N ALA C 273 -18.23 -42.67 -4.73
CA ALA C 273 -19.32 -41.75 -4.46
C ALA C 273 -19.06 -41.11 -3.11
N ARG C 274 -19.20 -39.78 -3.02
CA ARG C 274 -18.89 -39.12 -1.77
C ARG C 274 -20.07 -39.05 -0.80
N SER C 275 -21.30 -39.09 -1.31
CA SER C 275 -22.49 -39.06 -0.47
C SER C 275 -22.56 -40.29 0.42
N ILE C 276 -22.56 -41.46 -0.25
CA ILE C 276 -22.52 -42.78 0.44
C ILE C 276 -21.06 -43.21 0.46
N GLY C 277 -20.47 -43.37 1.63
CA GLY C 277 -19.06 -43.68 1.68
C GLY C 277 -18.72 -45.10 1.27
N ILE C 278 -18.92 -45.43 -0.01
CA ILE C 278 -18.67 -46.77 -0.55
C ILE C 278 -18.03 -46.65 -1.92
N PRO C 279 -16.87 -47.27 -2.14
CA PRO C 279 -16.33 -47.40 -3.51
C PRO C 279 -17.11 -48.41 -4.33
N PHE C 280 -17.51 -48.02 -5.53
CA PHE C 280 -18.42 -48.84 -6.32
C PHE C 280 -17.76 -49.54 -7.50
N ARG C 281 -16.62 -49.04 -7.97
CA ARG C 281 -15.87 -49.71 -9.06
C ARG C 281 -14.44 -49.87 -8.57
N PRO C 282 -14.15 -50.76 -7.60
CA PRO C 282 -12.82 -50.83 -7.00
C PRO C 282 -11.74 -51.71 -7.64
N ASP C 283 -12.08 -52.84 -8.29
CA ASP C 283 -11.03 -53.71 -8.80
C ASP C 283 -11.17 -54.01 -10.29
N THR C 284 -12.31 -54.56 -10.70
CA THR C 284 -12.42 -55.12 -12.04
C THR C 284 -13.26 -54.26 -12.99
N LYS C 285 -14.18 -53.45 -12.47
CA LYS C 285 -14.98 -52.57 -13.30
C LYS C 285 -14.49 -51.14 -13.26
N SER C 286 -13.31 -50.90 -12.70
CA SER C 286 -12.67 -49.60 -12.75
C SER C 286 -12.18 -49.32 -14.17
N PHE C 287 -11.84 -48.06 -14.42
CA PHE C 287 -11.49 -47.66 -15.77
C PHE C 287 -10.15 -48.23 -16.23
N TYR C 288 -9.20 -48.41 -15.32
CA TYR C 288 -7.89 -48.93 -15.73
C TYR C 288 -7.99 -50.38 -16.20
N LYS C 289 -8.68 -51.21 -15.42
CA LYS C 289 -8.86 -52.61 -15.78
C LYS C 289 -9.89 -52.81 -16.89
N LEU C 290 -10.65 -51.79 -17.26
CA LEU C 290 -11.60 -51.88 -18.35
C LEU C 290 -11.09 -51.23 -19.63
N ILE C 291 -10.05 -50.39 -19.54
CA ILE C 291 -9.35 -49.88 -20.70
C ILE C 291 -8.13 -50.74 -21.01
N ASP C 292 -7.74 -51.61 -20.08
CA ASP C 292 -6.70 -52.59 -20.31
C ASP C 292 -7.29 -53.95 -20.67
N ARG C 293 -8.58 -53.98 -20.99
CA ARG C 293 -9.25 -55.17 -21.48
C ARG C 293 -10.04 -54.81 -22.73
N MET C 294 -10.01 -53.55 -23.15
CA MET C 294 -10.64 -53.10 -24.38
C MET C 294 -9.63 -52.75 -25.46
N ILE C 295 -8.46 -52.28 -25.07
CA ILE C 295 -7.43 -51.88 -26.03
C ILE C 295 -6.30 -52.89 -26.08
N LEU C 296 -5.71 -53.22 -24.93
CA LEU C 296 -4.53 -54.08 -24.88
C LEU C 296 -4.88 -55.51 -25.26
N LYS C 297 -5.91 -56.07 -24.63
CA LYS C 297 -6.36 -57.42 -24.89
C LYS C 297 -7.76 -57.31 -25.48
N ASN C 298 -7.84 -57.14 -26.81
CA ASN C 298 -9.08 -56.93 -27.54
C ASN C 298 -10.17 -57.94 -27.20
N GLU C 299 -11.29 -57.40 -26.72
CA GLU C 299 -12.36 -58.22 -26.16
C GLU C 299 -13.61 -57.37 -26.22
N ASP C 300 -14.65 -57.87 -26.90
CA ASP C 300 -15.88 -57.11 -27.06
C ASP C 300 -16.62 -56.99 -25.73
N LEU C 301 -16.62 -55.80 -25.19
CA LEU C 301 -17.15 -55.40 -23.90
C LEU C 301 -18.67 -55.36 -23.95
N PRO C 302 -19.32 -55.49 -22.80
CA PRO C 302 -20.73 -55.12 -22.70
C PRO C 302 -20.91 -53.63 -22.99
N ILE C 303 -22.09 -53.28 -23.51
CA ILE C 303 -22.38 -51.91 -23.92
C ILE C 303 -22.42 -50.97 -22.71
N GLU C 304 -22.73 -51.51 -21.54
CA GLU C 304 -22.70 -50.75 -20.29
C GLU C 304 -21.28 -50.30 -19.95
N ASP C 305 -20.33 -51.22 -20.08
CA ASP C 305 -18.92 -50.91 -19.82
C ASP C 305 -18.35 -49.97 -20.87
N LYS C 306 -18.80 -50.10 -22.13
CA LYS C 306 -18.42 -49.14 -23.17
C LYS C 306 -18.96 -47.75 -22.85
N HIS C 307 -20.18 -47.68 -22.32
CA HIS C 307 -20.75 -46.39 -21.89
C HIS C 307 -19.90 -45.76 -20.79
N TYR C 308 -19.45 -46.57 -19.82
CA TYR C 308 -18.64 -46.01 -18.72
C TYR C 308 -17.26 -45.57 -19.21
N VAL C 309 -16.62 -46.36 -20.08
CA VAL C 309 -15.33 -45.99 -20.65
C VAL C 309 -15.43 -44.72 -21.50
N MET C 310 -16.46 -44.61 -22.32
CA MET C 310 -16.64 -43.39 -23.10
C MET C 310 -17.02 -42.20 -22.24
N ALA C 311 -17.69 -42.40 -21.11
CA ALA C 311 -17.98 -41.28 -20.23
C ALA C 311 -16.74 -40.81 -19.49
N ILE C 312 -15.81 -41.73 -19.18
CA ILE C 312 -14.50 -41.33 -18.67
C ILE C 312 -13.73 -40.52 -19.71
N LEU C 313 -13.79 -40.93 -20.99
CA LEU C 313 -13.06 -40.20 -22.02
C LEU C 313 -13.69 -38.84 -22.32
N ILE C 314 -15.02 -38.71 -22.17
CA ILE C 314 -15.65 -37.40 -22.15
C ILE C 314 -15.25 -36.57 -20.93
N ARG C 315 -14.97 -37.21 -19.80
CA ARG C 315 -14.54 -36.46 -18.62
C ARG C 315 -13.08 -36.01 -18.74
N GLY C 316 -12.18 -36.94 -19.00
CA GLY C 316 -10.78 -36.63 -19.18
C GLY C 316 -9.93 -37.08 -18.01
N GLY C 317 -8.62 -37.01 -18.20
CA GLY C 317 -7.71 -37.31 -17.12
C GLY C 317 -6.36 -37.76 -17.62
N MET C 318 -5.45 -37.90 -16.67
CA MET C 318 -4.13 -38.47 -16.90
C MET C 318 -4.21 -39.97 -16.66
N PHE C 319 -4.34 -40.73 -17.74
CA PHE C 319 -4.35 -42.20 -17.63
C PHE C 319 -3.02 -42.71 -18.16
N SER C 320 -1.97 -42.55 -17.37
CA SER C 320 -0.62 -42.86 -17.81
C SER C 320 -0.04 -43.93 -16.90
N LYS C 321 0.73 -44.84 -17.49
CA LYS C 321 1.30 -45.96 -16.78
C LYS C 321 2.82 -45.81 -16.73
N LYS C 322 3.39 -46.16 -15.58
CA LYS C 322 4.84 -46.23 -15.42
C LYS C 322 5.32 -47.48 -16.14
N GLN C 323 5.59 -47.32 -17.44
CA GLN C 323 6.21 -48.40 -18.20
C GLN C 323 7.59 -48.73 -17.61
N GLU C 324 7.72 -49.93 -17.07
CA GLU C 324 8.95 -50.35 -16.41
C GLU C 324 8.99 -51.87 -16.32
N THR D 1 -22.91 -54.47 13.43
CA THR D 1 -22.30 -53.74 14.53
C THR D 1 -21.76 -52.39 14.05
N LEU D 2 -21.80 -51.40 14.93
CA LEU D 2 -21.27 -50.07 14.64
C LEU D 2 -20.42 -49.62 15.83
N LYS D 3 -19.13 -49.42 15.57
CA LYS D 3 -18.22 -48.79 16.52
C LYS D 3 -17.74 -47.49 15.90
N SER D 4 -17.87 -46.40 16.67
CA SER D 4 -17.41 -45.03 16.38
C SER D 4 -18.27 -44.36 15.32
N ARG D 5 -18.46 -43.04 15.47
CA ARG D 5 -19.19 -42.25 14.50
C ARG D 5 -18.36 -42.10 13.23
N PRO D 6 -19.00 -41.78 12.09
CA PRO D 6 -18.24 -41.57 10.86
C PRO D 6 -17.28 -40.38 10.94
N GLU D 7 -16.17 -40.47 10.23
CA GLU D 7 -15.10 -39.43 10.35
C GLU D 7 -15.58 -38.11 9.77
N ASN D 8 -16.38 -38.16 8.72
CA ASN D 8 -16.98 -36.92 8.20
C ASN D 8 -18.49 -37.05 8.36
N LEU D 9 -19.02 -36.60 9.50
CA LEU D 9 -20.45 -36.55 9.73
C LEU D 9 -20.90 -35.09 9.85
N SER D 10 -21.98 -34.76 9.16
CA SER D 10 -22.44 -33.36 9.13
C SER D 10 -23.92 -33.28 8.82
N PHE D 11 -24.64 -32.40 9.50
CA PHE D 11 -26.06 -32.15 9.28
C PHE D 11 -26.30 -30.68 8.93
N ALA D 12 -27.26 -30.45 8.04
CA ALA D 12 -27.70 -29.10 7.73
C ALA D 12 -28.82 -28.69 8.67
N ARG D 13 -29.17 -27.42 8.63
CA ARG D 13 -30.23 -26.89 9.47
C ARG D 13 -31.58 -27.12 8.79
N CYS D 14 -32.58 -27.50 9.58
CA CYS D 14 -33.91 -27.75 9.07
C CYS D 14 -34.84 -26.57 9.31
N LEU D 15 -34.35 -25.50 9.92
CA LEU D 15 -35.14 -24.31 10.19
C LEU D 15 -34.32 -23.12 9.69
N ASN D 16 -34.44 -22.84 8.39
CA ASN D 16 -33.65 -21.78 7.79
C ASN D 16 -34.36 -20.45 8.01
N THR D 17 -33.73 -19.55 8.75
CA THR D 17 -34.35 -18.31 9.16
C THR D 17 -33.66 -17.16 8.44
N THR D 18 -34.44 -16.20 7.99
CA THR D 18 -33.90 -15.06 7.26
C THR D 18 -33.28 -14.07 8.25
N GLU D 19 -32.73 -13.00 7.70
CA GLU D 19 -32.26 -11.89 8.51
C GLU D 19 -33.39 -10.88 8.64
N ALA D 20 -33.57 -10.37 9.85
CA ALA D 20 -34.68 -9.46 10.12
C ALA D 20 -34.39 -8.07 9.56
N LYS D 21 -35.44 -7.39 9.13
CA LYS D 21 -35.38 -5.99 8.73
C LYS D 21 -36.30 -5.19 9.65
N PHE D 22 -35.79 -4.09 10.17
CA PHE D 22 -36.52 -3.31 11.17
C PHE D 22 -37.19 -2.13 10.46
N TRP D 23 -38.50 -2.03 10.60
CA TRP D 23 -39.24 -0.91 10.06
C TRP D 23 -39.80 -0.08 11.22
N GLN D 24 -40.57 0.96 10.90
CA GLN D 24 -41.24 1.73 11.93
C GLN D 24 -42.59 2.18 11.41
N THR D 25 -43.62 2.04 12.25
CA THR D 25 -45.01 2.32 11.89
C THR D 25 -45.64 3.12 13.01
N ASP D 26 -46.94 3.36 12.89
CA ASP D 26 -47.81 3.68 14.01
C ASP D 26 -48.72 2.49 14.28
N PHE D 27 -49.10 2.29 15.55
CA PHE D 27 -49.95 1.15 15.89
C PHE D 27 -51.36 1.28 15.35
N LEU D 28 -51.88 2.49 15.26
CA LEU D 28 -53.19 2.67 14.64
C LEU D 28 -53.14 2.54 13.13
N LYS D 29 -51.96 2.67 12.52
CA LYS D 29 -51.80 2.59 11.07
C LYS D 29 -50.74 1.56 10.70
N ARG D 30 -50.82 0.36 11.27
CA ARG D 30 -49.81 -0.66 11.08
C ARG D 30 -50.08 -1.55 9.89
N HIS D 31 -51.18 -1.32 9.18
CA HIS D 31 -51.52 -2.11 8.00
C HIS D 31 -51.47 -1.27 6.72
N THR D 32 -51.07 0.00 6.81
CA THR D 32 -51.06 0.89 5.66
C THR D 32 -49.80 1.74 5.57
N PHE D 33 -48.87 1.64 6.50
CA PHE D 33 -47.84 2.66 6.67
C PHE D 33 -46.63 1.99 7.31
N LYS D 34 -45.50 1.99 6.61
CA LYS D 34 -44.22 1.61 7.21
C LYS D 34 -43.13 2.54 6.70
N LEU D 35 -42.17 2.84 7.57
CA LEU D 35 -41.05 3.72 7.29
C LEU D 35 -39.74 3.00 7.57
N PRO D 36 -38.65 3.37 6.90
CA PRO D 36 -37.37 2.73 7.19
C PRO D 36 -36.78 3.24 8.50
N LEU D 37 -36.26 2.31 9.29
CA LEU D 37 -35.49 2.62 10.48
C LEU D 37 -34.00 2.54 10.15
N LEU D 38 -33.26 3.52 10.64
CA LEU D 38 -31.87 3.68 10.22
C LEU D 38 -30.98 3.81 11.45
N ILE D 39 -29.75 3.39 11.30
CA ILE D 39 -28.77 3.42 12.37
C ILE D 39 -28.01 4.73 12.31
N THR D 40 -27.90 5.40 13.45
CA THR D 40 -27.19 6.67 13.57
C THR D 40 -25.81 6.41 14.16
N ASP D 41 -24.93 7.40 14.01
CA ASP D 41 -23.61 7.37 14.60
C ASP D 41 -23.61 8.26 15.83
N LYS D 42 -23.21 7.69 16.96
CA LYS D 42 -23.30 8.36 18.25
C LYS D 42 -21.95 8.26 18.94
N ALA D 43 -21.33 9.40 19.20
CA ALA D 43 -20.10 9.45 19.98
C ALA D 43 -20.38 10.08 21.33
N VAL D 44 -19.70 9.57 22.36
CA VAL D 44 -19.99 9.92 23.73
C VAL D 44 -18.72 10.38 24.42
N LEU D 45 -18.88 11.25 25.40
CA LEU D 45 -17.86 11.50 26.41
C LEU D 45 -18.21 10.65 27.62
N ALA D 46 -17.19 10.08 28.25
CA ALA D 46 -17.46 9.20 29.37
C ALA D 46 -16.66 9.63 30.59
N SER D 47 -16.65 8.77 31.60
CA SER D 47 -15.84 8.97 32.79
C SER D 47 -15.14 7.65 33.03
N LYS D 48 -13.85 7.71 33.34
CA LYS D 48 -13.08 6.49 33.48
C LYS D 48 -13.47 5.78 34.77
N GLY D 49 -14.49 4.93 34.66
CA GLY D 49 -14.96 4.12 35.77
C GLY D 49 -14.60 2.66 35.64
N HIS D 50 -13.81 2.29 34.63
CA HIS D 50 -13.28 0.94 34.55
C HIS D 50 -12.32 0.71 35.70
N GLU D 51 -12.37 -0.48 36.28
CA GLU D 51 -11.52 -0.76 37.43
C GLU D 51 -10.06 -0.85 37.01
N MET D 52 -9.23 0.01 37.57
CA MET D 52 -7.82 0.11 37.24
C MET D 52 -6.99 -0.27 38.46
N PRO D 53 -5.72 -0.63 38.26
CA PRO D 53 -4.78 -0.78 39.40
C PRO D 53 -4.63 0.50 40.19
N PRO D 54 -4.29 0.40 41.53
CA PRO D 54 -4.27 1.59 42.41
C PRO D 54 -3.35 2.73 42.02
N ASP D 55 -2.14 2.44 41.54
CA ASP D 55 -1.22 3.53 41.17
C ASP D 55 -1.67 4.24 39.90
N LYS D 56 -2.19 3.49 38.92
CA LYS D 56 -2.72 4.11 37.72
C LYS D 56 -4.03 4.84 37.99
N LEU D 57 -4.76 4.42 39.04
CA LEU D 57 -6.00 5.08 39.44
C LEU D 57 -5.76 6.51 39.89
N GLU D 58 -4.64 6.78 40.54
CA GLU D 58 -4.40 8.11 41.07
C GLU D 58 -4.12 9.12 39.96
N LYS D 59 -3.47 8.68 38.89
CA LYS D 59 -3.20 9.56 37.76
C LYS D 59 -4.32 9.59 36.74
N GLU D 60 -5.15 8.52 36.68
CA GLU D 60 -6.17 8.41 35.66
C GLU D 60 -7.50 8.07 36.33
N ILE D 61 -8.22 9.10 36.77
CA ILE D 61 -9.57 8.90 37.29
C ILE D 61 -10.51 10.03 36.91
N MET D 62 -10.03 11.26 36.72
CA MET D 62 -10.86 12.36 36.25
C MET D 62 -10.38 12.84 34.88
N ASP D 63 -9.82 11.97 34.14
CA ASP D 63 -9.56 12.34 32.77
C ASP D 63 -10.80 12.03 31.93
N PRO D 64 -11.07 12.82 30.90
CA PRO D 64 -12.18 12.51 30.00
C PRO D 64 -11.90 11.25 29.19
N ASN D 65 -12.99 10.56 28.85
CA ASN D 65 -12.90 9.28 28.15
C ASN D 65 -13.77 9.38 26.90
N PRO D 66 -13.23 9.89 25.80
CA PRO D 66 -14.00 9.92 24.55
C PRO D 66 -14.16 8.52 23.97
N GLN D 67 -15.39 8.21 23.53
CA GLN D 67 -15.66 6.89 22.99
C GLN D 67 -16.70 6.94 21.89
N LYS D 68 -16.54 6.07 20.90
CA LYS D 68 -17.44 5.95 19.78
C LYS D 68 -18.45 4.83 20.02
N SER D 69 -19.60 4.95 19.38
CA SER D 69 -20.68 3.97 19.51
C SER D 69 -21.60 4.11 18.30
N GLN D 70 -22.66 3.31 18.30
CA GLN D 70 -23.75 3.44 17.35
C GLN D 70 -25.04 3.04 18.04
N SER D 71 -26.14 3.68 17.63
CA SER D 71 -27.44 3.33 18.19
C SER D 71 -28.50 3.44 17.11
N CYS D 72 -29.70 3.00 17.48
CA CYS D 72 -30.85 3.03 16.60
C CYS D 72 -32.06 3.43 17.44
N THR D 73 -32.76 4.46 17.00
CA THR D 73 -33.90 4.97 17.76
C THR D 73 -35.07 5.19 16.81
N LEU D 74 -36.27 5.09 17.36
CA LEU D 74 -37.45 5.43 16.59
C LEU D 74 -37.54 6.93 16.40
N SER D 75 -38.34 7.34 15.42
CA SER D 75 -38.59 8.75 15.21
C SER D 75 -39.53 9.28 16.28
N THR D 76 -39.68 10.59 16.31
CA THR D 76 -40.55 11.24 17.28
C THR D 76 -42.02 11.21 16.82
N GLU D 77 -42.28 10.71 15.61
CA GLU D 77 -43.63 10.63 15.06
C GLU D 77 -44.05 9.17 14.85
N CYS D 78 -43.27 8.22 15.36
CA CYS D 78 -43.58 6.81 15.28
C CYS D 78 -43.36 6.18 16.65
N ASP D 79 -44.13 5.13 16.95
CA ASP D 79 -44.04 4.49 18.25
C ASP D 79 -43.84 2.98 18.19
N THR D 80 -43.73 2.38 17.02
CA THR D 80 -43.68 0.93 16.94
C THR D 80 -42.50 0.48 16.09
N LEU D 81 -42.04 -0.73 16.40
CA LEU D 81 -40.97 -1.39 15.68
C LEU D 81 -41.56 -2.60 14.95
N ARG D 82 -41.54 -2.56 13.63
CA ARG D 82 -42.07 -3.66 12.82
C ARG D 82 -40.89 -4.53 12.41
N ILE D 83 -40.89 -5.78 12.87
CA ILE D 83 -39.80 -6.72 12.64
C ILE D 83 -40.29 -7.77 11.65
N ASP D 84 -39.62 -7.88 10.52
CA ASP D 84 -40.03 -8.76 9.43
C ASP D 84 -38.95 -9.81 9.19
N PHE D 85 -39.34 -11.07 9.31
CA PHE D 85 -38.43 -12.22 9.05
C PHE D 85 -39.24 -13.34 8.41
N GLY D 86 -38.56 -14.36 7.90
CA GLY D 86 -39.21 -15.49 7.26
C GLY D 86 -38.39 -16.75 7.44
N ILE D 87 -39.08 -17.89 7.55
CA ILE D 87 -38.47 -19.16 7.93
C ILE D 87 -38.79 -20.21 6.86
N LYS D 88 -37.78 -21.00 6.48
CA LYS D 88 -37.97 -22.17 5.60
C LYS D 88 -37.79 -23.44 6.42
N VAL D 89 -38.87 -24.20 6.55
CA VAL D 89 -38.85 -25.51 7.21
C VAL D 89 -38.48 -26.57 6.18
N LEU D 90 -37.50 -27.41 6.52
CA LEU D 90 -37.00 -28.45 5.64
C LEU D 90 -37.08 -29.81 6.34
N PRO D 91 -37.21 -30.91 5.58
CA PRO D 91 -37.29 -32.24 6.20
C PRO D 91 -36.02 -32.64 6.92
N VAL D 92 -36.18 -33.53 7.90
CA VAL D 92 -35.07 -33.94 8.75
C VAL D 92 -34.32 -35.13 8.17
N LYS D 93 -35.02 -36.07 7.52
CA LYS D 93 -34.37 -37.21 6.88
C LYS D 93 -33.63 -36.83 5.61
N GLU D 94 -33.89 -35.66 5.03
CA GLU D 94 -33.15 -35.17 3.89
C GLU D 94 -32.13 -34.11 4.27
N SER D 95 -31.72 -34.08 5.54
CA SER D 95 -30.89 -33.01 6.07
C SER D 95 -29.55 -33.52 6.58
N MET D 96 -29.10 -34.68 6.06
CA MET D 96 -27.73 -35.15 6.37
C MET D 96 -26.92 -34.80 5.13
N TYR D 97 -25.85 -34.01 5.29
CA TYR D 97 -25.10 -33.50 4.16
C TYR D 97 -23.85 -34.32 3.86
N SER D 98 -23.31 -35.03 4.84
CA SER D 98 -22.08 -35.79 4.65
C SER D 98 -22.04 -36.91 5.67
N CYS D 99 -21.84 -38.13 5.20
CA CYS D 99 -21.66 -39.28 6.08
C CYS D 99 -20.76 -40.29 5.37
N SER D 100 -19.69 -40.70 6.04
CA SER D 100 -18.75 -41.66 5.46
C SER D 100 -19.03 -43.10 5.88
N ASP D 101 -20.29 -43.43 6.19
CA ASP D 101 -20.67 -44.79 6.56
C ASP D 101 -22.14 -44.98 6.26
N TYR D 102 -22.46 -45.80 5.25
CA TYR D 102 -23.85 -46.06 4.87
C TYR D 102 -24.63 -46.78 5.96
N ASN D 103 -23.96 -47.55 6.81
CA ASN D 103 -24.62 -48.20 7.94
C ASN D 103 -25.13 -47.17 8.95
N TYR D 104 -24.35 -46.12 9.18
CA TYR D 104 -24.77 -45.04 10.07
C TYR D 104 -25.91 -44.23 9.48
N ARG D 105 -25.92 -44.02 8.15
CA ARG D 105 -27.03 -43.35 7.50
C ARG D 105 -28.33 -44.17 7.62
N THR D 106 -28.21 -45.49 7.43
CA THR D 106 -29.37 -46.38 7.58
C THR D 106 -29.89 -46.38 9.02
N ALA D 107 -28.99 -46.41 10.00
CA ALA D 107 -29.39 -46.39 11.41
C ALA D 107 -30.02 -45.06 11.80
N ILE D 108 -29.47 -43.93 11.31
CA ILE D 108 -30.03 -42.62 11.59
C ILE D 108 -31.44 -42.51 11.01
N TYR D 109 -31.62 -42.97 9.75
CA TYR D 109 -32.93 -42.87 9.13
C TYR D 109 -33.94 -43.82 9.77
N GLN D 110 -33.46 -44.93 10.33
CA GLN D 110 -34.33 -45.82 11.09
C GLN D 110 -34.80 -45.16 12.37
N LYS D 111 -33.89 -44.54 13.14
CA LYS D 111 -34.30 -43.88 14.38
C LYS D 111 -35.19 -42.66 14.15
N ILE D 112 -34.94 -41.92 13.05
CA ILE D 112 -35.85 -40.82 12.69
C ILE D 112 -37.23 -41.34 12.35
N ASP D 113 -37.31 -42.46 11.60
CA ASP D 113 -38.61 -43.02 11.24
C ASP D 113 -39.34 -43.58 12.46
N GLU D 114 -38.60 -44.14 13.43
CA GLU D 114 -39.22 -44.54 14.69
C GLU D 114 -39.73 -43.35 15.48
N TYR D 115 -39.04 -42.20 15.40
CA TYR D 115 -39.55 -41.00 16.03
C TYR D 115 -40.84 -40.53 15.35
N ILE D 116 -40.90 -40.56 14.01
CA ILE D 116 -42.09 -40.14 13.26
C ILE D 116 -43.23 -41.13 13.53
N ALA D 117 -42.90 -42.36 13.91
CA ALA D 117 -43.92 -43.30 14.35
C ALA D 117 -44.42 -42.97 15.75
N GLU D 118 -43.54 -42.62 16.68
CA GLU D 118 -43.98 -42.24 18.02
C GLU D 118 -44.63 -40.87 18.04
N ASP D 119 -43.87 -39.84 17.66
CA ASP D 119 -44.35 -38.43 17.64
C ASP D 119 -44.03 -37.81 16.30
N GLY D 120 -45.05 -37.40 15.54
CA GLY D 120 -44.78 -36.90 14.20
C GLY D 120 -44.14 -35.53 14.11
N PHE D 121 -43.07 -35.32 14.89
CA PHE D 121 -42.40 -34.03 15.09
C PHE D 121 -43.37 -32.94 15.50
N LEU D 122 -44.29 -33.27 16.39
CA LEU D 122 -45.33 -32.34 16.81
C LEU D 122 -45.02 -31.58 18.08
N THR D 123 -44.40 -32.23 19.07
CA THR D 123 -44.06 -31.55 20.31
C THR D 123 -43.00 -30.49 20.08
N LEU D 124 -41.96 -30.83 19.31
CA LEU D 124 -40.91 -29.87 18.96
C LEU D 124 -41.47 -28.71 18.14
N ALA D 125 -42.37 -29.01 17.19
CA ALA D 125 -42.95 -27.95 16.36
C ALA D 125 -43.85 -27.02 17.15
N LYS D 126 -44.61 -27.56 18.11
CA LYS D 126 -45.41 -26.71 19.00
C LYS D 126 -44.51 -25.81 19.84
N ARG D 127 -43.38 -26.33 20.31
CA ARG D 127 -42.43 -25.50 21.04
C ARG D 127 -41.83 -24.40 20.15
N TYR D 128 -41.55 -24.70 18.88
CA TYR D 128 -41.03 -23.68 17.98
C TYR D 128 -42.07 -22.61 17.68
N VAL D 129 -43.33 -22.99 17.43
CA VAL D 129 -44.38 -22.01 17.16
C VAL D 129 -44.68 -21.20 18.43
N ASN D 130 -44.46 -21.79 19.61
CA ASN D 130 -44.53 -21.02 20.85
C ASN D 130 -43.44 -19.97 20.90
N ASN D 131 -42.22 -20.31 20.46
CA ASN D 131 -41.19 -19.27 20.41
C ASN D 131 -41.36 -18.29 19.25
N ILE D 132 -42.24 -18.58 18.28
CA ILE D 132 -42.71 -17.55 17.34
C ILE D 132 -43.91 -16.81 17.92
N ALA D 133 -44.47 -17.32 19.01
CA ALA D 133 -45.67 -16.76 19.62
C ALA D 133 -45.42 -16.15 20.98
N ASN D 134 -44.37 -16.56 21.71
CA ASN D 134 -43.94 -15.85 22.90
C ASN D 134 -43.21 -14.56 22.55
N ALA D 135 -42.77 -14.43 21.29
CA ALA D 135 -41.93 -13.36 20.77
C ALA D 135 -40.63 -13.25 21.58
N ARG D 136 -39.92 -14.36 21.65
CA ARG D 136 -38.60 -14.42 22.26
C ARG D 136 -37.52 -13.95 21.30
N PHE D 137 -37.87 -13.72 20.03
CA PHE D 137 -36.96 -13.09 19.08
C PHE D 137 -36.83 -11.59 19.28
N LEU D 138 -37.51 -11.02 20.26
CA LEU D 138 -37.25 -9.68 20.76
C LEU D 138 -36.44 -9.87 22.03
N TRP D 139 -35.12 -9.68 21.94
CA TRP D 139 -34.31 -9.94 23.11
C TRP D 139 -34.37 -8.77 24.09
N ARG D 140 -33.94 -7.58 23.67
CA ARG D 140 -34.05 -6.40 24.57
C ARG D 140 -35.17 -5.50 24.04
N ASN D 141 -35.81 -5.88 22.95
CA ASN D 141 -36.90 -5.11 22.37
C ASN D 141 -38.26 -5.56 22.90
N ARG D 142 -38.26 -6.47 23.87
CA ARG D 142 -39.46 -6.99 24.52
C ARG D 142 -39.64 -6.39 25.91
N LYS D 143 -38.54 -6.10 26.59
CA LYS D 143 -38.54 -5.34 27.82
C LYS D 143 -39.08 -3.94 27.59
N GLY D 144 -40.24 -3.63 28.18
CA GLY D 144 -40.78 -2.30 28.06
C GLY D 144 -41.55 -2.08 26.77
N ALA D 145 -42.55 -2.91 26.53
CA ALA D 145 -43.40 -2.78 25.36
C ALA D 145 -44.86 -2.80 25.80
N GLU D 146 -45.68 -1.98 25.14
CA GLU D 146 -47.10 -1.93 25.49
C GLU D 146 -47.88 -3.07 24.89
N ILE D 147 -47.88 -3.20 23.56
CA ILE D 147 -48.58 -4.27 22.87
C ILE D 147 -47.61 -4.92 21.91
N ILE D 148 -47.49 -6.24 21.97
CA ILE D 148 -46.69 -7.03 21.05
C ILE D 148 -47.64 -7.94 20.30
N GLU D 149 -47.84 -7.67 19.01
CA GLU D 149 -48.70 -8.49 18.16
C GLU D 149 -47.81 -9.14 17.11
N THR D 150 -47.87 -10.46 17.02
CA THR D 150 -47.07 -11.23 16.09
C THR D 150 -47.99 -12.01 15.15
N ILE D 151 -47.83 -11.81 13.85
CA ILE D 151 -48.68 -12.43 12.85
C ILE D 151 -47.83 -13.35 11.98
N VAL D 152 -48.33 -14.57 11.76
CA VAL D 152 -47.66 -15.57 10.93
C VAL D 152 -48.45 -15.75 9.65
N THR D 153 -47.77 -15.66 8.51
CA THR D 153 -48.40 -15.85 7.20
C THR D 153 -47.72 -17.03 6.51
N ILE D 154 -48.42 -18.14 6.39
CA ILE D 154 -48.00 -19.28 5.58
C ILE D 154 -48.94 -19.37 4.39
N GLU D 155 -48.36 -19.49 3.18
CA GLU D 155 -49.02 -19.42 1.88
C GLU D 155 -49.60 -18.01 1.73
N ASP D 156 -50.73 -17.87 1.04
CA ASP D 156 -51.39 -16.58 0.99
C ASP D 156 -52.21 -16.31 2.25
N LYS D 157 -52.57 -17.35 3.00
CA LYS D 157 -53.48 -17.19 4.12
C LYS D 157 -52.73 -16.65 5.34
N GLU D 158 -53.36 -15.70 6.03
CA GLU D 158 -52.73 -14.97 7.12
C GLU D 158 -53.42 -15.38 8.43
N TYR D 159 -52.65 -15.97 9.33
CA TYR D 159 -53.18 -16.55 10.56
C TYR D 159 -53.58 -15.45 11.55
N PRO D 160 -54.50 -15.76 12.47
CA PRO D 160 -54.86 -14.78 13.52
C PRO D 160 -53.68 -14.37 14.39
N SER D 161 -53.74 -13.14 14.87
CA SER D 161 -52.63 -12.51 15.57
C SER D 161 -52.46 -13.12 16.96
N PHE D 162 -51.33 -12.79 17.58
CA PHE D 162 -50.91 -13.33 18.86
C PHE D 162 -50.64 -12.18 19.82
N ASN D 163 -51.19 -12.25 21.02
CA ASN D 163 -50.88 -11.29 22.07
C ASN D 163 -49.74 -11.94 22.85
N SER D 164 -48.51 -11.58 22.48
CA SER D 164 -47.30 -12.27 22.97
C SER D 164 -47.06 -12.07 24.47
N LYS D 165 -47.60 -11.00 25.05
CA LYS D 165 -47.45 -10.78 26.49
C LYS D 165 -48.45 -11.58 27.32
N SER D 166 -49.34 -12.33 26.67
CA SER D 166 -50.18 -13.31 27.34
C SER D 166 -49.53 -14.68 27.38
N PHE D 167 -48.32 -14.81 26.82
CA PHE D 167 -47.54 -16.03 26.88
C PHE D 167 -46.34 -15.79 27.78
N ASN D 168 -46.15 -16.68 28.75
CA ASN D 168 -44.95 -16.65 29.58
C ASN D 168 -43.78 -17.21 28.78
N LEU D 169 -42.57 -16.78 29.15
CA LEU D 169 -41.35 -17.23 28.48
C LEU D 169 -40.81 -18.54 29.05
N ASP D 170 -41.48 -19.12 30.05
CA ASP D 170 -40.97 -20.30 30.74
C ASP D 170 -41.92 -21.49 30.72
N THR D 171 -43.09 -21.30 30.04
CA THR D 171 -44.13 -22.35 29.92
C THR D 171 -44.56 -22.46 28.47
N PHE D 172 -44.70 -23.72 27.97
CA PHE D 172 -45.07 -23.91 26.59
C PHE D 172 -46.53 -24.33 26.50
N VAL D 173 -47.29 -23.62 25.67
CA VAL D 173 -48.72 -23.83 25.55
C VAL D 173 -48.96 -24.85 24.45
N GLU D 174 -49.78 -25.86 24.74
CA GLU D 174 -50.12 -26.91 23.79
C GLU D 174 -51.62 -26.95 23.53
N ASP D 175 -52.31 -25.83 23.76
CA ASP D 175 -53.77 -25.78 23.67
C ASP D 175 -54.25 -24.75 22.65
N ASN D 176 -53.41 -23.77 22.33
CA ASN D 176 -53.77 -22.70 21.39
C ASN D 176 -53.96 -23.25 19.98
N ALA D 177 -55.12 -22.96 19.38
CA ALA D 177 -55.52 -23.60 18.13
C ALA D 177 -54.68 -23.12 16.94
N THR D 178 -54.36 -21.83 16.91
CA THR D 178 -53.55 -21.29 15.82
C THR D 178 -52.13 -21.84 15.87
N ILE D 179 -51.57 -21.96 17.08
CA ILE D 179 -50.28 -22.60 17.29
C ILE D 179 -50.33 -24.07 16.89
N ASN D 180 -51.43 -24.76 17.22
CA ASN D 180 -51.58 -26.16 16.88
C ASN D 180 -51.94 -26.39 15.42
N GLU D 181 -52.20 -25.34 14.65
CA GLU D 181 -52.37 -25.46 13.21
C GLU D 181 -51.11 -25.11 12.44
N ILE D 182 -50.32 -24.14 12.93
CA ILE D 182 -48.99 -23.90 12.36
C ILE D 182 -48.05 -25.07 12.65
N ALA D 183 -48.13 -25.64 13.84
CA ALA D 183 -47.19 -26.66 14.26
C ALA D 183 -47.45 -27.98 13.54
N GLN D 184 -48.70 -28.24 13.15
CA GLN D 184 -49.00 -29.44 12.36
C GLN D 184 -48.35 -29.37 10.97
N GLN D 185 -48.35 -28.18 10.36
CA GLN D 185 -47.70 -28.03 9.05
C GLN D 185 -46.19 -28.10 9.17
N ILE D 186 -45.62 -27.52 10.23
CA ILE D 186 -44.19 -27.68 10.49
C ILE D 186 -43.84 -29.14 10.78
N ALA D 187 -44.74 -29.85 11.46
CA ALA D 187 -44.56 -31.27 11.77
C ALA D 187 -44.55 -32.12 10.52
N ASP D 188 -45.52 -31.88 9.62
CA ASP D 188 -45.59 -32.62 8.37
C ASP D 188 -44.41 -32.29 7.46
N THR D 189 -43.89 -31.07 7.54
CA THR D 189 -42.67 -30.74 6.81
C THR D 189 -41.45 -31.43 7.41
N PHE D 190 -41.36 -31.48 8.74
CA PHE D 190 -40.26 -32.11 9.46
C PHE D 190 -40.27 -33.62 9.33
N ALA D 191 -41.41 -34.21 8.97
CA ALA D 191 -41.53 -35.65 8.87
C ALA D 191 -41.15 -36.11 7.47
N GLY D 192 -41.74 -35.51 6.45
CA GLY D 192 -41.45 -35.90 5.09
C GLY D 192 -42.67 -35.84 4.20
N LYS D 193 -43.84 -35.63 4.81
CA LYS D 193 -45.08 -35.52 4.07
C LYS D 193 -45.19 -34.25 3.25
N ARG D 194 -44.31 -33.25 3.56
CA ARG D 194 -44.27 -32.00 2.76
C ARG D 194 -42.79 -31.70 2.50
N GLU D 195 -42.47 -31.21 1.28
CA GLU D 195 -41.08 -30.96 0.92
C GLU D 195 -40.56 -29.64 1.51
N TYR D 196 -41.42 -28.65 1.69
CA TYR D 196 -40.96 -27.37 2.23
C TYR D 196 -42.12 -26.66 2.90
N LEU D 197 -41.78 -25.67 3.72
CA LEU D 197 -42.73 -24.73 4.29
C LEU D 197 -42.06 -23.37 4.43
N ASN D 198 -42.67 -22.34 3.88
CA ASN D 198 -42.14 -20.97 3.96
C ASN D 198 -43.05 -20.17 4.88
N ILE D 199 -42.55 -19.86 6.06
CA ILE D 199 -43.29 -19.17 7.10
C ILE D 199 -42.79 -17.75 7.22
N TYR D 200 -43.64 -16.78 6.93
CA TYR D 200 -43.29 -15.37 7.03
C TYR D 200 -43.94 -14.74 8.24
N VAL D 201 -43.14 -14.04 9.04
CA VAL D 201 -43.54 -13.56 10.36
C VAL D 201 -43.37 -12.05 10.41
N THR D 202 -44.38 -11.36 10.96
CA THR D 202 -44.33 -9.89 11.14
C THR D 202 -44.72 -9.57 12.58
N CYS D 203 -43.90 -8.82 13.30
CA CYS D 203 -44.10 -8.50 14.70
C CYS D 203 -44.23 -6.99 14.86
N PHE D 204 -45.32 -6.55 15.47
CA PHE D 204 -45.56 -5.13 15.74
C PHE D 204 -45.37 -4.88 17.23
N VAL D 205 -44.27 -4.22 17.59
CA VAL D 205 -43.88 -3.99 18.98
C VAL D 205 -44.02 -2.52 19.30
N LYS D 206 -44.99 -2.18 20.14
CA LYS D 206 -45.23 -0.80 20.55
C LYS D 206 -44.38 -0.52 21.79
N ILE D 207 -43.26 0.18 21.60
CA ILE D 207 -42.34 0.44 22.69
C ILE D 207 -42.44 1.88 23.14
N GLY D 208 -42.84 2.77 22.23
CA GLY D 208 -43.02 4.15 22.58
C GLY D 208 -42.44 5.10 21.55
N CYS D 209 -42.80 6.38 21.63
CA CYS D 209 -42.31 7.38 20.71
C CYS D 209 -40.89 7.76 21.09
N ALA D 210 -40.01 7.76 20.08
CA ALA D 210 -38.58 8.11 20.12
C ALA D 210 -37.75 7.18 20.97
N MET D 211 -38.26 6.00 21.35
CA MET D 211 -37.53 5.08 22.21
C MET D 211 -36.44 4.36 21.43
N GLU D 212 -35.67 3.55 22.13
CA GLU D 212 -34.46 2.97 21.57
C GLU D 212 -34.69 1.53 21.14
N VAL D 213 -34.41 1.27 19.86
CA VAL D 213 -34.51 -0.04 19.25
C VAL D 213 -33.13 -0.68 19.34
N TYR D 214 -33.05 -1.95 19.73
CA TYR D 214 -31.75 -2.58 19.92
C TYR D 214 -31.53 -3.64 18.85
N PRO D 215 -30.81 -3.34 17.78
CA PRO D 215 -30.52 -4.36 16.77
C PRO D 215 -29.35 -5.23 17.22
N SER D 216 -29.02 -6.21 16.38
CA SER D 216 -27.87 -7.05 16.65
C SER D 216 -26.58 -6.25 16.47
N GLN D 217 -25.56 -6.65 17.22
CA GLN D 217 -24.27 -5.98 17.21
C GLN D 217 -23.25 -6.85 16.50
N GLU D 218 -22.45 -6.24 15.64
CA GLU D 218 -21.45 -6.96 14.88
C GLU D 218 -20.27 -7.34 15.77
N MET D 219 -19.42 -8.24 15.26
CA MET D 219 -18.37 -8.80 16.09
C MET D 219 -17.24 -7.80 16.35
N THR D 220 -16.78 -7.09 15.31
CA THR D 220 -15.71 -6.10 15.35
C THR D 220 -14.46 -6.67 16.03
N PHE D 221 -13.79 -7.60 15.36
CA PHE D 221 -12.59 -8.27 15.88
C PHE D 221 -11.47 -7.34 16.33
N LYS D 226 -12.36 -1.75 18.29
CA LYS D 226 -12.86 -0.41 18.01
C LYS D 226 -14.21 -0.19 18.66
N GLY D 227 -15.07 0.58 17.98
CA GLY D 227 -16.34 0.98 18.54
C GLY D 227 -17.43 -0.06 18.36
N LYS D 228 -18.65 0.35 18.69
CA LYS D 228 -19.82 -0.52 18.63
C LYS D 228 -20.46 -0.35 17.25
N LYS D 229 -20.50 -1.44 16.48
CA LYS D 229 -21.11 -1.46 15.17
C LYS D 229 -22.36 -2.32 15.22
N LEU D 230 -23.49 -1.74 14.83
CA LEU D 230 -24.76 -2.43 14.81
C LEU D 230 -25.08 -2.89 13.38
N PHE D 231 -25.87 -3.94 13.29
CA PHE D 231 -26.07 -4.63 12.02
C PHE D 231 -27.05 -3.88 11.13
N LYS D 232 -26.67 -3.69 9.87
CA LYS D 232 -27.52 -3.06 8.86
C LYS D 232 -27.86 -4.08 7.79
N PHE D 233 -29.15 -4.36 7.64
CA PHE D 233 -29.65 -5.22 6.58
C PHE D 233 -30.36 -4.34 5.56
N GLU D 234 -29.79 -4.25 4.35
CA GLU D 234 -30.33 -3.50 3.21
C GLU D 234 -30.54 -2.03 3.53
N GLY D 235 -29.60 -1.46 4.28
CA GLY D 235 -29.69 -0.07 4.71
C GLY D 235 -30.41 0.09 6.04
N SER D 236 -31.50 -0.64 6.22
CA SER D 236 -32.25 -0.58 7.46
C SER D 236 -31.55 -1.40 8.54
N ALA D 237 -31.98 -1.21 9.77
CA ALA D 237 -31.45 -1.98 10.89
C ALA D 237 -32.08 -3.37 10.91
N GLY D 238 -31.41 -4.28 11.61
CA GLY D 238 -31.98 -5.62 11.75
C GLY D 238 -31.11 -6.48 12.64
N MET D 239 -31.62 -7.67 12.89
CA MET D 239 -30.91 -8.68 13.65
C MET D 239 -30.45 -9.81 12.74
N HIS D 240 -29.43 -10.53 13.20
CA HIS D 240 -28.90 -11.68 12.48
C HIS D 240 -29.86 -12.85 12.56
N SER D 241 -29.70 -13.78 11.60
CA SER D 241 -30.48 -15.01 11.62
C SER D 241 -30.13 -15.89 12.81
N GLN D 242 -28.77 -15.72 13.19
CA GLN D 242 -28.20 -16.51 14.30
C GLN D 242 -28.87 -16.13 15.63
N LYS D 243 -29.39 -14.91 15.74
CA LYS D 243 -30.00 -14.42 17.00
C LYS D 243 -31.46 -14.84 17.06
N ILE D 244 -32.14 -14.82 15.93
CA ILE D 244 -33.53 -15.28 15.84
C ILE D 244 -33.62 -16.78 16.03
N ASN D 245 -32.67 -17.54 15.47
CA ASN D 245 -32.67 -18.99 15.60
C ASN D 245 -32.36 -19.43 17.02
N ASN D 246 -31.44 -18.76 17.71
CA ASN D 246 -31.19 -19.04 19.12
C ASN D 246 -32.42 -18.73 19.97
N ALA D 247 -33.14 -17.67 19.63
CA ALA D 247 -34.39 -17.36 20.32
C ALA D 247 -35.44 -18.45 20.10
N LEU D 248 -35.54 -18.96 18.87
CA LEU D 248 -36.55 -19.97 18.59
C LEU D 248 -36.16 -21.37 19.05
N ARG D 249 -34.88 -21.63 19.31
CA ARG D 249 -34.43 -22.96 19.65
C ARG D 249 -34.46 -23.17 21.18
N THR D 250 -34.82 -22.11 21.93
CA THR D 250 -34.94 -22.20 23.39
C THR D 250 -36.21 -23.02 23.68
N ILE D 251 -36.03 -24.35 23.59
CA ILE D 251 -37.12 -25.31 23.75
C ILE D 251 -36.77 -26.40 24.75
N ASP D 252 -35.52 -26.45 25.23
CA ASP D 252 -35.04 -27.56 26.02
C ASP D 252 -35.49 -27.41 27.46
N THR D 253 -36.36 -28.31 27.90
CA THR D 253 -36.76 -28.44 29.29
C THR D 253 -36.50 -29.85 29.80
N TRP D 254 -35.51 -30.53 29.20
CA TRP D 254 -35.26 -31.94 29.48
C TRP D 254 -33.84 -32.17 30.00
N TYR D 255 -33.18 -31.14 30.54
CA TYR D 255 -31.79 -31.25 30.97
C TYR D 255 -31.76 -32.01 32.31
N PRO D 256 -30.57 -32.48 32.77
CA PRO D 256 -30.51 -33.25 34.04
C PRO D 256 -31.05 -32.56 35.29
N ASP D 257 -31.01 -31.24 35.33
CA ASP D 257 -31.46 -30.48 36.53
C ASP D 257 -32.50 -29.43 36.15
N TYR D 258 -33.70 -29.84 35.74
CA TYR D 258 -34.75 -28.89 35.38
C TYR D 258 -35.58 -28.49 36.59
N THR D 259 -35.69 -29.36 37.59
CA THR D 259 -36.42 -29.05 38.81
C THR D 259 -35.79 -27.88 39.56
N THR D 260 -34.45 -27.86 39.64
CA THR D 260 -33.75 -26.75 40.29
C THR D 260 -33.91 -25.45 39.52
N TYR D 261 -33.67 -25.48 38.21
CA TYR D 261 -33.78 -24.30 37.35
C TYR D 261 -34.92 -24.54 36.36
N GLU D 262 -36.11 -24.01 36.68
CA GLU D 262 -37.30 -24.25 35.87
C GLU D 262 -37.43 -23.17 34.79
N PHE D 263 -36.50 -23.20 33.84
CA PHE D 263 -36.58 -22.36 32.65
C PHE D 263 -36.11 -23.13 31.43
N PRO D 264 -36.61 -22.78 30.23
CA PRO D 264 -36.09 -23.41 29.01
C PRO D 264 -34.73 -22.85 28.63
N ILE D 265 -33.85 -23.72 28.21
CA ILE D 265 -32.53 -23.32 27.74
C ILE D 265 -32.48 -23.55 26.24
N PRO D 266 -31.58 -22.90 25.50
CA PRO D 266 -31.37 -23.27 24.10
C PRO D 266 -30.75 -24.66 23.96
N VAL D 267 -30.78 -25.15 22.73
CA VAL D 267 -30.34 -26.52 22.46
C VAL D 267 -28.93 -26.41 21.88
N GLU D 268 -27.93 -26.69 22.70
CA GLU D 268 -26.58 -26.92 22.21
C GLU D 268 -26.12 -28.33 22.54
N ASN D 269 -24.92 -28.66 22.07
CA ASN D 269 -24.35 -29.99 22.29
C ASN D 269 -24.08 -30.25 23.77
N TYR D 270 -23.56 -29.26 24.48
CA TYR D 270 -23.14 -29.45 25.86
C TYR D 270 -24.01 -28.68 26.85
N GLY D 271 -25.17 -28.19 26.41
CA GLY D 271 -26.09 -27.47 27.27
C GLY D 271 -25.55 -26.17 27.84
N ALA D 272 -24.97 -25.33 27.00
CA ALA D 272 -24.32 -24.10 27.45
C ALA D 272 -25.17 -22.91 26.99
N ALA D 273 -25.85 -22.27 27.94
CA ALA D 273 -26.61 -21.06 27.70
C ALA D 273 -25.78 -19.87 28.18
N ARG D 274 -25.47 -18.95 27.25
CA ARG D 274 -24.54 -17.87 27.56
C ARG D 274 -25.11 -16.89 28.59
N SER D 275 -26.41 -16.61 28.52
CA SER D 275 -27.09 -15.77 29.49
C SER D 275 -27.03 -16.32 30.91
N ILE D 276 -27.63 -17.48 31.15
CA ILE D 276 -27.52 -18.13 32.46
C ILE D 276 -26.29 -19.03 32.44
N GLY D 277 -25.18 -18.55 33.00
CA GLY D 277 -23.90 -19.24 32.86
C GLY D 277 -23.73 -20.50 33.67
N ILE D 278 -24.52 -21.52 33.37
CA ILE D 278 -24.39 -22.84 33.97
C ILE D 278 -24.34 -23.89 32.87
N PRO D 279 -23.31 -24.74 32.82
CA PRO D 279 -23.35 -25.88 31.90
C PRO D 279 -24.37 -26.94 32.32
N PHE D 280 -25.42 -27.11 31.53
CA PHE D 280 -26.56 -27.93 31.97
C PHE D 280 -26.45 -29.39 31.54
N ARG D 281 -26.05 -29.63 30.30
CA ARG D 281 -25.92 -31.01 29.78
C ARG D 281 -24.44 -31.29 29.56
N PRO D 282 -23.63 -31.59 30.59
CA PRO D 282 -22.19 -31.74 30.41
C PRO D 282 -21.55 -33.14 30.35
N ASP D 283 -22.14 -34.21 30.90
CA ASP D 283 -21.44 -35.49 30.89
C ASP D 283 -22.23 -36.61 30.21
N THR D 284 -23.38 -36.97 30.78
CA THR D 284 -24.11 -38.14 30.32
C THR D 284 -25.41 -37.81 29.60
N LYS D 285 -25.76 -36.54 29.49
CA LYS D 285 -26.93 -36.13 28.73
C LYS D 285 -26.56 -35.15 27.63
N SER D 286 -25.28 -35.10 27.27
CA SER D 286 -24.86 -34.34 26.09
C SER D 286 -25.29 -35.09 24.83
N PHE D 287 -25.22 -34.38 23.71
CA PHE D 287 -25.63 -34.99 22.45
C PHE D 287 -24.71 -36.12 22.02
N TYR D 288 -23.41 -36.00 22.32
CA TYR D 288 -22.46 -37.03 21.92
C TYR D 288 -22.70 -38.33 22.68
N LYS D 289 -22.88 -38.24 23.99
CA LYS D 289 -23.11 -39.42 24.82
C LYS D 289 -24.47 -40.06 24.58
N LEU D 290 -25.42 -39.31 24.03
CA LEU D 290 -26.73 -39.86 23.70
C LEU D 290 -26.79 -40.44 22.30
N ILE D 291 -26.08 -39.83 21.34
CA ILE D 291 -26.08 -40.33 19.97
C ILE D 291 -25.07 -41.47 19.84
N ASP D 292 -24.22 -41.68 20.85
CA ASP D 292 -23.43 -42.88 20.97
C ASP D 292 -24.07 -43.89 21.91
N ARG D 293 -25.32 -43.65 22.29
CA ARG D 293 -26.09 -44.58 23.10
C ARG D 293 -27.50 -44.73 22.54
N MET D 294 -27.73 -44.28 21.32
CA MET D 294 -29.01 -44.47 20.65
C MET D 294 -28.77 -45.23 19.36
N ILE D 295 -27.59 -45.05 18.78
CA ILE D 295 -27.28 -45.60 17.46
C ILE D 295 -26.05 -46.50 17.48
N LEU D 296 -25.12 -46.30 18.42
CA LEU D 296 -23.94 -47.15 18.54
C LEU D 296 -24.13 -48.28 19.54
N LYS D 297 -25.12 -48.22 20.41
CA LYS D 297 -25.37 -49.36 21.28
C LYS D 297 -26.85 -49.67 21.38
N ASN D 298 -27.60 -49.25 20.34
CA ASN D 298 -29.00 -49.48 19.98
C ASN D 298 -29.87 -49.56 21.24
N GLU D 299 -29.80 -48.56 22.11
CA GLU D 299 -30.54 -48.59 23.36
C GLU D 299 -31.76 -47.67 23.23
N ASP D 300 -32.88 -48.11 23.79
CA ASP D 300 -34.09 -47.32 23.80
C ASP D 300 -33.93 -46.19 24.79
N LEU D 301 -33.92 -44.96 24.28
CA LEU D 301 -33.78 -43.79 25.11
C LEU D 301 -35.17 -43.26 25.44
N PRO D 302 -35.33 -42.58 26.58
CA PRO D 302 -36.61 -41.92 26.88
C PRO D 302 -36.96 -40.86 25.84
N ILE D 303 -38.27 -40.59 25.73
CA ILE D 303 -38.78 -39.66 24.72
C ILE D 303 -38.25 -38.24 24.94
N GLU D 304 -37.95 -37.89 26.20
CA GLU D 304 -37.37 -36.59 26.51
C GLU D 304 -35.98 -36.43 25.90
N ASP D 305 -35.17 -37.50 25.97
CA ASP D 305 -33.85 -37.46 25.34
C ASP D 305 -33.93 -37.53 23.83
N LYS D 306 -34.95 -38.23 23.30
CA LYS D 306 -35.16 -38.28 21.86
C LYS D 306 -35.54 -36.91 21.31
N HIS D 307 -36.29 -36.14 22.09
CA HIS D 307 -36.65 -34.78 21.70
C HIS D 307 -35.41 -33.90 21.55
N TYR D 308 -34.45 -34.05 22.46
CA TYR D 308 -33.24 -33.25 22.42
C TYR D 308 -32.33 -33.68 21.27
N VAL D 309 -32.23 -34.99 21.03
CA VAL D 309 -31.41 -35.49 19.92
C VAL D 309 -31.98 -35.03 18.58
N MET D 310 -33.30 -35.08 18.42
CA MET D 310 -33.89 -34.55 17.20
C MET D 310 -33.84 -33.03 17.11
N ALA D 311 -33.84 -32.31 18.23
CA ALA D 311 -33.69 -30.85 18.16
C ALA D 311 -32.28 -30.46 17.74
N ILE D 312 -31.28 -31.23 18.18
CA ILE D 312 -29.92 -31.07 17.68
C ILE D 312 -29.84 -31.37 16.20
N LEU D 313 -30.60 -32.35 15.72
CA LEU D 313 -30.57 -32.65 14.29
C LEU D 313 -31.43 -31.71 13.45
N ILE D 314 -32.31 -30.93 14.07
CA ILE D 314 -32.97 -29.79 13.43
C ILE D 314 -32.06 -28.56 13.55
N ARG D 315 -30.99 -28.66 14.32
CA ARG D 315 -30.02 -27.57 14.35
C ARG D 315 -28.86 -27.90 13.40
N GLY D 316 -28.23 -29.05 13.56
CA GLY D 316 -27.20 -29.44 12.62
C GLY D 316 -25.82 -29.01 13.08
N GLY D 317 -24.82 -29.69 12.56
CA GLY D 317 -23.46 -29.33 12.86
C GLY D 317 -22.53 -30.47 12.51
N MET D 318 -21.24 -30.18 12.63
CA MET D 318 -20.22 -31.19 12.46
C MET D 318 -20.21 -32.09 13.70
N PHE D 319 -20.48 -33.37 13.50
CA PHE D 319 -20.52 -34.34 14.59
C PHE D 319 -19.51 -35.45 14.32
N SER D 320 -18.38 -35.07 13.74
CA SER D 320 -17.37 -36.02 13.29
C SER D 320 -16.48 -36.44 14.45
N LYS D 321 -15.86 -37.60 14.28
CA LYS D 321 -14.96 -38.16 15.28
C LYS D 321 -13.62 -38.44 14.61
N LYS D 322 -12.56 -38.39 15.41
CA LYS D 322 -11.20 -38.48 14.88
C LYS D 322 -10.88 -39.88 14.36
N GLN D 323 -11.40 -40.90 15.05
CA GLN D 323 -11.15 -42.33 14.78
C GLN D 323 -9.66 -42.68 14.81
N MET E 1 50.09 21.30 12.17
CA MET E 1 50.06 22.45 11.28
C MET E 1 48.63 22.97 11.12
N MET E 2 47.78 22.16 10.49
CA MET E 2 46.34 22.44 10.47
C MET E 2 45.56 21.13 10.33
N LYS E 3 45.08 20.62 11.45
CA LYS E 3 44.28 19.40 11.43
C LYS E 3 42.90 19.68 10.87
N GLY E 4 42.30 18.65 10.27
CA GLY E 4 41.00 18.81 9.68
C GLY E 4 40.46 17.47 9.23
N TYR E 5 39.25 17.51 8.68
CA TYR E 5 38.52 16.31 8.27
C TYR E 5 37.87 16.55 6.92
N ILE E 6 38.32 15.80 5.91
CA ILE E 6 37.74 15.85 4.57
C ILE E 6 36.92 14.59 4.33
N LEU E 7 35.70 14.79 3.84
CA LEU E 7 34.78 13.69 3.55
C LEU E 7 34.63 13.57 2.04
N LEU E 8 34.91 12.37 1.53
CA LEU E 8 34.74 12.06 0.11
C LEU E 8 33.41 11.32 -0.02
N GLU E 9 32.37 12.05 -0.38
CA GLU E 9 31.01 11.60 -0.15
C GLU E 9 30.48 10.79 -1.32
N LYS E 10 29.91 9.62 -1.00
CA LYS E 10 29.27 8.68 -1.91
C LYS E 10 30.11 8.33 -3.13
N VAL E 11 31.26 7.69 -2.89
CA VAL E 11 32.11 7.22 -3.97
C VAL E 11 31.58 5.85 -4.40
N ASN E 12 31.17 5.80 -5.73
CA ASN E 12 30.61 4.54 -6.28
C ASN E 12 31.73 3.71 -6.91
N ILE E 13 32.16 2.60 -6.20
CA ILE E 13 33.23 1.73 -6.67
C ILE E 13 32.61 0.59 -7.46
N GLU E 14 33.15 0.31 -8.64
CA GLU E 14 32.62 -0.73 -9.52
C GLU E 14 33.66 -1.82 -9.69
N ASN E 15 33.25 -3.06 -9.41
CA ASN E 15 34.06 -4.28 -9.52
C ASN E 15 35.35 -4.18 -8.72
N ALA E 16 35.19 -4.08 -7.40
CA ALA E 16 36.34 -4.13 -6.51
C ALA E 16 36.70 -5.58 -6.23
N ASN E 17 37.73 -5.76 -5.37
CA ASN E 17 38.06 -7.15 -4.98
C ASN E 17 37.16 -7.57 -3.84
N ALA E 18 37.02 -8.89 -3.65
CA ALA E 18 36.26 -9.35 -2.50
C ALA E 18 36.83 -10.62 -1.85
N PHE E 19 37.95 -11.14 -2.34
CA PHE E 19 38.49 -12.38 -1.82
C PHE E 19 39.77 -12.14 -1.03
N ASN E 20 39.74 -12.57 0.23
CA ASN E 20 40.86 -12.50 1.16
C ASN E 20 40.98 -13.85 1.87
N ASN E 21 41.18 -14.95 1.03
CA ASN E 21 41.48 -16.35 1.49
C ASN E 21 40.35 -17.12 2.19
N ILE E 22 39.51 -16.45 2.97
CA ILE E 22 38.42 -17.04 3.74
C ILE E 22 37.22 -16.11 3.79
N ILE E 23 37.26 -15.01 3.07
CA ILE E 23 36.24 -13.97 3.14
C ILE E 23 35.79 -13.65 1.72
N VAL E 24 34.48 -13.59 1.53
CA VAL E 24 33.89 -13.08 0.30
C VAL E 24 32.87 -12.03 0.69
N GLY E 25 33.21 -10.77 0.47
CA GLY E 25 32.38 -9.68 0.92
C GLY E 25 33.09 -8.34 0.85
N ILE E 26 33.08 -7.62 1.97
CA ILE E 26 33.78 -6.33 2.13
C ILE E 26 35.26 -6.54 1.86
N PRO E 27 35.93 -5.66 1.09
CA PRO E 27 37.38 -5.78 0.87
C PRO E 27 38.21 -5.62 2.15
N ALA E 28 39.53 -5.79 2.03
CA ALA E 28 40.39 -5.60 3.17
C ALA E 28 40.46 -4.13 3.54
N ILE E 29 40.82 -3.88 4.80
CA ILE E 29 40.92 -2.50 5.28
C ILE E 29 42.26 -1.91 4.83
N THR E 30 43.24 -2.77 4.55
CA THR E 30 44.50 -2.36 3.98
C THR E 30 44.31 -1.79 2.57
N SER E 31 43.27 -2.23 1.85
CA SER E 31 42.98 -1.70 0.53
C SER E 31 42.46 -0.26 0.60
N PHE E 32 41.57 0.03 1.57
CA PHE E 32 41.06 1.39 1.71
C PHE E 32 42.13 2.33 2.24
N LEU E 33 42.95 1.85 3.19
CA LEU E 33 44.09 2.64 3.63
C LEU E 33 45.16 2.78 2.53
N GLY E 34 45.19 1.85 1.58
CA GLY E 34 46.05 2.02 0.43
C GLY E 34 45.53 3.04 -0.54
N PHE E 35 44.20 3.14 -0.68
CA PHE E 35 43.60 4.26 -1.42
C PHE E 35 43.97 5.58 -0.75
N ALA E 36 43.96 5.61 0.58
CA ALA E 36 44.35 6.79 1.33
C ALA E 36 45.81 7.18 1.09
N ARG E 37 46.72 6.22 1.22
CA ARG E 37 48.14 6.52 1.01
C ARG E 37 48.46 6.78 -0.46
N ALA E 38 47.70 6.22 -1.40
CA ALA E 38 47.89 6.57 -2.81
C ALA E 38 47.43 8.00 -3.09
N LEU E 39 46.30 8.40 -2.50
CA LEU E 39 45.83 9.78 -2.58
C LEU E 39 46.84 10.73 -1.95
N GLU E 40 47.42 10.33 -0.81
CA GLU E 40 48.45 11.11 -0.15
C GLU E 40 49.68 11.27 -1.03
N ARG E 41 50.18 10.18 -1.63
CA ARG E 41 51.39 10.25 -2.43
C ARG E 41 51.18 10.96 -3.76
N LYS E 42 49.95 10.99 -4.27
CA LYS E 42 49.75 11.73 -5.51
C LYS E 42 49.50 13.22 -5.24
N LEU E 43 48.93 13.55 -4.07
CA LEU E 43 48.81 14.96 -3.70
C LEU E 43 50.17 15.55 -3.31
N ASN E 44 51.03 14.75 -2.69
CA ASN E 44 52.36 15.22 -2.23
C ASN E 44 53.30 15.32 -3.43
N ALA E 45 52.88 14.85 -4.59
CA ALA E 45 53.63 15.00 -5.83
C ALA E 45 53.14 16.15 -6.70
N LYS E 46 51.99 16.74 -6.40
CA LYS E 46 51.57 18.02 -6.94
C LYS E 46 51.97 19.19 -6.02
N GLU E 47 52.90 18.94 -5.09
CA GLU E 47 53.43 19.90 -4.11
C GLU E 47 52.33 20.40 -3.17
N ILE E 48 51.54 19.46 -2.66
CA ILE E 48 50.52 19.72 -1.64
C ILE E 48 50.76 18.74 -0.50
N ALA E 49 51.55 19.16 0.49
CA ALA E 49 51.91 18.27 1.59
C ALA E 49 50.72 18.05 2.52
N ILE E 50 50.18 16.84 2.50
CA ILE E 50 49.06 16.48 3.35
C ILE E 50 49.18 15.03 3.82
N ARG E 51 49.49 14.83 5.10
CA ARG E 51 49.70 13.50 5.64
C ARG E 51 48.38 12.95 6.19
N ILE E 52 47.83 11.95 5.51
CA ILE E 52 46.57 11.32 5.88
C ILE E 52 46.88 10.22 6.89
N ASN E 53 46.30 10.32 8.08
CA ASN E 53 46.65 9.41 9.17
C ASN E 53 45.45 8.71 9.79
N GLY E 54 44.25 8.84 9.22
CA GLY E 54 43.09 8.17 9.75
C GLY E 54 41.90 8.25 8.83
N VAL E 55 41.29 7.10 8.53
CA VAL E 55 40.26 6.98 7.50
C VAL E 55 39.00 6.41 8.11
N GLY E 56 37.86 7.03 7.83
CA GLY E 56 36.56 6.50 8.19
C GLY E 56 35.98 5.74 7.01
N LEU E 57 35.27 4.65 7.30
CA LEU E 57 34.75 3.76 6.27
C LEU E 57 33.25 3.61 6.46
N GLU E 58 32.49 4.43 5.75
CA GLU E 58 31.03 4.44 5.78
C GLU E 58 30.49 3.66 4.61
N PHE E 59 29.31 3.08 4.78
CA PHE E 59 28.72 2.17 3.80
C PHE E 59 27.28 2.56 3.55
N HIS E 60 26.93 2.79 2.28
CA HIS E 60 25.56 3.11 1.93
C HIS E 60 24.86 2.02 1.12
N GLU E 61 25.53 1.42 0.13
CA GLU E 61 24.91 0.34 -0.61
C GLU E 61 25.98 -0.60 -1.16
N TYR E 62 25.58 -1.84 -1.42
CA TYR E 62 26.50 -2.85 -1.91
C TYR E 62 25.76 -3.74 -2.90
N GLU E 63 26.54 -4.39 -3.77
CA GLU E 63 26.01 -5.46 -4.62
C GLU E 63 27.15 -6.41 -4.92
N LEU E 64 27.18 -7.55 -4.24
CA LEU E 64 28.10 -8.62 -4.60
C LEU E 64 27.75 -9.14 -5.97
N LYS E 65 28.75 -9.22 -6.85
CA LYS E 65 28.52 -9.56 -8.26
C LYS E 65 28.22 -11.04 -8.36
N GLY E 66 26.94 -11.36 -8.56
CA GLY E 66 26.47 -12.74 -8.63
C GLY E 66 24.96 -12.84 -8.54
N TYR E 67 24.46 -13.86 -7.86
CA TYR E 67 23.02 -14.01 -7.67
C TYR E 67 22.77 -14.70 -6.35
N LYS E 68 21.55 -14.57 -5.85
CA LYS E 68 21.11 -15.23 -4.62
C LYS E 68 20.24 -16.43 -4.99
N ASN E 69 20.68 -17.62 -4.59
CA ASN E 69 19.94 -18.84 -4.89
C ASN E 69 18.64 -18.92 -4.07
N LYS E 70 17.80 -19.89 -4.43
CA LYS E 70 16.51 -20.09 -3.78
C LYS E 70 16.67 -20.49 -2.31
N ARG E 71 17.76 -21.18 -1.98
CA ARG E 71 18.07 -21.54 -0.60
C ARG E 71 18.74 -20.41 0.19
N GLY E 72 18.75 -19.18 -0.33
CA GLY E 72 19.25 -18.05 0.40
C GLY E 72 20.76 -17.90 0.49
N GLN E 73 21.52 -18.70 -0.26
CA GLN E 73 22.97 -18.55 -0.28
C GLN E 73 23.39 -17.64 -1.42
N TYR E 74 24.69 -17.52 -1.63
CA TYR E 74 25.26 -16.65 -2.65
C TYR E 74 26.12 -17.44 -3.61
N VAL E 75 25.97 -17.16 -4.91
CA VAL E 75 26.82 -17.71 -5.95
C VAL E 75 27.56 -16.54 -6.58
N THR E 76 28.88 -16.59 -6.56
CA THR E 76 29.71 -15.47 -7.00
C THR E 76 30.14 -15.68 -8.45
N SER E 77 29.97 -14.64 -9.27
CA SER E 77 30.34 -14.70 -10.67
C SER E 77 31.78 -14.27 -10.86
N CYS E 78 32.27 -14.47 -12.09
CA CYS E 78 33.60 -14.05 -12.50
C CYS E 78 33.56 -13.66 -13.97
N PRO E 79 34.36 -12.69 -14.38
CA PRO E 79 34.53 -12.44 -15.82
C PRO E 79 35.26 -13.60 -16.47
N LEU E 80 35.01 -13.77 -17.77
CA LEU E 80 35.66 -14.82 -18.55
C LEU E 80 37.15 -14.55 -18.61
N PRO E 81 38.00 -15.47 -18.15
CA PRO E 81 39.44 -15.22 -18.15
C PRO E 81 40.01 -15.11 -19.56
N GLY E 82 40.92 -14.18 -19.73
CA GLY E 82 41.53 -13.91 -21.01
C GLY E 82 42.93 -14.47 -21.00
N SER E 83 43.82 -13.95 -21.85
CA SER E 83 45.19 -14.43 -21.88
C SER E 83 45.90 -14.13 -20.57
N ILE E 84 46.32 -15.19 -19.88
CA ILE E 84 47.00 -15.11 -18.60
C ILE E 84 48.42 -15.56 -18.85
N PRO E 85 49.44 -14.72 -18.53
CA PRO E 85 50.85 -15.07 -18.77
C PRO E 85 51.31 -16.36 -18.13
N GLY E 86 52.04 -17.17 -18.90
CA GLY E 86 52.48 -18.46 -18.41
C GLY E 86 52.82 -19.38 -19.57
N GLN E 87 52.85 -20.67 -19.27
CA GLN E 87 53.11 -21.67 -20.29
C GLN E 87 51.92 -21.78 -21.25
N ASN E 88 50.71 -21.84 -20.71
CA ASN E 88 49.49 -21.84 -21.52
C ASN E 88 49.00 -20.40 -21.64
N GLU E 89 49.62 -19.67 -22.55
CA GLU E 89 49.25 -18.30 -22.85
C GLU E 89 48.70 -18.17 -24.27
N LYS E 90 48.88 -19.21 -25.08
CA LYS E 90 48.42 -19.15 -26.49
C LYS E 90 47.15 -19.98 -26.66
N LYS E 91 46.67 -20.66 -25.61
CA LYS E 91 45.41 -21.38 -25.68
C LYS E 91 44.27 -20.38 -25.57
N LEU E 92 43.16 -20.71 -26.21
CA LEU E 92 42.03 -19.80 -26.30
C LEU E 92 41.13 -19.84 -25.08
N ASP E 93 41.29 -20.86 -24.23
CA ASP E 93 40.53 -20.99 -22.99
C ASP E 93 41.52 -21.03 -21.83
N ALA E 94 41.33 -20.14 -20.86
CA ALA E 94 42.26 -19.98 -19.76
C ALA E 94 41.67 -20.52 -18.47
N HIS E 95 42.56 -20.75 -17.51
CA HIS E 95 42.16 -21.34 -16.24
C HIS E 95 41.43 -20.31 -15.37
N ILE E 96 40.49 -20.80 -14.57
CA ILE E 96 39.67 -19.99 -13.69
C ILE E 96 40.16 -20.20 -12.26
N MET E 97 40.54 -19.11 -11.59
CA MET E 97 41.01 -19.16 -10.22
C MET E 97 39.96 -18.59 -9.29
N ASN E 98 40.27 -18.62 -7.99
CA ASN E 98 39.35 -18.12 -6.97
C ASN E 98 39.35 -16.60 -6.97
N GLN E 99 38.20 -16.00 -7.25
CA GLN E 99 38.09 -14.55 -7.34
C GLN E 99 36.64 -14.16 -7.08
N ALA E 100 36.45 -13.07 -6.36
CA ALA E 100 35.12 -12.52 -6.10
C ALA E 100 35.18 -11.01 -6.23
N TYR E 101 34.05 -10.42 -6.61
CA TYR E 101 34.00 -9.00 -6.92
C TYR E 101 32.74 -8.37 -6.34
N ILE E 102 32.88 -7.13 -5.88
CA ILE E 102 31.80 -6.39 -5.22
C ILE E 102 31.74 -4.99 -5.80
N ASP E 103 30.49 -4.41 -5.58
CA ASP E 103 30.17 -3.02 -6.02
C ASP E 103 29.78 -2.30 -4.74
N LEU E 104 30.41 -1.10 -4.49
CA LEU E 104 30.16 -0.42 -3.23
C LEU E 104 29.89 1.06 -3.46
N ASN E 105 29.06 1.64 -2.60
CA ASN E 105 28.93 3.07 -2.44
C ASN E 105 29.42 3.42 -1.04
N MET E 106 30.56 4.09 -0.97
CA MET E 106 31.17 4.36 0.33
C MET E 106 31.52 5.83 0.45
N SER E 107 31.62 6.29 1.69
CA SER E 107 32.05 7.64 2.01
C SER E 107 33.25 7.54 2.94
N PHE E 108 34.32 8.24 2.60
CA PHE E 108 35.57 8.17 3.33
C PHE E 108 35.80 9.49 4.04
N LEU E 109 35.84 9.45 5.36
CA LEU E 109 36.21 10.59 6.19
C LEU E 109 37.68 10.42 6.52
N LEU E 110 38.49 11.38 6.11
CA LEU E 110 39.93 11.31 6.26
C LEU E 110 40.38 12.29 7.33
N GLU E 111 41.38 11.88 8.10
CA GLU E 111 42.01 12.75 9.09
C GLU E 111 43.21 13.33 8.37
N VAL E 112 43.13 14.61 8.04
CA VAL E 112 44.13 15.26 7.20
C VAL E 112 44.86 16.31 8.03
N GLU E 113 46.18 16.19 8.08
CA GLU E 113 47.04 17.15 8.78
C GLU E 113 48.05 17.70 7.79
N GLY E 114 47.82 18.92 7.32
CA GLY E 114 48.72 19.60 6.44
C GLY E 114 48.90 21.05 6.86
N PRO E 115 49.90 21.75 6.25
CA PRO E 115 50.05 23.20 6.40
C PRO E 115 48.77 24.02 6.23
N HIS E 116 48.10 23.87 5.10
CA HIS E 116 46.80 24.47 4.87
C HIS E 116 45.82 23.37 4.47
N VAL E 117 44.69 23.31 5.17
CA VAL E 117 43.64 22.38 4.79
C VAL E 117 42.43 23.26 4.52
N ASP E 118 42.24 23.59 3.25
CA ASP E 118 41.20 24.47 2.74
C ASP E 118 40.40 23.76 1.65
N MET E 119 39.51 24.49 0.98
CA MET E 119 38.73 23.95 -0.12
C MET E 119 39.53 23.82 -1.41
N SER E 120 40.73 24.40 -1.49
CA SER E 120 41.59 24.15 -2.64
C SER E 120 42.15 22.73 -2.61
N THR E 121 42.43 22.22 -1.40
CA THR E 121 42.84 20.83 -1.22
C THR E 121 41.71 19.89 -1.63
N CYS E 122 40.46 20.28 -1.37
CA CYS E 122 39.29 19.51 -1.82
C CYS E 122 39.23 19.44 -3.34
N LYS E 123 39.51 20.55 -4.02
CA LYS E 123 39.59 20.55 -5.48
C LYS E 123 40.75 19.69 -5.98
N SER E 124 41.85 19.68 -5.24
CA SER E 124 42.99 18.81 -5.58
C SER E 124 42.63 17.33 -5.45
N ILE E 125 41.87 16.97 -4.42
CA ILE E 125 41.40 15.60 -4.26
C ILE E 125 40.42 15.23 -5.37
N LYS E 126 39.56 16.18 -5.74
CA LYS E 126 38.63 15.94 -6.87
C LYS E 126 39.45 15.69 -8.13
N SER E 127 40.53 16.42 -8.33
CA SER E 127 41.36 16.22 -9.51
C SER E 127 42.37 15.09 -9.30
N THR E 128 42.31 14.40 -8.16
CA THR E 128 43.20 13.28 -7.89
C THR E 128 42.43 11.97 -7.67
N MET E 129 41.12 12.04 -7.42
CA MET E 129 40.32 10.81 -7.21
C MET E 129 39.76 10.31 -8.55
N GLU E 130 40.25 10.83 -9.67
CA GLU E 130 39.82 10.35 -10.97
C GLU E 130 40.98 9.75 -11.75
N THR E 131 42.02 9.35 -11.02
CA THR E 131 43.10 8.54 -11.58
C THR E 131 43.51 7.43 -10.63
N LEU E 132 42.65 7.07 -9.67
CA LEU E 132 42.97 6.10 -8.65
C LEU E 132 41.87 5.05 -8.59
N ARG E 133 42.16 3.95 -7.90
CA ARG E 133 41.21 2.86 -7.73
C ARG E 133 41.08 2.51 -6.26
N ILE E 134 39.87 2.15 -5.86
CA ILE E 134 39.59 1.65 -4.52
C ILE E 134 39.49 0.14 -4.57
N ALA E 135 40.27 -0.52 -3.71
CA ALA E 135 40.60 -1.95 -3.79
C ALA E 135 41.22 -2.15 -5.17
N GLY E 136 40.56 -2.84 -6.11
CA GLY E 136 41.04 -2.85 -7.47
C GLY E 136 39.95 -2.42 -8.43
N GLY E 137 39.00 -1.62 -7.92
CA GLY E 137 37.83 -1.26 -8.71
C GLY E 137 37.79 0.19 -9.14
N ILE E 138 37.11 0.44 -10.25
CA ILE E 138 37.06 1.78 -10.84
C ILE E 138 36.03 2.62 -10.10
N ILE E 139 36.26 3.93 -10.10
CA ILE E 139 35.34 4.89 -9.49
C ILE E 139 34.45 5.41 -10.62
N ARG E 140 33.15 5.11 -10.54
CA ARG E 140 32.24 5.59 -11.58
C ARG E 140 31.91 7.07 -11.37
N ASN E 141 31.48 7.44 -10.16
CA ASN E 141 31.15 8.82 -9.86
C ASN E 141 31.23 9.04 -8.36
N TYR E 142 31.45 10.30 -7.98
CA TYR E 142 31.44 10.74 -6.58
C TYR E 142 30.52 11.94 -6.45
N LYS E 143 29.90 12.08 -5.28
CA LYS E 143 28.95 13.17 -5.08
C LYS E 143 29.66 14.50 -4.87
N LYS E 144 30.49 14.59 -3.83
CA LYS E 144 31.09 15.86 -3.43
C LYS E 144 32.28 15.59 -2.51
N ILE E 145 33.33 16.39 -2.64
CA ILE E 145 34.45 16.37 -1.70
C ILE E 145 34.30 17.63 -0.85
N ARG E 146 34.03 17.45 0.44
CA ARG E 146 33.77 18.57 1.33
C ARG E 146 34.52 18.43 2.64
N LEU E 147 34.70 19.57 3.32
CA LEU E 147 35.28 19.62 4.65
C LEU E 147 34.17 19.52 5.69
N ILE E 148 34.37 18.69 6.70
CA ILE E 148 33.39 18.57 7.77
C ILE E 148 34.03 19.10 9.06
N ASP E 149 33.16 19.51 9.99
CA ASP E 149 33.58 20.12 11.24
C ASP E 149 33.35 19.19 12.43
N THR E 150 32.14 18.65 12.58
CA THR E 150 31.79 17.78 13.68
C THR E 150 30.95 16.62 13.15
N LEU E 151 30.45 15.80 14.07
CA LEU E 151 29.59 14.69 13.68
C LEU E 151 28.14 15.11 13.46
N ALA E 152 27.93 16.09 12.59
CA ALA E 152 26.59 16.46 12.14
C ALA E 152 26.50 16.68 10.64
N ASP E 153 27.61 16.97 9.96
CA ASP E 153 27.61 17.20 8.52
C ASP E 153 27.78 15.87 7.78
N ILE E 154 28.23 14.84 8.49
CA ILE E 154 28.36 13.46 8.01
C ILE E 154 27.01 12.94 7.55
N PRO E 155 26.89 12.38 6.34
CA PRO E 155 25.60 11.87 5.87
C PRO E 155 25.22 10.58 6.57
N TYR E 156 24.00 10.13 6.30
CA TYR E 156 23.55 8.86 6.86
C TYR E 156 24.28 7.69 6.22
N GLY E 157 24.77 6.79 7.08
CA GLY E 157 25.45 5.60 6.62
C GLY E 157 25.98 4.84 7.81
N TYR E 158 26.38 3.60 7.55
CA TYR E 158 26.79 2.67 8.60
C TYR E 158 28.29 2.45 8.52
N PHE E 159 28.99 2.93 9.54
CA PHE E 159 30.45 2.86 9.57
C PHE E 159 30.90 1.43 9.87
N LEU E 160 32.22 1.24 9.85
CA LEU E 160 32.84 -0.02 10.22
C LEU E 160 33.88 0.24 11.29
N THR E 161 33.66 -0.32 12.47
CA THR E 161 34.55 -0.15 13.61
C THR E 161 35.05 -1.52 14.03
N LEU E 162 36.23 -1.56 14.62
CA LEU E 162 36.84 -2.83 14.98
C LEU E 162 36.27 -3.27 16.33
N ARG E 163 35.75 -4.48 16.37
CA ARG E 163 35.23 -5.08 17.59
C ARG E 163 36.08 -6.30 17.91
N GLN E 164 37.20 -6.07 18.58
CA GLN E 164 38.09 -7.15 18.99
C GLN E 164 37.74 -7.70 20.36
N ASP E 165 37.13 -6.86 21.22
CA ASP E 165 36.72 -7.30 22.55
C ASP E 165 35.58 -8.31 22.48
N ASN E 166 34.80 -8.31 21.41
CA ASN E 166 33.81 -9.35 21.16
C ASN E 166 34.42 -10.61 20.59
N LEU E 167 35.72 -10.61 20.31
CA LEU E 167 36.43 -11.76 19.76
C LEU E 167 37.41 -12.36 20.77
N ASN E 168 38.09 -11.52 21.55
CA ASN E 168 38.91 -12.02 22.66
C ASN E 168 38.06 -12.61 23.76
N ASP E 169 36.94 -11.97 24.07
CA ASP E 169 35.98 -12.50 25.05
C ASP E 169 34.93 -13.33 24.31
N ALA E 170 35.35 -14.53 23.93
CA ALA E 170 34.51 -15.48 23.24
C ALA E 170 34.70 -16.85 23.86
N ALA E 171 33.90 -17.81 23.39
CA ALA E 171 33.66 -19.13 23.97
C ALA E 171 34.91 -19.94 24.34
N GLY E 172 35.74 -20.27 23.38
CA GLY E 172 36.94 -21.01 23.71
C GLY E 172 37.56 -21.69 22.51
N ASP E 173 38.52 -22.51 22.86
CA ASP E 173 39.25 -23.34 21.89
C ASP E 173 40.34 -22.51 21.28
N ASP E 174 40.31 -22.40 20.01
CA ASP E 174 41.22 -21.63 19.16
C ASP E 174 40.45 -20.47 18.54
N MET E 175 41.22 -19.56 17.91
CA MET E 175 40.67 -18.27 17.49
C MET E 175 39.61 -18.42 16.40
N LEU E 176 39.71 -19.48 15.58
CA LEU E 176 38.65 -19.77 14.63
C LEU E 176 37.36 -20.18 15.33
N ASP E 177 37.46 -20.99 16.39
CA ASP E 177 36.27 -21.37 17.15
C ASP E 177 35.68 -20.18 17.89
N LYS E 178 36.54 -19.30 18.41
CA LYS E 178 36.07 -18.06 19.03
C LYS E 178 35.35 -17.17 18.03
N MET E 179 35.86 -17.16 16.80
CA MET E 179 35.24 -16.34 15.73
C MET E 179 33.88 -16.91 15.36
N ILE E 180 33.79 -18.22 15.16
CA ILE E 180 32.53 -18.84 14.77
C ILE E 180 31.49 -18.72 15.88
N HIS E 181 31.89 -18.92 17.15
CA HIS E 181 30.95 -18.73 18.26
C HIS E 181 30.52 -17.28 18.39
N ALA E 182 31.44 -16.33 18.20
CA ALA E 182 31.10 -14.92 18.30
C ALA E 182 30.16 -14.48 17.19
N LEU E 183 30.36 -15.00 15.97
CA LEU E 183 29.43 -14.69 14.89
C LEU E 183 28.08 -15.38 15.09
N GLN E 184 28.03 -16.50 15.80
CA GLN E 184 26.73 -17.06 16.17
C GLN E 184 26.00 -16.21 17.20
N GLN E 185 26.73 -15.66 18.18
CA GLN E 185 26.07 -14.85 19.20
C GLN E 185 25.58 -13.51 18.65
N GLU E 186 26.44 -12.77 17.97
CA GLU E 186 26.06 -11.48 17.40
C GLU E 186 25.97 -11.62 15.88
N ASP E 187 24.75 -11.53 15.35
CA ASP E 187 24.50 -11.71 13.92
C ASP E 187 24.70 -10.43 13.11
N THR E 188 24.99 -9.30 13.75
CA THR E 188 25.25 -8.06 13.05
C THR E 188 26.74 -7.73 13.05
N LEU E 189 27.57 -8.77 13.05
CA LEU E 189 29.02 -8.66 13.16
C LEU E 189 29.62 -9.41 11.99
N VAL E 190 30.68 -8.86 11.40
CA VAL E 190 31.24 -9.44 10.18
C VAL E 190 32.73 -9.75 10.37
N PRO E 191 33.26 -10.77 9.71
CA PRO E 191 34.72 -10.93 9.66
C PRO E 191 35.32 -9.89 8.72
N ILE E 192 36.48 -9.36 9.10
CA ILE E 192 37.15 -8.34 8.29
C ILE E 192 38.64 -8.65 8.23
N ALA E 193 39.23 -8.41 7.06
CA ALA E 193 40.67 -8.55 6.91
C ALA E 193 41.34 -7.24 7.34
N VAL E 194 42.33 -7.35 8.23
CA VAL E 194 42.79 -6.19 8.98
C VAL E 194 44.29 -5.99 8.85
N GLY E 195 44.96 -6.83 8.09
CA GLY E 195 46.38 -6.62 7.89
C GLY E 195 47.12 -7.93 7.76
N PHE E 196 48.40 -7.88 8.12
CA PHE E 196 49.32 -8.94 7.75
C PHE E 196 50.29 -9.22 8.89
N LYS E 197 50.71 -10.50 8.97
CA LYS E 197 51.74 -10.94 9.93
C LYS E 197 52.80 -11.66 9.11
N ALA E 198 54.06 -11.41 9.37
CA ALA E 198 55.16 -11.93 8.58
C ALA E 198 55.35 -13.42 8.80
N LEU E 199 55.83 -14.09 7.74
CA LEU E 199 56.14 -15.51 7.80
C LEU E 199 57.63 -15.76 7.62
N SER E 200 58.42 -14.69 7.52
CA SER E 200 59.86 -14.76 7.29
C SER E 200 60.47 -13.53 7.93
N GLU E 201 61.70 -13.20 7.55
CA GLU E 201 62.40 -12.04 8.05
C GLU E 201 62.67 -11.06 6.92
N VAL E 202 62.84 -9.79 7.31
CA VAL E 202 63.08 -8.70 6.37
C VAL E 202 64.37 -8.95 5.60
N GLY E 203 64.28 -8.92 4.28
CA GLY E 203 65.43 -9.21 3.44
C GLY E 203 65.12 -8.94 1.99
N HIS E 204 66.08 -9.29 1.14
CA HIS E 204 65.96 -9.10 -0.31
C HIS E 204 65.81 -10.49 -0.91
N VAL E 205 64.70 -10.72 -1.60
CA VAL E 205 64.48 -11.90 -2.41
C VAL E 205 64.45 -11.48 -3.88
N GLU E 206 64.49 -12.45 -4.77
CA GLU E 206 64.46 -12.17 -6.20
C GLU E 206 63.04 -12.26 -6.72
N GLY E 207 62.67 -11.28 -7.55
CA GLY E 207 61.33 -11.21 -8.12
C GLY E 207 60.47 -10.09 -7.59
N GLN E 208 61.02 -9.21 -6.76
CA GLN E 208 60.24 -8.15 -6.12
C GLN E 208 59.74 -7.13 -7.13
N ARG E 209 58.68 -6.41 -6.77
CA ARG E 209 58.12 -5.35 -7.63
C ARG E 209 59.08 -4.16 -7.59
N ASP E 210 59.65 -3.87 -6.43
CA ASP E 210 60.65 -2.79 -6.29
C ASP E 210 61.89 -3.43 -5.70
N PRO E 211 63.01 -3.49 -6.43
CA PRO E 211 64.18 -4.21 -5.97
C PRO E 211 64.97 -3.47 -4.89
N GLU E 212 64.51 -2.28 -4.48
CA GLU E 212 65.29 -1.49 -3.54
C GLU E 212 64.62 -1.31 -2.19
N LYS E 213 63.36 -1.71 -2.05
CA LYS E 213 62.69 -1.68 -0.75
C LYS E 213 62.69 -3.07 -0.14
N ASP E 214 62.78 -3.03 1.21
CA ASP E 214 62.80 -4.29 2.01
C ASP E 214 61.57 -5.12 1.69
N HIS E 215 61.66 -6.42 1.98
CA HIS E 215 60.57 -7.32 1.61
C HIS E 215 60.41 -8.39 2.69
N CYS E 216 59.13 -8.73 2.94
CA CYS E 216 58.80 -9.80 3.91
C CYS E 216 57.58 -10.57 3.43
N PHE E 217 57.63 -11.90 3.48
CA PHE E 217 56.47 -12.74 3.14
C PHE E 217 55.44 -12.65 4.26
N VAL E 218 54.15 -12.59 3.89
CA VAL E 218 53.09 -12.37 4.86
C VAL E 218 51.89 -13.28 4.61
N GLU E 219 51.18 -13.59 5.70
CA GLU E 219 49.83 -14.12 5.73
C GLU E 219 48.90 -12.96 6.08
N SER E 220 47.62 -13.08 5.73
CA SER E 220 46.62 -12.12 6.18
C SER E 220 46.03 -12.56 7.51
N ILE E 221 45.91 -11.61 8.43
CA ILE E 221 45.25 -11.80 9.71
C ILE E 221 43.87 -11.14 9.66
N PHE E 222 42.90 -11.73 10.35
CA PHE E 222 41.51 -11.33 10.22
C PHE E 222 40.90 -11.16 11.61
N SER E 223 39.87 -10.33 11.69
CA SER E 223 39.25 -10.02 12.98
C SER E 223 37.76 -9.77 12.75
N LEU E 224 37.12 -9.17 13.75
CA LEU E 224 35.69 -8.86 13.73
C LEU E 224 35.44 -7.37 13.72
N GLY E 225 34.37 -6.99 13.02
CA GLY E 225 33.91 -5.61 13.00
C GLY E 225 32.41 -5.59 12.86
N GLY E 226 31.84 -4.42 13.09
CA GLY E 226 30.40 -4.28 13.08
C GLY E 226 30.01 -2.91 12.58
N PHE E 227 28.71 -2.70 12.45
CA PHE E 227 28.18 -1.49 11.83
C PHE E 227 27.44 -0.63 12.85
N GLU E 228 27.77 0.66 12.85
CA GLU E 228 27.16 1.65 13.72
C GLU E 228 26.67 2.82 12.87
N CYS E 229 25.48 3.32 13.17
CA CYS E 229 24.91 4.44 12.42
C CYS E 229 25.70 5.72 12.65
N SER E 230 25.52 6.67 11.72
CA SER E 230 26.16 7.97 11.86
C SER E 230 25.59 8.77 13.01
N LYS E 231 24.28 8.61 13.30
CA LYS E 231 23.68 9.31 14.44
C LYS E 231 24.22 8.82 15.77
N ILE E 232 24.51 7.52 15.87
CA ILE E 232 24.78 6.91 17.18
C ILE E 232 26.28 6.69 17.39
N LEU E 233 27.09 7.49 16.69
CA LEU E 233 28.53 7.43 16.80
C LEU E 233 28.99 8.58 17.68
N GLU E 234 29.70 8.26 18.77
CA GLU E 234 29.89 9.23 19.85
C GLU E 234 30.83 10.39 19.57
N ASP E 235 32.12 10.08 19.69
CA ASP E 235 33.16 11.13 19.52
C ASP E 235 34.03 10.77 18.32
N ILE E 236 33.41 10.52 17.16
CA ILE E 236 34.20 10.11 15.97
C ILE E 236 35.43 9.40 16.49
N ASN E 237 36.60 9.72 15.97
CA ASN E 237 37.89 9.16 16.41
C ASN E 237 37.86 7.66 16.76
N SER E 238 36.69 7.04 16.69
CA SER E 238 36.48 5.60 16.85
C SER E 238 36.02 4.95 15.57
N CYS E 239 35.81 5.73 14.52
CA CYS E 239 35.58 5.18 13.18
C CYS E 239 36.78 5.38 12.28
N LEU E 240 37.91 5.83 12.83
CA LEU E 240 39.06 6.24 12.04
C LEU E 240 40.09 5.11 12.06
N TRP E 241 40.15 4.35 10.96
CA TRP E 241 41.13 3.28 10.83
C TRP E 241 42.49 3.88 10.56
N ARG E 242 43.50 3.38 11.27
CA ARG E 242 44.83 3.94 11.21
C ARG E 242 45.86 2.82 11.11
N TYR E 243 46.96 3.11 10.43
CA TYR E 243 48.08 2.18 10.36
C TYR E 243 48.73 2.01 11.71
N LYS E 244 49.27 0.82 11.96
CA LYS E 244 49.94 0.51 13.20
C LYS E 244 50.89 -0.65 12.95
N THR E 245 52.17 -0.46 13.25
CA THR E 245 53.17 -1.46 12.98
C THR E 245 53.83 -1.92 14.27
N GLU E 246 54.25 -3.19 14.28
CA GLU E 246 54.96 -3.81 15.38
C GLU E 246 56.10 -4.62 14.76
N GLU E 247 56.73 -5.50 15.54
CA GLU E 247 57.81 -6.34 15.02
C GLU E 247 57.17 -7.63 14.54
N GLY E 248 56.89 -7.70 13.24
CA GLY E 248 56.26 -8.85 12.63
C GLY E 248 54.78 -8.70 12.38
N LEU E 249 54.19 -7.56 12.72
CA LEU E 249 52.74 -7.36 12.62
C LEU E 249 52.48 -6.08 11.85
N TYR E 250 51.73 -6.18 10.76
CA TYR E 250 51.35 -5.05 9.92
C TYR E 250 49.85 -4.93 10.03
N LEU E 251 49.38 -4.12 10.98
CA LEU E 251 47.99 -4.17 11.42
C LEU E 251 47.31 -2.83 11.15
N CYS E 252 46.01 -2.90 10.83
CA CYS E 252 45.16 -1.73 10.74
C CYS E 252 44.21 -1.75 11.93
N THR E 253 44.28 -0.71 12.77
CA THR E 253 43.56 -0.69 14.03
C THR E 253 42.77 0.60 14.18
N ILE E 254 41.62 0.48 14.84
CA ILE E 254 40.90 1.63 15.38
C ILE E 254 41.30 1.69 16.84
N ILE E 255 42.03 2.73 17.20
CA ILE E 255 42.59 2.85 18.54
C ILE E 255 41.52 3.29 19.55
N GLY F 26 56.36 -46.97 -4.11
CA GLY F 26 55.97 -45.58 -4.22
C GLY F 26 56.09 -44.80 -2.93
N LEU F 27 55.48 -45.30 -1.85
CA LEU F 27 55.41 -44.51 -0.58
C LEU F 27 56.73 -44.52 0.22
N PHE F 28 57.76 -45.19 -0.26
CA PHE F 28 59.03 -45.12 0.44
C PHE F 28 60.13 -44.47 -0.39
N GLN F 29 59.86 -44.13 -1.66
CA GLN F 29 60.82 -43.45 -2.53
C GLN F 29 60.30 -42.11 -3.02
N SER F 30 59.14 -41.68 -2.55
CA SER F 30 58.55 -40.39 -2.91
C SER F 30 58.45 -39.43 -1.75
N ILE F 31 59.01 -39.75 -0.59
CA ILE F 31 58.89 -38.93 0.62
C ILE F 31 59.97 -37.85 0.61
N ASP F 32 60.85 -37.90 -0.38
CA ASP F 32 61.97 -36.99 -0.43
C ASP F 32 61.75 -35.82 -1.38
N LYS F 33 60.66 -35.82 -2.15
CA LYS F 33 60.35 -34.69 -3.01
C LYS F 33 58.99 -34.10 -2.69
N ASN F 34 58.34 -34.53 -1.61
CA ASN F 34 57.13 -33.93 -1.12
C ASN F 34 57.49 -33.04 0.05
N HIS F 35 57.04 -31.79 -0.01
CA HIS F 35 57.38 -30.79 1.00
C HIS F 35 56.17 -30.51 1.87
N LEU F 36 56.44 -29.92 3.04
CA LEU F 36 55.45 -29.72 4.08
C LEU F 36 55.18 -28.23 4.24
N ALA F 37 53.91 -27.85 4.28
CA ALA F 37 53.57 -26.43 4.25
C ALA F 37 52.28 -26.17 5.02
N THR F 38 52.18 -24.94 5.53
CA THR F 38 50.90 -24.34 5.88
C THR F 38 50.45 -23.35 4.84
N HIS F 39 51.34 -23.00 3.91
CA HIS F 39 51.18 -21.87 3.01
C HIS F 39 51.70 -22.33 1.65
N VAL F 40 50.90 -22.20 0.60
CA VAL F 40 51.36 -22.45 -0.76
C VAL F 40 51.16 -21.18 -1.58
N ALA F 41 52.06 -20.94 -2.53
CA ALA F 41 51.99 -19.77 -3.38
C ALA F 41 51.08 -19.99 -4.57
N LYS F 42 50.93 -21.22 -5.01
CA LYS F 42 50.12 -21.60 -6.16
C LYS F 42 48.62 -21.57 -5.88
N PHE F 43 48.11 -21.13 -4.72
CA PHE F 43 46.68 -21.11 -4.48
C PHE F 43 46.07 -19.75 -4.83
N THR F 44 46.88 -18.73 -5.04
CA THR F 44 46.38 -17.49 -5.63
C THR F 44 46.30 -17.65 -7.15
N GLU F 45 47.41 -18.05 -7.76
CA GLU F 45 47.47 -18.32 -9.19
C GLU F 45 48.29 -19.58 -9.38
N THR F 46 47.76 -20.53 -10.16
CA THR F 46 48.44 -21.81 -10.32
C THR F 46 49.55 -21.79 -11.35
N ASN F 47 49.97 -20.60 -11.79
CA ASN F 47 51.08 -20.45 -12.74
C ASN F 47 52.30 -19.82 -12.08
N SER F 48 52.44 -19.94 -10.76
CA SER F 48 53.56 -19.35 -10.04
C SER F 48 54.75 -20.31 -10.06
N PRO F 49 55.86 -19.94 -10.73
CA PRO F 49 56.97 -20.89 -10.89
C PRO F 49 57.66 -21.21 -9.58
N GLY F 50 58.19 -22.42 -9.49
CA GLY F 50 58.92 -22.83 -8.32
C GLY F 50 58.01 -23.41 -7.25
N ASN F 51 58.65 -23.95 -6.22
CA ASN F 51 57.95 -24.60 -5.12
C ASN F 51 57.99 -23.64 -3.93
N ILE F 52 57.12 -22.62 -3.97
CA ILE F 52 57.19 -21.51 -3.02
C ILE F 52 56.08 -21.62 -1.99
N GLY F 53 56.44 -21.50 -0.72
CA GLY F 53 55.47 -21.47 0.34
C GLY F 53 56.16 -21.44 1.68
N ALA F 54 55.39 -21.60 2.75
CA ALA F 54 55.92 -21.45 4.09
C ALA F 54 55.28 -22.46 5.03
N TYR F 55 55.91 -22.66 6.19
CA TYR F 55 55.48 -23.59 7.22
C TYR F 55 55.62 -22.89 8.57
N ASP F 56 54.54 -22.26 9.03
CA ASP F 56 54.55 -21.45 10.24
C ASP F 56 54.10 -22.31 11.40
N ILE F 57 54.99 -22.53 12.37
CA ILE F 57 54.73 -23.41 13.50
C ILE F 57 55.03 -22.75 14.85
N LEU F 58 54.96 -21.41 14.93
CA LEU F 58 55.50 -20.70 16.08
C LEU F 58 54.79 -20.95 17.42
N SER F 59 53.59 -20.41 17.60
CA SER F 59 52.87 -20.38 18.87
C SER F 59 51.51 -19.72 18.68
N SER F 60 50.56 -20.09 19.52
CA SER F 60 49.30 -19.36 19.62
C SER F 60 49.38 -18.31 20.72
N ASP F 61 49.00 -17.08 20.39
CA ASP F 61 48.95 -16.02 21.39
C ASP F 61 47.69 -16.12 22.24
N MET F 62 46.58 -16.55 21.60
CA MET F 62 45.26 -16.90 22.13
C MET F 62 44.44 -15.68 22.58
N ASN F 63 45.08 -14.54 22.84
CA ASN F 63 44.43 -13.25 23.10
C ASN F 63 45.24 -12.19 22.35
N CYS F 64 44.96 -12.02 21.06
CA CYS F 64 45.70 -11.03 20.29
C CYS F 64 44.75 -10.18 19.46
N GLY F 65 43.56 -10.70 19.20
CA GLY F 65 42.59 -9.98 18.41
C GLY F 65 42.57 -10.33 16.94
N TYR F 66 43.32 -11.34 16.52
CA TYR F 66 43.40 -11.69 15.11
C TYR F 66 43.50 -13.20 14.95
N LEU F 67 43.14 -13.66 13.75
CA LEU F 67 43.20 -15.12 13.42
C LEU F 67 44.36 -15.35 12.45
N ASP F 68 45.41 -16.02 12.91
CA ASP F 68 46.55 -16.33 12.05
C ASP F 68 46.56 -17.83 11.81
N THR F 69 47.54 -18.39 11.10
CA THR F 69 47.57 -19.84 10.97
C THR F 69 48.16 -20.50 12.19
N ALA F 70 48.78 -19.75 13.09
CA ALA F 70 49.28 -20.28 14.34
C ALA F 70 48.31 -20.04 15.49
N ASN F 71 47.16 -19.42 15.21
CA ASN F 71 46.15 -19.12 16.22
C ASN F 71 44.88 -19.92 16.04
N ALA F 72 44.68 -20.55 14.88
CA ALA F 72 43.59 -21.50 14.69
C ALA F 72 44.14 -22.91 14.78
N GLY F 73 43.25 -23.85 15.04
CA GLY F 73 43.66 -25.23 15.24
C GLY F 73 43.88 -25.99 13.96
N TRP F 74 44.99 -25.72 13.26
CA TRP F 74 45.33 -26.44 12.03
C TRP F 74 45.74 -27.86 12.41
N LYS F 75 44.72 -28.73 12.45
CA LYS F 75 44.91 -30.10 12.90
C LYS F 75 45.73 -30.91 11.91
N GLU F 76 45.43 -30.77 10.63
CA GLU F 76 46.10 -31.54 9.60
C GLU F 76 46.97 -30.63 8.76
N PRO F 77 48.26 -30.91 8.63
CA PRO F 77 49.12 -30.10 7.76
C PRO F 77 48.86 -30.32 6.28
N ASP F 78 49.57 -29.58 5.44
CA ASP F 78 49.41 -29.67 3.99
C ASP F 78 50.72 -30.16 3.39
N ILE F 79 50.63 -31.23 2.60
CA ILE F 79 51.78 -31.79 1.90
C ILE F 79 51.68 -31.37 0.44
N VAL F 80 52.65 -30.60 -0.03
CA VAL F 80 52.62 -29.99 -1.35
C VAL F 80 53.66 -30.68 -2.22
N THR F 81 53.23 -31.12 -3.40
CA THR F 81 54.10 -31.83 -4.34
C THR F 81 54.38 -30.95 -5.54
N ASN F 82 55.29 -31.42 -6.40
CA ASN F 82 55.55 -30.78 -7.68
C ASN F 82 55.17 -31.72 -8.82
N ASP F 83 55.69 -32.94 -8.85
CA ASP F 83 55.37 -33.89 -9.92
C ASP F 83 54.29 -34.86 -9.48
N ALA F 84 53.46 -35.28 -10.45
CA ALA F 84 52.36 -36.19 -10.16
C ALA F 84 52.82 -37.58 -9.74
N LYS F 85 54.01 -37.99 -10.18
CA LYS F 85 54.63 -39.27 -9.79
C LYS F 85 54.79 -39.40 -8.28
N TYR F 86 55.39 -38.41 -7.61
CA TYR F 86 55.59 -38.45 -6.18
C TYR F 86 54.37 -37.93 -5.42
N LYS F 87 53.20 -38.49 -5.68
CA LYS F 87 51.97 -38.12 -5.00
C LYS F 87 51.50 -39.19 -4.01
N ARG F 88 52.32 -40.20 -3.77
CA ARG F 88 51.99 -41.25 -2.81
C ARG F 88 51.83 -40.78 -1.35
N PRO F 89 52.67 -39.89 -0.79
CA PRO F 89 52.33 -39.37 0.56
C PRO F 89 51.03 -38.61 0.63
N GLN F 90 50.62 -37.94 -0.44
CA GLN F 90 49.31 -37.28 -0.43
C GLN F 90 48.15 -38.25 -0.60
N GLY F 91 48.41 -39.52 -0.90
CA GLY F 91 47.36 -40.50 -0.89
C GLY F 91 47.33 -41.23 0.44
N PHE F 92 48.51 -41.65 0.88
CA PHE F 92 48.63 -42.30 2.22
C PHE F 92 48.67 -41.17 3.23
N VAL F 93 47.55 -40.94 3.92
CA VAL F 93 47.40 -39.83 4.89
C VAL F 93 45.99 -39.37 4.61
N ALA F 94 45.41 -39.93 3.54
CA ALA F 94 44.04 -39.60 3.17
C ALA F 94 43.12 -40.82 3.19
N MET F 95 43.58 -41.96 3.71
CA MET F 95 42.78 -43.17 3.81
C MET F 95 42.26 -43.30 5.23
N GLU F 96 40.93 -43.26 5.38
CA GLU F 96 40.30 -43.26 6.70
C GLU F 96 40.51 -44.58 7.42
N MET F 97 40.58 -44.50 8.75
CA MET F 97 40.78 -45.67 9.59
C MET F 97 39.95 -45.57 10.87
N THR F 102 42.21 -42.03 9.58
CA THR F 102 43.30 -41.45 8.81
C THR F 102 44.65 -41.95 9.33
N VAL F 103 45.61 -42.00 8.40
CA VAL F 103 47.00 -42.34 8.80
C VAL F 103 47.50 -41.11 9.55
N MET F 104 46.66 -40.08 9.65
CA MET F 104 47.03 -38.88 10.44
C MET F 104 47.13 -39.32 11.90
N GLU F 105 46.74 -40.56 12.17
CA GLU F 105 46.91 -41.10 13.54
C GLU F 105 48.40 -41.03 13.90
N HIS F 106 49.24 -40.86 12.90
CA HIS F 106 50.69 -40.79 13.13
C HIS F 106 51.02 -39.47 13.85
N LEU F 107 50.66 -39.43 15.14
CA LEU F 107 50.71 -38.25 16.00
C LEU F 107 52.12 -37.67 16.13
N SER F 111 45.56 -49.05 14.75
CA SER F 111 46.56 -48.19 15.38
C SER F 111 47.92 -48.34 14.72
N ALA F 112 48.54 -49.51 14.90
CA ALA F 112 49.90 -49.77 14.46
C ALA F 112 49.96 -51.04 13.62
N GLU F 113 49.08 -51.15 12.63
CA GLU F 113 49.19 -52.21 11.65
C GLU F 113 50.42 -51.97 10.77
N LEU F 114 51.25 -53.00 10.62
CA LEU F 114 52.56 -52.87 10.01
C LEU F 114 52.80 -53.91 8.93
N ARG F 115 53.80 -53.63 8.09
CA ARG F 115 54.43 -54.56 7.15
C ARG F 115 53.48 -55.14 6.12
N HIS F 116 52.90 -54.28 5.29
CA HIS F 116 52.18 -54.72 4.09
C HIS F 116 52.85 -54.13 2.85
N TYR F 125 57.76 -51.57 2.38
CA TYR F 125 57.83 -50.14 2.64
C TYR F 125 58.35 -49.92 4.06
N ASP F 126 59.62 -49.52 4.18
CA ASP F 126 60.27 -49.36 5.47
C ASP F 126 60.68 -47.92 5.75
N GLU F 127 61.18 -47.21 4.72
CA GLU F 127 61.48 -45.78 4.74
C GLU F 127 60.33 -44.92 5.24
N ILE F 128 59.09 -45.33 4.95
CA ILE F 128 57.87 -44.64 5.34
C ILE F 128 57.59 -44.64 6.85
N ARG F 129 58.45 -45.28 7.66
CA ARG F 129 58.25 -45.38 9.10
C ARG F 129 58.41 -44.03 9.78
N ASP F 130 57.31 -43.28 9.83
CA ASP F 130 57.24 -41.90 10.33
C ASP F 130 58.32 -41.01 9.71
N GLY F 131 58.42 -41.09 8.40
CA GLY F 131 59.23 -40.16 7.63
C GLY F 131 58.34 -39.11 7.02
N ILE F 132 57.13 -39.00 7.56
CA ILE F 132 56.12 -38.07 7.06
C ILE F 132 56.06 -36.96 8.12
N LEU F 133 57.07 -36.93 8.99
CA LEU F 133 57.15 -35.91 10.03
C LEU F 133 58.50 -35.21 10.08
N ASN F 134 59.49 -35.65 9.30
CA ASN F 134 60.73 -34.91 9.10
C ASN F 134 60.94 -34.62 7.62
N MET F 135 59.84 -34.36 6.91
CA MET F 135 59.87 -33.93 5.52
C MET F 135 60.49 -32.54 5.43
N PRO F 136 61.07 -32.19 4.27
CA PRO F 136 61.55 -30.81 4.10
C PRO F 136 60.41 -29.81 4.11
N SER F 137 60.65 -28.69 4.76
CA SER F 137 59.65 -27.65 4.94
C SER F 137 59.72 -26.71 3.75
N MET F 138 58.55 -26.39 3.20
CA MET F 138 58.45 -25.37 2.16
C MET F 138 59.01 -24.04 2.65
N GLN F 139 60.11 -23.62 2.04
CA GLN F 139 60.75 -22.39 2.49
C GLN F 139 60.60 -21.31 1.44
N PRO F 140 60.28 -20.08 1.83
CA PRO F 140 60.17 -19.00 0.85
C PRO F 140 61.55 -18.55 0.42
N TYR F 141 61.80 -18.57 -0.89
CA TYR F 141 63.14 -18.31 -1.39
C TYR F 141 63.16 -17.30 -2.52
N ARG F 142 61.99 -16.88 -3.02
CA ARG F 142 61.87 -15.93 -4.12
C ARG F 142 60.43 -15.47 -4.26
N THR F 143 60.21 -14.56 -5.22
CA THR F 143 58.88 -14.06 -5.54
C THR F 143 58.73 -14.02 -7.03
N ASN F 144 57.49 -13.81 -7.47
CA ASN F 144 57.20 -13.73 -8.89
C ASN F 144 55.98 -12.83 -9.08
N GLN F 145 55.68 -12.55 -10.34
CA GLN F 145 54.57 -11.70 -10.73
C GLN F 145 53.19 -12.23 -10.36
N PHE F 146 53.08 -13.50 -9.99
CA PHE F 146 51.81 -14.12 -9.73
C PHE F 146 51.47 -14.15 -8.24
N ILE F 147 52.49 -14.14 -7.38
CA ILE F 147 52.32 -13.91 -5.96
C ILE F 147 51.93 -12.45 -5.79
N LYS F 148 50.87 -12.19 -5.01
CA LYS F 148 50.40 -10.82 -4.84
C LYS F 148 51.35 -10.03 -3.94
N GLN F 149 51.99 -9.00 -4.49
CA GLN F 149 52.94 -8.17 -3.77
C GLN F 149 52.38 -6.77 -3.62
N VAL F 150 52.31 -6.29 -2.37
CA VAL F 150 51.79 -4.98 -2.04
C VAL F 150 52.77 -4.27 -1.11
N PHE F 151 52.60 -2.95 -1.02
CA PHE F 151 53.42 -2.09 -0.19
C PHE F 151 52.71 -1.87 1.14
N PHE F 152 53.49 -1.69 2.22
CA PHE F 152 52.84 -1.36 3.49
C PHE F 152 53.65 -0.29 4.21
N PRO F 153 52.98 0.69 4.84
CA PRO F 153 53.70 1.76 5.53
C PRO F 153 54.38 1.27 6.80
N VAL F 154 55.71 1.38 6.84
CA VAL F 154 56.46 1.12 8.08
C VAL F 154 57.34 2.31 8.41
N GLY F 155 56.81 3.27 9.16
CA GLY F 155 57.59 4.32 9.79
C GLY F 155 58.23 5.32 8.85
N GLY F 156 57.45 5.90 7.94
CA GLY F 156 57.98 6.81 6.95
C GLY F 156 58.61 6.16 5.73
N SER F 157 58.88 4.87 5.79
CA SER F 157 59.37 4.10 4.64
C SER F 157 58.32 3.05 4.31
N TYR F 158 58.64 2.15 3.38
CA TYR F 158 57.65 1.16 2.97
C TYR F 158 58.32 -0.20 2.92
N HIS F 159 57.51 -1.23 3.14
CA HIS F 159 57.94 -2.61 3.09
C HIS F 159 57.07 -3.33 2.07
N LEU F 160 57.70 -3.99 1.11
CA LEU F 160 56.96 -4.75 0.12
C LEU F 160 56.53 -6.07 0.73
N LEU F 161 55.24 -6.37 0.63
CA LEU F 161 54.69 -7.58 1.24
C LEU F 161 54.11 -8.46 0.15
N SER F 162 54.75 -9.61 -0.06
CA SER F 162 54.26 -10.62 -1.00
C SER F 162 53.43 -11.63 -0.23
N ILE F 163 52.13 -11.62 -0.48
CA ILE F 163 51.17 -12.35 0.36
C ILE F 163 51.10 -13.79 -0.12
N LEU F 164 51.37 -14.72 0.79
CA LEU F 164 51.19 -16.14 0.55
C LEU F 164 49.89 -16.61 1.19
N PRO F 165 48.96 -17.21 0.45
CA PRO F 165 47.73 -17.70 1.05
C PRO F 165 47.97 -18.96 1.88
N SER F 166 47.02 -19.21 2.78
CA SER F 166 47.06 -20.33 3.70
C SER F 166 46.08 -21.41 3.27
N THR F 167 46.61 -22.61 3.01
CA THR F 167 45.77 -23.72 2.61
C THR F 167 45.06 -24.35 3.81
N VAL F 168 45.81 -24.58 4.88
CA VAL F 168 45.31 -25.29 6.06
C VAL F 168 44.19 -24.51 6.74
N LEU F 169 44.33 -23.17 6.73
CA LEU F 169 43.28 -22.31 7.32
C LEU F 169 42.00 -22.53 6.51
N ASN F 170 42.08 -22.37 5.22
CA ASN F 170 40.92 -22.51 4.35
C ASN F 170 40.26 -23.87 4.53
N TYR F 171 41.07 -24.91 4.72
CA TYR F 171 40.55 -26.25 5.02
C TYR F 171 39.80 -26.27 6.35
N GLU F 172 40.37 -25.62 7.37
CA GLU F 172 39.74 -25.63 8.69
C GLU F 172 38.45 -24.81 8.70
N VAL F 173 38.43 -23.69 7.96
CA VAL F 173 37.21 -22.90 7.79
C VAL F 173 36.14 -23.72 7.08
N SER F 174 36.51 -24.44 6.02
CA SER F 174 35.53 -25.24 5.30
C SER F 174 35.00 -26.41 6.13
N ASP F 175 35.84 -26.99 7.00
CA ASP F 175 35.33 -28.02 7.91
C ASP F 175 34.40 -27.43 8.96
N ARG F 176 34.78 -26.31 9.56
CA ARG F 176 34.05 -25.76 10.70
C ARG F 176 32.93 -24.80 10.30
N LEU F 177 32.66 -24.67 9.01
CA LEU F 177 31.46 -23.96 8.55
C LEU F 177 30.46 -24.85 7.83
N TYR F 178 30.80 -26.10 7.53
CA TYR F 178 29.77 -27.06 7.15
C TYR F 178 28.88 -27.38 8.33
N ARG F 179 29.47 -27.51 9.52
CA ARG F 179 28.72 -27.80 10.74
C ARG F 179 28.37 -26.52 11.52
N SER F 180 27.79 -25.53 10.83
CA SER F 180 27.51 -24.24 11.45
C SER F 180 26.46 -23.52 10.61
N LYS F 181 26.00 -22.38 11.14
CA LYS F 181 24.93 -21.60 10.52
C LYS F 181 25.28 -20.13 10.35
N ILE F 182 26.55 -19.75 10.49
CA ILE F 182 26.96 -18.37 10.19
C ILE F 182 26.92 -18.18 8.68
N PRO F 183 26.75 -16.94 8.18
CA PRO F 183 26.72 -16.71 6.71
C PRO F 183 27.96 -17.21 5.98
N LYS F 184 27.73 -17.91 4.88
CA LYS F 184 28.80 -18.64 4.20
C LYS F 184 28.51 -18.71 2.71
N ILE F 185 29.59 -18.69 1.93
CA ILE F 185 29.55 -18.70 0.47
C ILE F 185 30.48 -19.81 0.01
N ARG F 186 30.01 -20.67 -0.88
CA ARG F 186 30.88 -21.68 -1.48
C ARG F 186 31.43 -21.16 -2.80
N LEU F 187 32.74 -21.29 -2.98
CA LEU F 187 33.44 -20.78 -4.16
C LEU F 187 33.73 -21.94 -5.10
N ARG F 188 32.78 -22.19 -6.00
CA ARG F 188 32.88 -23.30 -6.94
C ARG F 188 33.64 -22.83 -8.19
N LEU F 189 34.93 -22.58 -8.02
CA LEU F 189 35.68 -22.00 -9.14
C LEU F 189 36.83 -22.88 -9.58
N LEU F 190 37.57 -23.46 -8.64
CA LEU F 190 38.75 -24.25 -8.99
C LEU F 190 38.32 -25.63 -9.46
N SER F 191 38.66 -25.97 -10.69
CA SER F 191 38.46 -27.33 -11.17
C SER F 191 39.50 -28.27 -10.57
N SER F 192 39.26 -29.57 -10.72
CA SER F 192 40.12 -30.58 -10.12
C SER F 192 41.50 -30.62 -10.79
N ASN F 193 41.56 -30.28 -12.08
CA ASN F 193 42.84 -30.23 -12.78
C ASN F 193 43.73 -29.13 -12.23
N ALA F 194 43.17 -27.94 -12.03
CA ALA F 194 43.95 -26.83 -11.50
C ALA F 194 44.25 -27.02 -10.01
N ALA F 195 43.34 -27.67 -9.28
CA ALA F 195 43.62 -28.01 -7.89
C ALA F 195 44.73 -29.04 -7.79
N SER F 196 44.78 -30.00 -8.72
CA SER F 196 45.90 -30.94 -8.80
C SER F 196 47.18 -30.20 -9.17
N THR F 197 47.07 -29.22 -10.05
CA THR F 197 48.18 -28.38 -10.51
C THR F 197 48.70 -27.46 -9.41
N THR F 198 47.88 -27.18 -8.39
CA THR F 198 48.31 -26.39 -7.23
C THR F 198 49.40 -27.10 -6.43
N GLY F 199 49.42 -28.43 -6.48
CA GLY F 199 50.37 -29.23 -5.76
C GLY F 199 49.95 -29.58 -4.35
N SER F 200 48.93 -28.86 -3.85
CA SER F 200 48.53 -29.05 -2.44
C SER F 200 47.59 -30.24 -2.30
N ARG F 201 47.49 -30.75 -1.05
CA ARG F 201 46.58 -31.84 -0.76
C ARG F 201 45.25 -31.34 -0.24
N LEU F 202 45.25 -30.35 0.65
CA LEU F 202 44.03 -29.81 1.22
C LEU F 202 43.31 -28.87 0.26
N VAL F 203 43.87 -28.63 -0.93
CA VAL F 203 43.15 -28.04 -2.04
C VAL F 203 42.61 -29.13 -2.99
N SER F 204 43.26 -30.28 -3.08
CA SER F 204 42.69 -31.37 -3.86
C SER F 204 41.50 -32.00 -3.16
N LYS F 205 41.51 -32.07 -1.82
CA LYS F 205 40.32 -32.50 -1.11
C LYS F 205 39.25 -31.41 -1.10
N ASN F 206 39.66 -30.15 -0.95
CA ASN F 206 38.76 -29.01 -0.89
C ASN F 206 39.04 -28.07 -2.07
N LYS F 207 38.47 -28.39 -3.23
CA LYS F 207 38.68 -27.53 -4.38
C LYS F 207 37.64 -26.41 -4.45
N TRP F 208 36.45 -26.65 -3.93
CA TRP F 208 35.36 -25.70 -3.87
C TRP F 208 35.16 -25.32 -2.41
N PRO F 209 35.87 -24.34 -1.87
CA PRO F 209 35.87 -24.13 -0.42
C PRO F 209 34.68 -23.32 0.05
N LEU F 210 34.35 -23.52 1.32
CA LEU F 210 33.31 -22.74 1.99
C LEU F 210 33.98 -21.70 2.85
N VAL F 211 33.61 -20.43 2.64
CA VAL F 211 34.29 -19.29 3.25
C VAL F 211 33.24 -18.39 3.89
N PHE F 212 33.71 -17.46 4.71
CA PHE F 212 32.81 -16.51 5.37
C PHE F 212 32.18 -15.55 4.37
N GLN F 213 31.01 -15.06 4.72
CA GLN F 213 30.30 -14.04 3.96
C GLN F 213 30.32 -12.76 4.79
N ALA F 214 31.18 -11.82 4.40
CA ALA F 214 31.28 -10.54 5.09
C ALA F 214 30.56 -9.45 4.31
N LEU F 215 29.25 -9.48 4.38
CA LEU F 215 28.52 -8.49 3.61
C LEU F 215 27.95 -7.45 4.56
N PRO F 216 27.76 -6.22 4.09
CA PRO F 216 27.06 -5.20 4.89
C PRO F 216 25.61 -5.60 5.15
N PRO F 217 24.93 -4.98 6.13
CA PRO F 217 23.58 -5.44 6.48
C PRO F 217 22.56 -5.26 5.35
N LYS F 218 21.54 -6.12 5.40
CA LYS F 218 20.73 -6.44 4.22
C LYS F 218 19.90 -5.26 3.74
N PHE F 219 19.52 -4.36 4.65
CA PHE F 219 18.82 -3.13 4.23
C PHE F 219 19.72 -2.18 3.45
N LEU F 220 21.02 -2.39 3.43
CA LEU F 220 21.93 -1.60 2.62
C LEU F 220 22.27 -2.31 1.31
N GLU F 221 21.37 -3.09 0.73
CA GLU F 221 21.66 -3.84 -0.48
C GLU F 221 20.94 -3.23 -1.65
N LYS F 222 21.58 -3.26 -2.82
CA LYS F 222 21.06 -2.61 -4.01
C LYS F 222 19.83 -3.34 -4.55
N ASN F 223 18.83 -2.56 -4.93
CA ASN F 223 17.64 -3.05 -5.61
C ASN F 223 17.21 -2.00 -6.62
N LEU F 224 16.10 -2.28 -7.30
CA LEU F 224 15.56 -1.32 -8.26
C LEU F 224 15.04 -0.07 -7.55
N ALA F 225 14.43 -0.25 -6.38
CA ALA F 225 13.83 0.87 -5.65
C ALA F 225 14.88 1.84 -5.12
N LYS F 226 16.05 1.33 -4.75
CA LYS F 226 17.12 2.22 -4.23
C LYS F 226 17.90 2.80 -5.40
N ALA F 227 17.45 2.55 -6.63
CA ALA F 227 18.13 3.11 -7.83
C ALA F 227 17.14 3.95 -8.62
N LEU F 228 15.86 3.56 -8.64
CA LEU F 228 14.84 4.40 -9.31
C LEU F 228 14.49 5.54 -8.35
N ASP F 229 15.23 5.65 -7.24
CA ASP F 229 15.03 6.76 -6.27
C ASP F 229 16.27 7.65 -6.32
N LYS F 230 17.07 7.52 -7.36
CA LYS F 230 18.27 8.37 -7.54
C LYS F 230 18.24 8.86 -8.99
N GLU F 231 17.17 8.54 -9.71
CA GLU F 231 17.00 9.00 -11.11
C GLU F 231 15.82 9.97 -11.08
N TYR F 232 15.92 11.10 -11.80
CA TYR F 232 14.86 12.14 -11.68
C TYR F 232 14.12 12.34 -12.99
N LEU F 233 12.80 12.44 -12.93
CA LEU F 233 11.95 12.57 -14.12
C LEU F 233 12.12 13.93 -14.78
N LEU F 234 11.95 13.95 -16.09
CA LEU F 234 11.96 15.15 -16.91
C LEU F 234 10.65 15.21 -17.69
N PRO F 235 10.15 16.42 -17.98
CA PRO F 235 8.84 16.52 -18.61
C PRO F 235 8.86 16.18 -20.09
N ASP F 236 7.69 15.81 -20.61
CA ASP F 236 7.55 15.33 -21.97
C ASP F 236 7.18 16.43 -22.95
N ILE F 237 7.16 17.69 -22.50
CA ILE F 237 6.82 18.81 -23.37
C ILE F 237 8.01 19.76 -23.41
N ASN F 238 8.46 20.08 -24.62
CA ASN F 238 9.51 21.06 -24.79
C ASN F 238 8.89 22.45 -24.71
N ILE F 239 9.42 23.28 -23.80
CA ILE F 239 8.92 24.65 -23.64
C ILE F 239 9.20 25.49 -24.88
N ASP F 240 10.23 25.11 -25.65
CA ASP F 240 10.60 25.91 -26.82
C ASP F 240 9.76 25.61 -28.06
N GLU F 241 8.73 24.78 -27.93
CA GLU F 241 7.83 24.47 -29.04
C GLU F 241 6.39 24.35 -28.55
N LEU F 242 6.12 24.88 -27.36
CA LEU F 242 4.94 24.52 -26.57
C LEU F 242 3.61 25.06 -27.12
N GLU F 243 3.63 25.82 -28.23
CA GLU F 243 2.45 26.31 -28.95
C GLU F 243 1.53 27.17 -28.07
N GLY F 244 2.01 28.36 -27.71
CA GLY F 244 1.32 29.20 -26.76
C GLY F 244 2.22 29.76 -25.67
N VAL F 245 3.53 29.66 -25.83
CA VAL F 245 4.51 30.12 -24.86
C VAL F 245 5.08 31.44 -25.36
N ASP F 246 5.15 32.46 -24.48
CA ASP F 246 5.65 33.77 -24.90
C ASP F 246 7.09 33.92 -24.45
N ASN F 247 7.98 33.19 -25.15
CA ASN F 247 9.42 33.12 -24.87
C ASN F 247 9.74 32.80 -23.41
N GLY F 248 8.98 31.90 -22.81
CA GLY F 248 9.29 31.43 -21.47
C GLY F 248 8.10 31.37 -20.54
N CYS F 249 7.14 32.26 -20.74
CA CYS F 249 5.97 32.31 -19.88
C CYS F 249 4.78 31.63 -20.55
N LEU F 250 3.70 31.49 -19.78
CA LEU F 250 2.52 30.75 -20.23
C LEU F 250 1.46 31.77 -20.66
N ILE F 251 1.43 32.08 -21.97
CA ILE F 251 0.51 33.08 -22.51
C ILE F 251 -0.93 32.59 -22.41
N ASP F 252 -1.23 31.50 -23.11
CA ASP F 252 -2.58 30.95 -23.14
C ASP F 252 -2.95 30.39 -21.77
N GLU F 253 -4.20 30.63 -21.38
CA GLU F 253 -4.68 30.18 -20.08
C GLU F 253 -5.11 28.72 -20.09
N ALA F 254 -5.44 28.19 -21.27
CA ALA F 254 -5.84 26.79 -21.39
C ALA F 254 -4.65 25.83 -21.38
N LEU F 255 -3.42 26.32 -21.39
CA LEU F 255 -2.27 25.43 -21.28
C LEU F 255 -2.02 24.97 -19.85
N LEU F 256 -2.57 25.68 -18.86
CA LEU F 256 -2.44 25.21 -17.48
C LEU F 256 -3.21 23.92 -17.18
N PRO F 257 -4.35 23.61 -17.82
CA PRO F 257 -4.78 22.19 -17.84
C PRO F 257 -3.75 21.23 -18.39
N LEU F 258 -3.07 21.57 -19.49
CA LEU F 258 -2.04 20.68 -20.04
C LEU F 258 -0.83 20.56 -19.10
N ILE F 259 -0.39 21.69 -18.56
CA ILE F 259 0.75 21.70 -17.63
C ILE F 259 0.41 20.92 -16.36
N ILE F 260 -0.81 21.09 -15.85
CA ILE F 260 -1.26 20.39 -14.65
C ILE F 260 -1.40 18.90 -14.91
N ASP F 261 -1.92 18.55 -16.09
CA ASP F 261 -2.11 17.15 -16.45
C ASP F 261 -0.78 16.43 -16.62
N GLU F 262 0.21 17.09 -17.25
CA GLU F 262 1.50 16.45 -17.41
C GLU F 262 2.23 16.37 -16.06
N GLY F 263 2.08 17.41 -15.23
CA GLY F 263 2.64 17.37 -13.89
C GLY F 263 2.06 16.28 -13.01
N LYS F 264 0.79 15.94 -13.24
CA LYS F 264 0.22 14.81 -12.51
C LYS F 264 0.67 13.49 -13.13
N ARG F 265 0.29 13.26 -14.41
CA ARG F 265 0.56 12.04 -15.19
C ARG F 265 1.99 11.53 -15.15
N LYS F 266 2.96 12.40 -15.44
CA LYS F 266 4.36 12.11 -15.15
C LYS F 266 4.61 12.44 -13.69
N GLY F 267 4.68 11.41 -12.85
CA GLY F 267 5.05 11.58 -11.46
C GLY F 267 3.92 11.61 -10.45
N GLU F 268 2.80 10.94 -10.71
CA GLU F 268 1.71 10.92 -9.74
C GLU F 268 2.07 10.08 -8.51
N GLY F 269 2.69 8.92 -8.73
CA GLY F 269 2.96 8.00 -7.64
C GLY F 269 4.44 7.83 -7.38
N ASN F 270 5.18 8.94 -7.40
CA ASN F 270 6.63 8.87 -7.30
C ASN F 270 7.09 9.94 -6.30
N TYR F 271 6.32 10.11 -5.21
CA TYR F 271 6.70 11.01 -4.13
C TYR F 271 7.99 10.56 -3.47
N ARG F 272 8.84 11.54 -3.16
CA ARG F 272 10.19 11.28 -2.68
C ARG F 272 10.40 12.04 -1.38
N PRO F 273 10.93 11.39 -0.33
CA PRO F 273 11.33 12.11 0.88
C PRO F 273 12.53 13.03 0.65
N ARG F 274 12.88 13.82 1.67
CA ARG F 274 13.76 14.98 1.51
C ARG F 274 15.17 14.57 1.08
N HIS F 275 15.70 13.48 1.66
CA HIS F 275 17.02 13.00 1.28
C HIS F 275 17.06 12.44 -0.14
N LEU F 276 15.92 11.96 -0.66
CA LEU F 276 15.86 11.41 -2.00
C LEU F 276 15.44 12.43 -3.05
N ARG F 277 15.22 13.67 -2.66
CA ARG F 277 14.91 14.74 -3.60
C ARG F 277 16.18 15.31 -4.20
N ASP F 278 16.07 15.86 -5.40
CA ASP F 278 17.19 16.55 -6.02
C ASP F 278 17.35 17.94 -5.41
N GLU F 279 18.59 18.37 -5.29
CA GLU F 279 18.90 19.68 -4.73
C GLU F 279 18.41 20.80 -5.64
N ARG F 280 18.09 21.95 -5.04
CA ARG F 280 17.54 23.10 -5.76
C ARG F 280 18.62 24.16 -5.92
N LYS F 281 19.22 24.21 -7.10
CA LYS F 281 20.27 25.18 -7.40
C LYS F 281 19.68 26.53 -7.82
N GLU F 282 20.57 27.51 -8.00
CA GLU F 282 20.25 28.80 -8.61
C GLU F 282 20.81 28.95 -10.02
N GLU F 283 21.84 28.15 -10.35
CA GLU F 283 22.34 28.13 -11.73
C GLU F 283 21.27 27.64 -12.69
N THR F 284 20.37 26.77 -12.23
CA THR F 284 19.31 26.26 -13.09
C THR F 284 18.25 27.31 -13.41
N VAL F 285 17.83 28.13 -12.43
CA VAL F 285 16.85 29.17 -12.72
C VAL F 285 17.48 30.29 -13.54
N GLN F 286 18.77 30.57 -13.28
CA GLN F 286 19.50 31.51 -14.14
C GLN F 286 19.63 31.00 -15.57
N ALA F 287 20.00 29.72 -15.73
CA ALA F 287 20.15 29.13 -17.06
C ALA F 287 18.83 29.04 -17.79
N PHE F 288 17.74 29.03 -17.02
CA PHE F 288 16.38 28.96 -17.63
C PHE F 288 16.10 30.30 -18.32
N LEU F 289 16.24 31.40 -17.59
CA LEU F 289 16.01 32.75 -18.18
C LEU F 289 17.08 33.00 -19.24
N ASP F 290 18.32 32.57 -18.97
CA ASP F 290 19.40 32.73 -19.97
C ASP F 290 18.88 32.28 -21.34
N LYS F 291 17.98 31.29 -21.34
CA LYS F 291 17.43 30.79 -22.60
C LYS F 291 16.67 31.85 -23.38
N TYR F 292 16.14 32.89 -22.70
CA TYR F 292 15.34 33.90 -23.38
C TYR F 292 15.64 35.32 -22.92
N GLY F 293 16.88 35.62 -22.56
CA GLY F 293 17.17 36.92 -21.95
C GLY F 293 16.74 37.06 -20.50
N TYR F 294 15.69 37.86 -20.24
CA TYR F 294 14.93 37.98 -18.97
C TYR F 294 15.75 37.92 -17.69
N CYS F 295 16.81 38.74 -17.61
CA CYS F 295 17.83 38.72 -16.56
C CYS F 295 17.31 38.68 -15.12
N ASN F 296 16.55 39.70 -14.72
CA ASN F 296 15.80 39.59 -13.48
C ASN F 296 14.63 38.64 -13.72
N ILE F 297 14.27 37.88 -12.70
CA ILE F 297 13.09 37.03 -12.72
C ILE F 297 11.86 37.92 -12.90
N PRO F 298 11.04 37.69 -13.96
CA PRO F 298 9.92 38.60 -14.27
C PRO F 298 8.87 38.70 -13.17
N VAL F 299 8.57 39.94 -12.78
CA VAL F 299 7.76 40.20 -11.59
C VAL F 299 6.32 39.76 -11.82
N GLY F 300 5.84 38.90 -10.94
CA GLY F 300 4.58 38.22 -11.14
C GLY F 300 4.69 36.83 -11.71
N TYR F 301 5.90 36.28 -11.80
CA TYR F 301 6.12 34.96 -12.37
C TYR F 301 7.11 34.19 -11.50
N GLU F 302 6.80 32.92 -11.25
CA GLU F 302 7.68 32.03 -10.50
C GLU F 302 8.00 30.81 -11.36
N VAL F 303 9.29 30.44 -11.39
CA VAL F 303 9.74 29.16 -11.95
C VAL F 303 8.99 28.01 -11.32
N HIS F 304 8.31 27.22 -12.15
CA HIS F 304 7.51 26.09 -11.71
C HIS F 304 8.13 24.81 -12.25
N HIS F 305 8.61 23.96 -11.35
CA HIS F 305 9.03 22.61 -11.71
C HIS F 305 7.77 21.83 -12.07
N ILE F 306 7.57 21.62 -13.38
CA ILE F 306 6.37 21.06 -14.00
C ILE F 306 5.98 19.75 -13.36
N VAL F 307 6.91 18.81 -13.33
CA VAL F 307 6.78 17.66 -12.44
C VAL F 307 7.41 18.11 -11.12
N PRO F 308 6.70 17.96 -10.00
CA PRO F 308 7.18 18.51 -8.71
C PRO F 308 8.50 17.89 -8.25
N LEU F 309 9.29 18.68 -7.54
CA LEU F 309 10.54 18.20 -6.95
C LEU F 309 10.34 17.40 -5.68
N SER F 310 9.09 17.16 -5.27
CA SER F 310 8.75 16.18 -4.25
C SER F 310 8.20 14.90 -4.86
N GLN F 311 7.27 15.01 -5.80
CA GLN F 311 6.80 13.84 -6.54
C GLN F 311 7.64 13.53 -7.77
N GLY F 312 8.95 13.58 -7.65
CA GLY F 312 9.85 13.13 -8.69
C GLY F 312 10.05 14.19 -9.75
N GLY F 313 11.28 14.62 -9.95
CA GLY F 313 11.54 15.64 -10.95
C GLY F 313 13.00 16.00 -10.93
N ALA F 314 13.43 16.63 -12.02
CA ALA F 314 14.83 16.94 -12.22
C ALA F 314 15.03 18.44 -12.11
N ASP F 315 16.16 18.84 -11.52
CA ASP F 315 16.47 20.26 -11.38
C ASP F 315 17.17 20.70 -12.66
N SER F 316 16.38 20.79 -13.73
CA SER F 316 16.92 20.97 -15.07
C SER F 316 16.10 22.02 -15.81
N ILE F 317 16.71 22.55 -16.87
CA ILE F 317 16.10 23.57 -17.73
C ILE F 317 14.82 23.05 -18.39
N LYS F 318 14.73 21.74 -18.61
CA LYS F 318 13.50 21.16 -19.14
C LYS F 318 12.34 21.30 -18.16
N ASN F 319 12.59 21.04 -16.86
CA ASN F 319 11.52 20.95 -15.87
C ASN F 319 11.31 22.29 -15.19
N MET F 320 10.96 23.30 -16.01
CA MET F 320 10.62 24.66 -15.57
C MET F 320 9.93 25.48 -16.65
N ILE F 321 8.81 26.11 -16.29
CA ILE F 321 8.07 27.04 -17.14
C ILE F 321 7.67 28.24 -16.27
N MET F 322 7.90 29.45 -16.79
CA MET F 322 7.82 30.67 -15.99
C MET F 322 6.36 31.17 -15.97
N LEU F 323 5.54 30.45 -15.22
CA LEU F 323 4.12 30.74 -15.20
C LEU F 323 3.79 31.87 -14.23
N SER F 324 2.62 32.47 -14.40
CA SER F 324 2.17 33.56 -13.55
C SER F 324 1.85 33.06 -12.16
N ILE F 325 1.94 33.98 -11.19
CA ILE F 325 1.82 33.65 -9.77
C ILE F 325 0.42 33.15 -9.44
N GLU F 326 -0.60 33.70 -10.11
CA GLU F 326 -1.96 33.17 -9.99
C GLU F 326 -2.06 31.74 -10.47
N HIS F 327 -1.59 31.46 -11.69
CA HIS F 327 -1.66 30.10 -12.24
C HIS F 327 -0.70 29.16 -11.53
N HIS F 328 0.43 29.69 -11.05
CA HIS F 328 1.34 28.87 -10.23
C HIS F 328 0.69 28.47 -8.93
N GLU F 329 -0.07 29.39 -8.31
CA GLU F 329 -0.83 29.05 -7.11
C GLU F 329 -1.92 28.03 -7.40
N ARG F 330 -2.57 28.16 -8.57
CA ARG F 330 -3.56 27.16 -9.00
C ARG F 330 -2.93 25.78 -9.18
N VAL F 331 -1.74 25.72 -9.79
CA VAL F 331 -1.14 24.43 -10.07
C VAL F 331 -0.54 23.81 -8.80
N THR F 332 0.00 24.64 -7.89
CA THR F 332 0.56 24.11 -6.64
C THR F 332 -0.53 23.81 -5.61
N GLU F 333 -1.76 24.24 -5.87
CA GLU F 333 -2.91 23.78 -5.09
C GLU F 333 -3.60 22.58 -5.72
N ALA F 334 -3.61 22.49 -7.06
CA ALA F 334 -4.15 21.32 -7.75
C ALA F 334 -3.32 20.08 -7.46
N HIS F 335 -1.98 20.21 -7.45
CA HIS F 335 -1.15 19.06 -7.12
C HIS F 335 -1.17 18.75 -5.63
N ALA F 336 -1.56 19.71 -4.80
CA ALA F 336 -1.71 19.46 -3.36
C ALA F 336 -2.83 18.46 -3.09
N SER F 337 -3.97 18.61 -3.77
CA SER F 337 -5.09 17.69 -3.62
C SER F 337 -5.02 16.51 -4.57
N TYR F 338 -3.97 16.44 -5.38
CA TYR F 338 -3.61 15.34 -6.29
C TYR F 338 -4.68 15.06 -7.35
N THR G 1 -19.48 -20.42 49.26
CA THR G 1 -19.52 -18.97 49.34
C THR G 1 -19.01 -18.34 48.05
N LEU G 2 -19.23 -17.04 47.91
CA LEU G 2 -18.83 -16.31 46.70
C LEU G 2 -17.51 -15.60 46.95
N LYS G 3 -16.54 -15.86 46.07
CA LYS G 3 -15.25 -15.18 46.08
C LYS G 3 -15.02 -14.61 44.69
N SER G 4 -14.94 -13.28 44.62
CA SER G 4 -14.68 -12.42 43.45
C SER G 4 -15.94 -12.27 42.61
N ARG G 5 -15.96 -11.25 41.77
CA ARG G 5 -17.02 -10.92 40.84
C ARG G 5 -16.89 -11.77 39.59
N PRO G 6 -17.96 -11.94 38.80
CA PRO G 6 -17.87 -12.74 37.57
C PRO G 6 -16.98 -12.12 36.51
N GLU G 7 -16.71 -12.91 35.48
CA GLU G 7 -15.92 -12.48 34.34
C GLU G 7 -16.74 -11.73 33.30
N ASN G 8 -18.06 -11.81 33.37
CA ASN G 8 -18.93 -11.07 32.46
C ASN G 8 -20.13 -10.61 33.28
N LEU G 9 -20.08 -9.47 33.90
CA LEU G 9 -21.25 -8.90 34.60
C LEU G 9 -21.65 -7.65 33.82
N SER G 10 -22.89 -7.42 33.61
CA SER G 10 -23.43 -6.36 32.76
C SER G 10 -24.85 -6.06 33.21
N PHE G 11 -25.15 -4.79 33.49
CA PHE G 11 -26.49 -4.39 33.83
C PHE G 11 -27.03 -3.42 32.80
N ALA G 12 -28.35 -3.42 32.65
CA ALA G 12 -29.05 -2.58 31.70
C ALA G 12 -29.52 -1.31 32.39
N ARG G 13 -29.84 -0.31 31.56
CA ARG G 13 -30.45 0.90 32.06
C ARG G 13 -31.85 0.61 32.60
N CYS G 14 -32.24 1.36 33.62
CA CYS G 14 -33.59 1.32 34.14
C CYS G 14 -34.28 2.68 33.99
N LEU G 15 -33.59 3.68 33.46
CA LEU G 15 -34.18 4.95 33.06
C LEU G 15 -33.63 5.26 31.67
N ASN G 16 -34.32 4.77 30.65
CA ASN G 16 -33.90 4.96 29.26
C ASN G 16 -34.53 6.26 28.76
N THR G 17 -33.71 7.27 28.51
CA THR G 17 -34.18 8.57 28.06
C THR G 17 -33.98 8.64 26.56
N THR G 18 -34.94 9.24 25.86
CA THR G 18 -34.80 9.48 24.43
C THR G 18 -33.92 10.69 24.17
N GLU G 19 -33.84 11.12 22.92
CA GLU G 19 -33.04 12.27 22.55
C GLU G 19 -33.97 13.44 22.28
N ALA G 20 -33.68 14.59 22.89
CA ALA G 20 -34.59 15.72 22.88
C ALA G 20 -34.62 16.39 21.51
N LYS G 21 -35.76 16.99 21.19
CA LYS G 21 -35.91 17.79 19.99
C LYS G 21 -36.31 19.20 20.39
N PHE G 22 -35.86 20.18 19.61
CA PHE G 22 -35.99 21.59 19.97
C PHE G 22 -37.03 22.24 19.09
N TRP G 23 -37.91 23.03 19.69
CA TRP G 23 -38.92 23.77 18.96
C TRP G 23 -38.88 25.24 19.39
N GLN G 24 -39.55 26.09 18.63
CA GLN G 24 -39.73 27.49 19.00
C GLN G 24 -41.22 27.74 19.19
N THR G 25 -41.57 28.41 20.29
CA THR G 25 -42.95 28.75 20.63
C THR G 25 -42.95 30.13 21.25
N ASP G 26 -44.13 30.75 21.31
CA ASP G 26 -44.30 32.02 22.07
C ASP G 26 -44.98 31.59 23.37
N PHE G 27 -44.65 32.17 24.51
CA PHE G 27 -45.12 31.70 25.81
C PHE G 27 -46.60 31.97 26.04
N LEU G 28 -47.23 32.81 25.22
CA LEU G 28 -48.66 33.03 25.37
C LEU G 28 -49.48 32.16 24.43
N LYS G 29 -48.82 31.58 23.44
CA LYS G 29 -49.53 30.69 22.50
C LYS G 29 -48.78 29.34 22.49
N ARG G 30 -48.27 28.91 23.63
CA ARG G 30 -47.51 27.67 23.73
C ARG G 30 -48.39 26.44 23.49
N HIS G 31 -49.61 26.43 24.02
CA HIS G 31 -50.42 25.24 23.81
C HIS G 31 -51.26 25.33 22.54
N THR G 32 -50.79 26.01 21.49
CA THR G 32 -51.46 26.03 20.20
C THR G 32 -50.49 26.01 19.02
N PHE G 33 -49.19 26.03 19.28
CA PHE G 33 -48.24 26.46 18.27
C PHE G 33 -46.88 25.82 18.52
N LYS G 34 -46.21 25.41 17.45
CA LYS G 34 -44.82 24.98 17.52
C LYS G 34 -44.14 25.22 16.18
N LEU G 35 -42.90 25.70 16.23
CA LEU G 35 -42.11 26.02 15.05
C LEU G 35 -40.73 25.38 15.20
N PRO G 36 -40.10 24.98 14.09
CA PRO G 36 -38.84 24.24 14.21
C PRO G 36 -37.60 25.11 14.40
N LEU G 37 -36.73 24.64 15.28
CA LEU G 37 -35.43 25.26 15.54
C LEU G 37 -34.36 24.52 14.76
N LEU G 38 -33.70 25.22 13.85
CA LEU G 38 -32.71 24.61 12.98
C LEU G 38 -31.32 25.15 13.32
N ILE G 39 -30.31 24.39 12.92
CA ILE G 39 -28.94 24.70 13.23
C ILE G 39 -28.34 25.45 12.05
N THR G 40 -27.77 26.61 12.31
CA THR G 40 -27.20 27.43 11.26
C THR G 40 -25.69 27.30 11.26
N ASP G 41 -25.11 27.42 10.08
CA ASP G 41 -23.67 27.46 9.95
C ASP G 41 -23.20 28.88 10.22
N LYS G 42 -22.16 28.98 11.06
CA LYS G 42 -21.66 30.30 11.49
C LYS G 42 -20.17 30.33 11.23
N ALA G 43 -19.69 31.40 10.64
CA ALA G 43 -18.28 31.56 10.32
C ALA G 43 -17.77 32.83 10.98
N VAL G 44 -16.82 32.69 11.91
CA VAL G 44 -16.41 33.77 12.78
C VAL G 44 -14.93 34.03 12.60
N LEU G 45 -14.56 35.30 12.44
CA LEU G 45 -13.17 35.74 12.57
C LEU G 45 -12.86 36.07 14.01
N ALA G 46 -11.57 36.03 14.36
CA ALA G 46 -11.21 36.19 15.76
C ALA G 46 -9.80 36.74 15.87
N SER G 47 -9.47 37.18 17.08
CA SER G 47 -8.09 37.41 17.46
C SER G 47 -7.49 36.08 17.94
N LYS G 48 -6.19 36.10 18.18
CA LYS G 48 -5.50 34.92 18.69
C LYS G 48 -5.32 35.09 20.19
N GLY G 49 -6.26 34.52 20.94
CA GLY G 49 -6.27 34.62 22.39
C GLY G 49 -5.61 33.44 23.07
N HIS G 50 -5.34 32.37 22.31
CA HIS G 50 -4.56 31.21 22.77
C HIS G 50 -3.24 31.60 23.43
N GLU G 51 -2.96 31.03 24.60
CA GLU G 51 -1.76 31.39 25.35
C GLU G 51 -0.54 30.75 24.69
N MET G 52 -0.06 31.39 23.63
CA MET G 52 1.13 31.02 22.88
C MET G 52 2.37 31.15 23.73
N PRO G 53 3.48 30.47 23.40
CA PRO G 53 4.75 30.65 24.14
C PRO G 53 5.31 32.04 23.97
N PRO G 54 6.21 32.48 24.87
CA PRO G 54 6.78 33.84 24.75
C PRO G 54 7.53 34.13 23.46
N ASP G 55 8.25 33.16 22.90
CA ASP G 55 8.88 33.38 21.61
C ASP G 55 7.85 33.41 20.48
N LYS G 56 6.86 32.51 20.53
CA LYS G 56 5.86 32.42 19.48
C LYS G 56 4.87 33.59 19.52
N LEU G 57 4.76 34.27 20.67
CA LEU G 57 3.84 35.40 20.82
C LEU G 57 4.24 36.57 19.94
N GLU G 58 5.54 36.69 19.61
CA GLU G 58 6.06 37.86 18.92
C GLU G 58 5.49 38.05 17.52
N LYS G 59 5.27 36.96 16.79
CA LYS G 59 4.82 37.04 15.40
C LYS G 59 3.41 36.49 15.20
N GLU G 60 2.58 36.46 16.25
CA GLU G 60 1.24 35.90 16.12
C GLU G 60 0.13 36.81 16.67
N ILE G 61 0.46 37.64 17.66
CA ILE G 61 -0.48 38.51 18.38
C ILE G 61 -1.29 39.43 17.45
N MET G 62 -0.70 39.87 16.35
CA MET G 62 -1.38 40.63 15.30
C MET G 62 -1.63 39.80 14.03
N ASP G 63 -1.98 38.55 14.23
CA ASP G 63 -2.44 37.66 13.17
C ASP G 63 -3.85 37.21 13.54
N PRO G 64 -4.82 37.38 12.64
CA PRO G 64 -6.20 37.00 12.96
C PRO G 64 -6.42 35.50 12.89
N ASN G 65 -7.61 35.07 13.33
CA ASN G 65 -7.88 33.61 13.47
C ASN G 65 -9.24 33.22 12.90
N PRO G 66 -9.41 33.03 11.58
CA PRO G 66 -10.65 32.49 11.03
C PRO G 66 -10.98 31.13 11.64
N GLN G 67 -12.22 30.99 12.12
CA GLN G 67 -12.65 29.74 12.73
C GLN G 67 -14.04 29.36 12.26
N LYS G 68 -14.21 28.11 11.82
CA LYS G 68 -15.51 27.57 11.50
C LYS G 68 -16.23 27.12 12.77
N SER G 69 -17.53 27.35 12.83
CA SER G 69 -18.32 27.02 14.01
C SER G 69 -19.76 26.78 13.60
N GLN G 70 -20.63 26.60 14.60
CA GLN G 70 -22.06 26.46 14.43
C GLN G 70 -22.74 26.99 15.67
N SER G 71 -23.91 27.59 15.49
CA SER G 71 -24.68 28.07 16.64
C SER G 71 -26.15 27.89 16.35
N CYS G 72 -26.95 28.08 17.39
CA CYS G 72 -28.39 27.91 17.32
C CYS G 72 -29.05 29.08 18.04
N THR G 73 -29.89 29.81 17.32
CA THR G 73 -30.60 30.97 17.86
C THR G 73 -32.07 30.87 17.50
N LEU G 74 -32.92 31.43 18.36
CA LEU G 74 -34.35 31.50 18.09
C LEU G 74 -34.61 32.57 17.02
N SER G 75 -35.88 32.75 16.68
CA SER G 75 -36.27 33.81 15.75
C SER G 75 -36.73 35.03 16.53
N THR G 76 -36.94 36.12 15.80
CA THR G 76 -37.41 37.36 16.41
C THR G 76 -38.84 37.23 16.92
N GLU G 77 -39.65 36.42 16.25
CA GLU G 77 -41.07 36.29 16.60
C GLU G 77 -41.33 35.25 17.68
N CYS G 78 -40.30 34.54 18.14
CA CYS G 78 -40.46 33.50 19.14
C CYS G 78 -39.56 33.78 20.32
N ASP G 79 -40.05 33.46 21.52
CA ASP G 79 -39.31 33.76 22.74
C ASP G 79 -39.01 32.56 23.63
N THR G 80 -39.44 31.36 23.25
CA THR G 80 -39.26 30.20 24.12
C THR G 80 -38.65 29.04 23.36
N LEU G 81 -37.96 28.18 24.12
CA LEU G 81 -37.42 26.93 23.63
C LEU G 81 -38.28 25.78 24.18
N ARG G 82 -38.80 24.95 23.27
CA ARG G 82 -39.58 23.75 23.69
C ARG G 82 -38.71 22.51 23.58
N ILE G 83 -38.57 21.78 24.68
CA ILE G 83 -37.79 20.54 24.75
C ILE G 83 -38.78 19.40 24.95
N ASP G 84 -38.74 18.41 24.07
CA ASP G 84 -39.56 17.21 24.19
C ASP G 84 -38.66 16.00 24.31
N PHE G 85 -38.78 15.27 25.41
CA PHE G 85 -38.05 14.02 25.60
C PHE G 85 -38.91 13.05 26.39
N GLY G 86 -38.58 11.78 26.29
CA GLY G 86 -39.31 10.74 26.99
C GLY G 86 -38.37 9.84 27.76
N ILE G 87 -38.91 9.24 28.82
CA ILE G 87 -38.17 8.32 29.67
C ILE G 87 -38.95 7.02 29.76
N LYS G 88 -38.25 5.90 29.59
CA LYS G 88 -38.81 4.58 29.81
C LYS G 88 -38.23 4.00 31.10
N VAL G 89 -39.09 3.65 32.04
CA VAL G 89 -38.70 3.10 33.32
C VAL G 89 -38.86 1.58 33.27
N LEU G 90 -37.82 0.88 33.72
CA LEU G 90 -37.79 -0.57 33.69
C LEU G 90 -37.40 -1.11 35.07
N PRO G 91 -37.82 -2.34 35.40
CA PRO G 91 -37.45 -2.93 36.70
C PRO G 91 -35.95 -3.14 36.86
N VAL G 92 -35.51 -3.11 38.12
CA VAL G 92 -34.09 -3.20 38.45
C VAL G 92 -33.64 -4.66 38.50
N LYS G 93 -34.46 -5.53 39.08
CA LYS G 93 -34.16 -6.97 39.12
C LYS G 93 -34.12 -7.59 37.74
N GLU G 94 -34.91 -7.07 36.80
CA GLU G 94 -35.00 -7.63 35.46
C GLU G 94 -34.02 -6.95 34.51
N SER G 95 -32.92 -6.43 35.03
CA SER G 95 -31.98 -5.63 34.25
C SER G 95 -30.54 -6.10 34.50
N MET G 96 -30.33 -7.41 34.39
CA MET G 96 -28.96 -7.97 34.44
C MET G 96 -28.77 -8.74 33.15
N TYR G 97 -28.05 -8.20 32.18
CA TYR G 97 -27.90 -8.82 30.87
C TYR G 97 -27.09 -10.11 30.93
N SER G 98 -25.96 -10.09 31.64
CA SER G 98 -25.10 -11.26 31.71
C SER G 98 -24.47 -11.38 33.09
N CYS G 99 -24.35 -12.62 33.56
CA CYS G 99 -23.65 -12.93 34.79
C CYS G 99 -23.18 -14.36 34.68
N SER G 100 -21.86 -14.59 34.78
CA SER G 100 -21.28 -15.91 34.57
C SER G 100 -21.20 -16.71 35.86
N ASP G 101 -22.09 -16.43 36.82
CA ASP G 101 -22.20 -17.21 38.05
C ASP G 101 -23.61 -17.01 38.58
N TYR G 102 -24.40 -18.10 38.59
CA TYR G 102 -25.79 -18.03 39.03
C TYR G 102 -25.92 -17.72 40.50
N ASN G 103 -24.90 -18.06 41.31
CA ASN G 103 -24.89 -17.72 42.72
C ASN G 103 -24.81 -16.21 42.93
N TYR G 104 -24.08 -15.52 42.05
CA TYR G 104 -23.94 -14.08 42.16
C TYR G 104 -25.23 -13.38 41.73
N ARG G 105 -25.91 -13.96 40.73
CA ARG G 105 -27.24 -13.50 40.34
C ARG G 105 -28.25 -13.66 41.48
N THR G 106 -28.18 -14.81 42.18
CA THR G 106 -29.05 -15.05 43.33
C THR G 106 -28.75 -14.07 44.47
N ALA G 107 -27.47 -13.77 44.71
CA ALA G 107 -27.08 -12.83 45.75
C ALA G 107 -27.59 -11.41 45.46
N ILE G 108 -27.46 -10.97 44.20
CA ILE G 108 -27.96 -9.65 43.81
C ILE G 108 -29.47 -9.59 43.93
N TYR G 109 -30.17 -10.64 43.50
CA TYR G 109 -31.62 -10.68 43.62
C TYR G 109 -32.08 -10.66 45.08
N GLN G 110 -31.31 -11.30 45.97
CA GLN G 110 -31.63 -11.25 47.40
C GLN G 110 -31.45 -9.85 47.98
N LYS G 111 -30.33 -9.19 47.66
CA LYS G 111 -30.12 -7.83 48.20
C LYS G 111 -31.07 -6.81 47.60
N ILE G 112 -31.45 -6.97 46.33
CA ILE G 112 -32.47 -6.10 45.73
C ILE G 112 -33.83 -6.33 46.38
N ASP G 113 -34.17 -7.57 46.72
CA ASP G 113 -35.41 -7.80 47.44
C ASP G 113 -35.37 -7.25 48.86
N GLU G 114 -34.20 -7.24 49.49
CA GLU G 114 -34.07 -6.54 50.77
C GLU G 114 -34.24 -5.03 50.62
N TYR G 115 -33.73 -4.46 49.51
CA TYR G 115 -33.99 -3.05 49.22
C TYR G 115 -35.48 -2.75 49.04
N ILE G 116 -36.18 -3.60 48.29
CA ILE G 116 -37.62 -3.45 48.05
C ILE G 116 -38.38 -3.67 49.37
N ALA G 117 -37.77 -4.41 50.31
CA ALA G 117 -38.37 -4.60 51.62
C ALA G 117 -38.28 -3.36 52.50
N GLU G 118 -37.07 -2.79 52.66
CA GLU G 118 -36.96 -1.58 53.48
C GLU G 118 -37.56 -0.36 52.77
N ASP G 119 -36.90 0.12 51.72
CA ASP G 119 -37.35 1.31 51.01
C ASP G 119 -37.62 0.97 49.56
N GLY G 120 -38.91 0.91 49.20
CA GLY G 120 -39.32 0.42 47.89
C GLY G 120 -39.05 1.36 46.74
N PHE G 121 -37.77 1.72 46.55
CA PHE G 121 -37.28 2.59 45.47
C PHE G 121 -37.98 3.94 45.45
N LEU G 122 -38.30 4.47 46.63
CA LEU G 122 -39.02 5.73 46.71
C LEU G 122 -38.11 6.93 46.90
N THR G 123 -37.01 6.78 47.64
CA THR G 123 -36.05 7.87 47.79
C THR G 123 -35.39 8.21 46.45
N LEU G 124 -34.95 7.18 45.72
CA LEU G 124 -34.32 7.39 44.43
C LEU G 124 -35.31 7.95 43.41
N ALA G 125 -36.57 7.50 43.46
CA ALA G 125 -37.56 7.98 42.49
C ALA G 125 -37.97 9.42 42.78
N LYS G 126 -38.07 9.78 44.07
CA LYS G 126 -38.28 11.18 44.43
C LYS G 126 -37.12 12.05 43.96
N ARG G 127 -35.89 11.54 44.07
CA ARG G 127 -34.74 12.32 43.61
C ARG G 127 -34.69 12.45 42.09
N TYR G 128 -35.15 11.42 41.36
CA TYR G 128 -35.20 11.54 39.90
C TYR G 128 -36.30 12.49 39.45
N VAL G 129 -37.49 12.41 40.05
CA VAL G 129 -38.54 13.39 39.73
C VAL G 129 -38.15 14.79 40.20
N ASN G 130 -37.30 14.89 41.23
CA ASN G 130 -36.74 16.20 41.58
C ASN G 130 -35.82 16.71 40.50
N ASN G 131 -34.98 15.86 39.90
CA ASN G 131 -34.20 16.40 38.78
C ASN G 131 -35.01 16.52 37.47
N ILE G 132 -36.25 16.05 37.44
CA ILE G 132 -37.13 16.36 36.32
C ILE G 132 -37.77 17.72 36.56
N ALA G 133 -38.20 17.95 37.80
CA ALA G 133 -38.93 19.16 38.21
C ALA G 133 -38.02 20.36 38.40
N ASN G 134 -36.75 20.15 38.77
CA ASN G 134 -35.78 21.24 38.83
C ASN G 134 -35.42 21.74 37.44
N ALA G 135 -35.63 20.90 36.41
CA ALA G 135 -35.22 21.13 35.02
C ALA G 135 -33.72 21.39 34.92
N ARG G 136 -32.93 20.45 35.45
CA ARG G 136 -31.49 20.50 35.31
C ARG G 136 -31.04 19.89 33.97
N PHE G 137 -31.97 19.26 33.26
CA PHE G 137 -31.69 18.81 31.89
C PHE G 137 -31.49 19.97 30.91
N LEU G 138 -31.88 21.18 31.28
CA LEU G 138 -31.38 22.39 30.61
C LEU G 138 -30.05 22.75 31.24
N TRP G 139 -28.96 22.42 30.55
CA TRP G 139 -27.66 22.66 31.16
C TRP G 139 -27.26 24.13 31.08
N ARG G 140 -27.16 24.69 29.87
CA ARG G 140 -26.90 26.11 29.73
C ARG G 140 -28.10 26.82 29.09
N ASN G 141 -29.25 26.15 29.05
CA ASN G 141 -30.51 26.77 28.65
C ASN G 141 -31.32 27.14 29.88
N ARG G 142 -30.74 26.98 31.05
CA ARG G 142 -31.35 27.39 32.30
C ARG G 142 -30.73 28.67 32.84
N LYS G 143 -29.45 28.89 32.53
CA LYS G 143 -28.77 30.13 32.89
C LYS G 143 -29.37 31.29 32.11
N GLY G 144 -30.24 32.05 32.77
CA GLY G 144 -30.89 33.18 32.16
C GLY G 144 -32.21 32.75 31.56
N ALA G 145 -33.31 33.03 32.26
CA ALA G 145 -34.64 32.61 31.85
C ALA G 145 -35.67 33.34 32.69
N GLU G 146 -36.79 33.71 32.08
CA GLU G 146 -37.91 34.29 32.82
C GLU G 146 -38.73 33.20 33.50
N ILE G 147 -39.37 32.35 32.72
CA ILE G 147 -40.23 31.28 33.23
C ILE G 147 -39.73 29.96 32.67
N ILE G 148 -39.47 29.00 33.55
CA ILE G 148 -39.14 27.64 33.17
C ILE G 148 -40.26 26.75 33.69
N GLU G 149 -41.09 26.22 32.81
CA GLU G 149 -42.12 25.27 33.21
C GLU G 149 -41.80 23.89 32.65
N THR G 150 -42.16 22.86 33.40
CA THR G 150 -41.92 21.47 33.04
C THR G 150 -43.19 20.68 33.26
N ILE G 151 -43.69 20.05 32.20
CA ILE G 151 -44.94 19.29 32.24
C ILE G 151 -44.61 17.82 32.01
N VAL G 152 -45.03 16.97 32.92
CA VAL G 152 -44.82 15.53 32.85
C VAL G 152 -46.14 14.87 32.42
N THR G 153 -46.05 13.95 31.47
CA THR G 153 -47.25 13.30 30.90
C THR G 153 -47.04 11.78 30.93
N ILE G 154 -47.49 11.14 32.00
CA ILE G 154 -47.54 9.69 32.07
C ILE G 154 -48.82 9.21 31.42
N GLU G 155 -48.70 8.34 30.41
CA GLU G 155 -49.79 7.74 29.65
C GLU G 155 -50.71 8.78 29.02
N ASP G 156 -51.88 8.99 29.61
CA ASP G 156 -52.84 9.98 29.15
C ASP G 156 -52.92 11.20 30.06
N LYS G 157 -52.79 10.99 31.38
CA LYS G 157 -52.93 12.08 32.34
C LYS G 157 -51.76 13.06 32.26
N GLU G 158 -52.09 14.35 32.19
CA GLU G 158 -51.10 15.42 32.23
C GLU G 158 -51.08 15.97 33.65
N TYR G 159 -49.98 15.72 34.36
CA TYR G 159 -49.83 16.18 35.73
C TYR G 159 -49.69 17.70 35.78
N PRO G 160 -49.99 18.32 36.92
CA PRO G 160 -49.79 19.76 37.08
C PRO G 160 -48.34 20.18 36.86
N SER G 161 -48.17 21.37 36.29
CA SER G 161 -46.88 21.84 35.83
C SER G 161 -45.99 22.21 37.01
N PHE G 162 -44.69 22.26 36.75
CA PHE G 162 -43.71 22.58 37.75
C PHE G 162 -43.09 23.93 37.42
N ASN G 163 -43.10 24.83 38.40
CA ASN G 163 -42.36 26.08 38.25
C ASN G 163 -40.98 25.65 38.69
N SER G 164 -40.13 25.38 37.70
CA SER G 164 -38.80 24.84 37.95
C SER G 164 -37.84 25.85 38.56
N LYS G 165 -38.23 27.13 38.63
CA LYS G 165 -37.37 28.17 39.14
C LYS G 165 -37.69 28.52 40.59
N SER G 166 -38.46 27.66 41.25
CA SER G 166 -38.69 27.73 42.68
C SER G 166 -37.99 26.61 43.44
N PHE G 167 -37.42 25.65 42.71
CA PHE G 167 -36.65 24.56 43.30
C PHE G 167 -35.17 24.90 43.21
N ASN G 168 -34.45 24.76 44.32
CA ASN G 168 -33.02 24.87 44.29
C ASN G 168 -32.46 23.60 43.64
N LEU G 169 -31.26 23.72 43.07
CA LEU G 169 -30.59 22.59 42.43
C LEU G 169 -29.71 21.81 43.40
N ASP G 170 -29.70 22.19 44.67
CA ASP G 170 -28.88 21.53 45.68
C ASP G 170 -29.73 21.04 46.85
N THR G 171 -31.06 21.08 46.72
CA THR G 171 -31.95 20.68 47.79
C THR G 171 -33.08 19.85 47.17
N PHE G 172 -33.36 18.70 47.78
CA PHE G 172 -34.31 17.76 47.23
C PHE G 172 -35.62 17.85 48.00
N VAL G 173 -36.71 18.10 47.27
CA VAL G 173 -38.01 18.34 47.89
C VAL G 173 -38.75 17.01 48.01
N GLU G 174 -39.34 16.77 49.19
CA GLU G 174 -40.05 15.53 49.45
C GLU G 174 -41.53 15.73 49.71
N ASP G 175 -42.03 16.97 49.67
CA ASP G 175 -43.38 17.30 50.07
C ASP G 175 -44.17 17.97 48.95
N ASN G 176 -44.01 17.49 47.72
CA ASN G 176 -44.83 17.90 46.59
C ASN G 176 -45.69 16.72 46.16
N ALA G 177 -47.00 16.95 46.04
CA ALA G 177 -47.95 15.87 45.75
C ALA G 177 -47.73 15.29 44.37
N THR G 178 -47.48 16.15 43.38
CA THR G 178 -47.19 15.71 42.01
C THR G 178 -45.90 14.89 41.96
N ILE G 179 -44.85 15.39 42.62
CA ILE G 179 -43.56 14.71 42.64
C ILE G 179 -43.68 13.36 43.32
N ASN G 180 -44.42 13.30 44.43
CA ASN G 180 -44.59 12.04 45.15
C ASN G 180 -45.47 11.04 44.37
N GLU G 181 -46.46 11.51 43.62
CA GLU G 181 -47.29 10.60 42.84
C GLU G 181 -46.50 9.97 41.69
N ILE G 182 -45.76 10.81 40.95
CA ILE G 182 -44.89 10.29 39.89
C ILE G 182 -43.77 9.43 40.45
N ALA G 183 -43.25 9.80 41.63
CA ALA G 183 -42.21 9.02 42.28
C ALA G 183 -42.71 7.67 42.74
N GLN G 184 -43.97 7.61 43.20
CA GLN G 184 -44.56 6.33 43.57
C GLN G 184 -44.74 5.44 42.34
N GLN G 185 -45.09 6.04 41.19
CA GLN G 185 -45.19 5.25 39.97
C GLN G 185 -43.84 4.74 39.49
N ILE G 186 -42.79 5.58 39.55
CA ILE G 186 -41.44 5.14 39.22
C ILE G 186 -40.94 4.11 40.23
N ALA G 187 -41.31 4.26 41.50
CA ALA G 187 -40.94 3.29 42.53
C ALA G 187 -41.55 1.92 42.28
N ASP G 188 -42.84 1.88 41.91
CA ASP G 188 -43.49 0.60 41.62
C ASP G 188 -42.97 -0.01 40.33
N THR G 189 -42.43 0.78 39.41
CA THR G 189 -41.84 0.17 38.20
C THR G 189 -40.41 -0.28 38.48
N PHE G 190 -39.66 0.48 39.29
CA PHE G 190 -38.25 0.14 39.57
C PHE G 190 -38.25 -1.16 40.35
N ALA G 191 -39.21 -1.30 41.25
CA ALA G 191 -39.35 -2.56 42.00
C ALA G 191 -39.94 -3.59 41.03
N GLY G 192 -41.11 -4.14 41.33
CA GLY G 192 -41.57 -5.12 40.37
C GLY G 192 -43.02 -4.96 39.96
N LYS G 193 -43.67 -3.92 40.48
CA LYS G 193 -45.13 -3.90 40.46
C LYS G 193 -45.71 -3.44 39.14
N ARG G 194 -44.89 -2.94 38.22
CA ARG G 194 -45.37 -2.58 36.90
C ARG G 194 -44.22 -2.80 35.93
N GLU G 195 -44.55 -3.33 34.75
CA GLU G 195 -43.53 -3.82 33.83
C GLU G 195 -42.79 -2.70 33.12
N TYR G 196 -43.42 -1.55 32.95
CA TYR G 196 -42.82 -0.43 32.22
C TYR G 196 -43.56 0.83 32.63
N LEU G 197 -42.86 1.95 32.58
CA LEU G 197 -43.49 3.26 32.71
C LEU G 197 -42.93 4.18 31.63
N ASN G 198 -43.82 4.73 30.80
CA ASN G 198 -43.43 5.66 29.74
C ASN G 198 -43.79 7.07 30.19
N ILE G 199 -42.77 7.87 30.50
CA ILE G 199 -42.91 9.24 30.97
C ILE G 199 -42.43 10.18 29.89
N TYR G 200 -43.32 11.06 29.42
CA TYR G 200 -43.00 12.01 28.37
C TYR G 200 -43.02 13.43 28.94
N VAL G 201 -41.90 14.13 28.79
CA VAL G 201 -41.66 15.40 29.47
C VAL G 201 -41.58 16.52 28.44
N THR G 202 -42.23 17.64 28.73
CA THR G 202 -42.23 18.82 27.89
C THR G 202 -41.81 20.02 28.71
N CYS G 203 -40.81 20.77 28.22
CA CYS G 203 -40.27 21.92 28.93
C CYS G 203 -40.42 23.18 28.09
N PHE G 204 -40.89 24.26 28.72
CA PHE G 204 -41.04 25.57 28.08
C PHE G 204 -40.19 26.59 28.82
N VAL G 205 -39.12 27.05 28.18
CA VAL G 205 -38.17 27.98 28.77
C VAL G 205 -38.25 29.29 28.01
N LYS G 206 -38.79 30.32 28.66
CA LYS G 206 -38.83 31.66 28.09
C LYS G 206 -37.44 32.26 28.27
N ILE G 207 -36.68 32.33 27.17
CA ILE G 207 -35.37 32.93 27.25
C ILE G 207 -35.29 34.21 26.44
N GLY G 208 -36.44 34.82 26.14
CA GLY G 208 -36.45 36.02 25.33
C GLY G 208 -36.31 35.75 23.84
N CYS G 209 -36.32 36.84 23.07
CA CYS G 209 -36.42 36.76 21.61
C CYS G 209 -35.04 36.87 20.97
N ALA G 210 -34.82 36.03 19.93
CA ALA G 210 -33.60 35.93 19.13
C ALA G 210 -32.35 35.62 19.97
N MET G 211 -32.55 34.96 21.10
CA MET G 211 -31.47 34.61 21.99
C MET G 211 -30.93 33.24 21.65
N GLU G 212 -29.79 32.89 22.25
CA GLU G 212 -29.03 31.73 21.82
C GLU G 212 -29.43 30.49 22.60
N VAL G 213 -29.87 29.48 21.88
CA VAL G 213 -30.11 28.15 22.39
C VAL G 213 -28.78 27.39 22.31
N TYR G 214 -28.50 26.55 23.30
CA TYR G 214 -27.21 25.85 23.40
C TYR G 214 -27.47 24.36 23.30
N PRO G 215 -27.48 23.78 22.09
CA PRO G 215 -27.66 22.33 21.97
C PRO G 215 -26.44 21.54 22.41
N SER G 216 -26.51 20.22 22.29
CA SER G 216 -25.38 19.37 22.61
C SER G 216 -24.41 19.35 21.43
N GLN G 217 -23.13 19.53 21.73
CA GLN G 217 -22.09 19.50 20.72
C GLN G 217 -21.65 18.07 20.47
N GLU G 218 -21.49 17.73 19.21
CA GLU G 218 -21.13 16.38 18.82
C GLU G 218 -19.61 16.21 18.93
N MET G 219 -19.20 14.98 19.21
CA MET G 219 -17.79 14.68 19.38
C MET G 219 -17.17 14.39 18.02
N THR G 220 -16.10 15.09 17.70
CA THR G 220 -15.33 14.86 16.49
C THR G 220 -14.07 14.08 16.85
N PHE G 221 -13.86 12.95 16.19
CA PHE G 221 -12.77 12.06 16.53
C PHE G 221 -11.60 12.21 15.57
N LYS G 226 -11.75 19.54 13.36
CA LYS G 226 -12.59 20.58 12.77
C LYS G 226 -13.13 21.51 13.86
N GLY G 227 -14.34 22.01 13.66
CA GLY G 227 -14.92 22.96 14.58
C GLY G 227 -16.13 22.43 15.32
N LYS G 228 -16.94 23.34 15.87
CA LYS G 228 -18.09 22.98 16.68
C LYS G 228 -19.20 22.44 15.79
N LYS G 229 -19.39 21.12 15.84
CA LYS G 229 -20.55 20.48 15.22
C LYS G 229 -21.59 20.23 16.31
N LEU G 230 -22.80 20.75 16.09
CA LEU G 230 -23.88 20.67 17.06
C LEU G 230 -24.90 19.64 16.61
N PHE G 231 -25.64 19.09 17.57
CA PHE G 231 -26.53 17.97 17.30
C PHE G 231 -27.85 18.37 16.68
N LYS G 232 -28.15 17.54 15.58
CA LYS G 232 -29.45 17.73 14.89
C LYS G 232 -30.27 16.45 15.06
N PHE G 233 -31.45 16.54 15.67
CA PHE G 233 -32.35 15.37 15.77
C PHE G 233 -33.49 15.59 14.78
N GLU G 234 -33.54 14.79 13.73
CA GLU G 234 -34.53 14.87 12.65
C GLU G 234 -34.59 16.27 12.05
N GLY G 235 -33.40 16.80 11.73
CA GLY G 235 -33.30 18.13 11.19
C GLY G 235 -33.23 19.22 12.26
N SER G 236 -34.20 19.21 13.17
CA SER G 236 -34.22 20.16 14.27
C SER G 236 -33.11 19.83 15.27
N ALA G 237 -32.71 20.85 16.02
CA ALA G 237 -31.65 20.71 17.01
C ALA G 237 -32.14 19.94 18.23
N GLY G 238 -31.20 19.54 19.06
CA GLY G 238 -31.59 18.83 20.28
C GLY G 238 -30.37 18.42 21.07
N MET G 239 -30.64 17.69 22.15
CA MET G 239 -29.60 17.23 23.06
C MET G 239 -29.51 15.71 23.04
N HIS G 240 -28.38 15.21 23.52
CA HIS G 240 -28.15 13.78 23.64
C HIS G 240 -29.01 13.20 24.77
N SER G 241 -29.24 11.88 24.67
CA SER G 241 -29.89 11.16 25.75
C SER G 241 -29.01 11.08 26.99
N GLN G 242 -27.70 10.87 26.79
CA GLN G 242 -26.75 10.79 27.89
C GLN G 242 -26.60 12.12 28.62
N LYS G 243 -26.78 13.23 27.90
CA LYS G 243 -26.72 14.54 28.55
C LYS G 243 -27.93 14.77 29.44
N ILE G 244 -29.11 14.32 29.02
CA ILE G 244 -30.27 14.37 29.90
C ILE G 244 -30.12 13.41 31.07
N ASN G 245 -29.51 12.24 30.85
CA ASN G 245 -29.35 11.28 31.93
C ASN G 245 -28.27 11.64 32.93
N ASN G 246 -27.28 12.46 32.57
CA ASN G 246 -26.31 12.88 33.62
C ASN G 246 -27.04 13.87 34.52
N ALA G 247 -27.92 14.68 33.92
CA ALA G 247 -28.62 15.67 34.72
C ALA G 247 -29.65 15.03 35.65
N LEU G 248 -30.37 14.02 35.18
CA LEU G 248 -31.32 13.31 36.01
C LEU G 248 -30.65 12.48 37.09
N ARG G 249 -29.36 12.12 36.92
CA ARG G 249 -28.64 11.27 37.85
C ARG G 249 -27.81 12.07 38.84
N THR G 250 -28.10 13.35 39.03
CA THR G 250 -27.47 14.11 40.10
C THR G 250 -28.31 13.92 41.36
N ILE G 251 -28.22 12.73 41.93
CA ILE G 251 -29.07 12.38 43.06
C ILE G 251 -28.17 12.01 44.21
N ASP G 252 -26.87 12.08 44.00
CA ASP G 252 -25.89 11.57 44.94
C ASP G 252 -25.49 12.68 45.90
N THR G 253 -26.06 12.64 47.10
CA THR G 253 -25.66 13.46 48.23
C THR G 253 -25.22 12.57 49.37
N TRP G 254 -24.63 11.42 49.02
CA TRP G 254 -24.39 10.37 50.00
C TRP G 254 -22.91 10.09 50.15
N TYR G 255 -22.05 10.89 49.53
CA TYR G 255 -20.62 10.64 49.43
C TYR G 255 -19.96 10.88 50.80
N PRO G 256 -18.70 10.37 50.99
CA PRO G 256 -17.93 10.65 52.20
C PRO G 256 -17.85 12.08 52.72
N ASP G 257 -17.82 13.08 51.83
CA ASP G 257 -17.55 14.46 52.23
C ASP G 257 -18.67 15.38 51.73
N TYR G 258 -19.92 14.98 52.01
CA TYR G 258 -21.05 15.85 51.71
C TYR G 258 -21.11 17.05 52.65
N THR G 259 -20.53 16.94 53.85
CA THR G 259 -20.57 18.03 54.83
C THR G 259 -19.79 19.25 54.34
N THR G 260 -18.56 19.03 53.85
CA THR G 260 -17.74 20.15 53.42
C THR G 260 -18.27 20.79 52.13
N TYR G 261 -18.47 19.81 51.11
CA TYR G 261 -19.11 20.26 49.84
C TYR G 261 -20.55 19.76 49.87
N GLU G 262 -21.54 20.78 49.96
CA GLU G 262 -22.95 20.37 50.09
C GLU G 262 -23.67 20.51 48.74
N PHE G 263 -23.40 19.59 47.81
CA PHE G 263 -24.00 19.67 46.45
C PHE G 263 -24.26 18.26 45.96
N PRO G 264 -25.25 17.98 45.08
CA PRO G 264 -25.34 16.63 44.52
C PRO G 264 -24.42 16.40 43.32
N ILE G 265 -23.53 15.42 43.44
CA ILE G 265 -22.67 14.98 42.35
C ILE G 265 -23.45 13.98 41.50
N PRO G 266 -23.07 13.76 40.24
CA PRO G 266 -23.67 12.66 39.48
C PRO G 266 -23.18 11.31 39.98
N VAL G 267 -23.90 10.26 39.60
CA VAL G 267 -23.66 8.92 40.13
C VAL G 267 -22.75 8.20 39.14
N GLU G 268 -21.45 8.21 39.44
CA GLU G 268 -20.45 7.42 38.74
C GLU G 268 -19.83 6.43 39.72
N ASN G 269 -18.98 5.55 39.17
CA ASN G 269 -18.32 4.53 39.97
C ASN G 269 -17.40 5.13 41.03
N TYR G 270 -16.59 6.10 40.63
CA TYR G 270 -15.59 6.67 41.52
C TYR G 270 -15.97 8.05 42.03
N GLY G 271 -17.21 8.47 41.82
CA GLY G 271 -17.65 9.76 42.33
C GLY G 271 -17.09 10.96 41.60
N ALA G 272 -16.65 10.78 40.35
CA ALA G 272 -16.06 11.86 39.58
C ALA G 272 -17.09 12.93 39.25
N ALA G 273 -16.69 14.19 39.37
CA ALA G 273 -17.54 15.33 39.09
C ALA G 273 -16.69 16.31 38.29
N ARG G 274 -17.03 16.51 37.01
CA ARG G 274 -16.17 17.31 36.15
C ARG G 274 -16.17 18.80 36.51
N SER G 275 -17.21 19.29 37.20
CA SER G 275 -17.22 20.68 37.63
C SER G 275 -16.13 21.00 38.66
N ILE G 276 -16.28 20.46 39.87
CA ILE G 276 -15.23 20.51 40.88
C ILE G 276 -14.29 19.32 40.67
N GLY G 277 -13.10 19.58 40.13
CA GLY G 277 -12.24 18.50 39.68
C GLY G 277 -11.62 17.70 40.80
N ILE G 278 -12.44 16.94 41.51
CA ILE G 278 -12.06 16.15 42.68
C ILE G 278 -12.73 14.79 42.53
N PRO G 279 -12.03 13.69 42.80
CA PRO G 279 -12.71 12.40 42.98
C PRO G 279 -13.31 12.29 44.38
N PHE G 280 -14.60 11.99 44.46
CA PHE G 280 -15.29 12.03 45.73
C PHE G 280 -15.47 10.66 46.36
N ARG G 281 -15.35 9.58 45.58
CA ARG G 281 -15.49 8.21 46.09
C ARG G 281 -14.30 7.40 45.58
N PRO G 282 -13.10 7.64 46.11
CA PRO G 282 -11.89 7.12 45.45
C PRO G 282 -11.37 5.77 45.94
N ASP G 283 -11.98 5.20 46.97
CA ASP G 283 -11.42 3.95 47.53
C ASP G 283 -12.46 3.19 48.34
N THR G 284 -12.69 3.60 49.57
CA THR G 284 -13.53 2.80 50.45
C THR G 284 -15.02 2.95 50.22
N LYS G 285 -15.42 3.90 49.37
CA LYS G 285 -16.83 4.17 49.13
C LYS G 285 -17.15 4.17 47.65
N SER G 286 -16.40 3.41 46.87
CA SER G 286 -16.66 3.27 45.45
C SER G 286 -17.67 2.14 45.24
N PHE G 287 -18.10 1.97 43.98
CA PHE G 287 -19.01 0.87 43.67
C PHE G 287 -18.35 -0.48 43.86
N TYR G 288 -17.09 -0.61 43.45
CA TYR G 288 -16.39 -1.89 43.42
C TYR G 288 -16.23 -2.46 44.82
N LYS G 289 -15.71 -1.65 45.74
CA LYS G 289 -15.53 -2.07 47.14
C LYS G 289 -16.86 -2.34 47.82
N LEU G 290 -17.87 -1.50 47.55
CA LEU G 290 -19.16 -1.66 48.20
C LEU G 290 -19.91 -2.89 47.69
N ILE G 291 -19.83 -3.17 46.40
CA ILE G 291 -20.50 -4.36 45.88
C ILE G 291 -19.72 -5.60 46.26
N ASP G 292 -18.39 -5.49 46.46
CA ASP G 292 -17.56 -6.58 46.94
C ASP G 292 -17.53 -6.64 48.46
N ARG G 293 -18.36 -5.85 49.11
CA ARG G 293 -18.57 -5.95 50.54
C ARG G 293 -20.04 -6.07 50.90
N MET G 294 -20.95 -6.03 49.92
CA MET G 294 -22.33 -6.41 50.14
C MET G 294 -22.70 -7.74 49.51
N ILE G 295 -21.96 -8.18 48.49
CA ILE G 295 -22.21 -9.47 47.87
C ILE G 295 -21.19 -10.52 48.31
N LEU G 296 -19.89 -10.15 48.30
CA LEU G 296 -18.84 -11.12 48.54
C LEU G 296 -18.59 -11.41 50.02
N LYS G 297 -19.11 -10.57 50.94
CA LYS G 297 -18.89 -10.73 52.40
C LYS G 297 -20.20 -10.55 53.18
N ASN G 298 -21.33 -10.89 52.54
CA ASN G 298 -22.68 -10.73 53.14
C ASN G 298 -22.58 -9.86 54.37
N GLU G 299 -22.37 -8.57 54.18
CA GLU G 299 -22.20 -7.67 55.30
C GLU G 299 -23.26 -6.59 55.23
N ASP G 300 -23.84 -6.27 56.39
CA ASP G 300 -24.82 -5.20 56.47
C ASP G 300 -24.16 -3.87 56.16
N LEU G 301 -24.67 -3.22 55.15
CA LEU G 301 -24.25 -1.90 54.73
C LEU G 301 -25.20 -0.87 55.31
N PRO G 302 -24.76 0.36 55.51
CA PRO G 302 -25.71 1.44 55.77
C PRO G 302 -26.62 1.65 54.57
N ILE G 303 -27.83 2.17 54.85
CA ILE G 303 -28.82 2.46 53.81
C ILE G 303 -28.30 3.53 52.85
N GLU G 304 -27.36 4.34 53.31
CA GLU G 304 -26.73 5.41 52.54
C GLU G 304 -25.97 4.82 51.35
N ASP G 305 -25.13 3.82 51.65
CA ASP G 305 -24.38 3.11 50.64
C ASP G 305 -25.30 2.24 49.77
N LYS G 306 -26.38 1.72 50.35
CA LYS G 306 -27.37 0.98 49.56
C LYS G 306 -28.03 1.89 48.53
N HIS G 307 -28.28 3.14 48.89
CA HIS G 307 -28.80 4.13 47.94
C HIS G 307 -27.83 4.33 46.79
N TYR G 308 -26.52 4.44 47.11
CA TYR G 308 -25.52 4.62 46.06
C TYR G 308 -25.40 3.41 45.13
N VAL G 309 -25.31 2.20 45.70
CA VAL G 309 -25.13 0.99 44.90
C VAL G 309 -26.36 0.72 44.06
N MET G 310 -27.55 0.95 44.61
CA MET G 310 -28.76 0.76 43.84
C MET G 310 -28.89 1.80 42.74
N ALA G 311 -28.42 3.04 42.97
CA ALA G 311 -28.45 4.06 41.92
C ALA G 311 -27.53 3.71 40.77
N ILE G 312 -26.36 3.13 41.06
CA ILE G 312 -25.50 2.64 39.99
C ILE G 312 -26.13 1.45 39.27
N LEU G 313 -26.90 0.63 39.99
CA LEU G 313 -27.58 -0.50 39.37
C LEU G 313 -28.79 -0.06 38.54
N ILE G 314 -29.26 1.17 38.75
CA ILE G 314 -30.19 1.84 37.85
C ILE G 314 -29.47 2.56 36.71
N ARG G 315 -28.16 2.74 36.81
CA ARG G 315 -27.45 3.37 35.70
C ARG G 315 -26.97 2.29 34.72
N GLY G 316 -26.28 1.27 35.22
CA GLY G 316 -25.81 0.19 34.39
C GLY G 316 -24.31 0.26 34.16
N GLY G 317 -23.78 -0.85 33.65
CA GLY G 317 -22.38 -0.87 33.28
C GLY G 317 -21.84 -2.28 33.25
N MET G 318 -20.71 -2.48 32.83
CA MET G 318 -20.05 -3.78 32.83
C MET G 318 -19.12 -3.76 34.02
N PHE G 319 -19.34 -4.45 34.98
CA PHE G 319 -18.64 -4.52 36.27
C PHE G 319 -17.99 -5.89 36.46
N SER G 320 -17.05 -6.24 35.58
CA SER G 320 -16.46 -7.57 35.59
C SER G 320 -15.05 -7.53 36.18
N LYS G 321 -14.39 -8.68 36.18
CA LYS G 321 -13.09 -8.84 36.83
C LYS G 321 -12.21 -9.69 35.92
N LYS G 322 -11.00 -10.03 36.40
CA LYS G 322 -10.01 -10.73 35.59
C LYS G 322 -9.96 -12.23 35.90
N GLN G 323 -9.73 -12.62 37.16
CA GLN G 323 -9.53 -14.02 37.48
C GLN G 323 -10.82 -14.82 37.36
N GLU G 324 -11.86 -14.41 38.07
CA GLU G 324 -13.16 -15.06 37.94
C GLU G 324 -14.18 -14.06 37.45
N THR H 1 -0.35 27.96 48.32
CA THR H 1 -1.62 27.26 48.28
C THR H 1 -1.92 26.87 46.84
N LEU H 2 -1.47 27.70 45.90
CA LEU H 2 -1.65 27.42 44.48
C LEU H 2 -0.33 27.70 43.77
N LYS H 3 -0.16 27.08 42.59
CA LYS H 3 1.07 27.31 41.85
C LYS H 3 0.88 27.36 40.34
N SER H 4 -0.36 27.26 39.87
CA SER H 4 -0.64 27.16 38.43
C SER H 4 -2.12 27.38 38.20
N ARG H 5 -2.47 27.59 36.92
CA ARG H 5 -3.89 27.49 36.59
C ARG H 5 -4.25 26.04 36.27
N PRO H 6 -5.52 25.64 36.42
CA PRO H 6 -5.90 24.27 36.05
C PRO H 6 -5.82 23.97 34.56
N GLU H 7 -5.99 22.71 34.19
CA GLU H 7 -5.91 22.29 32.79
C GLU H 7 -7.23 22.45 32.05
N ASN H 8 -8.27 22.90 32.74
CA ASN H 8 -9.55 23.20 32.12
C ASN H 8 -10.14 24.40 32.88
N LEU H 9 -9.88 25.58 32.35
CA LEU H 9 -10.47 26.82 32.86
C LEU H 9 -11.17 27.50 31.71
N SER H 10 -12.50 27.40 31.68
CA SER H 10 -13.30 28.02 30.65
C SER H 10 -14.35 28.91 31.31
N PHE H 11 -14.64 30.02 30.65
CA PHE H 11 -15.66 30.94 31.12
C PHE H 11 -16.72 31.11 30.04
N ALA H 12 -17.90 31.50 30.48
CA ALA H 12 -19.01 31.76 29.59
C ALA H 12 -19.32 33.24 29.62
N ARG H 13 -19.91 33.72 28.53
CA ARG H 13 -20.25 35.12 28.38
C ARG H 13 -21.24 35.58 29.45
N CYS H 14 -21.08 36.83 29.87
CA CYS H 14 -22.02 37.46 30.77
C CYS H 14 -22.82 38.55 30.06
N LEU H 15 -22.56 38.76 28.76
CA LEU H 15 -23.24 39.78 27.97
C LEU H 15 -23.52 39.13 26.62
N ASN H 16 -24.70 38.55 26.46
CA ASN H 16 -25.05 37.76 25.29
C ASN H 16 -25.84 38.65 24.34
N THR H 17 -25.39 38.75 23.09
CA THR H 17 -26.00 39.64 22.12
C THR H 17 -26.69 38.80 21.05
N THR H 18 -27.87 39.25 20.62
CA THR H 18 -28.55 38.64 19.50
C THR H 18 -27.90 39.04 18.20
N GLU H 19 -28.24 38.31 17.14
CA GLU H 19 -27.94 38.79 15.80
C GLU H 19 -28.88 39.96 15.47
N ALA H 20 -28.41 40.80 14.56
CA ALA H 20 -29.15 41.99 14.15
C ALA H 20 -29.94 41.69 12.90
N LYS H 21 -31.14 42.26 12.81
CA LYS H 21 -31.92 42.22 11.59
C LYS H 21 -32.20 43.66 11.16
N PHE H 22 -32.18 43.90 9.86
CA PHE H 22 -32.30 45.26 9.36
C PHE H 22 -33.72 45.48 8.86
N TRP H 23 -34.05 46.75 8.64
CA TRP H 23 -35.36 47.11 8.16
C TRP H 23 -35.22 48.41 7.38
N GLN H 24 -36.27 48.77 6.65
CA GLN H 24 -36.34 50.07 5.99
C GLN H 24 -37.50 50.85 6.60
N THR H 25 -37.25 52.13 6.87
CA THR H 25 -38.16 52.93 7.70
C THR H 25 -38.19 54.35 7.11
N ASP H 26 -39.22 55.11 7.47
CA ASP H 26 -39.31 56.52 7.14
C ASP H 26 -39.45 57.24 8.47
N PHE H 27 -38.52 58.16 8.75
CA PHE H 27 -38.36 58.74 10.09
C PHE H 27 -39.60 59.45 10.62
N LEU H 28 -40.43 60.03 9.76
CA LEU H 28 -41.65 60.67 10.24
C LEU H 28 -42.70 59.62 10.61
N LYS H 29 -42.77 58.55 9.82
CA LYS H 29 -43.73 57.46 10.02
C LYS H 29 -43.14 56.28 10.78
N ARG H 30 -42.09 56.50 11.58
CA ARG H 30 -41.19 55.42 11.96
C ARG H 30 -41.78 54.47 13.00
N HIS H 31 -42.69 54.95 13.84
CA HIS H 31 -43.19 54.12 14.92
C HIS H 31 -44.40 53.32 14.47
N THR H 32 -44.69 53.32 13.17
CA THR H 32 -45.87 52.58 12.68
C THR H 32 -45.55 51.84 11.39
N PHE H 33 -44.28 51.70 11.00
CA PHE H 33 -43.98 51.31 9.63
C PHE H 33 -42.61 50.65 9.56
N LYS H 34 -42.56 49.43 9.00
CA LYS H 34 -41.33 48.66 8.94
C LYS H 34 -41.31 47.61 7.81
N LEU H 35 -40.56 47.90 6.75
CA LEU H 35 -40.35 46.97 5.65
C LEU H 35 -38.99 46.30 5.76
N PRO H 36 -38.82 45.10 5.20
CA PRO H 36 -37.51 44.46 5.22
C PRO H 36 -36.54 45.09 4.25
N LEU H 37 -35.26 44.72 4.41
CA LEU H 37 -34.14 45.26 3.63
C LEU H 37 -33.40 44.07 3.02
N LEU H 38 -34.12 43.34 2.18
CA LEU H 38 -33.57 42.12 1.57
C LEU H 38 -32.20 42.43 0.98
N ILE H 39 -31.39 41.40 0.79
CA ILE H 39 -30.06 41.56 0.20
C ILE H 39 -30.20 41.51 -1.32
N THR H 40 -29.58 42.47 -2.01
CA THR H 40 -29.63 42.60 -3.45
C THR H 40 -28.32 42.09 -4.04
N ASP H 41 -28.41 41.14 -4.95
CA ASP H 41 -27.22 40.51 -5.53
C ASP H 41 -26.46 41.43 -6.48
N SER H 69 -21.24 41.15 -6.84
CA SER H 69 -21.09 41.07 -5.39
C SER H 69 -22.45 41.26 -4.71
N GLN H 70 -22.43 41.77 -3.47
CA GLN H 70 -23.64 42.05 -2.73
C GLN H 70 -23.56 43.46 -2.17
N SER H 71 -24.65 44.21 -2.35
CA SER H 71 -24.60 45.65 -2.14
C SER H 71 -25.47 46.10 -0.98
N CYS H 72 -26.74 45.66 -0.94
CA CYS H 72 -27.72 46.01 0.09
C CYS H 72 -27.98 47.51 0.16
N THR H 73 -28.66 48.05 -0.85
CA THR H 73 -29.00 49.47 -0.92
C THR H 73 -30.48 49.64 -0.65
N LEU H 74 -30.83 50.65 0.16
CA LEU H 74 -32.23 50.96 0.50
C LEU H 74 -33.05 51.29 -0.73
N SER H 75 -34.36 51.08 -0.62
CA SER H 75 -35.30 51.52 -1.64
C SER H 75 -35.40 53.05 -1.65
N THR H 76 -36.08 53.56 -2.69
CA THR H 76 -36.20 54.99 -2.91
C THR H 76 -36.98 55.68 -1.80
N GLU H 77 -38.11 55.09 -1.39
CA GLU H 77 -39.05 55.76 -0.48
C GLU H 77 -38.48 55.91 0.93
N CYS H 78 -37.93 54.83 1.48
CA CYS H 78 -37.46 54.83 2.85
C CYS H 78 -36.15 55.59 2.98
N ASP H 79 -35.89 56.08 4.19
CA ASP H 79 -34.69 56.85 4.47
C ASP H 79 -33.95 56.44 5.73
N THR H 80 -34.51 55.52 6.51
CA THR H 80 -34.03 55.21 7.84
C THR H 80 -33.72 53.71 7.88
N LEU H 81 -32.82 53.30 8.77
CA LEU H 81 -32.38 51.92 8.89
C LEU H 81 -32.66 51.49 10.32
N ARG H 82 -33.65 50.61 10.49
CA ARG H 82 -33.99 50.10 11.82
C ARG H 82 -33.08 48.92 12.14
N ILE H 83 -32.28 49.08 13.18
CA ILE H 83 -31.36 48.06 13.62
C ILE H 83 -31.90 47.55 14.95
N ASP H 84 -32.39 46.31 14.96
CA ASP H 84 -32.96 45.70 16.15
C ASP H 84 -32.09 44.56 16.63
N PHE H 85 -31.83 44.58 17.95
CA PHE H 85 -30.95 43.58 18.59
C PHE H 85 -31.24 43.62 20.08
N GLY H 86 -30.89 42.58 20.81
CA GLY H 86 -31.10 42.51 22.24
C GLY H 86 -29.84 42.02 22.94
N ILE H 87 -29.77 42.30 24.25
CA ILE H 87 -28.66 41.86 25.08
C ILE H 87 -29.20 41.05 26.25
N LYS H 88 -28.51 39.94 26.57
CA LYS H 88 -28.77 39.14 27.75
C LYS H 88 -27.65 39.37 28.74
N VAL H 89 -27.99 39.72 29.97
CA VAL H 89 -27.02 40.03 31.01
C VAL H 89 -27.11 38.95 32.08
N LEU H 90 -25.98 38.34 32.41
CA LEU H 90 -25.87 37.23 33.35
C LEU H 90 -24.85 37.53 34.44
N PRO H 91 -24.96 36.91 35.62
CA PRO H 91 -23.96 37.14 36.67
C PRO H 91 -22.57 36.63 36.30
N VAL H 92 -21.57 37.19 36.96
CA VAL H 92 -20.17 36.94 36.65
C VAL H 92 -19.71 35.79 37.55
N LYS H 93 -20.14 35.77 38.81
CA LYS H 93 -19.76 34.65 39.70
C LYS H 93 -20.24 33.34 39.07
N GLU H 94 -21.54 33.26 38.77
CA GLU H 94 -22.14 32.05 38.18
C GLU H 94 -21.86 31.95 36.68
N SER H 95 -20.60 32.10 36.26
CA SER H 95 -20.26 32.08 34.83
C SER H 95 -18.88 31.47 34.62
N MET H 96 -18.57 30.36 35.30
CA MET H 96 -17.27 29.68 35.14
C MET H 96 -17.56 28.20 34.88
N TYR H 97 -17.49 27.77 33.62
CA TYR H 97 -17.86 26.39 33.26
C TYR H 97 -16.92 25.39 33.89
N SER H 98 -15.64 25.42 33.54
CA SER H 98 -14.73 24.36 34.05
C SER H 98 -13.69 24.90 35.03
N CYS H 99 -13.50 24.22 36.15
CA CYS H 99 -12.41 24.59 37.06
C CYS H 99 -11.93 23.31 37.74
N SER H 100 -10.83 22.76 37.23
CA SER H 100 -10.31 21.46 37.69
C SER H 100 -9.79 21.46 39.12
N ASP H 101 -9.62 22.62 39.75
CA ASP H 101 -9.14 22.69 41.13
C ASP H 101 -10.08 23.61 41.89
N TYR H 102 -10.52 23.16 43.08
CA TYR H 102 -11.42 23.95 43.90
C TYR H 102 -10.73 25.14 44.56
N ASN H 103 -9.40 25.08 44.72
CA ASN H 103 -8.65 26.21 45.24
C ASN H 103 -8.74 27.40 44.31
N TYR H 104 -8.61 27.16 43.01
CA TYR H 104 -8.69 28.21 42.02
C TYR H 104 -10.11 28.79 41.93
N ARG H 105 -11.13 27.93 42.09
CA ARG H 105 -12.51 28.40 42.11
C ARG H 105 -12.77 29.29 43.33
N THR H 106 -12.26 28.88 44.50
CA THR H 106 -12.42 29.68 45.72
C THR H 106 -11.69 31.02 45.59
N ALA H 107 -10.52 31.02 44.95
CA ALA H 107 -9.75 32.25 44.76
C ALA H 107 -10.47 33.23 43.83
N ILE H 108 -11.00 32.73 42.70
CA ILE H 108 -11.79 33.58 41.80
C ILE H 108 -13.03 34.13 42.49
N TYR H 109 -13.73 33.28 43.27
CA TYR H 109 -14.94 33.73 43.96
C TYR H 109 -14.64 34.78 45.01
N GLN H 110 -13.50 34.66 45.70
CA GLN H 110 -13.13 35.70 46.67
C GLN H 110 -12.71 37.00 45.99
N LYS H 111 -11.96 36.91 44.88
CA LYS H 111 -11.57 38.12 44.15
C LYS H 111 -12.77 38.86 43.59
N ILE H 112 -13.75 38.11 43.07
CA ILE H 112 -14.98 38.71 42.58
C ILE H 112 -15.79 39.29 43.72
N ASP H 113 -15.79 38.66 44.91
CA ASP H 113 -16.44 39.26 46.08
C ASP H 113 -15.78 40.58 46.49
N GLU H 114 -14.46 40.69 46.31
CA GLU H 114 -13.80 41.98 46.51
C GLU H 114 -14.32 43.03 45.52
N TYR H 115 -14.41 42.67 44.23
CA TYR H 115 -14.86 43.72 43.27
C TYR H 115 -16.33 44.04 43.58
N ILE H 116 -17.15 43.05 43.90
CA ILE H 116 -18.51 43.34 44.35
C ILE H 116 -18.53 44.29 45.55
N ALA H 117 -17.47 44.29 46.36
CA ALA H 117 -17.45 45.19 47.52
C ALA H 117 -17.04 46.61 47.11
N GLU H 118 -15.77 46.65 46.48
CA GLU H 118 -15.22 47.97 46.08
C GLU H 118 -16.27 48.77 45.29
N ASP H 119 -16.39 48.44 43.99
CA ASP H 119 -17.37 49.08 43.06
C ASP H 119 -18.25 47.99 42.46
N GLY H 120 -19.57 48.13 42.54
CA GLY H 120 -20.48 47.08 42.06
C GLY H 120 -20.54 47.02 40.56
N PHE H 121 -19.48 46.55 39.91
CA PHE H 121 -19.43 46.43 38.42
C PHE H 121 -20.14 47.63 37.80
N LEU H 122 -19.99 48.81 38.42
CA LEU H 122 -20.62 50.01 37.88
C LEU H 122 -19.81 50.72 36.82
N THR H 123 -18.48 50.72 36.93
CA THR H 123 -17.63 51.35 35.92
C THR H 123 -17.77 50.65 34.58
N LEU H 124 -17.65 49.31 34.59
CA LEU H 124 -17.79 48.52 33.38
C LEU H 124 -19.19 48.63 32.80
N ALA H 125 -20.20 48.68 33.66
CA ALA H 125 -21.59 48.80 33.22
C ALA H 125 -21.84 50.13 32.52
N LYS H 126 -21.37 51.24 33.12
CA LYS H 126 -21.49 52.54 32.49
C LYS H 126 -20.78 52.58 31.14
N ARG H 127 -19.61 51.94 31.05
CA ARG H 127 -18.87 51.89 29.80
C ARG H 127 -19.60 51.07 28.72
N TYR H 128 -20.22 49.95 29.10
CA TYR H 128 -21.01 49.15 28.14
C TYR H 128 -22.24 49.89 27.66
N VAL H 129 -22.97 50.56 28.57
CA VAL H 129 -24.12 51.35 28.16
C VAL H 129 -23.70 52.55 27.33
N ASN H 130 -22.48 53.06 27.55
CA ASN H 130 -21.95 54.13 26.68
C ASN H 130 -21.71 53.63 25.27
N ASN H 131 -21.17 52.43 25.10
CA ASN H 131 -21.07 51.96 23.70
C ASN H 131 -22.40 51.54 23.08
N ILE H 132 -23.51 51.55 23.82
CA ILE H 132 -24.83 51.64 23.20
C ILE H 132 -25.14 53.09 22.84
N ALA H 133 -24.85 53.99 23.78
CA ALA H 133 -25.15 55.41 23.65
C ALA H 133 -24.37 56.07 22.53
N ASN H 134 -23.10 55.69 22.35
CA ASN H 134 -22.33 56.28 21.26
C ASN H 134 -22.69 55.72 19.89
N ALA H 135 -23.48 54.64 19.86
CA ALA H 135 -23.85 53.89 18.64
C ALA H 135 -22.61 53.38 17.90
N ARG H 136 -21.73 52.73 18.64
CA ARG H 136 -20.59 52.07 18.02
C ARG H 136 -20.96 50.68 17.50
N PHE H 137 -22.14 50.16 17.86
CA PHE H 137 -22.67 48.97 17.22
C PHE H 137 -23.02 49.24 15.76
N LEU H 138 -23.23 50.49 15.39
CA LEU H 138 -23.17 50.90 13.99
C LEU H 138 -21.70 51.09 13.65
N TRP H 139 -21.11 50.18 12.88
CA TRP H 139 -19.70 50.37 12.60
C TRP H 139 -19.47 51.31 11.44
N ARG H 140 -19.76 51.04 10.25
CA ARG H 140 -19.57 52.03 9.15
C ARG H 140 -20.91 52.65 8.78
N ASN H 141 -21.95 52.37 9.58
CA ASN H 141 -23.26 52.96 9.34
C ASN H 141 -23.45 54.29 10.05
N ARG H 142 -22.49 54.72 10.86
CA ARG H 142 -22.70 55.90 11.69
C ARG H 142 -22.50 57.18 10.87
N LYS H 143 -21.42 57.25 10.10
CA LYS H 143 -21.13 58.40 9.27
C LYS H 143 -22.14 58.54 8.15
N GLY H 144 -22.56 59.78 7.88
CA GLY H 144 -23.45 60.04 6.77
C GLY H 144 -24.90 60.09 7.20
N ALA H 145 -25.13 60.60 8.40
CA ALA H 145 -26.49 60.70 8.93
C ALA H 145 -26.56 61.95 9.78
N GLU H 146 -27.63 62.72 9.57
CA GLU H 146 -27.86 63.91 10.39
C GLU H 146 -28.21 63.51 11.81
N ILE H 147 -29.16 62.60 11.94
CA ILE H 147 -29.74 62.18 13.21
C ILE H 147 -29.70 60.66 13.33
N ILE H 148 -29.22 60.17 14.47
CA ILE H 148 -29.25 58.74 14.81
C ILE H 148 -29.77 58.62 16.24
N GLU H 149 -31.00 58.16 16.41
CA GLU H 149 -31.54 57.92 17.74
C GLU H 149 -31.51 56.43 18.06
N THR H 150 -31.43 56.12 19.36
CA THR H 150 -31.27 54.74 19.84
C THR H 150 -32.13 54.55 21.07
N ILE H 151 -33.23 53.81 20.94
CA ILE H 151 -34.14 53.59 22.06
C ILE H 151 -33.79 52.25 22.72
N VAL H 152 -33.67 52.28 24.04
CA VAL H 152 -33.32 51.10 24.83
C VAL H 152 -34.52 50.75 25.68
N THR H 153 -35.01 49.52 25.53
CA THR H 153 -36.16 49.04 26.29
C THR H 153 -35.74 47.93 27.24
N ILE H 154 -36.14 48.07 28.50
CA ILE H 154 -35.90 47.06 29.53
C ILE H 154 -37.27 46.73 30.11
N GLU H 155 -37.69 45.50 29.83
CA GLU H 155 -39.00 44.98 30.29
C GLU H 155 -40.10 45.75 29.58
N ASP H 156 -40.90 46.46 30.36
CA ASP H 156 -41.92 47.33 29.78
C ASP H 156 -41.55 48.80 29.78
N LYS H 157 -40.55 49.20 30.57
CA LYS H 157 -40.16 50.60 30.66
C LYS H 157 -39.32 50.96 29.44
N GLU H 158 -39.89 51.74 28.54
CA GLU H 158 -39.13 52.29 27.41
C GLU H 158 -38.38 53.50 27.93
N TYR H 159 -37.10 53.32 28.18
CA TYR H 159 -36.28 54.40 28.70
C TYR H 159 -36.12 55.49 27.65
N PRO H 160 -36.03 56.79 28.07
CA PRO H 160 -35.94 57.92 27.13
C PRO H 160 -34.82 57.81 26.10
N SER H 161 -35.08 58.32 24.89
CA SER H 161 -34.26 58.06 23.71
C SER H 161 -32.88 58.68 23.85
N PHE H 162 -31.97 58.25 22.99
CA PHE H 162 -30.55 58.56 23.10
C PHE H 162 -30.13 59.29 21.83
N ASN H 163 -29.57 60.49 22.00
CA ASN H 163 -29.02 61.24 20.82
C ASN H 163 -27.58 60.80 20.66
N SER H 164 -27.35 59.82 19.81
CA SER H 164 -26.02 59.24 19.67
C SER H 164 -25.04 60.18 19.01
N LYS H 165 -25.54 61.11 18.19
CA LYS H 165 -24.73 62.15 17.56
C LYS H 165 -24.54 63.35 18.50
N SER H 166 -24.22 63.05 19.75
CA SER H 166 -23.79 64.05 20.72
C SER H 166 -22.62 63.47 21.50
N PHE H 167 -22.52 62.14 21.49
CA PHE H 167 -21.44 61.42 22.14
C PHE H 167 -20.35 61.10 21.12
N ASN H 168 -19.11 61.18 21.58
CA ASN H 168 -17.93 60.94 20.76
C ASN H 168 -17.43 59.53 21.07
N LEU H 169 -16.77 58.90 20.09
CA LEU H 169 -16.29 57.54 20.25
C LEU H 169 -14.92 57.46 20.92
N ASP H 170 -14.53 58.52 21.64
CA ASP H 170 -13.30 58.51 22.42
C ASP H 170 -13.51 58.97 23.84
N THR H 171 -14.73 59.35 24.22
CA THR H 171 -15.05 59.88 25.53
C THR H 171 -16.10 59.01 26.21
N PHE H 172 -16.17 59.10 27.53
CA PHE H 172 -17.10 58.29 28.32
C PHE H 172 -17.84 59.19 29.29
N VAL H 173 -19.13 59.43 29.02
CA VAL H 173 -19.96 60.21 29.91
C VAL H 173 -20.34 59.38 31.12
N GLU H 174 -20.23 59.99 32.30
CA GLU H 174 -20.61 59.34 33.55
C GLU H 174 -21.76 60.05 34.24
N ASP H 175 -22.24 61.17 33.71
CA ASP H 175 -23.23 62.02 34.36
C ASP H 175 -24.66 61.79 33.88
N ASN H 176 -24.83 61.25 32.66
CA ASN H 176 -26.16 61.06 32.09
C ASN H 176 -26.92 60.03 32.92
N ALA H 177 -28.23 60.27 33.05
CA ALA H 177 -29.06 59.60 34.05
C ALA H 177 -29.67 58.30 33.54
N THR H 178 -30.08 58.27 32.27
CA THR H 178 -30.57 57.02 31.68
C THR H 178 -29.46 55.99 31.61
N ILE H 179 -28.25 56.45 31.27
CA ILE H 179 -27.06 55.60 31.26
C ILE H 179 -26.79 55.03 32.64
N ASN H 180 -26.90 55.86 33.68
CA ASN H 180 -26.67 55.39 35.03
C ASN H 180 -27.76 54.43 35.51
N GLU H 181 -29.01 54.61 35.06
CA GLU H 181 -30.08 53.68 35.44
C GLU H 181 -29.86 52.30 34.81
N ILE H 182 -29.57 52.29 33.50
CA ILE H 182 -29.32 51.04 32.79
C ILE H 182 -28.06 50.38 33.33
N ALA H 183 -27.05 51.19 33.66
CA ALA H 183 -25.80 50.67 34.22
C ALA H 183 -26.00 50.12 35.62
N GLN H 184 -26.90 50.71 36.41
CA GLN H 184 -27.14 50.15 37.74
C GLN H 184 -27.88 48.82 37.66
N GLN H 185 -28.80 48.66 36.70
CA GLN H 185 -29.44 47.35 36.54
C GLN H 185 -28.47 46.30 35.99
N ILE H 186 -27.62 46.70 35.03
CA ILE H 186 -26.55 45.84 34.53
C ILE H 186 -25.56 45.49 35.64
N ALA H 187 -25.33 46.43 36.56
CA ALA H 187 -24.40 46.23 37.67
C ALA H 187 -24.94 45.25 38.68
N ASP H 188 -26.22 45.41 39.04
CA ASP H 188 -26.89 44.46 39.94
C ASP H 188 -26.92 43.05 39.35
N THR H 189 -27.16 42.94 38.04
CA THR H 189 -27.18 41.63 37.41
C THR H 189 -25.79 41.01 37.36
N PHE H 190 -24.79 41.77 36.90
CA PHE H 190 -23.37 41.36 36.94
C PHE H 190 -22.86 41.03 38.33
N ALA H 191 -23.44 41.60 39.37
CA ALA H 191 -23.03 41.26 40.72
C ALA H 191 -23.66 39.94 41.16
N GLY H 192 -24.98 39.87 41.13
CA GLY H 192 -25.66 38.72 41.68
C GLY H 192 -26.93 39.11 42.40
N LYS H 193 -27.22 40.41 42.41
CA LYS H 193 -28.47 40.92 42.96
C LYS H 193 -29.64 40.74 42.00
N ARG H 194 -29.37 40.23 40.80
CA ARG H 194 -30.46 39.93 39.85
C ARG H 194 -29.96 38.76 38.99
N GLU H 195 -30.86 37.98 38.39
CA GLU H 195 -30.42 36.78 37.65
C GLU H 195 -30.23 37.10 36.17
N TYR H 196 -31.22 37.73 35.53
CA TYR H 196 -31.14 38.04 34.09
C TYR H 196 -31.67 39.44 33.84
N LEU H 197 -31.07 40.19 32.92
CA LEU H 197 -31.58 41.50 32.54
C LEU H 197 -31.65 41.53 31.01
N ASN H 198 -32.84 41.33 30.47
CA ASN H 198 -33.04 41.30 29.03
C ASN H 198 -33.22 42.73 28.55
N ILE H 199 -32.20 43.24 27.84
CA ILE H 199 -32.22 44.60 27.32
C ILE H 199 -32.44 44.53 25.82
N TYR H 200 -33.50 45.16 25.33
CA TYR H 200 -33.80 45.20 23.91
C TYR H 200 -33.62 46.62 23.38
N VAL H 201 -32.79 46.74 22.34
CA VAL H 201 -32.31 48.03 21.85
C VAL H 201 -32.66 48.15 20.38
N THR H 202 -33.41 49.19 20.02
CA THR H 202 -33.68 49.53 18.63
C THR H 202 -32.98 50.84 18.28
N CYS H 203 -32.55 50.95 17.02
CA CYS H 203 -31.83 52.12 16.53
C CYS H 203 -32.40 52.56 15.20
N PHE H 204 -32.26 53.85 14.91
CA PHE H 204 -32.77 54.46 13.67
C PHE H 204 -31.66 55.29 13.04
N VAL H 205 -31.31 54.99 11.79
CA VAL H 205 -30.17 55.62 11.12
C VAL H 205 -30.66 56.29 9.84
N LYS H 206 -30.74 57.62 9.84
CA LYS H 206 -31.15 58.38 8.66
C LYS H 206 -29.96 58.64 7.74
N ILE H 207 -29.54 57.59 7.02
CA ILE H 207 -28.47 57.75 6.04
C ILE H 207 -28.97 58.25 4.70
N GLY H 208 -30.26 58.49 4.55
CA GLY H 208 -30.82 59.09 3.35
C GLY H 208 -31.43 58.03 2.44
N CYS H 209 -31.41 58.29 1.14
CA CYS H 209 -32.12 57.43 0.21
C CYS H 209 -31.18 57.06 -0.93
N ALA H 210 -31.37 55.83 -1.44
CA ALA H 210 -30.55 55.19 -2.47
C ALA H 210 -29.07 55.09 -2.06
N MET H 211 -28.76 55.13 -0.77
CA MET H 211 -27.42 54.96 -0.26
C MET H 211 -27.27 53.59 0.40
N GLU H 212 -26.01 53.18 0.56
CA GLU H 212 -25.66 51.84 0.98
C GLU H 212 -25.78 51.73 2.50
N VAL H 213 -25.98 50.50 3.00
CA VAL H 213 -26.16 50.31 4.44
C VAL H 213 -25.04 49.50 5.06
N TYR H 214 -24.24 48.77 4.28
CA TYR H 214 -23.07 48.01 4.68
C TYR H 214 -23.31 47.03 5.83
N PRO H 215 -23.99 45.90 5.59
CA PRO H 215 -24.13 44.88 6.63
C PRO H 215 -22.84 44.13 6.90
N SER H 216 -22.90 43.05 7.68
CA SER H 216 -21.70 42.36 8.10
C SER H 216 -21.39 41.26 7.10
N GLN H 217 -20.10 40.98 6.95
CA GLN H 217 -19.62 40.11 5.90
C GLN H 217 -19.37 38.72 6.46
N GLU H 218 -19.80 37.71 5.71
CA GLU H 218 -19.63 36.31 6.09
C GLU H 218 -18.26 35.85 5.66
N MET H 219 -17.70 34.89 6.40
CA MET H 219 -16.33 34.46 6.09
C MET H 219 -16.34 33.33 5.08
N THR H 220 -16.43 33.66 3.80
CA THR H 220 -16.26 32.65 2.77
C THR H 220 -14.90 31.97 2.95
N PHE H 221 -14.92 30.65 3.09
CA PHE H 221 -13.68 29.91 3.25
C PHE H 221 -13.19 29.30 1.94
N ASP H 222 -13.96 29.41 0.86
CA ASP H 222 -13.59 28.79 -0.41
C ASP H 222 -13.37 29.87 -1.46
N GLY H 227 -15.52 36.80 -3.38
CA GLY H 227 -16.65 37.71 -3.32
C GLY H 227 -17.14 37.98 -1.90
N LYS H 228 -17.77 39.12 -1.70
CA LYS H 228 -18.22 39.54 -0.37
C LYS H 228 -19.69 39.21 -0.17
N LYS H 229 -19.96 37.92 0.05
CA LYS H 229 -21.28 37.50 0.46
C LYS H 229 -21.55 37.94 1.89
N LEU H 230 -22.58 38.76 2.06
CA LEU H 230 -22.90 39.40 3.32
C LEU H 230 -23.87 38.54 4.13
N PHE H 231 -24.29 39.05 5.29
CA PHE H 231 -25.12 38.29 6.21
C PHE H 231 -26.59 38.37 5.83
N LYS H 232 -27.29 37.25 6.02
CA LYS H 232 -28.73 37.18 5.81
C LYS H 232 -29.34 36.47 7.00
N PHE H 233 -30.14 37.19 7.79
CA PHE H 233 -30.81 36.63 8.94
C PHE H 233 -32.31 36.70 8.68
N GLU H 234 -32.93 35.52 8.53
CA GLU H 234 -34.38 35.33 8.31
C GLU H 234 -34.90 36.10 7.10
N GLY H 235 -34.24 35.92 5.96
CA GLY H 235 -34.66 36.54 4.71
C GLY H 235 -34.56 38.05 4.70
N SER H 236 -33.51 38.59 5.31
CA SER H 236 -33.29 40.02 5.46
C SER H 236 -31.79 40.27 5.53
N ALA H 237 -31.39 41.41 6.06
CA ALA H 237 -29.97 41.69 6.23
C ALA H 237 -29.74 42.08 7.68
N GLY H 238 -28.49 41.99 8.10
CA GLY H 238 -28.17 42.34 9.46
C GLY H 238 -26.70 42.12 9.73
N MET H 239 -26.34 42.26 11.00
CA MET H 239 -24.97 42.07 11.42
C MET H 239 -24.87 40.91 12.40
N HIS H 240 -23.68 40.31 12.43
CA HIS H 240 -23.37 39.24 13.37
C HIS H 240 -23.44 39.76 14.81
N SER H 241 -23.73 38.84 15.73
CA SER H 241 -23.67 39.19 17.15
C SER H 241 -22.24 39.37 17.63
N GLN H 242 -21.29 38.70 16.96
CA GLN H 242 -19.88 38.78 17.33
C GLN H 242 -19.32 40.18 17.13
N LYS H 243 -19.76 40.87 16.07
CA LYS H 243 -19.31 42.23 15.77
C LYS H 243 -19.89 43.24 16.74
N ILE H 244 -21.20 43.12 16.99
CA ILE H 244 -21.91 43.99 17.92
C ILE H 244 -21.34 43.84 19.32
N ASN H 245 -20.94 42.63 19.70
CA ASN H 245 -20.36 42.46 21.02
C ASN H 245 -18.93 42.97 21.11
N ASN H 246 -18.16 42.96 20.00
CA ASN H 246 -16.91 43.73 19.95
C ASN H 246 -17.17 45.20 20.15
N ALA H 247 -18.23 45.71 19.52
CA ALA H 247 -18.56 47.13 19.61
C ALA H 247 -18.92 47.55 21.02
N LEU H 248 -19.69 46.71 21.73
CA LEU H 248 -19.90 47.02 23.14
C LEU H 248 -18.66 46.81 24.00
N ARG H 249 -17.73 45.96 23.59
CA ARG H 249 -16.52 45.71 24.38
C ARG H 249 -15.45 46.77 24.23
N THR H 250 -15.65 47.83 23.45
CA THR H 250 -14.60 48.84 23.33
C THR H 250 -14.67 49.77 24.53
N ILE H 251 -14.24 49.24 25.69
CA ILE H 251 -14.38 49.99 26.94
C ILE H 251 -13.04 50.07 27.66
N ASP H 252 -11.96 49.71 26.99
CA ASP H 252 -10.66 49.63 27.64
C ASP H 252 -9.92 50.94 27.45
N THR H 253 -9.62 51.59 28.56
CA THR H 253 -8.79 52.78 28.61
C THR H 253 -7.75 52.64 29.72
N TRP H 254 -7.39 51.39 30.03
CA TRP H 254 -6.45 51.13 31.15
C TRP H 254 -5.08 50.65 30.65
N TYR H 255 -4.89 50.53 29.34
CA TYR H 255 -3.63 49.99 28.78
C TYR H 255 -2.44 50.80 29.31
N PRO H 256 -1.21 50.24 29.37
CA PRO H 256 -0.02 51.00 29.77
C PRO H 256 0.23 52.30 29.00
N ASP H 257 -0.41 52.50 27.84
CA ASP H 257 -0.10 53.62 26.94
C ASP H 257 -1.37 54.45 26.64
N TYR H 258 -2.12 54.84 27.67
CA TYR H 258 -3.34 55.62 27.41
C TYR H 258 -2.98 57.07 27.09
N THR H 259 -1.76 57.51 27.39
CA THR H 259 -1.39 58.89 27.06
C THR H 259 -0.92 58.99 25.62
N THR H 260 -0.02 58.09 25.26
CA THR H 260 0.53 58.06 23.89
C THR H 260 -0.64 57.89 22.92
N TYR H 261 -1.39 56.80 23.07
CA TYR H 261 -2.59 56.57 22.22
C TYR H 261 -3.81 56.80 23.12
N GLU H 262 -4.81 57.55 22.65
CA GLU H 262 -5.92 57.86 23.58
C GLU H 262 -7.26 57.33 23.08
N PHE H 263 -7.34 56.06 22.65
CA PHE H 263 -8.62 55.59 22.14
C PHE H 263 -9.04 54.32 22.88
N PRO H 264 -10.33 54.12 23.12
CA PRO H 264 -10.79 52.82 23.63
C PRO H 264 -10.50 51.69 22.66
N ILE H 265 -9.98 50.59 23.21
CA ILE H 265 -9.60 49.40 22.46
C ILE H 265 -10.57 48.32 22.91
N PRO H 266 -11.00 47.39 22.04
CA PRO H 266 -11.79 46.24 22.52
C PRO H 266 -10.97 45.41 23.49
N VAL H 267 -11.63 44.87 24.52
CA VAL H 267 -10.89 44.32 25.63
C VAL H 267 -10.54 42.88 25.33
N GLU H 268 -9.44 42.69 24.62
CA GLU H 268 -8.89 41.38 24.35
C GLU H 268 -7.80 41.05 25.37
N ASN H 269 -7.48 39.76 25.48
CA ASN H 269 -6.50 39.27 26.45
C ASN H 269 -5.11 39.85 26.16
N TYR H 270 -4.51 39.43 25.05
CA TYR H 270 -3.34 40.10 24.50
C TYR H 270 -3.86 41.26 23.67
N GLY H 271 -4.17 42.37 24.38
CA GLY H 271 -4.91 43.52 23.88
C GLY H 271 -4.48 44.06 22.53
N ALA H 272 -5.34 43.87 21.55
CA ALA H 272 -4.98 43.98 20.14
C ALA H 272 -6.00 44.86 19.42
N ALA H 273 -5.74 46.16 19.38
CA ALA H 273 -6.48 47.02 18.48
C ALA H 273 -6.10 46.69 17.05
N ARG H 274 -7.06 46.20 16.28
CA ARG H 274 -6.81 45.85 14.89
C ARG H 274 -7.07 47.02 13.95
N SER H 275 -7.45 48.18 14.48
CA SER H 275 -7.35 49.42 13.71
C SER H 275 -5.89 49.78 13.44
N ILE H 276 -5.01 49.43 14.37
CA ILE H 276 -3.57 49.62 14.21
C ILE H 276 -2.87 48.28 14.36
N GLY H 277 -1.54 48.29 14.46
CA GLY H 277 -0.78 47.08 14.68
C GLY H 277 0.08 47.17 15.92
N ILE H 278 -0.45 47.73 16.99
CA ILE H 278 0.31 48.05 18.19
C ILE H 278 -0.19 47.19 19.34
N PRO H 279 0.64 46.28 19.84
CA PRO H 279 0.28 45.46 21.00
C PRO H 279 0.27 46.22 22.32
N PHE H 280 -0.89 46.80 22.68
CA PHE H 280 -0.99 47.66 23.87
C PHE H 280 -0.65 46.89 25.16
N ARG H 281 -1.21 45.69 25.31
CA ARG H 281 -0.89 44.84 26.49
C ARG H 281 -0.14 43.62 25.94
N PRO H 282 1.17 43.70 25.68
CA PRO H 282 1.88 42.61 25.03
C PRO H 282 2.49 41.61 26.00
N ASP H 283 2.59 41.97 27.28
CA ASP H 283 3.28 41.05 28.23
C ASP H 283 2.88 41.32 29.67
N THR H 284 3.46 42.34 30.28
CA THR H 284 3.25 42.54 31.71
C THR H 284 1.77 42.71 32.06
N LYS H 285 1.03 43.43 31.24
CA LYS H 285 -0.37 43.75 31.53
C LYS H 285 -1.31 42.94 30.65
N SER H 286 -0.91 41.72 30.32
CA SER H 286 -1.78 40.76 29.66
C SER H 286 -2.53 39.98 30.71
N PHE H 287 -3.71 39.46 30.33
CA PHE H 287 -4.57 38.74 31.26
C PHE H 287 -3.91 37.47 31.77
N TYR H 288 -3.14 36.80 30.91
CA TYR H 288 -2.50 35.55 31.29
C TYR H 288 -1.42 35.78 32.35
N LYS H 289 -0.76 36.94 32.30
CA LYS H 289 0.19 37.33 33.32
C LYS H 289 -0.38 38.39 34.25
N LEU H 290 -1.70 38.39 34.44
CA LEU H 290 -2.35 39.23 35.44
C LEU H 290 -3.17 38.35 36.38
N ILE H 291 -3.80 37.31 35.82
CA ILE H 291 -4.60 36.40 36.63
C ILE H 291 -3.68 35.51 37.47
N ASP H 292 -2.41 35.37 37.06
CA ASP H 292 -1.38 34.62 37.76
C ASP H 292 -0.70 35.44 38.85
N ARG H 293 -1.12 36.69 39.05
CA ARG H 293 -0.57 37.51 40.10
C ARG H 293 -1.62 38.03 41.06
N MET H 294 -2.90 37.77 40.79
CA MET H 294 -3.96 38.04 41.74
C MET H 294 -4.42 36.77 42.44
N ILE H 295 -4.01 35.60 41.94
CA ILE H 295 -4.41 34.34 42.55
C ILE H 295 -3.21 33.52 43.01
N LEU H 296 -2.13 33.51 42.23
CA LEU H 296 -1.02 32.63 42.61
C LEU H 296 -0.05 33.28 43.58
N LYS H 297 0.67 34.31 43.12
CA LYS H 297 1.57 35.07 43.97
C LYS H 297 0.83 36.22 44.63
N ASN H 298 -0.19 35.91 45.45
CA ASN H 298 -1.39 36.71 45.72
C ASN H 298 -0.99 38.13 46.10
N GLU H 299 -1.32 39.06 45.20
CA GLU H 299 -0.83 40.42 45.20
C GLU H 299 -2.01 41.33 44.88
N ASP H 300 -2.27 42.29 45.76
CA ASP H 300 -3.30 43.27 45.45
C ASP H 300 -2.82 44.14 44.30
N LEU H 301 -3.71 44.37 43.34
CA LEU H 301 -3.41 45.10 42.12
C LEU H 301 -4.18 46.41 42.15
N PRO H 302 -3.75 47.43 41.40
CA PRO H 302 -4.54 48.66 41.29
C PRO H 302 -5.89 48.42 40.65
N ILE H 303 -6.82 49.35 40.91
CA ILE H 303 -8.18 49.26 40.37
C ILE H 303 -8.20 49.43 38.85
N GLU H 304 -7.13 49.94 38.25
CA GLU H 304 -7.09 50.15 36.81
C GLU H 304 -7.05 48.83 36.05
N ASP H 305 -6.20 47.89 36.48
CA ASP H 305 -6.10 46.60 35.83
C ASP H 305 -7.17 45.62 36.28
N LYS H 306 -7.71 45.83 37.49
CA LYS H 306 -8.80 45.02 38.04
C LYS H 306 -10.04 45.05 37.16
N HIS H 307 -10.34 46.22 36.58
CA HIS H 307 -11.43 46.35 35.62
C HIS H 307 -11.18 45.48 34.39
N TYR H 308 -9.94 45.46 33.92
CA TYR H 308 -9.59 44.65 32.75
C TYR H 308 -9.70 43.15 33.03
N VAL H 309 -9.30 42.72 34.22
CA VAL H 309 -9.41 41.29 34.57
C VAL H 309 -10.88 40.87 34.65
N MET H 310 -11.69 41.63 35.38
CA MET H 310 -13.12 41.31 35.40
C MET H 310 -13.91 41.91 34.23
N ALA H 311 -13.22 42.30 33.15
CA ALA H 311 -13.84 42.50 31.85
C ALA H 311 -13.36 41.52 30.78
N ILE H 312 -12.23 40.82 31.00
CA ILE H 312 -11.98 39.53 30.36
C ILE H 312 -12.89 38.44 30.92
N LEU H 313 -13.27 38.53 32.19
CA LEU H 313 -14.17 37.53 32.77
C LEU H 313 -15.63 37.76 32.40
N ILE H 314 -15.92 38.74 31.54
CA ILE H 314 -17.24 39.04 31.03
C ILE H 314 -17.32 38.73 29.54
N ARG H 315 -16.18 38.66 28.87
CA ARG H 315 -16.07 38.27 27.47
C ARG H 315 -16.12 36.77 27.29
N GLY H 316 -15.48 36.04 28.20
CA GLY H 316 -15.39 34.60 28.10
C GLY H 316 -14.17 34.17 27.31
N GLY H 317 -13.80 32.91 27.51
CA GLY H 317 -12.72 32.30 26.77
C GLY H 317 -12.17 31.13 27.55
N MET H 318 -11.43 30.24 26.92
CA MET H 318 -10.79 29.15 27.64
C MET H 318 -9.43 29.72 28.04
N PHE H 319 -9.26 29.92 29.35
CA PHE H 319 -8.03 30.47 29.88
C PHE H 319 -7.29 29.40 30.69
N SER H 320 -6.82 28.37 30.00
CA SER H 320 -6.24 27.23 30.68
C SER H 320 -4.79 27.03 30.28
N LYS H 321 -4.00 26.51 31.21
CA LYS H 321 -2.59 26.19 30.99
C LYS H 321 -2.42 24.75 30.54
N LYS H 322 -1.38 24.54 29.75
CA LYS H 322 -0.88 23.19 29.49
C LYS H 322 -0.06 22.77 30.70
N GLN H 323 -0.42 21.61 31.27
CA GLN H 323 0.09 21.07 32.54
C GLN H 323 -0.15 22.03 33.70
N MET K 1 3.67 80.64 5.47
CA MET K 1 3.64 79.28 4.92
C MET K 1 3.54 78.39 6.16
N PHE K 2 2.33 78.27 6.70
CA PHE K 2 2.06 77.56 7.94
C PHE K 2 1.08 76.41 7.69
N SER K 3 0.70 75.71 8.75
CA SER K 3 -0.03 74.46 8.60
C SER K 3 -1.03 74.27 9.74
N GLN K 4 -2.12 73.57 9.44
CA GLN K 4 -3.16 73.26 10.41
C GLN K 4 -3.15 71.78 10.73
N ILE K 5 -3.66 71.44 11.92
CA ILE K 5 -3.57 70.10 12.47
C ILE K 5 -4.92 69.44 12.23
N LEU K 6 -4.97 68.49 11.30
CA LEU K 6 -6.14 67.64 11.07
C LEU K 6 -5.76 66.21 11.45
N ILE K 7 -6.35 65.71 12.53
CA ILE K 7 -6.09 64.33 12.95
C ILE K 7 -7.27 63.44 12.62
N ILE K 8 -7.05 62.40 11.82
CA ILE K 8 -7.94 61.24 11.80
C ILE K 8 -7.63 60.39 13.04
N LYS K 9 -8.60 60.38 13.95
CA LYS K 9 -8.62 59.71 15.23
C LYS K 9 -8.37 58.22 15.03
N PRO K 10 -7.63 57.59 15.92
CA PRO K 10 -7.42 56.15 15.80
C PRO K 10 -8.58 55.37 16.40
N GLY K 11 -9.03 54.35 15.69
CA GLY K 11 -10.17 53.58 16.14
C GLY K 11 -11.42 53.90 15.34
N THR K 12 -12.51 54.24 16.05
CA THR K 12 -13.75 54.83 15.54
C THR K 12 -14.54 53.90 14.62
N GLY K 13 -14.12 52.66 14.44
CA GLY K 13 -14.84 51.78 13.55
C GLY K 13 -14.24 51.78 12.15
N ILE K 14 -14.81 52.63 11.30
CA ILE K 14 -14.30 52.93 9.96
C ILE K 14 -12.81 53.23 9.97
N SER K 15 -12.10 52.66 9.01
CA SER K 15 -10.67 52.85 8.85
C SER K 15 -10.35 54.30 8.50
N PRO K 16 -9.13 54.76 8.84
CA PRO K 16 -8.70 56.11 8.43
C PRO K 16 -8.72 56.38 6.94
N ASN K 17 -8.34 55.40 6.11
CA ASN K 17 -8.25 55.60 4.66
C ASN K 17 -9.62 55.90 4.07
N ILE K 18 -10.65 55.22 4.57
CA ILE K 18 -12.01 55.42 4.07
C ILE K 18 -12.52 56.79 4.47
N ILE K 19 -12.22 57.21 5.71
CA ILE K 19 -12.68 58.49 6.23
C ILE K 19 -12.06 59.63 5.44
N ILE K 20 -10.76 59.54 5.15
CA ILE K 20 -10.08 60.57 4.34
C ILE K 20 -10.66 60.60 2.94
N SER K 21 -10.75 59.30 2.37
CA SER K 21 -11.19 59.16 0.95
C SER K 21 -12.69 59.46 0.76
N GLU K 22 -13.45 59.67 1.78
CA GLU K 22 -14.88 59.86 1.63
C GLU K 22 -15.32 61.23 2.13
N ASP K 23 -14.64 61.78 3.14
CA ASP K 23 -15.02 63.06 3.70
C ASP K 23 -14.02 64.15 3.36
N ILE K 24 -12.73 63.92 3.68
CA ILE K 24 -11.79 65.03 3.71
C ILE K 24 -11.36 65.38 2.29
N PHE K 25 -10.99 64.36 1.52
CA PHE K 25 -10.40 64.60 0.19
C PHE K 25 -11.37 65.19 -0.84
N PRO K 26 -12.66 64.79 -0.95
CA PRO K 26 -13.57 65.63 -1.77
C PRO K 26 -13.75 67.06 -1.27
N VAL K 27 -13.68 67.29 0.05
CA VAL K 27 -13.74 68.66 0.58
C VAL K 27 -12.54 69.47 0.10
N LEU K 28 -11.34 68.87 0.19
CA LEU K 28 -10.14 69.48 -0.37
C LEU K 28 -10.23 69.73 -1.87
N HIS K 29 -10.81 68.78 -2.62
CA HIS K 29 -10.97 68.96 -4.06
C HIS K 29 -11.89 70.14 -4.38
N SER K 30 -12.98 70.26 -3.64
CA SER K 30 -13.91 71.37 -3.83
C SER K 30 -13.46 72.66 -3.15
N LEU K 31 -12.40 72.61 -2.34
CA LEU K 31 -11.90 73.80 -1.65
C LEU K 31 -10.48 74.17 -2.06
N PHE K 32 -9.94 73.54 -3.10
CA PHE K 32 -8.71 74.02 -3.73
C PHE K 32 -8.91 74.64 -5.10
N VAL K 33 -10.07 74.45 -5.73
CA VAL K 33 -10.40 75.26 -6.90
C VAL K 33 -10.69 76.70 -6.49
N GLU K 34 -11.17 76.90 -5.26
CA GLU K 34 -11.27 78.25 -4.70
C GLU K 34 -9.89 78.81 -4.39
N HIS K 35 -8.97 77.94 -3.97
CA HIS K 35 -7.65 78.37 -3.51
C HIS K 35 -6.72 78.84 -4.63
N ASP K 36 -7.11 78.49 -5.86
CA ASP K 36 -6.26 78.82 -7.04
C ASP K 36 -4.94 78.10 -6.82
N LYS K 37 -4.01 78.79 -6.18
CA LYS K 37 -2.71 78.21 -5.85
C LYS K 37 -2.99 77.24 -4.71
N LYS K 38 -2.98 75.93 -4.99
CA LYS K 38 -3.17 74.95 -3.88
C LYS K 38 -2.32 75.35 -2.67
N PHE K 39 -2.74 74.99 -1.45
CA PHE K 39 -2.00 75.42 -0.23
C PHE K 39 -0.93 74.37 0.16
N GLY K 40 -1.26 73.08 0.18
CA GLY K 40 -0.24 72.04 0.46
C GLY K 40 -0.81 70.82 1.15
N ILE K 41 -0.11 69.68 1.13
CA ILE K 41 -0.68 68.47 1.71
C ILE K 41 0.51 67.63 2.17
N THR K 42 0.78 67.61 3.48
CA THR K 42 1.73 66.69 4.09
C THR K 42 0.98 65.75 5.02
N PHE K 43 1.13 64.46 4.80
CA PHE K 43 0.84 63.40 5.75
C PHE K 43 2.12 63.03 6.49
N PRO K 44 2.33 63.50 7.72
CA PRO K 44 3.34 62.88 8.58
C PRO K 44 3.03 61.42 8.83
N ALA K 45 4.09 60.61 8.96
CA ALA K 45 4.07 59.17 9.14
C ALA K 45 3.47 58.46 7.92
N TYR K 46 4.11 58.63 6.76
CA TYR K 46 3.83 57.84 5.56
C TYR K 46 4.43 56.42 5.67
N SER K 47 5.12 56.13 6.75
CA SER K 47 5.78 54.87 7.14
C SER K 47 6.70 54.35 6.02
N PHE K 48 6.89 53.04 5.96
CA PHE K 48 7.95 52.43 5.18
C PHE K 48 7.46 52.17 3.76
N ASP K 49 8.25 51.43 2.96
CA ASP K 49 7.99 51.25 1.54
C ASP K 49 7.60 49.83 1.15
N LYS K 50 7.93 48.83 1.96
CA LYS K 50 7.33 47.50 1.79
C LYS K 50 5.83 47.57 2.04
N LYS K 51 5.43 48.37 3.02
CA LYS K 51 4.05 48.54 3.45
C LYS K 51 3.80 50.04 3.45
N GLY K 52 2.85 50.54 4.26
CA GLY K 52 2.76 51.97 4.48
C GLY K 52 1.40 52.63 4.31
N HIS K 53 0.86 53.00 5.46
CA HIS K 53 -0.35 53.81 5.57
C HIS K 53 0.00 55.27 5.31
N LEU K 54 -0.96 56.02 4.76
CA LEU K 54 -0.83 57.47 4.68
C LEU K 54 -0.64 58.10 6.04
N GLY K 55 -1.28 57.55 7.08
CA GLY K 55 -1.00 57.94 8.44
C GLY K 55 -2.26 58.18 9.21
N ASN K 56 -2.09 58.89 10.34
CA ASN K 56 -3.19 59.26 11.20
C ASN K 56 -3.32 60.75 11.42
N ILE K 57 -2.37 61.56 10.95
CA ILE K 57 -2.50 63.01 10.97
C ILE K 57 -2.24 63.50 9.55
N ILE K 58 -3.16 64.27 9.01
CA ILE K 58 -2.95 64.99 7.77
C ILE K 58 -2.70 66.45 8.12
N GLU K 59 -1.56 67.00 7.71
CA GLU K 59 -1.25 68.40 7.96
C GLU K 59 -1.28 69.15 6.64
N VAL K 60 -2.29 69.99 6.46
CA VAL K 60 -2.39 70.79 5.25
C VAL K 60 -1.57 72.06 5.51
N LEU K 61 -0.48 72.22 4.77
CA LEU K 61 0.34 73.45 4.90
C LEU K 61 0.02 74.36 3.71
N SER K 62 0.43 75.63 3.77
CA SER K 62 0.13 76.58 2.68
C SER K 62 1.37 77.42 2.36
N GLU K 63 1.26 78.30 1.36
CA GLU K 63 2.39 79.16 0.99
C GLU K 63 2.17 80.55 1.55
N ASP K 64 1.31 80.67 2.56
CA ASP K 64 0.94 81.93 3.19
C ASP K 64 0.34 81.59 4.54
N LYS K 65 0.50 82.50 5.49
CA LYS K 65 -0.05 82.31 6.83
C LYS K 65 -1.45 82.89 6.96
N GLU K 66 -2.01 83.42 5.87
CA GLU K 66 -3.35 83.98 5.85
C GLU K 66 -4.31 83.17 4.98
N ALA K 67 -3.79 82.55 3.91
CA ALA K 67 -4.60 81.73 3.02
C ALA K 67 -5.19 80.49 3.71
N LEU K 68 -4.57 80.02 4.80
CA LEU K 68 -5.13 78.94 5.60
C LEU K 68 -6.48 79.30 6.19
N ALA K 69 -6.69 80.58 6.53
CA ALA K 69 -7.99 81.04 6.98
C ALA K 69 -8.98 81.15 5.83
N SER K 70 -8.47 81.39 4.62
CA SER K 70 -9.33 81.60 3.45
C SER K 70 -10.09 80.32 3.09
N LEU K 71 -9.36 79.23 2.87
CA LEU K 71 -9.97 77.91 2.79
C LEU K 71 -10.06 77.35 4.21
N CYS K 72 -11.08 77.80 4.92
CA CYS K 72 -11.26 77.49 6.34
C CYS K 72 -11.72 76.03 6.46
N LEU K 73 -10.73 75.14 6.61
CA LEU K 73 -10.98 73.72 6.77
C LEU K 73 -11.78 73.41 8.04
N GLU K 74 -11.46 74.11 9.13
CA GLU K 74 -12.32 74.09 10.29
C GLU K 74 -13.69 74.66 9.92
N GLU K 75 -14.74 74.04 10.48
CA GLU K 75 -16.17 74.31 10.31
C GLU K 75 -16.68 73.87 8.93
N HIS K 76 -15.77 73.55 7.99
CA HIS K 76 -16.12 72.77 6.81
C HIS K 76 -15.99 71.28 7.06
N LEU K 77 -15.32 70.88 8.14
CA LEU K 77 -15.16 69.49 8.52
C LEU K 77 -15.66 69.36 9.96
N ALA K 78 -16.82 69.94 10.22
CA ALA K 78 -17.51 69.80 11.49
C ALA K 78 -18.51 68.65 11.47
N GLU K 79 -18.74 68.03 10.32
CA GLU K 79 -19.57 66.85 10.20
C GLU K 79 -18.78 65.55 10.43
N VAL K 80 -17.50 65.68 10.78
CA VAL K 80 -16.65 64.52 11.06
C VAL K 80 -16.00 64.71 12.43
N THR K 81 -16.70 65.43 13.32
CA THR K 81 -16.14 65.80 14.63
C THR K 81 -15.95 64.62 15.57
N ASP K 82 -16.53 63.47 15.27
CA ASP K 82 -16.26 62.23 16.00
C ASP K 82 -15.21 61.39 15.30
N TYR K 83 -14.71 61.85 14.16
CA TYR K 83 -13.73 61.13 13.37
C TYR K 83 -12.48 61.94 13.10
N VAL K 84 -12.64 63.21 12.71
CA VAL K 84 -11.51 64.08 12.40
C VAL K 84 -11.66 65.35 13.24
N LYS K 85 -10.60 65.69 13.97
CA LYS K 85 -10.60 66.84 14.86
C LYS K 85 -9.62 67.87 14.33
N VAL K 86 -10.09 69.09 14.15
CA VAL K 86 -9.30 70.16 13.56
C VAL K 86 -8.84 71.06 14.70
N LYS K 87 -7.56 70.98 15.05
CA LYS K 87 -6.98 71.93 15.96
C LYS K 87 -6.89 73.30 15.29
N LYS K 88 -6.87 74.35 16.12
CA LYS K 88 -6.88 75.72 15.62
C LYS K 88 -5.56 76.39 15.99
N GLU K 89 -4.57 76.25 15.11
CA GLU K 89 -3.25 76.86 15.25
C GLU K 89 -2.55 76.77 13.89
N ILE K 90 -1.49 77.56 13.76
CA ILE K 90 -0.66 77.53 12.57
C ILE K 90 0.76 77.92 12.96
N THR K 91 1.72 77.11 12.53
CA THR K 91 3.14 77.37 12.74
C THR K 91 3.83 77.21 11.40
N PHE K 92 4.79 78.11 11.12
CA PHE K 92 5.55 78.21 9.87
C PHE K 92 6.14 76.88 9.44
N THR K 93 5.76 76.42 8.25
CA THR K 93 5.98 75.04 7.85
C THR K 93 6.75 74.97 6.54
N ASP K 94 8.06 74.82 6.66
CA ASP K 94 8.89 74.23 5.64
C ASP K 94 9.47 72.91 6.12
N ASP K 95 9.21 72.54 7.35
CA ASP K 95 9.70 71.30 7.97
C ASP K 95 8.73 70.15 7.71
N TYR K 96 8.45 69.91 6.44
CA TYR K 96 7.51 68.86 6.05
C TYR K 96 8.09 68.15 4.84
N VAL K 97 7.28 67.29 4.23
CA VAL K 97 7.68 66.54 3.04
C VAL K 97 6.63 66.80 1.97
N LEU K 98 7.08 67.14 0.77
CA LEU K 98 6.14 67.27 -0.34
C LEU K 98 5.69 65.89 -0.81
N PHE K 99 4.52 65.86 -1.45
CA PHE K 99 3.91 64.63 -1.90
C PHE K 99 3.58 64.72 -3.38
N LYS K 100 3.75 63.61 -4.08
CA LYS K 100 3.72 63.57 -5.53
C LYS K 100 2.73 62.52 -6.01
N ARG K 101 2.38 62.60 -7.30
CA ARG K 101 1.35 61.69 -7.84
C ARG K 101 2.00 60.62 -8.73
N ILE K 102 2.88 59.78 -8.18
CA ILE K 102 3.38 58.69 -9.01
C ILE K 102 2.21 58.16 -9.83
N ARG K 103 2.31 58.17 -11.15
CA ARG K 103 1.28 57.42 -11.83
C ARG K 103 1.64 55.94 -11.80
N GLU K 104 0.64 55.10 -12.06
CA GLU K 104 0.69 53.70 -11.68
C GLU K 104 0.45 52.79 -12.87
N GLU K 105 0.58 53.34 -14.10
CA GLU K 105 0.26 52.72 -15.38
C GLU K 105 -1.22 52.30 -15.44
N ASN K 106 -1.69 51.75 -16.56
CA ASN K 106 -3.06 51.27 -16.67
C ASN K 106 -3.07 49.75 -16.86
N GLN K 107 -4.29 49.20 -16.90
CA GLN K 107 -4.50 47.78 -17.07
C GLN K 107 -4.09 47.32 -18.47
N TYR K 108 -4.09 46.00 -18.65
CA TYR K 108 -3.71 45.39 -19.92
C TYR K 108 -4.69 45.76 -21.03
N GLU K 109 -5.99 45.61 -20.76
CA GLU K 109 -7.01 45.87 -21.77
C GLU K 109 -7.13 47.35 -22.12
N THR K 110 -6.77 48.24 -21.19
CA THR K 110 -6.92 49.69 -21.37
C THR K 110 -6.09 50.20 -22.55
N THR K 111 -4.86 49.70 -22.70
CA THR K 111 -3.93 49.94 -23.80
C THR K 111 -3.64 51.44 -24.04
N MET K 129 1.75 42.19 -19.45
CA MET K 129 3.14 41.84 -19.18
C MET K 129 3.92 43.03 -18.63
N HIS K 130 4.11 44.04 -19.47
CA HIS K 130 4.83 45.25 -19.09
C HIS K 130 4.11 46.05 -18.03
N ILE K 131 2.80 45.87 -17.91
CA ILE K 131 1.95 46.48 -16.89
C ILE K 131 2.50 46.17 -15.51
N LYS K 132 2.54 44.88 -15.15
CA LYS K 132 2.79 44.46 -13.77
C LYS K 132 4.24 44.66 -13.35
N LYS K 133 5.15 44.77 -14.32
CA LYS K 133 6.55 45.10 -14.05
C LYS K 133 6.68 46.45 -13.37
N LYS K 134 5.91 47.44 -13.85
CA LYS K 134 5.89 48.77 -13.27
C LYS K 134 4.75 48.96 -12.28
N ASN K 135 3.65 48.21 -12.46
CA ASN K 135 2.51 48.33 -11.55
C ASN K 135 2.81 47.83 -10.14
N GLN K 136 3.88 47.07 -9.95
CA GLN K 136 4.23 46.49 -8.65
C GLN K 136 4.95 47.48 -7.74
N GLN K 137 5.12 48.74 -8.14
CA GLN K 137 5.83 49.71 -7.33
C GLN K 137 4.84 50.58 -6.60
N ILE K 138 3.95 51.29 -7.30
CA ILE K 138 2.93 52.16 -6.71
C ILE K 138 1.95 51.40 -5.83
N PHE K 139 1.60 50.19 -6.27
CA PHE K 139 0.48 49.44 -5.70
C PHE K 139 0.87 48.70 -4.42
N CYS K 140 1.48 49.39 -3.47
CA CYS K 140 2.04 48.74 -2.28
C CYS K 140 2.00 49.66 -1.08
N ALA K 142 0.48 54.93 -0.31
CA ALA K 142 -0.86 55.44 -0.09
C ALA K 142 -1.68 55.37 -1.37
N TYR K 143 -2.95 55.01 -1.21
CA TYR K 143 -3.85 54.74 -2.33
C TYR K 143 -5.21 55.40 -2.10
N ILE K 144 -5.19 56.70 -1.77
CA ILE K 144 -6.42 57.44 -1.46
C ILE K 144 -7.34 57.46 -2.66
N LYS K 145 -8.58 57.00 -2.47
CA LYS K 145 -9.54 56.85 -3.54
C LYS K 145 -10.25 58.17 -3.83
N VAL K 146 -10.61 58.36 -5.11
CA VAL K 146 -11.25 59.58 -5.61
C VAL K 146 -12.36 59.19 -6.58
N LYS K 147 -13.59 59.61 -6.29
CA LYS K 147 -14.62 59.61 -7.33
C LYS K 147 -14.52 60.89 -8.15
N SER K 148 -14.91 60.77 -9.42
CA SER K 148 -14.72 61.87 -10.35
C SER K 148 -15.91 62.83 -10.30
N ALA K 149 -15.60 64.14 -10.15
CA ALA K 149 -16.60 65.19 -10.29
C ALA K 149 -17.10 65.28 -11.73
N SER K 150 -16.27 64.85 -12.67
CA SER K 150 -16.53 64.72 -14.10
C SER K 150 -17.25 63.41 -14.35
N THR K 151 -17.03 62.83 -15.55
CA THR K 151 -17.66 61.65 -16.14
C THR K 151 -18.00 60.53 -15.14
N GLY K 152 -17.04 60.13 -14.31
CA GLY K 152 -17.41 59.32 -13.16
C GLY K 152 -16.53 58.17 -12.74
N GLN K 153 -15.73 57.61 -13.66
CA GLN K 153 -14.87 56.46 -13.37
C GLN K 153 -13.86 56.77 -12.27
N SER K 154 -13.89 55.95 -11.22
CA SER K 154 -13.18 56.21 -9.97
C SER K 154 -11.98 55.28 -9.85
N TYR K 155 -10.83 55.85 -9.51
CA TYR K 155 -9.60 55.08 -9.26
C TYR K 155 -8.71 55.85 -8.29
N ASN K 156 -8.08 55.10 -7.36
CA ASN K 156 -7.16 55.66 -6.36
C ASN K 156 -6.02 56.44 -7.01
N ILE K 157 -5.64 57.54 -6.39
CA ILE K 157 -4.42 58.26 -6.75
C ILE K 157 -3.35 57.93 -5.71
N PHE K 158 -2.12 57.82 -6.17
CA PHE K 158 -1.04 57.25 -5.38
C PHE K 158 -0.02 58.31 -4.99
N LEU K 159 0.68 58.08 -3.89
CA LEU K 159 1.50 59.14 -3.32
C LEU K 159 2.96 58.71 -3.15
N ALA K 160 3.81 59.62 -2.62
CA ALA K 160 5.24 59.38 -2.40
C ALA K 160 5.88 60.50 -1.58
N PRO K 161 6.98 60.23 -0.85
CA PRO K 161 7.70 61.34 -0.21
C PRO K 161 8.78 61.94 -1.10
N THR K 162 8.73 63.27 -1.29
CA THR K 162 9.63 63.95 -2.20
C THR K 162 9.92 65.32 -1.59
N ASP K 163 11.08 65.89 -1.91
CA ASP K 163 11.47 67.20 -1.38
C ASP K 163 11.84 68.11 -2.54
N ILE K 164 10.89 68.96 -2.96
CA ILE K 164 11.11 69.87 -4.09
C ILE K 164 10.73 71.29 -3.62
N LYS K 165 10.29 71.41 -2.36
CA LYS K 165 9.62 72.60 -1.84
C LYS K 165 8.47 73.06 -2.73
N HIS K 166 8.31 74.37 -2.89
CA HIS K 166 7.20 74.94 -3.64
C HIS K 166 7.31 74.67 -5.14
N PHE K 169 1.93 72.81 -4.45
CA PHE K 169 0.85 71.93 -4.86
C PHE K 169 0.00 72.56 -5.96
N SER K 170 -0.54 71.73 -6.87
CA SER K 170 -1.22 72.32 -8.02
C SER K 170 -2.70 71.98 -8.15
N ALA K 171 -3.07 70.70 -8.35
CA ALA K 171 -4.48 70.39 -8.57
C ALA K 171 -5.27 69.99 -7.33
N TYR K 172 -5.05 68.77 -6.87
CA TYR K 172 -5.67 68.28 -5.64
C TYR K 172 -4.90 68.68 -4.40
N GLY K 173 -3.61 68.95 -4.55
CA GLY K 173 -2.79 69.08 -3.37
C GLY K 173 -1.46 68.39 -3.56
N LEU K 174 -1.25 67.84 -4.75
CA LEU K 174 0.00 67.23 -5.12
C LEU K 174 0.74 68.18 -6.05
N LEU K 175 1.98 67.85 -6.35
CA LEU K 175 2.82 68.73 -7.15
C LEU K 175 2.68 68.43 -8.64
#